data_2KMA
#
_entry.id   2KMA
#
_entity_poly.entity_id   1
_entity_poly.type   'polypeptide(L)'
_entity_poly.pdbx_seq_one_letter_code
;GIDPFTMVALSLKISIGNVVKTMQFEPSTMVYDACRMIRERIPEALAGPPNDFGLFLSDDDPKKGIWLEAGKALDYYMLR
NGDTMEYRKKQRPLKIRMLDGTVKTIMVDDSKTVTDMLMTICARIGITNHDEYSLVRELMEEKKDELNWLDHGRTLREQG
VEEHETLLLRRKFFYSDQ
;
_entity_poly.pdbx_strand_id   A
#
# COMPACT_ATOMS: atom_id res chain seq x y z
N GLY A 1 -12.86 28.05 -2.96
CA GLY A 1 -13.03 29.51 -2.74
C GLY A 1 -12.71 29.89 -1.30
N ILE A 2 -13.58 30.71 -0.70
CA ILE A 2 -13.41 31.06 0.69
C ILE A 2 -14.12 30.03 1.56
N ASP A 3 -13.49 28.87 1.70
CA ASP A 3 -14.08 27.77 2.45
C ASP A 3 -13.90 28.00 3.94
N PRO A 4 -14.87 27.55 4.75
CA PRO A 4 -14.86 27.76 6.19
C PRO A 4 -13.91 26.81 6.90
N PHE A 5 -12.84 27.37 7.45
CA PHE A 5 -11.88 26.60 8.21
C PHE A 5 -11.78 27.15 9.62
N THR A 6 -12.73 26.76 10.45
CA THR A 6 -12.71 27.14 11.85
C THR A 6 -11.80 26.20 12.63
N MET A 7 -12.16 25.88 13.87
CA MET A 7 -11.36 24.98 14.69
C MET A 7 -11.71 23.52 14.39
N VAL A 8 -11.87 23.25 13.11
CA VAL A 8 -12.17 21.91 12.62
C VAL A 8 -11.29 21.59 11.42
N ALA A 9 -9.99 21.54 11.67
CA ALA A 9 -9.03 21.18 10.65
C ALA A 9 -7.87 20.47 11.28
N LEU A 10 -8.04 19.17 11.45
CA LEU A 10 -7.03 18.27 12.00
C LEU A 10 -5.62 18.64 11.58
N SER A 11 -4.74 18.67 12.55
CA SER A 11 -3.35 19.02 12.31
C SER A 11 -2.54 17.74 12.18
N LEU A 12 -2.16 17.41 10.96
CA LEU A 12 -1.55 16.13 10.69
C LEU A 12 -0.12 16.31 10.19
N LYS A 13 0.79 15.53 10.76
CA LYS A 13 2.17 15.52 10.28
C LYS A 13 2.31 14.49 9.18
N ILE A 14 2.52 14.96 7.97
CA ILE A 14 2.69 14.08 6.83
C ILE A 14 4.15 13.74 6.67
N SER A 15 4.48 12.48 6.86
CA SER A 15 5.83 12.00 6.69
C SER A 15 6.01 11.40 5.30
N ILE A 16 6.85 12.03 4.50
CA ILE A 16 7.13 11.54 3.15
C ILE A 16 8.54 11.01 3.09
N GLY A 17 8.70 9.74 3.42
CA GLY A 17 10.02 9.14 3.51
C GLY A 17 10.85 9.74 4.63
N ASN A 18 11.62 10.75 4.30
CA ASN A 18 12.49 11.41 5.26
C ASN A 18 11.88 12.73 5.75
N VAL A 19 11.27 13.46 4.85
CA VAL A 19 10.76 14.79 5.15
C VAL A 19 9.41 14.73 5.88
N VAL A 20 9.20 15.70 6.77
CA VAL A 20 7.95 15.78 7.54
C VAL A 20 7.29 17.13 7.29
N LYS A 21 6.08 17.09 6.75
CA LYS A 21 5.32 18.29 6.45
C LYS A 21 4.10 18.39 7.35
N THR A 22 3.73 19.59 7.72
CA THR A 22 2.57 19.79 8.57
C THR A 22 1.39 20.28 7.73
N MET A 23 0.32 19.51 7.70
CA MET A 23 -0.86 19.86 6.90
C MET A 23 -2.11 19.75 7.76
N GLN A 24 -3.05 20.64 7.53
CA GLN A 24 -4.33 20.56 8.20
C GLN A 24 -5.41 20.18 7.21
N PHE A 25 -6.31 19.32 7.65
CA PHE A 25 -7.38 18.81 6.81
C PHE A 25 -8.68 18.92 7.57
N GLU A 26 -9.78 19.00 6.86
CA GLU A 26 -11.09 19.01 7.50
C GLU A 26 -11.33 17.68 8.23
N PRO A 27 -12.27 17.65 9.19
CA PRO A 27 -12.61 16.41 9.88
C PRO A 27 -12.96 15.31 8.90
N SER A 28 -13.74 15.66 7.89
CA SER A 28 -14.07 14.73 6.84
C SER A 28 -12.89 14.56 5.89
N THR A 29 -12.65 15.60 5.08
CA THR A 29 -11.68 15.58 3.99
C THR A 29 -11.90 14.40 3.04
N MET A 30 -11.62 13.19 3.53
CA MET A 30 -11.64 11.97 2.75
C MET A 30 -10.37 11.88 1.92
N VAL A 31 -9.77 10.71 1.96
CA VAL A 31 -8.46 10.46 1.33
C VAL A 31 -8.31 11.11 -0.05
N TYR A 32 -9.34 10.99 -0.89
CA TYR A 32 -9.23 11.50 -2.25
C TYR A 32 -9.17 13.03 -2.31
N ASP A 33 -9.79 13.69 -1.35
CA ASP A 33 -9.68 15.15 -1.24
C ASP A 33 -8.33 15.52 -0.62
N ALA A 34 -7.85 14.69 0.30
CA ALA A 34 -6.58 14.93 0.95
C ALA A 34 -5.43 14.85 -0.04
N CYS A 35 -5.42 13.76 -0.80
CA CYS A 35 -4.36 13.50 -1.75
C CYS A 35 -4.29 14.57 -2.85
N ARG A 36 -5.40 15.24 -3.13
CA ARG A 36 -5.40 16.27 -4.15
C ARG A 36 -4.73 17.54 -3.62
N MET A 37 -5.01 17.87 -2.36
CA MET A 37 -4.51 19.09 -1.76
C MET A 37 -3.06 18.95 -1.34
N ILE A 38 -2.69 17.82 -0.77
CA ILE A 38 -1.34 17.61 -0.31
C ILE A 38 -0.37 17.64 -1.49
N ARG A 39 -0.77 17.03 -2.60
CA ARG A 39 -0.02 17.09 -3.85
C ARG A 39 0.08 18.52 -4.37
N GLU A 40 -0.92 19.32 -4.03
CA GLU A 40 -1.02 20.69 -4.51
C GLU A 40 0.00 21.60 -3.83
N ARG A 41 -0.10 21.72 -2.51
CA ARG A 41 0.80 22.62 -1.77
C ARG A 41 2.15 21.97 -1.45
N ILE A 42 2.19 20.64 -1.33
CA ILE A 42 3.44 19.95 -1.05
C ILE A 42 4.02 19.30 -2.30
N PRO A 43 5.07 19.89 -2.88
CA PRO A 43 5.72 19.38 -4.08
C PRO A 43 6.50 18.09 -3.82
N GLU A 44 6.82 17.84 -2.56
CA GLU A 44 7.56 16.64 -2.18
C GLU A 44 6.65 15.41 -2.17
N ALA A 45 5.35 15.64 -2.35
CA ALA A 45 4.37 14.57 -2.29
C ALA A 45 4.37 13.73 -3.58
N LEU A 46 4.59 14.39 -4.71
CA LEU A 46 4.50 13.69 -5.98
C LEU A 46 5.88 13.39 -6.58
N ALA A 47 6.57 12.44 -5.97
CA ALA A 47 7.86 11.99 -6.48
C ALA A 47 7.67 11.13 -7.71
N GLY A 48 6.42 10.91 -8.06
CA GLY A 48 6.06 10.15 -9.24
C GLY A 48 4.65 10.49 -9.67
N PRO A 49 3.85 9.49 -10.08
CA PRO A 49 2.46 9.71 -10.43
C PRO A 49 1.58 9.74 -9.18
N PRO A 50 0.74 10.78 -9.05
CA PRO A 50 -0.15 10.97 -7.89
C PRO A 50 -1.03 9.76 -7.60
N ASN A 51 -1.40 9.02 -8.66
CA ASN A 51 -2.27 7.87 -8.52
C ASN A 51 -1.59 6.74 -7.76
N ASP A 52 -0.26 6.77 -7.72
CA ASP A 52 0.51 5.74 -7.05
C ASP A 52 0.80 6.11 -5.61
N PHE A 53 0.30 7.27 -5.17
CA PHE A 53 0.53 7.74 -3.82
C PHE A 53 -0.76 7.78 -3.02
N GLY A 54 -0.73 7.20 -1.83
CA GLY A 54 -1.90 7.20 -0.98
C GLY A 54 -1.57 7.51 0.47
N LEU A 55 -2.58 7.47 1.31
CA LEU A 55 -2.43 7.85 2.72
C LEU A 55 -2.29 6.61 3.60
N PHE A 56 -1.10 6.46 4.16
CA PHE A 56 -0.85 5.40 5.13
C PHE A 56 -0.82 6.00 6.53
N LEU A 57 -1.62 5.44 7.42
CA LEU A 57 -1.63 5.93 8.79
C LEU A 57 -0.66 5.11 9.61
N SER A 58 0.43 5.74 10.00
CA SER A 58 1.49 5.05 10.70
C SER A 58 1.28 5.12 12.19
N ASP A 59 1.06 3.97 12.79
CA ASP A 59 0.87 3.88 14.22
C ASP A 59 2.19 3.54 14.89
N ASP A 60 2.67 2.33 14.59
CA ASP A 60 3.90 1.78 15.16
C ASP A 60 3.98 0.31 14.78
N ASP A 61 2.95 -0.42 15.16
CA ASP A 61 2.86 -1.84 14.89
C ASP A 61 2.33 -2.09 13.48
N PRO A 62 2.92 -3.08 12.78
CA PRO A 62 2.52 -3.44 11.40
C PRO A 62 1.04 -3.79 11.26
N LYS A 63 0.45 -4.36 12.32
CA LYS A 63 -0.95 -4.75 12.28
C LYS A 63 -1.84 -3.56 12.53
N LYS A 64 -1.44 -2.70 13.46
CA LYS A 64 -2.20 -1.51 13.80
C LYS A 64 -2.12 -0.48 12.67
N GLY A 65 -1.04 -0.53 11.91
CA GLY A 65 -0.91 0.35 10.76
C GLY A 65 -1.86 -0.04 9.65
N ILE A 66 -2.46 0.95 9.00
CA ILE A 66 -3.47 0.69 7.99
C ILE A 66 -3.38 1.69 6.86
N TRP A 67 -3.98 1.33 5.74
CA TRP A 67 -4.06 2.23 4.61
C TRP A 67 -5.38 2.98 4.65
N LEU A 68 -5.32 4.26 4.38
CA LEU A 68 -6.49 5.09 4.38
C LEU A 68 -7.09 5.11 2.98
N GLU A 69 -8.23 4.47 2.82
CA GLU A 69 -8.89 4.38 1.52
C GLU A 69 -9.76 5.61 1.25
N ALA A 70 -10.01 5.87 -0.02
CA ALA A 70 -10.83 7.01 -0.43
C ALA A 70 -12.29 6.83 0.00
N GLY A 71 -12.63 5.60 0.37
CA GLY A 71 -13.99 5.29 0.77
C GLY A 71 -14.29 5.64 2.22
N LYS A 72 -13.38 6.34 2.89
CA LYS A 72 -13.62 6.75 4.27
C LYS A 72 -12.97 8.11 4.54
N ALA A 73 -13.42 8.76 5.60
CA ALA A 73 -12.91 10.07 5.98
C ALA A 73 -11.76 9.93 6.98
N LEU A 74 -11.10 11.03 7.27
CA LEU A 74 -9.93 11.01 8.15
C LEU A 74 -10.36 10.82 9.60
N ASP A 75 -11.23 11.71 10.08
CA ASP A 75 -11.69 11.71 11.47
C ASP A 75 -12.51 10.46 11.78
N TYR A 76 -12.99 9.80 10.74
CA TYR A 76 -13.72 8.54 10.91
C TYR A 76 -12.89 7.53 11.70
N TYR A 77 -11.57 7.55 11.49
CA TYR A 77 -10.66 6.74 12.28
C TYR A 77 -10.37 7.39 13.63
N MET A 78 -9.12 7.39 14.04
CA MET A 78 -8.72 7.96 15.31
C MET A 78 -7.92 9.25 15.10
N LEU A 79 -8.01 9.82 13.90
CA LEU A 79 -7.15 10.95 13.57
C LEU A 79 -7.71 12.24 14.11
N ARG A 80 -6.80 13.04 14.60
CA ARG A 80 -7.11 14.34 15.14
C ARG A 80 -5.87 15.20 15.13
N ASN A 81 -5.96 16.34 15.80
CA ASN A 81 -4.82 17.25 15.93
C ASN A 81 -3.66 16.55 16.63
N GLY A 82 -2.70 16.08 15.86
CA GLY A 82 -1.53 15.47 16.46
C GLY A 82 -1.11 14.16 15.83
N ASP A 83 -1.92 13.61 14.93
CA ASP A 83 -1.57 12.33 14.32
C ASP A 83 -0.60 12.51 13.16
N THR A 84 0.33 11.58 13.06
CA THR A 84 1.26 11.55 11.95
C THR A 84 0.69 10.67 10.84
N MET A 85 0.55 11.23 9.65
CA MET A 85 -0.03 10.52 8.54
C MET A 85 0.98 10.46 7.40
N GLU A 86 1.43 9.25 7.11
CA GLU A 86 2.46 9.06 6.12
C GLU A 86 1.87 9.19 4.71
N TYR A 87 2.44 10.06 3.89
CA TYR A 87 2.07 10.12 2.50
C TYR A 87 3.12 9.36 1.73
N ARG A 88 2.77 8.19 1.29
CA ARG A 88 3.73 7.30 0.69
C ARG A 88 3.18 6.70 -0.58
N LYS A 89 4.05 6.01 -1.31
CA LYS A 89 3.62 5.26 -2.46
C LYS A 89 2.72 4.13 -1.99
N LYS A 90 1.54 4.03 -2.59
CA LYS A 90 0.58 2.97 -2.26
C LYS A 90 1.24 1.62 -2.39
N GLN A 91 2.16 1.53 -3.32
CA GLN A 91 2.83 0.29 -3.65
C GLN A 91 4.18 0.23 -2.97
N ARG A 92 4.69 -0.99 -2.80
CA ARG A 92 6.04 -1.18 -2.27
C ARG A 92 6.78 -2.23 -3.09
N PRO A 93 8.14 -2.16 -3.10
CA PRO A 93 8.97 -3.00 -3.96
C PRO A 93 8.88 -4.48 -3.63
N LEU A 94 8.18 -5.22 -4.47
CA LEU A 94 7.99 -6.63 -4.25
C LEU A 94 8.91 -7.45 -5.14
N LYS A 95 9.69 -8.32 -4.51
CA LYS A 95 10.61 -9.18 -5.23
C LYS A 95 9.89 -10.48 -5.59
N ILE A 96 9.69 -10.69 -6.88
CA ILE A 96 8.88 -11.81 -7.35
C ILE A 96 9.66 -12.66 -8.33
N ARG A 97 9.63 -13.98 -8.16
CA ARG A 97 10.28 -14.90 -9.09
C ARG A 97 9.22 -15.63 -9.91
N MET A 98 9.34 -15.52 -11.23
CA MET A 98 8.36 -16.10 -12.15
C MET A 98 8.64 -17.57 -12.42
N LEU A 99 7.80 -18.16 -13.29
CA LEU A 99 7.77 -19.61 -13.52
C LEU A 99 9.11 -20.16 -13.98
N ASP A 100 9.76 -19.45 -14.90
CA ASP A 100 11.06 -19.88 -15.41
C ASP A 100 12.15 -19.64 -14.37
N GLY A 101 11.79 -18.94 -13.31
CA GLY A 101 12.75 -18.61 -12.28
C GLY A 101 13.27 -17.21 -12.43
N THR A 102 12.60 -16.45 -13.27
CA THR A 102 13.03 -15.09 -13.56
C THR A 102 12.48 -14.14 -12.50
N VAL A 103 13.35 -13.37 -11.89
CA VAL A 103 12.93 -12.51 -10.80
C VAL A 103 12.86 -11.05 -11.23
N LYS A 104 11.81 -10.39 -10.80
CA LYS A 104 11.64 -8.97 -11.06
C LYS A 104 11.12 -8.29 -9.82
N THR A 105 11.35 -6.99 -9.71
CA THR A 105 10.78 -6.23 -8.63
C THR A 105 9.73 -5.28 -9.18
N ILE A 106 8.49 -5.47 -8.76
CA ILE A 106 7.39 -4.68 -9.26
C ILE A 106 6.71 -3.99 -8.08
N MET A 107 6.21 -2.79 -8.31
CA MET A 107 5.55 -2.04 -7.25
C MET A 107 4.07 -2.35 -7.23
N VAL A 108 3.64 -3.01 -6.17
CA VAL A 108 2.24 -3.35 -6.00
C VAL A 108 1.66 -2.68 -4.76
N ASP A 109 0.50 -2.07 -4.94
CA ASP A 109 -0.20 -1.37 -3.86
C ASP A 109 -0.45 -2.27 -2.68
N ASP A 110 -0.13 -1.81 -1.49
CA ASP A 110 -0.29 -2.60 -0.28
C ASP A 110 -1.67 -2.37 0.32
N SER A 111 -2.41 -1.43 -0.26
CA SER A 111 -3.74 -1.09 0.22
C SER A 111 -4.80 -2.02 -0.38
N LYS A 112 -4.37 -3.15 -0.94
CA LYS A 112 -5.28 -4.08 -1.60
C LYS A 112 -4.83 -5.53 -1.39
N THR A 113 -5.76 -6.46 -1.60
CA THR A 113 -5.54 -7.88 -1.35
C THR A 113 -4.54 -8.53 -2.34
N VAL A 114 -4.38 -9.85 -2.22
CA VAL A 114 -3.34 -10.57 -2.97
C VAL A 114 -3.72 -10.83 -4.43
N THR A 115 -4.93 -11.30 -4.68
CA THR A 115 -5.42 -11.50 -6.04
C THR A 115 -5.13 -10.30 -6.96
N ASP A 116 -5.51 -9.11 -6.53
CA ASP A 116 -5.26 -7.89 -7.30
C ASP A 116 -3.76 -7.65 -7.46
N MET A 117 -3.00 -8.11 -6.46
CA MET A 117 -1.54 -8.03 -6.51
C MET A 117 -1.01 -8.89 -7.64
N LEU A 118 -1.47 -10.13 -7.66
CA LEU A 118 -1.00 -11.10 -8.64
C LEU A 118 -1.39 -10.66 -10.04
N MET A 119 -2.60 -10.12 -10.17
CA MET A 119 -3.06 -9.53 -11.43
C MET A 119 -2.03 -8.53 -11.92
N THR A 120 -1.62 -7.67 -11.00
CA THR A 120 -0.66 -6.62 -11.28
C THR A 120 0.70 -7.21 -11.67
N ILE A 121 1.12 -8.27 -10.99
CA ILE A 121 2.43 -8.86 -11.23
C ILE A 121 2.47 -9.65 -12.54
N CYS A 122 1.48 -10.51 -12.75
CA CYS A 122 1.44 -11.34 -13.93
C CYS A 122 1.25 -10.48 -15.18
N ALA A 123 0.59 -9.32 -15.00
CA ALA A 123 0.37 -8.39 -16.09
C ALA A 123 1.68 -7.76 -16.56
N ARG A 124 2.67 -7.69 -15.67
CA ARG A 124 3.96 -7.11 -16.02
C ARG A 124 4.70 -8.04 -16.97
N ILE A 125 4.54 -9.34 -16.76
CA ILE A 125 5.19 -10.33 -17.60
C ILE A 125 4.43 -10.52 -18.89
N GLY A 126 3.13 -10.29 -18.83
CA GLY A 126 2.29 -10.45 -20.00
C GLY A 126 1.39 -11.66 -19.91
N ILE A 127 1.10 -12.08 -18.69
CA ILE A 127 0.24 -13.24 -18.46
C ILE A 127 -1.20 -12.78 -18.29
N THR A 128 -2.12 -13.43 -19.00
CA THR A 128 -3.52 -13.06 -18.93
C THR A 128 -4.25 -13.86 -17.85
N ASN A 129 -3.91 -15.14 -17.72
CA ASN A 129 -4.55 -16.01 -16.74
C ASN A 129 -3.80 -15.98 -15.42
N HIS A 130 -4.01 -14.91 -14.67
CA HIS A 130 -3.32 -14.72 -13.39
C HIS A 130 -4.03 -15.45 -12.27
N ASP A 131 -5.26 -15.88 -12.55
CA ASP A 131 -6.10 -16.52 -11.55
C ASP A 131 -5.61 -17.92 -11.26
N GLU A 132 -4.79 -18.45 -12.16
CA GLU A 132 -4.35 -19.84 -12.04
C GLU A 132 -3.01 -19.91 -11.34
N TYR A 133 -2.68 -18.86 -10.61
CA TYR A 133 -1.45 -18.82 -9.86
C TYR A 133 -1.73 -18.53 -8.39
N SER A 134 -0.90 -19.09 -7.54
CA SER A 134 -0.94 -18.76 -6.13
C SER A 134 0.33 -18.00 -5.79
N LEU A 135 0.35 -17.36 -4.63
CA LEU A 135 1.53 -16.61 -4.24
C LEU A 135 2.19 -17.33 -3.08
N VAL A 136 3.51 -17.31 -3.02
CA VAL A 136 4.21 -17.94 -1.92
C VAL A 136 5.36 -17.06 -1.46
N ARG A 137 5.28 -16.60 -0.22
CA ARG A 137 6.27 -15.68 0.32
C ARG A 137 7.31 -16.40 1.14
N GLU A 138 8.48 -16.58 0.56
CA GLU A 138 9.58 -17.14 1.31
C GLU A 138 10.25 -16.04 2.11
N LEU A 139 10.16 -16.14 3.43
CA LEU A 139 10.64 -15.07 4.28
C LEU A 139 11.76 -15.53 5.19
N MET A 140 12.18 -14.62 6.06
CA MET A 140 13.17 -14.89 7.08
C MET A 140 12.50 -15.05 8.43
N GLU A 141 11.21 -15.38 8.37
CA GLU A 141 10.36 -15.49 9.54
C GLU A 141 10.98 -16.34 10.64
N GLU A 142 11.26 -15.70 11.76
CA GLU A 142 11.78 -16.39 12.93
C GLU A 142 10.64 -17.10 13.65
N LYS A 143 9.44 -16.56 13.49
CA LYS A 143 8.27 -17.11 14.15
C LYS A 143 7.64 -18.21 13.31
N LYS A 144 7.09 -17.81 12.17
CA LYS A 144 6.40 -18.74 11.29
C LYS A 144 7.37 -19.73 10.67
N ASP A 145 8.37 -19.20 9.99
CA ASP A 145 9.29 -19.97 9.17
C ASP A 145 8.50 -20.76 8.16
N GLU A 146 8.10 -20.07 7.13
CA GLU A 146 7.13 -20.57 6.19
C GLU A 146 7.40 -20.12 4.77
N LEU A 147 6.83 -20.86 3.83
CA LEU A 147 6.82 -20.46 2.44
C LEU A 147 5.73 -19.44 2.26
N ASN A 148 4.79 -19.43 3.21
CA ASN A 148 3.71 -18.48 3.23
C ASN A 148 2.97 -18.47 1.90
N TRP A 149 2.14 -19.47 1.68
CA TRP A 149 1.39 -19.56 0.44
C TRP A 149 0.17 -18.65 0.55
N LEU A 150 0.20 -17.53 -0.14
CA LEU A 150 -0.88 -16.56 -0.06
C LEU A 150 -2.15 -17.08 -0.65
N ASP A 151 -3.18 -17.07 0.19
CA ASP A 151 -4.51 -17.58 -0.11
C ASP A 151 -5.29 -16.70 -1.08
N HIS A 152 -4.78 -15.49 -1.32
CA HIS A 152 -5.42 -14.51 -2.18
C HIS A 152 -6.63 -13.87 -1.52
N GLY A 153 -6.66 -13.91 -0.19
CA GLY A 153 -7.80 -13.36 0.53
C GLY A 153 -7.40 -12.45 1.67
N ARG A 154 -6.28 -12.74 2.30
CA ARG A 154 -5.81 -11.96 3.44
C ARG A 154 -4.89 -10.83 3.00
N THR A 155 -4.98 -9.69 3.69
CA THR A 155 -4.14 -8.55 3.41
C THR A 155 -2.72 -8.80 3.94
N LEU A 156 -1.76 -8.05 3.41
CA LEU A 156 -0.37 -8.32 3.66
C LEU A 156 0.05 -7.96 5.08
N ARG A 157 -0.32 -6.77 5.53
CA ARG A 157 0.06 -6.31 6.87
C ARG A 157 -0.44 -7.26 7.95
N GLU A 158 -1.58 -7.88 7.72
CA GLU A 158 -2.19 -8.76 8.71
C GLU A 158 -1.43 -10.09 8.80
N GLN A 159 -0.56 -10.33 7.83
CA GLN A 159 0.29 -11.52 7.85
C GLN A 159 1.55 -11.24 8.65
N GLY A 160 1.85 -9.95 8.79
CA GLY A 160 3.10 -9.55 9.40
C GLY A 160 4.23 -9.52 8.39
N VAL A 161 3.88 -9.40 7.11
CA VAL A 161 4.88 -9.35 6.04
C VAL A 161 5.78 -8.12 6.14
N GLU A 162 6.92 -8.23 5.48
CA GLU A 162 7.84 -7.12 5.33
C GLU A 162 7.85 -6.68 3.85
N GLU A 163 8.84 -5.89 3.44
CA GLU A 163 8.92 -5.43 2.07
C GLU A 163 10.24 -5.81 1.40
N HIS A 164 10.94 -6.83 1.90
CA HIS A 164 12.30 -7.09 1.43
C HIS A 164 12.57 -8.56 1.08
N GLU A 165 11.70 -9.48 1.49
CA GLU A 165 11.90 -10.89 1.19
C GLU A 165 11.38 -11.26 -0.19
N THR A 166 11.89 -12.37 -0.73
CA THR A 166 11.54 -12.78 -2.09
C THR A 166 10.30 -13.65 -2.11
N LEU A 167 9.39 -13.30 -3.01
CA LEU A 167 8.12 -14.00 -3.13
C LEU A 167 8.08 -14.69 -4.48
N LEU A 168 7.52 -15.88 -4.54
CA LEU A 168 7.57 -16.66 -5.76
C LEU A 168 6.17 -16.80 -6.35
N LEU A 169 6.06 -16.60 -7.65
CA LEU A 169 4.82 -16.84 -8.35
C LEU A 169 4.71 -18.33 -8.69
N ARG A 170 3.64 -18.96 -8.23
CA ARG A 170 3.48 -20.40 -8.41
C ARG A 170 2.25 -20.71 -9.24
N ARG A 171 2.39 -21.65 -10.16
CA ARG A 171 1.25 -22.13 -10.93
C ARG A 171 0.37 -22.96 -10.00
N LYS A 172 -0.87 -22.53 -9.84
CA LYS A 172 -1.79 -23.22 -8.93
C LYS A 172 -2.69 -24.16 -9.71
N PHE A 173 -3.40 -23.63 -10.70
CA PHE A 173 -4.33 -24.46 -11.47
C PHE A 173 -3.62 -25.10 -12.64
N PHE A 174 -4.06 -26.30 -13.00
CA PHE A 174 -3.41 -27.08 -14.03
C PHE A 174 -3.94 -26.76 -15.41
N TYR A 175 -3.83 -25.49 -15.83
CA TYR A 175 -4.16 -25.13 -17.20
C TYR A 175 -3.32 -25.94 -18.18
N SER A 176 -2.09 -26.24 -17.78
CA SER A 176 -1.22 -27.17 -18.49
C SER A 176 -0.99 -26.77 -19.95
N ASP A 177 -0.99 -25.47 -20.20
CA ASP A 177 -0.73 -24.92 -21.54
C ASP A 177 -1.84 -25.35 -22.52
N GLN A 178 -2.95 -25.85 -21.98
CA GLN A 178 -4.06 -26.33 -22.79
C GLN A 178 -4.81 -25.17 -23.44
N GLY A 1 -7.53 27.70 -2.74
CA GLY A 1 -6.42 28.64 -2.43
C GLY A 1 -6.48 29.13 -1.01
N ILE A 2 -7.41 30.05 -0.75
CA ILE A 2 -7.63 30.53 0.60
C ILE A 2 -8.68 29.67 1.29
N ASP A 3 -8.49 28.36 1.17
CA ASP A 3 -9.41 27.39 1.75
C ASP A 3 -9.50 27.59 3.26
N PRO A 4 -10.72 27.76 3.77
CA PRO A 4 -10.95 28.07 5.18
C PRO A 4 -10.69 26.88 6.10
N PHE A 5 -9.85 27.10 7.09
CA PHE A 5 -9.59 26.10 8.10
C PHE A 5 -9.74 26.72 9.47
N THR A 6 -10.97 26.75 9.95
CA THR A 6 -11.29 27.26 11.26
C THR A 6 -11.04 26.18 12.31
N MET A 7 -11.94 26.05 13.28
CA MET A 7 -11.78 25.02 14.30
C MET A 7 -12.39 23.71 13.81
N VAL A 8 -12.26 23.51 12.53
CA VAL A 8 -12.67 22.29 11.86
C VAL A 8 -11.50 21.83 11.03
N ALA A 9 -10.37 21.71 11.69
CA ALA A 9 -9.13 21.36 11.05
C ALA A 9 -8.35 20.45 11.97
N LEU A 10 -7.72 19.47 11.39
CA LEU A 10 -6.95 18.52 12.13
C LEU A 10 -5.48 18.69 11.80
N SER A 11 -4.65 18.73 12.82
CA SER A 11 -3.22 18.96 12.62
C SER A 11 -2.52 17.62 12.44
N LEU A 12 -2.17 17.31 11.20
CA LEU A 12 -1.60 16.02 10.89
C LEU A 12 -0.15 16.18 10.46
N LYS A 13 0.71 15.33 10.98
CA LYS A 13 2.10 15.33 10.54
C LYS A 13 2.23 14.45 9.33
N ILE A 14 2.68 15.04 8.25
CA ILE A 14 2.76 14.33 6.98
C ILE A 14 4.20 13.93 6.70
N SER A 15 4.52 12.70 7.00
CA SER A 15 5.86 12.21 6.76
C SER A 15 5.92 11.53 5.39
N ILE A 16 6.38 12.30 4.42
CA ILE A 16 6.47 11.83 3.05
C ILE A 16 7.79 11.07 2.84
N GLY A 17 7.84 9.86 3.36
CA GLY A 17 9.05 9.06 3.26
C GLY A 17 10.09 9.50 4.27
N ASN A 18 10.99 10.37 3.84
CA ASN A 18 12.07 10.85 4.70
C ASN A 18 11.75 12.25 5.22
N VAL A 19 11.04 13.01 4.40
CA VAL A 19 10.65 14.38 4.76
C VAL A 19 9.35 14.34 5.55
N VAL A 20 9.10 15.37 6.35
CA VAL A 20 7.84 15.48 7.09
C VAL A 20 7.37 16.92 7.14
N LYS A 21 6.13 17.11 6.73
CA LYS A 21 5.52 18.43 6.66
C LYS A 21 4.26 18.45 7.49
N THR A 22 3.95 19.58 8.07
CA THR A 22 2.77 19.70 8.90
C THR A 22 1.64 20.34 8.12
N MET A 23 0.54 19.61 7.97
CA MET A 23 -0.59 20.08 7.19
C MET A 23 -1.87 19.85 7.97
N GLN A 24 -2.83 20.73 7.78
CA GLN A 24 -4.11 20.57 8.43
C GLN A 24 -5.18 20.29 7.40
N PHE A 25 -6.09 19.41 7.76
CA PHE A 25 -7.17 18.99 6.87
C PHE A 25 -8.46 19.11 7.63
N GLU A 26 -9.57 19.19 6.92
CA GLU A 26 -10.87 19.22 7.57
C GLU A 26 -11.19 17.83 8.11
N PRO A 27 -11.98 17.74 9.18
CA PRO A 27 -12.38 16.47 9.75
C PRO A 27 -13.25 15.69 8.78
N SER A 28 -13.86 16.41 7.86
CA SER A 28 -14.68 15.82 6.82
C SER A 28 -13.92 15.66 5.51
N THR A 29 -12.60 15.86 5.57
CA THR A 29 -11.75 15.68 4.43
C THR A 29 -11.56 14.20 4.18
N MET A 30 -12.10 13.77 3.07
CA MET A 30 -11.89 12.42 2.59
C MET A 30 -10.43 12.24 2.23
N VAL A 31 -9.97 11.00 2.28
CA VAL A 31 -8.65 10.65 1.75
C VAL A 31 -8.46 11.24 0.35
N TYR A 32 -9.51 11.24 -0.47
CA TYR A 32 -9.38 11.78 -1.82
C TYR A 32 -9.24 13.31 -1.78
N ASP A 33 -9.78 13.96 -0.75
CA ASP A 33 -9.63 15.40 -0.60
C ASP A 33 -8.23 15.72 -0.11
N ALA A 34 -7.79 14.98 0.90
CA ALA A 34 -6.47 15.17 1.47
C ALA A 34 -5.40 15.10 0.39
N CYS A 35 -5.48 14.04 -0.42
CA CYS A 35 -4.49 13.82 -1.48
C CYS A 35 -4.39 15.00 -2.44
N ARG A 36 -5.51 15.65 -2.75
CA ARG A 36 -5.46 16.73 -3.74
C ARG A 36 -4.94 18.03 -3.13
N MET A 37 -5.27 18.29 -1.88
CA MET A 37 -4.84 19.52 -1.23
C MET A 37 -3.39 19.43 -0.76
N ILE A 38 -2.97 18.25 -0.33
CA ILE A 38 -1.59 18.08 0.12
C ILE A 38 -0.63 18.31 -1.05
N ARG A 39 -0.95 17.72 -2.20
CA ARG A 39 -0.17 17.92 -3.41
C ARG A 39 -0.18 19.38 -3.85
N GLU A 40 -1.25 20.08 -3.50
CA GLU A 40 -1.45 21.45 -3.93
C GLU A 40 -0.35 22.37 -3.38
N ARG A 41 -0.25 22.48 -2.06
CA ARG A 41 0.77 23.34 -1.45
C ARG A 41 2.11 22.63 -1.29
N ILE A 42 2.09 21.31 -1.12
CA ILE A 42 3.32 20.55 -0.91
C ILE A 42 3.74 19.82 -2.20
N PRO A 43 4.67 20.42 -2.97
CA PRO A 43 5.14 19.85 -4.23
C PRO A 43 6.16 18.74 -4.03
N GLU A 44 6.51 18.48 -2.78
CA GLU A 44 7.44 17.41 -2.45
C GLU A 44 6.69 16.20 -1.94
N ALA A 45 5.37 16.25 -2.06
CA ALA A 45 4.53 15.12 -1.68
C ALA A 45 4.54 14.06 -2.77
N LEU A 46 4.42 14.50 -4.02
CA LEU A 46 4.36 13.58 -5.14
C LEU A 46 5.75 13.20 -5.63
N ALA A 47 6.44 12.40 -4.85
CA ALA A 47 7.78 11.92 -5.20
C ALA A 47 7.69 10.80 -6.25
N GLY A 48 6.75 10.97 -7.16
CA GLY A 48 6.47 10.00 -8.19
C GLY A 48 5.13 10.29 -8.83
N PRO A 49 4.41 9.28 -9.31
CA PRO A 49 3.06 9.46 -9.83
C PRO A 49 2.06 9.67 -8.70
N PRO A 50 1.38 10.83 -8.69
CA PRO A 50 0.42 11.18 -7.62
C PRO A 50 -0.69 10.15 -7.44
N ASN A 51 -1.00 9.42 -8.50
CA ASN A 51 -2.07 8.42 -8.44
C ASN A 51 -1.56 7.12 -7.82
N ASP A 52 -0.25 7.04 -7.64
CA ASP A 52 0.38 5.87 -7.05
C ASP A 52 0.72 6.15 -5.59
N PHE A 53 0.31 7.32 -5.11
CA PHE A 53 0.57 7.73 -3.74
C PHE A 53 -0.73 7.79 -2.93
N GLY A 54 -0.69 7.29 -1.71
CA GLY A 54 -1.87 7.32 -0.87
C GLY A 54 -1.55 7.65 0.58
N LEU A 55 -2.57 7.55 1.43
CA LEU A 55 -2.44 7.96 2.81
C LEU A 55 -2.29 6.77 3.76
N PHE A 56 -1.11 6.62 4.30
CA PHE A 56 -0.84 5.61 5.30
C PHE A 56 -0.83 6.24 6.69
N LEU A 57 -1.54 5.63 7.62
CA LEU A 57 -1.57 6.14 8.98
C LEU A 57 -0.50 5.45 9.80
N SER A 58 0.50 6.22 10.21
CA SER A 58 1.63 5.67 10.93
C SER A 58 1.34 5.56 12.42
N ASP A 59 1.14 4.33 12.87
CA ASP A 59 0.95 4.06 14.29
C ASP A 59 2.31 3.90 14.95
N ASP A 60 2.97 2.79 14.64
CA ASP A 60 4.28 2.44 15.18
C ASP A 60 4.64 1.05 14.71
N ASP A 61 3.73 0.12 14.91
CA ASP A 61 3.90 -1.26 14.48
C ASP A 61 3.26 -1.44 13.09
N PRO A 62 3.93 -2.16 12.19
CA PRO A 62 3.46 -2.39 10.81
C PRO A 62 2.05 -2.98 10.74
N LYS A 63 1.68 -3.78 11.74
CA LYS A 63 0.38 -4.42 11.76
C LYS A 63 -0.70 -3.43 12.20
N LYS A 64 -0.33 -2.57 13.15
CA LYS A 64 -1.25 -1.58 13.70
C LYS A 64 -1.45 -0.43 12.73
N GLY A 65 -0.43 -0.20 11.90
CA GLY A 65 -0.53 0.79 10.85
C GLY A 65 -1.65 0.46 9.90
N ILE A 66 -2.26 1.47 9.30
CA ILE A 66 -3.41 1.25 8.44
C ILE A 66 -3.34 2.11 7.19
N TRP A 67 -3.92 1.60 6.11
CA TRP A 67 -4.06 2.37 4.89
C TRP A 67 -5.38 3.11 4.91
N LEU A 68 -5.34 4.38 4.57
CA LEU A 68 -6.53 5.19 4.56
C LEU A 68 -7.14 5.19 3.16
N GLU A 69 -8.25 4.50 3.01
CA GLU A 69 -8.92 4.40 1.73
C GLU A 69 -9.68 5.68 1.41
N ALA A 70 -9.97 5.88 0.13
CA ALA A 70 -10.66 7.09 -0.29
C ALA A 70 -12.16 7.00 -0.03
N GLY A 71 -12.61 5.84 0.45
CA GLY A 71 -14.01 5.65 0.73
C GLY A 71 -14.42 6.18 2.10
N LYS A 72 -13.47 6.73 2.84
CA LYS A 72 -13.78 7.29 4.13
C LYS A 72 -13.01 8.60 4.36
N ALA A 73 -13.50 9.40 5.28
CA ALA A 73 -12.84 10.65 5.64
C ALA A 73 -11.77 10.40 6.69
N LEU A 74 -10.96 11.39 6.97
CA LEU A 74 -9.84 11.22 7.89
C LEU A 74 -10.32 11.04 9.33
N ASP A 75 -11.13 11.98 9.80
CA ASP A 75 -11.61 12.01 11.19
C ASP A 75 -12.55 10.85 11.47
N TYR A 76 -12.96 10.16 10.41
CA TYR A 76 -13.72 8.94 10.52
C TYR A 76 -12.98 7.95 11.42
N TYR A 77 -11.69 7.81 11.19
CA TYR A 77 -10.83 7.01 12.06
C TYR A 77 -10.43 7.82 13.30
N MET A 78 -9.35 7.42 13.96
CA MET A 78 -8.92 8.08 15.19
C MET A 78 -7.98 9.25 14.90
N LEU A 79 -8.04 9.79 13.69
CA LEU A 79 -7.12 10.87 13.31
C LEU A 79 -7.68 12.20 13.74
N ARG A 80 -6.76 13.06 14.13
CA ARG A 80 -7.10 14.36 14.67
C ARG A 80 -5.83 15.14 14.93
N ASN A 81 -5.95 16.23 15.66
CA ASN A 81 -4.80 17.09 15.96
C ASN A 81 -3.72 16.32 16.70
N GLY A 82 -2.67 15.96 15.98
CA GLY A 82 -1.53 15.31 16.59
C GLY A 82 -1.18 13.98 15.94
N ASP A 83 -2.08 13.43 15.12
CA ASP A 83 -1.85 12.14 14.49
C ASP A 83 -0.90 12.29 13.30
N THR A 84 0.00 11.33 13.14
CA THR A 84 0.93 11.35 12.03
C THR A 84 0.39 10.55 10.86
N MET A 85 0.43 11.13 9.67
CA MET A 85 -0.09 10.47 8.50
C MET A 85 0.99 10.47 7.42
N GLU A 86 1.49 9.28 7.12
CA GLU A 86 2.55 9.12 6.16
C GLU A 86 1.98 9.22 4.76
N TYR A 87 2.53 10.11 3.94
CA TYR A 87 2.11 10.19 2.55
C TYR A 87 3.10 9.41 1.72
N ARG A 88 2.72 8.21 1.35
CA ARG A 88 3.64 7.29 0.73
C ARG A 88 3.04 6.65 -0.49
N LYS A 89 3.89 6.00 -1.27
CA LYS A 89 3.45 5.26 -2.42
C LYS A 89 2.57 4.10 -1.96
N LYS A 90 1.40 3.97 -2.58
CA LYS A 90 0.45 2.91 -2.24
C LYS A 90 1.09 1.55 -2.41
N GLN A 91 1.97 1.45 -3.38
CA GLN A 91 2.61 0.19 -3.72
C GLN A 91 3.90 -0.01 -2.94
N ARG A 92 4.26 -1.26 -2.77
CA ARG A 92 5.55 -1.64 -2.22
C ARG A 92 6.30 -2.48 -3.25
N PRO A 93 7.65 -2.49 -3.21
CA PRO A 93 8.46 -3.26 -4.15
C PRO A 93 8.38 -4.76 -3.90
N LEU A 94 7.83 -5.49 -4.86
CA LEU A 94 7.72 -6.94 -4.77
C LEU A 94 8.79 -7.61 -5.63
N LYS A 95 9.60 -8.47 -5.02
CA LYS A 95 10.52 -9.30 -5.79
C LYS A 95 9.90 -10.67 -5.99
N ILE A 96 9.66 -11.01 -7.23
CA ILE A 96 8.85 -12.17 -7.57
C ILE A 96 9.63 -13.13 -8.45
N ARG A 97 9.56 -14.42 -8.14
CA ARG A 97 10.15 -15.45 -8.96
C ARG A 97 9.08 -16.02 -9.88
N MET A 98 9.27 -15.89 -11.18
CA MET A 98 8.34 -16.46 -12.14
C MET A 98 8.64 -17.94 -12.33
N LEU A 99 7.80 -18.61 -13.10
CA LEU A 99 7.82 -20.07 -13.23
C LEU A 99 9.21 -20.59 -13.60
N ASP A 100 9.89 -19.88 -14.49
CA ASP A 100 11.22 -20.28 -14.94
C ASP A 100 12.29 -19.86 -13.95
N GLY A 101 11.88 -19.12 -12.92
CA GLY A 101 12.82 -18.61 -11.95
C GLY A 101 13.14 -17.18 -12.25
N THR A 102 12.52 -16.68 -13.31
CA THR A 102 12.73 -15.32 -13.75
C THR A 102 12.22 -14.35 -12.70
N VAL A 103 13.10 -13.56 -12.14
CA VAL A 103 12.73 -12.71 -11.04
C VAL A 103 12.72 -11.24 -11.45
N LYS A 104 11.68 -10.54 -11.01
CA LYS A 104 11.52 -9.13 -11.31
C LYS A 104 11.03 -8.39 -10.08
N THR A 105 11.22 -7.08 -10.07
CA THR A 105 10.69 -6.25 -9.01
C THR A 105 9.60 -5.35 -9.56
N ILE A 106 8.39 -5.46 -9.02
CA ILE A 106 7.30 -4.62 -9.47
C ILE A 106 6.53 -4.10 -8.26
N MET A 107 6.05 -2.87 -8.35
CA MET A 107 5.38 -2.24 -7.22
C MET A 107 3.88 -2.41 -7.27
N VAL A 108 3.37 -3.12 -6.27
CA VAL A 108 1.94 -3.34 -6.12
C VAL A 108 1.39 -2.68 -4.89
N ASP A 109 0.22 -2.06 -5.04
CA ASP A 109 -0.46 -1.38 -3.94
C ASP A 109 -0.63 -2.32 -2.75
N ASP A 110 0.07 -2.02 -1.68
CA ASP A 110 0.02 -2.82 -0.47
C ASP A 110 -1.41 -2.93 0.06
N SER A 111 -2.23 -1.95 -0.27
CA SER A 111 -3.58 -1.88 0.27
C SER A 111 -4.53 -2.87 -0.42
N LYS A 112 -4.17 -3.36 -1.59
CA LYS A 112 -5.04 -4.27 -2.33
C LYS A 112 -4.67 -5.74 -2.07
N THR A 113 -5.58 -6.63 -2.40
CA THR A 113 -5.43 -8.05 -2.14
C THR A 113 -4.34 -8.71 -2.99
N VAL A 114 -4.11 -9.99 -2.74
CA VAL A 114 -3.05 -10.73 -3.43
C VAL A 114 -3.38 -10.99 -4.90
N THR A 115 -4.56 -11.53 -5.14
CA THR A 115 -5.04 -11.81 -6.50
C THR A 115 -4.83 -10.64 -7.46
N ASP A 116 -5.25 -9.44 -7.06
CA ASP A 116 -5.08 -8.25 -7.89
C ASP A 116 -3.61 -8.01 -8.19
N MET A 117 -2.77 -8.27 -7.19
CA MET A 117 -1.33 -8.17 -7.32
C MET A 117 -0.82 -9.15 -8.38
N LEU A 118 -1.30 -10.37 -8.31
CA LEU A 118 -0.87 -11.40 -9.25
C LEU A 118 -1.30 -11.02 -10.66
N MET A 119 -2.47 -10.40 -10.77
CA MET A 119 -2.95 -9.87 -12.05
C MET A 119 -1.94 -8.88 -12.60
N THR A 120 -1.57 -7.94 -11.76
CA THR A 120 -0.62 -6.90 -12.12
C THR A 120 0.73 -7.52 -12.52
N ILE A 121 1.18 -8.54 -11.80
CA ILE A 121 2.49 -9.13 -12.03
C ILE A 121 2.49 -9.99 -13.29
N CYS A 122 1.46 -10.81 -13.46
CA CYS A 122 1.38 -11.69 -14.63
C CYS A 122 1.29 -10.87 -15.91
N ALA A 123 0.71 -9.68 -15.79
CA ALA A 123 0.59 -8.76 -16.91
C ALA A 123 1.95 -8.16 -17.26
N ARG A 124 2.82 -8.05 -16.26
CA ARG A 124 4.17 -7.53 -16.47
C ARG A 124 4.98 -8.49 -17.33
N ILE A 125 4.85 -9.78 -17.05
CA ILE A 125 5.61 -10.81 -17.76
C ILE A 125 4.95 -11.14 -19.10
N GLY A 126 3.62 -11.01 -19.14
CA GLY A 126 2.88 -11.40 -20.32
C GLY A 126 2.29 -12.79 -20.18
N ILE A 127 1.94 -13.14 -18.94
CA ILE A 127 1.36 -14.44 -18.65
C ILE A 127 -0.15 -14.43 -18.90
N THR A 128 -0.76 -13.25 -18.68
CA THR A 128 -2.18 -13.05 -18.95
C THR A 128 -3.08 -13.72 -17.90
N ASN A 129 -3.00 -15.04 -17.79
CA ASN A 129 -3.83 -15.77 -16.84
C ASN A 129 -3.12 -15.87 -15.51
N HIS A 130 -3.81 -15.52 -14.44
CA HIS A 130 -3.20 -15.50 -13.11
C HIS A 130 -4.02 -16.29 -12.10
N ASP A 131 -5.20 -16.73 -12.50
CA ASP A 131 -6.10 -17.42 -11.60
C ASP A 131 -5.56 -18.82 -11.28
N GLU A 132 -4.69 -19.31 -12.14
CA GLU A 132 -4.14 -20.65 -11.98
C GLU A 132 -2.83 -20.63 -11.20
N TYR A 133 -2.53 -19.51 -10.54
CA TYR A 133 -1.33 -19.39 -9.74
C TYR A 133 -1.66 -18.96 -8.33
N SER A 134 -0.86 -19.39 -7.38
CA SER A 134 -0.95 -18.90 -6.02
C SER A 134 0.33 -18.14 -5.69
N LEU A 135 0.39 -17.51 -4.53
CA LEU A 135 1.59 -16.77 -4.17
C LEU A 135 2.23 -17.41 -2.96
N VAL A 136 3.55 -17.40 -2.91
CA VAL A 136 4.27 -17.96 -1.78
C VAL A 136 5.45 -17.06 -1.42
N ARG A 137 5.42 -16.51 -0.22
CA ARG A 137 6.48 -15.65 0.23
C ARG A 137 7.43 -16.40 1.13
N GLU A 138 8.58 -16.78 0.59
CA GLU A 138 9.61 -17.33 1.41
C GLU A 138 10.34 -16.20 2.12
N LEU A 139 10.22 -16.16 3.43
CA LEU A 139 10.79 -15.05 4.17
C LEU A 139 12.12 -15.41 4.81
N MET A 140 12.57 -14.48 5.63
CA MET A 140 13.78 -14.61 6.43
C MET A 140 13.38 -14.57 7.89
N GLU A 141 12.08 -14.74 8.08
CA GLU A 141 11.41 -14.51 9.37
C GLU A 141 12.07 -15.23 10.53
N GLU A 142 12.34 -14.47 11.57
CA GLU A 142 12.83 -15.02 12.82
C GLU A 142 11.66 -15.41 13.72
N LYS A 143 10.47 -14.90 13.38
CA LYS A 143 9.28 -15.15 14.16
C LYS A 143 8.43 -16.27 13.54
N LYS A 144 7.74 -15.95 12.45
CA LYS A 144 6.87 -16.91 11.77
C LYS A 144 7.70 -18.05 11.19
N ASP A 145 8.51 -17.69 10.21
CA ASP A 145 9.28 -18.62 9.42
C ASP A 145 8.34 -19.52 8.65
N GLU A 146 7.87 -18.98 7.54
CA GLU A 146 6.83 -19.63 6.77
C GLU A 146 7.08 -19.45 5.28
N LEU A 147 6.42 -20.30 4.51
CA LEU A 147 6.44 -20.23 3.07
C LEU A 147 5.48 -19.16 2.63
N ASN A 148 4.57 -18.83 3.52
CA ASN A 148 3.56 -17.81 3.30
C ASN A 148 2.90 -17.99 1.95
N TRP A 149 2.06 -19.00 1.84
CA TRP A 149 1.35 -19.27 0.61
C TRP A 149 0.09 -18.45 0.60
N LEU A 150 0.17 -17.25 0.01
CA LEU A 150 -0.92 -16.30 0.04
C LEU A 150 -2.19 -16.88 -0.54
N ASP A 151 -3.26 -16.77 0.26
CA ASP A 151 -4.57 -17.34 -0.05
C ASP A 151 -5.29 -16.52 -1.10
N HIS A 152 -4.60 -15.48 -1.59
CA HIS A 152 -5.12 -14.59 -2.63
C HIS A 152 -6.09 -13.55 -2.07
N GLY A 153 -6.64 -13.81 -0.90
CA GLY A 153 -7.63 -12.91 -0.32
C GLY A 153 -7.06 -12.19 0.86
N ARG A 154 -5.75 -12.09 0.87
CA ARG A 154 -5.01 -11.54 1.98
C ARG A 154 -4.41 -10.20 1.60
N THR A 155 -4.22 -9.34 2.57
CA THR A 155 -3.42 -8.14 2.37
C THR A 155 -2.01 -8.40 2.89
N LEU A 156 -1.09 -7.52 2.58
CA LEU A 156 0.32 -7.78 2.83
C LEU A 156 0.77 -7.17 4.15
N ARG A 157 0.18 -6.04 4.50
CA ARG A 157 0.50 -5.37 5.76
C ARG A 157 0.11 -6.25 6.94
N GLU A 158 -0.97 -6.99 6.77
CA GLU A 158 -1.51 -7.86 7.81
C GLU A 158 -0.63 -9.09 8.00
N GLN A 159 0.27 -9.30 7.07
CA GLN A 159 1.20 -10.42 7.16
C GLN A 159 2.42 -10.04 7.97
N GLY A 160 2.66 -8.73 8.04
CA GLY A 160 3.85 -8.24 8.69
C GLY A 160 5.07 -8.38 7.82
N VAL A 161 4.85 -8.80 6.57
CA VAL A 161 5.93 -9.02 5.63
C VAL A 161 6.52 -7.72 5.12
N GLU A 162 7.75 -7.77 4.67
CA GLU A 162 8.46 -6.60 4.20
C GLU A 162 8.53 -6.59 2.68
N GLU A 163 9.46 -5.84 2.13
CA GLU A 163 9.57 -5.73 0.70
C GLU A 163 10.94 -6.24 0.23
N HIS A 164 11.58 -7.07 1.05
CA HIS A 164 12.95 -7.50 0.73
C HIS A 164 13.14 -9.02 0.77
N GLU A 165 12.11 -9.74 1.17
CA GLU A 165 12.16 -11.21 1.10
C GLU A 165 11.83 -11.66 -0.31
N THR A 166 12.36 -12.80 -0.74
CA THR A 166 12.07 -13.31 -2.08
C THR A 166 10.70 -14.00 -2.12
N LEU A 167 9.81 -13.47 -2.95
CA LEU A 167 8.47 -14.02 -3.07
C LEU A 167 8.38 -14.77 -4.39
N LEU A 168 7.75 -15.92 -4.39
CA LEU A 168 7.75 -16.76 -5.58
C LEU A 168 6.34 -16.92 -6.13
N LEU A 169 6.21 -16.86 -7.44
CA LEU A 169 4.97 -17.16 -8.11
C LEU A 169 4.92 -18.66 -8.42
N ARG A 170 3.86 -19.33 -8.00
CA ARG A 170 3.74 -20.77 -8.16
C ARG A 170 2.45 -21.12 -8.87
N ARG A 171 2.51 -22.15 -9.70
CA ARG A 171 1.33 -22.60 -10.42
C ARG A 171 0.50 -23.48 -9.51
N LYS A 172 -0.75 -23.09 -9.30
CA LYS A 172 -1.64 -23.83 -8.42
C LYS A 172 -2.27 -24.99 -9.18
N PHE A 173 -2.76 -24.70 -10.37
CA PHE A 173 -3.39 -25.73 -11.18
C PHE A 173 -2.46 -26.17 -12.30
N PHE A 174 -2.47 -27.44 -12.59
CA PHE A 174 -1.62 -28.00 -13.62
C PHE A 174 -2.46 -28.63 -14.71
N TYR A 175 -3.36 -27.81 -15.25
CA TYR A 175 -4.26 -28.26 -16.30
C TYR A 175 -3.71 -27.90 -17.67
N SER A 176 -2.86 -26.87 -17.70
CA SER A 176 -2.18 -26.44 -18.93
C SER A 176 -3.17 -26.00 -20.01
N ASP A 177 -4.29 -25.42 -19.59
CA ASP A 177 -5.39 -25.06 -20.48
C ASP A 177 -5.74 -26.24 -21.39
N GLN A 178 -6.07 -27.34 -20.76
CA GLN A 178 -6.44 -28.55 -21.46
C GLN A 178 -7.78 -29.06 -20.95
N GLY A 1 -5.59 33.58 7.53
CA GLY A 1 -6.50 34.57 6.91
C GLY A 1 -7.89 34.00 6.70
N ILE A 2 -8.34 33.98 5.46
CA ILE A 2 -9.63 33.41 5.13
C ILE A 2 -9.48 31.90 4.96
N ASP A 3 -9.32 31.22 6.09
CA ASP A 3 -9.09 29.78 6.08
C ASP A 3 -10.27 29.06 6.70
N PRO A 4 -10.86 28.09 5.98
CA PRO A 4 -11.95 27.27 6.49
C PRO A 4 -11.42 26.17 7.41
N PHE A 5 -10.42 26.54 8.19
CA PHE A 5 -9.73 25.62 9.07
C PHE A 5 -9.66 26.20 10.47
N THR A 6 -10.70 26.93 10.82
CA THR A 6 -10.78 27.60 12.11
C THR A 6 -10.71 26.60 13.27
N MET A 7 -11.82 25.99 13.55
CA MET A 7 -11.86 24.92 14.53
C MET A 7 -12.67 23.74 14.00
N VAL A 8 -12.33 23.40 12.78
CA VAL A 8 -12.74 22.16 12.15
C VAL A 8 -11.58 21.70 11.29
N ALA A 9 -10.42 21.61 11.92
CA ALA A 9 -9.21 21.27 11.21
C ALA A 9 -8.33 20.36 12.04
N LEU A 10 -7.71 19.42 11.37
CA LEU A 10 -6.89 18.42 12.02
C LEU A 10 -5.43 18.69 11.70
N SER A 11 -4.61 18.72 12.73
CA SER A 11 -3.20 18.99 12.56
C SER A 11 -2.46 17.68 12.39
N LEU A 12 -2.12 17.37 11.14
CA LEU A 12 -1.56 16.09 10.78
C LEU A 12 -0.11 16.24 10.32
N LYS A 13 0.79 15.55 11.00
CA LYS A 13 2.17 15.49 10.57
C LYS A 13 2.29 14.63 9.33
N ILE A 14 2.66 15.25 8.23
CA ILE A 14 2.83 14.54 6.98
C ILE A 14 4.27 14.07 6.84
N SER A 15 4.48 12.79 7.09
CA SER A 15 5.79 12.22 6.92
C SER A 15 5.87 11.54 5.56
N ILE A 16 6.87 11.89 4.77
CA ILE A 16 7.04 11.31 3.45
C ILE A 16 8.44 10.71 3.32
N GLY A 17 8.56 9.44 3.69
CA GLY A 17 9.84 8.78 3.67
C GLY A 17 10.70 9.17 4.85
N ASN A 18 11.28 10.36 4.80
CA ASN A 18 12.12 10.87 5.87
C ASN A 18 11.72 12.28 6.27
N VAL A 19 11.05 12.99 5.36
CA VAL A 19 10.66 14.36 5.59
C VAL A 19 9.33 14.41 6.36
N VAL A 20 9.13 15.47 7.14
CA VAL A 20 7.90 15.65 7.89
C VAL A 20 7.44 17.10 7.81
N LYS A 21 6.23 17.29 7.32
CA LYS A 21 5.65 18.62 7.13
C LYS A 21 4.31 18.70 7.84
N THR A 22 3.97 19.87 8.33
CA THR A 22 2.77 20.03 9.12
C THR A 22 1.63 20.56 8.27
N MET A 23 0.56 19.79 8.16
CA MET A 23 -0.60 20.20 7.37
C MET A 23 -1.87 20.02 8.17
N GLN A 24 -2.85 20.85 7.89
CA GLN A 24 -4.14 20.73 8.51
C GLN A 24 -5.20 20.40 7.47
N PHE A 25 -6.06 19.47 7.82
CA PHE A 25 -7.09 18.99 6.92
C PHE A 25 -8.43 19.10 7.61
N GLU A 26 -9.51 19.12 6.86
CA GLU A 26 -10.82 19.12 7.47
C GLU A 26 -11.17 17.72 7.93
N PRO A 27 -11.93 17.61 9.03
CA PRO A 27 -12.34 16.32 9.57
C PRO A 27 -13.16 15.53 8.55
N SER A 28 -13.88 16.25 7.70
CA SER A 28 -14.71 15.62 6.67
C SER A 28 -13.94 15.48 5.35
N THR A 29 -12.65 15.80 5.37
CA THR A 29 -11.82 15.64 4.20
C THR A 29 -11.52 14.18 3.96
N MET A 30 -12.11 13.68 2.92
CA MET A 30 -11.83 12.32 2.46
C MET A 30 -10.37 12.19 2.04
N VAL A 31 -9.85 10.99 2.10
CA VAL A 31 -8.53 10.68 1.57
C VAL A 31 -8.34 11.30 0.17
N TYR A 32 -9.36 11.17 -0.68
CA TYR A 32 -9.27 11.70 -2.03
C TYR A 32 -9.17 13.24 -2.03
N ASP A 33 -9.80 13.88 -1.04
CA ASP A 33 -9.70 15.34 -0.93
C ASP A 33 -8.35 15.73 -0.35
N ALA A 34 -7.92 15.01 0.68
CA ALA A 34 -6.64 15.25 1.31
C ALA A 34 -5.50 15.15 0.31
N CYS A 35 -5.49 14.06 -0.45
CA CYS A 35 -4.44 13.81 -1.43
C CYS A 35 -4.32 14.95 -2.45
N ARG A 36 -5.44 15.59 -2.79
CA ARG A 36 -5.41 16.63 -3.81
C ARG A 36 -4.76 17.89 -3.26
N MET A 37 -5.01 18.18 -1.99
CA MET A 37 -4.49 19.37 -1.35
C MET A 37 -3.03 19.21 -0.96
N ILE A 38 -2.71 18.09 -0.31
CA ILE A 38 -1.34 17.82 0.13
C ILE A 38 -0.35 17.90 -1.05
N ARG A 39 -0.72 17.29 -2.18
CA ARG A 39 0.08 17.37 -3.40
C ARG A 39 0.23 18.82 -3.85
N GLU A 40 -0.76 19.64 -3.52
CA GLU A 40 -0.75 21.04 -3.88
C GLU A 40 0.21 21.80 -2.97
N ARG A 41 0.15 21.50 -1.68
CA ARG A 41 0.92 22.22 -0.67
C ARG A 41 2.38 21.77 -0.68
N ILE A 42 2.57 20.46 -0.57
CA ILE A 42 3.89 19.88 -0.38
C ILE A 42 4.40 19.28 -1.69
N PRO A 43 5.44 19.88 -2.29
CA PRO A 43 6.05 19.37 -3.53
C PRO A 43 6.79 18.05 -3.30
N GLU A 44 6.92 17.68 -2.03
CA GLU A 44 7.58 16.43 -1.67
C GLU A 44 6.64 15.25 -1.74
N ALA A 45 5.35 15.54 -1.90
CA ALA A 45 4.33 14.50 -1.89
C ALA A 45 4.36 13.69 -3.19
N LEU A 46 4.44 14.39 -4.31
CA LEU A 46 4.35 13.72 -5.60
C LEU A 46 5.74 13.37 -6.16
N ALA A 47 6.40 12.43 -5.49
CA ALA A 47 7.67 11.92 -5.98
C ALA A 47 7.46 10.92 -7.12
N GLY A 48 6.33 11.08 -7.79
CA GLY A 48 5.93 10.20 -8.86
C GLY A 48 4.45 10.33 -9.13
N PRO A 49 3.83 9.35 -9.80
CA PRO A 49 2.38 9.35 -10.05
C PRO A 49 1.56 9.49 -8.78
N PRO A 50 0.57 10.39 -8.79
CA PRO A 50 -0.40 10.52 -7.69
C PRO A 50 -1.12 9.20 -7.39
N ASN A 51 -1.25 8.35 -8.40
CA ASN A 51 -1.90 7.05 -8.24
C ASN A 51 -0.97 6.07 -7.54
N ASP A 52 0.29 6.46 -7.42
CA ASP A 52 1.32 5.62 -6.81
C ASP A 52 1.52 5.98 -5.34
N PHE A 53 0.95 7.12 -4.94
CA PHE A 53 1.11 7.62 -3.57
C PHE A 53 -0.24 7.83 -2.89
N GLY A 54 -0.31 7.44 -1.63
CA GLY A 54 -1.54 7.58 -0.86
C GLY A 54 -1.30 7.86 0.61
N LEU A 55 -2.33 7.66 1.42
CA LEU A 55 -2.27 8.01 2.84
C LEU A 55 -2.13 6.79 3.73
N PHE A 56 -0.96 6.65 4.33
CA PHE A 56 -0.73 5.63 5.32
C PHE A 56 -0.77 6.25 6.72
N LEU A 57 -1.53 5.64 7.61
CA LEU A 57 -1.69 6.19 8.95
C LEU A 57 -0.66 5.55 9.88
N SER A 58 0.23 6.38 10.40
CA SER A 58 1.26 5.90 11.32
C SER A 58 0.67 5.71 12.72
N ASP A 59 0.02 4.57 12.90
CA ASP A 59 -0.64 4.25 14.16
C ASP A 59 0.38 4.11 15.29
N ASP A 60 1.33 3.22 15.09
CA ASP A 60 2.30 2.87 16.12
C ASP A 60 3.33 1.91 15.56
N ASP A 61 2.85 0.76 15.14
CA ASP A 61 3.69 -0.28 14.55
C ASP A 61 3.16 -0.59 13.16
N PRO A 62 4.05 -0.93 12.20
CA PRO A 62 3.65 -1.30 10.83
C PRO A 62 2.49 -2.29 10.78
N LYS A 63 2.38 -3.16 11.79
CA LYS A 63 1.28 -4.12 11.85
C LYS A 63 -0.04 -3.42 12.19
N LYS A 64 0.05 -2.38 13.00
CA LYS A 64 -1.12 -1.62 13.42
C LYS A 64 -1.43 -0.53 12.39
N GLY A 65 -0.42 -0.16 11.61
CA GLY A 65 -0.59 0.85 10.58
C GLY A 65 -1.60 0.43 9.54
N ILE A 66 -2.22 1.41 8.90
CA ILE A 66 -3.29 1.13 7.95
C ILE A 66 -3.19 2.04 6.73
N TRP A 67 -3.77 1.59 5.63
CA TRP A 67 -3.86 2.40 4.44
C TRP A 67 -5.20 3.11 4.41
N LEU A 68 -5.15 4.42 4.31
CA LEU A 68 -6.35 5.22 4.27
C LEU A 68 -6.89 5.27 2.85
N GLU A 69 -7.99 4.57 2.63
CA GLU A 69 -8.59 4.50 1.31
C GLU A 69 -9.47 5.72 1.05
N ALA A 70 -9.69 6.04 -0.23
CA ALA A 70 -10.52 7.16 -0.61
C ALA A 70 -11.99 6.93 -0.23
N GLY A 71 -12.29 5.70 0.16
CA GLY A 71 -13.67 5.35 0.49
C GLY A 71 -14.05 5.70 1.91
N LYS A 72 -13.26 6.56 2.56
CA LYS A 72 -13.61 7.02 3.90
C LYS A 72 -12.90 8.34 4.20
N ALA A 73 -13.45 9.08 5.14
CA ALA A 73 -12.88 10.36 5.55
C ALA A 73 -11.81 10.14 6.60
N LEU A 74 -11.05 11.17 6.91
CA LEU A 74 -9.95 11.05 7.86
C LEU A 74 -10.46 10.86 9.29
N ASP A 75 -11.30 11.79 9.73
CA ASP A 75 -11.82 11.80 11.10
C ASP A 75 -12.80 10.64 11.32
N TYR A 76 -13.17 9.99 10.22
CA TYR A 76 -13.95 8.77 10.29
C TYR A 76 -13.27 7.75 11.20
N TYR A 77 -11.95 7.67 11.09
CA TYR A 77 -11.15 6.85 11.98
C TYR A 77 -10.92 7.58 13.31
N MET A 78 -9.69 7.50 13.82
CA MET A 78 -9.36 8.12 15.10
C MET A 78 -8.44 9.32 14.91
N LEU A 79 -8.30 9.78 13.66
CA LEU A 79 -7.33 10.83 13.35
C LEU A 79 -7.88 12.18 13.76
N ARG A 80 -6.97 13.03 14.19
CA ARG A 80 -7.30 14.35 14.68
C ARG A 80 -6.02 15.11 14.98
N ASN A 81 -6.14 16.17 15.74
CA ASN A 81 -5.01 17.02 16.07
C ASN A 81 -4.01 16.28 16.94
N GLY A 82 -2.94 15.80 16.29
CA GLY A 82 -1.91 15.09 17.00
C GLY A 82 -1.46 13.83 16.30
N ASP A 83 -2.31 13.31 15.40
CA ASP A 83 -1.99 12.08 14.69
C ASP A 83 -1.04 12.35 13.53
N THR A 84 -0.12 11.43 13.32
CA THR A 84 0.81 11.52 12.21
C THR A 84 0.27 10.73 11.01
N MET A 85 0.30 11.34 9.84
CA MET A 85 -0.22 10.69 8.66
C MET A 85 0.85 10.69 7.58
N GLU A 86 1.34 9.50 7.27
CA GLU A 86 2.43 9.35 6.32
C GLU A 86 1.87 9.37 4.90
N TYR A 87 2.40 10.24 4.05
CA TYR A 87 2.03 10.23 2.66
C TYR A 87 3.08 9.44 1.92
N ARG A 88 2.75 8.21 1.62
CA ARG A 88 3.73 7.31 1.07
C ARG A 88 3.19 6.57 -0.12
N LYS A 89 4.02 5.71 -0.66
CA LYS A 89 3.72 4.97 -1.86
C LYS A 89 2.66 3.91 -1.60
N LYS A 90 1.50 4.06 -2.26
CA LYS A 90 0.43 3.06 -2.18
C LYS A 90 0.93 1.74 -2.74
N GLN A 91 1.77 1.85 -3.75
CA GLN A 91 2.39 0.71 -4.37
C GLN A 91 3.51 0.19 -3.48
N ARG A 92 4.34 -0.67 -4.03
CA ARG A 92 5.44 -1.27 -3.29
C ARG A 92 6.17 -2.26 -4.20
N PRO A 93 7.51 -2.22 -4.17
CA PRO A 93 8.34 -3.09 -5.00
C PRO A 93 8.14 -4.56 -4.65
N LEU A 94 7.62 -5.32 -5.59
CA LEU A 94 7.42 -6.73 -5.40
C LEU A 94 8.55 -7.53 -6.04
N LYS A 95 9.31 -8.23 -5.22
CA LYS A 95 10.35 -9.11 -5.71
C LYS A 95 9.73 -10.46 -6.03
N ILE A 96 9.54 -10.74 -7.31
CA ILE A 96 8.80 -11.91 -7.73
C ILE A 96 9.65 -12.79 -8.63
N ARG A 97 9.70 -14.08 -8.35
CA ARG A 97 10.39 -15.02 -9.22
C ARG A 97 9.35 -15.84 -9.99
N MET A 98 9.44 -15.81 -11.30
CA MET A 98 8.48 -16.47 -12.18
C MET A 98 8.83 -17.95 -12.34
N LEU A 99 7.94 -18.68 -13.01
CA LEU A 99 8.01 -20.14 -13.09
C LEU A 99 9.34 -20.62 -13.65
N ASP A 100 9.82 -19.94 -14.68
CA ASP A 100 11.07 -20.31 -15.34
C ASP A 100 12.27 -19.86 -14.52
N GLY A 101 12.02 -19.18 -13.41
CA GLY A 101 13.08 -18.82 -12.49
C GLY A 101 13.52 -17.39 -12.65
N THR A 102 12.76 -16.62 -13.41
CA THR A 102 13.13 -15.24 -13.70
C THR A 102 12.53 -14.29 -12.67
N VAL A 103 13.35 -13.43 -12.11
CA VAL A 103 12.90 -12.54 -11.05
C VAL A 103 12.79 -11.11 -11.55
N LYS A 104 11.66 -10.49 -11.27
CA LYS A 104 11.43 -9.11 -11.66
C LYS A 104 10.68 -8.36 -10.57
N THR A 105 10.75 -7.04 -10.60
CA THR A 105 10.05 -6.21 -9.65
C THR A 105 8.99 -5.37 -10.37
N ILE A 106 7.79 -5.29 -9.80
CA ILE A 106 6.74 -4.44 -10.34
C ILE A 106 6.06 -3.69 -9.21
N MET A 107 5.57 -2.48 -9.48
CA MET A 107 4.92 -1.69 -8.46
C MET A 107 3.43 -2.00 -8.41
N VAL A 108 3.03 -2.61 -7.30
CA VAL A 108 1.64 -2.98 -7.08
C VAL A 108 1.17 -2.42 -5.75
N ASP A 109 -0.11 -2.08 -5.67
CA ASP A 109 -0.66 -1.41 -4.50
C ASP A 109 -0.71 -2.36 -3.30
N ASP A 110 -0.30 -1.85 -2.14
CA ASP A 110 -0.30 -2.64 -0.91
C ASP A 110 -1.66 -2.58 -0.23
N SER A 111 -2.48 -1.59 -0.61
CA SER A 111 -3.77 -1.39 0.05
C SER A 111 -4.83 -2.40 -0.40
N LYS A 112 -4.44 -3.43 -1.14
CA LYS A 112 -5.41 -4.40 -1.61
C LYS A 112 -4.92 -5.84 -1.40
N THR A 113 -5.70 -6.80 -1.86
CA THR A 113 -5.43 -8.21 -1.59
C THR A 113 -4.54 -8.86 -2.65
N VAL A 114 -4.32 -10.16 -2.50
CA VAL A 114 -3.32 -10.89 -3.28
C VAL A 114 -3.70 -11.04 -4.75
N THR A 115 -4.85 -11.65 -5.01
CA THR A 115 -5.32 -11.93 -6.37
C THR A 115 -5.22 -10.71 -7.29
N ASP A 116 -5.67 -9.56 -6.80
CA ASP A 116 -5.64 -8.33 -7.59
C ASP A 116 -4.19 -7.97 -7.93
N MET A 117 -3.33 -8.15 -6.95
CA MET A 117 -1.90 -7.89 -7.10
C MET A 117 -1.25 -8.88 -8.06
N LEU A 118 -1.62 -10.15 -7.94
CA LEU A 118 -1.06 -11.20 -8.79
C LEU A 118 -1.38 -10.94 -10.26
N MET A 119 -2.60 -10.45 -10.49
CA MET A 119 -3.04 -10.09 -11.84
C MET A 119 -2.12 -9.04 -12.44
N THR A 120 -1.77 -8.08 -11.61
CA THR A 120 -0.89 -6.99 -12.03
C THR A 120 0.52 -7.51 -12.29
N ILE A 121 0.94 -8.54 -11.57
CA ILE A 121 2.29 -9.08 -11.72
C ILE A 121 2.39 -9.94 -12.99
N CYS A 122 1.44 -10.86 -13.14
CA CYS A 122 1.47 -11.80 -14.26
C CYS A 122 1.30 -11.06 -15.59
N ALA A 123 0.59 -9.93 -15.55
CA ALA A 123 0.37 -9.12 -16.73
C ALA A 123 1.68 -8.52 -17.25
N ARG A 124 2.65 -8.38 -16.37
CA ARG A 124 3.95 -7.83 -16.77
C ARG A 124 4.69 -8.83 -17.64
N ILE A 125 4.54 -10.10 -17.32
CA ILE A 125 5.17 -11.16 -18.09
C ILE A 125 4.38 -11.41 -19.37
N GLY A 126 3.06 -11.38 -19.23
CA GLY A 126 2.18 -11.68 -20.34
C GLY A 126 1.34 -12.90 -20.09
N ILE A 127 1.19 -13.26 -18.81
CA ILE A 127 0.40 -14.42 -18.44
C ILE A 127 -1.05 -14.02 -18.24
N THR A 128 -1.93 -14.58 -19.05
CA THR A 128 -3.34 -14.23 -19.00
C THR A 128 -4.04 -14.93 -17.85
N ASN A 129 -3.90 -16.25 -17.78
CA ASN A 129 -4.56 -17.02 -16.72
C ASN A 129 -3.73 -17.00 -15.45
N HIS A 130 -4.13 -16.17 -14.51
CA HIS A 130 -3.37 -15.97 -13.28
C HIS A 130 -4.05 -16.69 -12.11
N ASP A 131 -5.21 -17.26 -12.37
CA ASP A 131 -5.95 -17.93 -11.32
C ASP A 131 -5.28 -19.23 -10.93
N GLU A 132 -4.42 -19.75 -11.81
CA GLU A 132 -3.69 -20.99 -11.53
C GLU A 132 -2.66 -20.77 -10.45
N TYR A 133 -2.29 -19.52 -10.21
CA TYR A 133 -1.15 -19.22 -9.39
C TYR A 133 -1.53 -18.79 -7.99
N SER A 134 -0.71 -19.19 -7.04
CA SER A 134 -0.78 -18.69 -5.69
C SER A 134 0.45 -17.83 -5.44
N LEU A 135 0.46 -17.09 -4.35
CA LEU A 135 1.63 -16.29 -4.05
C LEU A 135 2.30 -16.87 -2.82
N VAL A 136 3.62 -16.82 -2.77
CA VAL A 136 4.34 -17.30 -1.62
C VAL A 136 5.52 -16.39 -1.33
N ARG A 137 5.61 -15.92 -0.11
CA ARG A 137 6.61 -14.92 0.24
C ARG A 137 7.62 -15.47 1.23
N GLU A 138 8.79 -15.79 0.72
CA GLU A 138 9.88 -16.28 1.56
C GLU A 138 10.54 -15.10 2.26
N LEU A 139 10.37 -15.02 3.57
CA LEU A 139 10.91 -13.90 4.32
C LEU A 139 12.14 -14.31 5.11
N MET A 140 12.66 -13.35 5.84
CA MET A 140 13.81 -13.51 6.71
C MET A 140 13.38 -13.41 8.16
N GLU A 141 12.09 -13.11 8.35
CA GLU A 141 11.51 -12.91 9.68
C GLU A 141 11.89 -14.04 10.62
N GLU A 142 12.56 -13.69 11.69
CA GLU A 142 12.99 -14.67 12.68
C GLU A 142 11.79 -15.19 13.46
N LYS A 143 10.77 -14.36 13.61
CA LYS A 143 9.59 -14.73 14.36
C LYS A 143 8.71 -15.69 13.54
N LYS A 144 8.29 -15.22 12.38
CA LYS A 144 7.47 -16.03 11.48
C LYS A 144 8.30 -17.14 10.83
N ASP A 145 9.19 -16.75 9.93
CA ASP A 145 10.04 -17.67 9.17
C ASP A 145 9.20 -18.76 8.51
N GLU A 146 8.51 -18.36 7.45
CA GLU A 146 7.71 -19.29 6.68
C GLU A 146 7.83 -18.94 5.21
N LEU A 147 7.29 -19.81 4.36
CA LEU A 147 7.19 -19.53 2.94
C LEU A 147 6.11 -18.50 2.73
N ASN A 148 5.19 -18.41 3.69
CA ASN A 148 4.08 -17.49 3.63
C ASN A 148 3.33 -17.62 2.31
N TRP A 149 2.48 -18.63 2.21
CA TRP A 149 1.70 -18.82 1.01
C TRP A 149 0.49 -17.91 1.07
N LEU A 150 0.47 -16.89 0.24
CA LEU A 150 -0.65 -15.97 0.21
C LEU A 150 -1.91 -16.70 -0.25
N ASP A 151 -2.85 -16.76 0.68
CA ASP A 151 -4.10 -17.51 0.52
C ASP A 151 -5.02 -16.85 -0.49
N HIS A 152 -4.58 -15.72 -1.04
CA HIS A 152 -5.38 -14.92 -1.96
C HIS A 152 -6.54 -14.27 -1.24
N GLY A 153 -6.32 -13.86 0.00
CA GLY A 153 -7.39 -13.29 0.79
C GLY A 153 -6.90 -12.30 1.83
N ARG A 154 -5.83 -12.64 2.53
CA ARG A 154 -5.35 -11.82 3.62
C ARG A 154 -4.61 -10.59 3.12
N THR A 155 -4.34 -9.67 4.03
CA THR A 155 -3.54 -8.50 3.73
C THR A 155 -2.06 -8.84 3.83
N LEU A 156 -1.23 -7.95 3.32
CA LEU A 156 0.21 -8.18 3.29
C LEU A 156 0.86 -7.67 4.57
N ARG A 157 0.24 -6.67 5.17
CA ARG A 157 0.78 -6.02 6.37
C ARG A 157 0.86 -7.00 7.55
N GLU A 158 -0.11 -7.90 7.63
CA GLU A 158 -0.22 -8.81 8.76
C GLU A 158 0.88 -9.87 8.73
N GLN A 159 1.51 -10.01 7.58
CA GLN A 159 2.50 -11.05 7.36
C GLN A 159 3.88 -10.62 7.86
N GLY A 160 4.06 -9.32 7.97
CA GLY A 160 5.37 -8.79 8.32
C GLY A 160 6.33 -8.87 7.15
N VAL A 161 5.78 -8.96 5.96
CA VAL A 161 6.57 -9.03 4.75
C VAL A 161 7.18 -7.67 4.40
N GLU A 162 8.33 -7.71 3.74
CA GLU A 162 8.95 -6.51 3.24
C GLU A 162 8.88 -6.48 1.73
N GLU A 163 9.40 -5.43 1.13
CA GLU A 163 9.37 -5.28 -0.32
C GLU A 163 10.55 -6.03 -0.95
N HIS A 164 11.69 -6.01 -0.27
CA HIS A 164 12.92 -6.63 -0.77
C HIS A 164 12.90 -8.15 -0.61
N GLU A 165 11.85 -8.68 0.01
CA GLU A 165 11.79 -10.10 0.30
C GLU A 165 11.44 -10.88 -0.95
N THR A 166 12.10 -12.02 -1.14
CA THR A 166 11.87 -12.82 -2.33
C THR A 166 10.52 -13.51 -2.28
N LEU A 167 9.66 -13.14 -3.21
CA LEU A 167 8.33 -13.72 -3.31
C LEU A 167 8.29 -14.54 -4.58
N LEU A 168 7.72 -15.73 -4.52
CA LEU A 168 7.78 -16.64 -5.65
C LEU A 168 6.39 -16.85 -6.22
N LEU A 169 6.25 -16.70 -7.53
CA LEU A 169 5.00 -17.00 -8.18
C LEU A 169 4.90 -18.51 -8.39
N ARG A 170 3.87 -19.11 -7.80
CA ARG A 170 3.74 -20.56 -7.80
C ARG A 170 2.50 -20.97 -8.56
N ARG A 171 2.60 -22.05 -9.32
CA ARG A 171 1.43 -22.57 -9.99
C ARG A 171 0.68 -23.49 -9.06
N LYS A 172 -0.28 -22.92 -8.35
CA LYS A 172 -1.12 -23.65 -7.42
C LYS A 172 -1.90 -24.76 -8.14
N PHE A 173 -2.50 -24.40 -9.26
CA PHE A 173 -3.23 -25.35 -10.07
C PHE A 173 -2.37 -25.81 -11.23
N PHE A 174 -2.46 -27.08 -11.56
CA PHE A 174 -1.59 -27.64 -12.58
C PHE A 174 -2.39 -28.19 -13.76
N TYR A 175 -3.38 -27.43 -14.22
CA TYR A 175 -4.12 -27.82 -15.40
C TYR A 175 -3.52 -27.16 -16.64
N SER A 176 -2.72 -26.12 -16.41
CA SER A 176 -1.94 -25.49 -17.47
C SER A 176 -2.84 -24.94 -18.57
N ASP A 177 -3.83 -24.14 -18.18
CA ASP A 177 -4.78 -23.53 -19.11
C ASP A 177 -5.64 -24.60 -19.79
N GLN A 178 -5.49 -25.84 -19.35
CA GLN A 178 -6.25 -26.95 -19.90
C GLN A 178 -7.07 -27.63 -18.81
N GLY A 1 -13.91 29.03 -4.81
CA GLY A 1 -13.44 30.06 -3.87
C GLY A 1 -12.33 29.54 -2.98
N ILE A 2 -11.92 30.32 -1.99
CA ILE A 2 -10.88 29.89 -1.09
C ILE A 2 -11.51 29.37 0.20
N ASP A 3 -11.47 28.05 0.37
CA ASP A 3 -12.07 27.41 1.53
C ASP A 3 -11.13 27.51 2.72
N PRO A 4 -11.62 28.06 3.85
CA PRO A 4 -10.84 28.24 5.06
C PRO A 4 -10.78 26.98 5.93
N PHE A 5 -9.83 26.97 6.85
CA PHE A 5 -9.66 25.87 7.78
C PHE A 5 -9.63 26.41 9.19
N THR A 6 -10.79 26.50 9.78
CA THR A 6 -10.94 27.05 11.13
C THR A 6 -10.64 25.99 12.20
N MET A 7 -11.35 26.03 13.32
CA MET A 7 -11.11 25.10 14.42
C MET A 7 -11.81 23.76 14.18
N VAL A 8 -11.66 23.30 12.96
CA VAL A 8 -12.09 21.98 12.56
C VAL A 8 -10.98 21.40 11.68
N ALA A 9 -9.87 21.09 12.32
CA ALA A 9 -8.69 20.66 11.60
C ALA A 9 -7.88 19.67 12.43
N LEU A 10 -7.26 18.76 11.73
CA LEU A 10 -6.45 17.74 12.35
C LEU A 10 -5.00 17.96 11.99
N SER A 11 -4.13 17.91 12.99
CA SER A 11 -2.72 18.16 12.77
C SER A 11 -2.02 16.84 12.46
N LEU A 12 -1.72 16.63 11.20
CA LEU A 12 -1.20 15.35 10.76
C LEU A 12 0.23 15.49 10.25
N LYS A 13 1.11 14.67 10.80
CA LYS A 13 2.48 14.62 10.31
C LYS A 13 2.53 13.86 9.00
N ILE A 14 2.76 14.56 7.92
CA ILE A 14 2.80 13.94 6.61
C ILE A 14 4.21 13.53 6.29
N SER A 15 4.52 12.26 6.47
CA SER A 15 5.84 11.76 6.16
C SER A 15 5.80 11.07 4.80
N ILE A 16 6.76 11.38 3.95
CA ILE A 16 6.80 10.84 2.60
C ILE A 16 8.14 10.19 2.34
N GLY A 17 8.23 8.89 2.63
CA GLY A 17 9.47 8.16 2.47
C GLY A 17 10.49 8.49 3.53
N ASN A 18 10.96 9.73 3.53
CA ASN A 18 11.97 10.19 4.49
C ASN A 18 11.56 11.52 5.09
N VAL A 19 11.21 12.47 4.23
CA VAL A 19 10.80 13.79 4.66
C VAL A 19 9.48 13.73 5.42
N VAL A 20 9.27 14.71 6.30
CA VAL A 20 8.02 14.81 7.02
C VAL A 20 7.59 16.27 7.08
N LYS A 21 6.37 16.51 6.63
CA LYS A 21 5.81 17.85 6.54
C LYS A 21 4.57 17.93 7.41
N THR A 22 4.32 19.08 7.99
CA THR A 22 3.18 19.22 8.88
C THR A 22 2.02 19.89 8.16
N MET A 23 0.90 19.17 8.05
CA MET A 23 -0.28 19.67 7.39
C MET A 23 -1.50 19.46 8.25
N GLN A 24 -2.46 20.33 8.12
CA GLN A 24 -3.72 20.18 8.80
C GLN A 24 -4.85 20.02 7.80
N PHE A 25 -5.75 19.09 8.08
CA PHE A 25 -6.86 18.78 7.19
C PHE A 25 -8.12 18.87 8.01
N GLU A 26 -9.26 19.05 7.37
CA GLU A 26 -10.51 19.06 8.09
C GLU A 26 -10.90 17.63 8.42
N PRO A 27 -11.51 17.43 9.60
CA PRO A 27 -12.02 16.14 10.03
C PRO A 27 -12.88 15.46 8.96
N SER A 28 -13.63 16.28 8.23
CA SER A 28 -14.52 15.78 7.20
C SER A 28 -13.95 15.96 5.80
N THR A 29 -12.65 16.25 5.70
CA THR A 29 -11.98 16.42 4.41
C THR A 29 -12.10 15.16 3.55
N MET A 30 -11.80 14.00 4.15
CA MET A 30 -11.84 12.71 3.46
C MET A 30 -10.58 12.51 2.62
N VAL A 31 -10.09 11.27 2.59
CA VAL A 31 -8.83 10.91 1.93
C VAL A 31 -8.64 11.57 0.56
N TYR A 32 -9.59 11.37 -0.35
CA TYR A 32 -9.42 11.86 -1.73
C TYR A 32 -9.24 13.38 -1.78
N ASP A 33 -9.81 14.09 -0.82
CA ASP A 33 -9.68 15.54 -0.75
C ASP A 33 -8.30 15.90 -0.20
N ALA A 34 -7.87 15.16 0.82
CA ALA A 34 -6.57 15.38 1.42
C ALA A 34 -5.47 15.20 0.40
N CYS A 35 -5.60 14.13 -0.38
CA CYS A 35 -4.65 13.79 -1.43
C CYS A 35 -4.52 14.91 -2.47
N ARG A 36 -5.60 15.65 -2.72
CA ARG A 36 -5.55 16.70 -3.73
C ARG A 36 -4.88 17.95 -3.19
N MET A 37 -5.17 18.30 -1.94
CA MET A 37 -4.62 19.49 -1.33
C MET A 37 -3.13 19.35 -1.05
N ILE A 38 -2.70 18.18 -0.60
CA ILE A 38 -1.30 17.96 -0.29
C ILE A 38 -0.43 18.10 -1.55
N ARG A 39 -0.95 17.61 -2.67
CA ARG A 39 -0.32 17.77 -3.97
C ARG A 39 -0.13 19.24 -4.34
N GLU A 40 -1.00 20.08 -3.80
CA GLU A 40 -0.98 21.51 -4.09
C GLU A 40 0.26 22.17 -3.49
N ARG A 41 0.40 22.08 -2.17
CA ARG A 41 1.48 22.76 -1.47
C ARG A 41 2.78 21.96 -1.47
N ILE A 42 2.69 20.66 -1.20
CA ILE A 42 3.89 19.84 -1.00
C ILE A 42 4.25 19.09 -2.28
N PRO A 43 5.31 19.52 -2.97
CA PRO A 43 5.76 18.92 -4.23
C PRO A 43 6.48 17.59 -4.01
N GLU A 44 6.71 17.25 -2.75
CA GLU A 44 7.35 15.99 -2.39
C GLU A 44 6.34 14.86 -2.43
N ALA A 45 5.07 15.21 -2.47
CA ALA A 45 3.99 14.23 -2.49
C ALA A 45 4.02 13.41 -3.77
N LEU A 46 4.04 14.09 -4.91
CA LEU A 46 4.02 13.42 -6.20
C LEU A 46 5.43 13.13 -6.71
N ALA A 47 6.14 12.27 -5.98
CA ALA A 47 7.48 11.84 -6.40
C ALA A 47 7.39 11.07 -7.71
N GLY A 48 6.21 10.52 -7.96
CA GLY A 48 5.91 9.88 -9.23
C GLY A 48 4.50 10.20 -9.65
N PRO A 49 3.81 9.30 -10.36
CA PRO A 49 2.41 9.50 -10.73
C PRO A 49 1.52 9.57 -9.49
N PRO A 50 0.93 10.76 -9.22
CA PRO A 50 0.13 11.00 -8.02
C PRO A 50 -1.08 10.08 -7.90
N ASN A 51 -1.49 9.52 -9.03
CA ASN A 51 -2.61 8.59 -9.08
C ASN A 51 -2.27 7.33 -8.29
N ASP A 52 -0.98 7.04 -8.19
CA ASP A 52 -0.52 5.86 -7.49
C ASP A 52 0.01 6.21 -6.12
N PHE A 53 -0.51 7.29 -5.55
CA PHE A 53 -0.14 7.70 -4.20
C PHE A 53 -1.38 7.75 -3.31
N GLY A 54 -1.28 7.19 -2.11
CA GLY A 54 -2.40 7.19 -1.20
C GLY A 54 -1.98 7.53 0.22
N LEU A 55 -2.95 7.51 1.13
CA LEU A 55 -2.69 7.92 2.51
C LEU A 55 -2.53 6.70 3.42
N PHE A 56 -1.33 6.50 3.91
CA PHE A 56 -1.05 5.44 4.86
C PHE A 56 -0.99 6.02 6.27
N LEU A 57 -1.67 5.38 7.21
CA LEU A 57 -1.64 5.82 8.59
C LEU A 57 -0.56 5.07 9.34
N SER A 58 0.42 5.81 9.84
CA SER A 58 1.55 5.20 10.53
C SER A 58 1.37 5.25 12.04
N ASP A 59 1.40 4.08 12.66
CA ASP A 59 1.32 4.00 14.12
C ASP A 59 2.65 3.50 14.69
N ASP A 60 3.05 2.32 14.23
CA ASP A 60 4.28 1.67 14.69
C ASP A 60 4.41 0.31 14.04
N ASP A 61 3.51 -0.58 14.39
CA ASP A 61 3.50 -1.93 13.85
C ASP A 61 2.81 -1.97 12.49
N PRO A 62 3.33 -2.75 11.55
CA PRO A 62 2.77 -2.89 10.20
C PRO A 62 1.25 -3.09 10.17
N LYS A 63 0.70 -3.81 11.15
CA LYS A 63 -0.73 -4.08 11.16
C LYS A 63 -1.52 -2.93 11.79
N LYS A 64 -0.88 -2.20 12.70
CA LYS A 64 -1.52 -1.05 13.33
C LYS A 64 -1.58 0.10 12.35
N GLY A 65 -0.63 0.09 11.41
CA GLY A 65 -0.70 0.98 10.28
C GLY A 65 -1.74 0.50 9.31
N ILE A 66 -2.44 1.42 8.66
CA ILE A 66 -3.54 1.07 7.79
C ILE A 66 -3.54 1.94 6.54
N TRP A 67 -4.14 1.42 5.48
CA TRP A 67 -4.33 2.19 4.27
C TRP A 67 -5.64 2.95 4.34
N LEU A 68 -5.56 4.25 4.19
CA LEU A 68 -6.73 5.09 4.19
C LEU A 68 -7.32 5.17 2.79
N GLU A 69 -8.46 4.54 2.59
CA GLU A 69 -9.10 4.54 1.29
C GLU A 69 -9.85 5.84 1.06
N ALA A 70 -10.02 6.21 -0.21
CA ALA A 70 -10.68 7.46 -0.56
C ALA A 70 -12.14 7.48 -0.08
N GLY A 71 -12.71 6.29 0.06
CA GLY A 71 -14.12 6.18 0.40
C GLY A 71 -14.41 6.29 1.89
N LYS A 72 -13.54 6.95 2.65
CA LYS A 72 -13.82 7.22 4.05
C LYS A 72 -13.07 8.45 4.52
N ALA A 73 -13.56 9.06 5.57
CA ALA A 73 -12.97 10.28 6.09
C ALA A 73 -11.81 9.95 7.01
N LEU A 74 -10.95 10.92 7.24
CA LEU A 74 -9.77 10.71 8.08
C LEU A 74 -10.20 10.53 9.54
N ASP A 75 -10.95 11.50 10.02
CA ASP A 75 -11.41 11.54 11.41
C ASP A 75 -12.45 10.47 11.69
N TYR A 76 -12.92 9.81 10.63
CA TYR A 76 -13.81 8.67 10.79
C TYR A 76 -13.08 7.55 11.52
N TYR A 77 -11.79 7.43 11.24
CA TYR A 77 -10.92 6.53 11.99
C TYR A 77 -10.47 7.16 13.30
N MET A 78 -9.30 6.75 13.77
CA MET A 78 -8.78 7.22 15.05
C MET A 78 -7.83 8.40 14.88
N LEU A 79 -7.90 9.08 13.74
CA LEU A 79 -6.96 10.16 13.46
C LEU A 79 -7.47 11.46 14.00
N ARG A 80 -6.53 12.26 14.47
CA ARG A 80 -6.82 13.57 15.00
C ARG A 80 -5.51 14.30 15.23
N ASN A 81 -5.58 15.42 15.92
CA ASN A 81 -4.42 16.27 16.16
C ASN A 81 -3.31 15.51 16.89
N GLY A 82 -2.28 15.14 16.14
CA GLY A 82 -1.15 14.44 16.73
C GLY A 82 -0.78 13.18 15.97
N ASP A 83 -1.64 12.71 15.08
CA ASP A 83 -1.38 11.47 14.35
C ASP A 83 -0.47 11.70 13.16
N THR A 84 0.36 10.71 12.88
CA THR A 84 1.24 10.75 11.73
C THR A 84 0.59 10.04 10.55
N MET A 85 0.58 10.69 9.40
CA MET A 85 -0.04 10.12 8.22
C MET A 85 0.96 10.15 7.08
N GLU A 86 1.39 8.98 6.67
CA GLU A 86 2.37 8.87 5.62
C GLU A 86 1.69 9.02 4.27
N TYR A 87 2.17 9.94 3.45
CA TYR A 87 1.68 10.03 2.09
C TYR A 87 2.64 9.26 1.22
N ARG A 88 2.24 8.10 0.81
CA ARG A 88 3.16 7.20 0.13
C ARG A 88 2.54 6.61 -1.11
N LYS A 89 3.38 6.03 -1.93
CA LYS A 89 2.92 5.37 -3.12
C LYS A 89 2.00 4.21 -2.73
N LYS A 90 0.82 4.16 -3.34
CA LYS A 90 -0.15 3.10 -3.10
C LYS A 90 0.51 1.75 -3.31
N GLN A 91 1.45 1.71 -4.24
CA GLN A 91 2.17 0.51 -4.56
C GLN A 91 3.52 0.49 -3.88
N ARG A 92 3.98 -0.70 -3.58
CA ARG A 92 5.24 -0.89 -2.88
C ARG A 92 6.21 -1.68 -3.74
N PRO A 93 7.53 -1.57 -3.44
CA PRO A 93 8.54 -2.35 -4.14
C PRO A 93 8.36 -3.83 -3.89
N LEU A 94 7.72 -4.49 -4.84
CA LEU A 94 7.38 -5.88 -4.68
C LEU A 94 8.40 -6.73 -5.42
N LYS A 95 9.16 -7.51 -4.66
CA LYS A 95 10.17 -8.39 -5.24
C LYS A 95 9.57 -9.75 -5.48
N ILE A 96 9.45 -10.10 -6.75
CA ILE A 96 8.75 -11.31 -7.15
C ILE A 96 9.68 -12.18 -7.96
N ARG A 97 9.79 -13.45 -7.61
CA ARG A 97 10.58 -14.38 -8.39
C ARG A 97 9.64 -15.30 -9.15
N MET A 98 9.82 -15.34 -10.45
CA MET A 98 8.95 -16.09 -11.34
C MET A 98 9.33 -17.55 -11.38
N LEU A 99 8.46 -18.31 -12.03
CA LEU A 99 8.49 -19.76 -12.04
C LEU A 99 9.80 -20.30 -12.60
N ASP A 100 10.31 -19.63 -13.63
CA ASP A 100 11.55 -20.04 -14.27
C ASP A 100 12.75 -19.68 -13.40
N GLY A 101 12.50 -18.93 -12.33
CA GLY A 101 13.57 -18.59 -11.41
C GLY A 101 14.05 -17.17 -11.58
N THR A 102 13.33 -16.39 -12.37
CA THR A 102 13.73 -15.02 -12.66
C THR A 102 13.01 -14.05 -11.75
N VAL A 103 13.75 -13.14 -11.15
CA VAL A 103 13.18 -12.22 -10.19
C VAL A 103 13.01 -10.84 -10.81
N LYS A 104 11.89 -10.21 -10.51
CA LYS A 104 11.63 -8.85 -10.95
C LYS A 104 11.04 -8.05 -9.81
N THR A 105 11.23 -6.75 -9.83
CA THR A 105 10.65 -5.88 -8.84
C THR A 105 9.64 -4.96 -9.50
N ILE A 106 8.37 -5.16 -9.21
CA ILE A 106 7.32 -4.38 -9.82
C ILE A 106 6.51 -3.71 -8.72
N MET A 107 6.01 -2.52 -8.99
CA MET A 107 5.27 -1.80 -7.98
C MET A 107 3.79 -2.08 -8.09
N VAL A 108 3.29 -2.79 -7.08
CA VAL A 108 1.89 -3.15 -7.00
C VAL A 108 1.29 -2.59 -5.73
N ASP A 109 0.05 -2.14 -5.82
CA ASP A 109 -0.62 -1.45 -4.73
C ASP A 109 -0.74 -2.36 -3.51
N ASP A 110 -0.29 -1.85 -2.38
CA ASP A 110 -0.28 -2.60 -1.13
C ASP A 110 -1.66 -2.59 -0.50
N SER A 111 -2.46 -1.62 -0.92
CA SER A 111 -3.75 -1.36 -0.30
C SER A 111 -4.86 -2.28 -0.83
N LYS A 112 -4.49 -3.49 -1.28
CA LYS A 112 -5.48 -4.41 -1.83
C LYS A 112 -5.04 -5.87 -1.68
N THR A 113 -5.90 -6.77 -2.14
CA THR A 113 -5.71 -8.20 -1.91
C THR A 113 -4.76 -8.84 -2.92
N VAL A 114 -4.56 -10.14 -2.76
CA VAL A 114 -3.59 -10.89 -3.55
C VAL A 114 -3.99 -10.98 -5.01
N THR A 115 -5.19 -11.50 -5.25
CA THR A 115 -5.70 -11.69 -6.60
C THR A 115 -5.55 -10.45 -7.48
N ASP A 116 -5.85 -9.29 -6.92
CA ASP A 116 -5.76 -8.03 -7.66
C ASP A 116 -4.29 -7.73 -7.99
N MET A 117 -3.45 -7.89 -6.99
CA MET A 117 -2.02 -7.67 -7.13
C MET A 117 -1.39 -8.66 -8.09
N LEU A 118 -1.80 -9.92 -8.01
CA LEU A 118 -1.25 -10.96 -8.87
C LEU A 118 -1.61 -10.70 -10.33
N MET A 119 -2.78 -10.11 -10.53
CA MET A 119 -3.23 -9.71 -11.86
C MET A 119 -2.22 -8.79 -12.50
N THR A 120 -1.69 -7.90 -11.67
CA THR A 120 -0.73 -6.92 -12.10
C THR A 120 0.65 -7.54 -12.32
N ILE A 121 1.03 -8.50 -11.49
CA ILE A 121 2.37 -9.08 -11.55
C ILE A 121 2.53 -9.96 -12.79
N CYS A 122 1.61 -10.90 -12.98
CA CYS A 122 1.67 -11.81 -14.10
C CYS A 122 1.52 -11.06 -15.42
N ALA A 123 0.83 -9.93 -15.36
CA ALA A 123 0.65 -9.06 -16.52
C ALA A 123 1.97 -8.45 -16.94
N ARG A 124 2.86 -8.22 -15.97
CA ARG A 124 4.17 -7.63 -16.25
C ARG A 124 4.98 -8.57 -17.11
N ILE A 125 4.90 -9.85 -16.81
CA ILE A 125 5.64 -10.86 -17.57
C ILE A 125 4.93 -11.12 -18.89
N GLY A 126 3.62 -10.96 -18.89
CA GLY A 126 2.83 -11.23 -20.07
C GLY A 126 2.16 -12.59 -19.99
N ILE A 127 1.95 -13.07 -18.78
CA ILE A 127 1.35 -14.38 -18.56
C ILE A 127 -0.13 -14.38 -18.87
N THR A 128 -0.79 -13.25 -18.59
CA THR A 128 -2.22 -13.10 -18.80
C THR A 128 -3.05 -13.89 -17.78
N ASN A 129 -3.01 -15.22 -17.85
CA ASN A 129 -3.80 -16.05 -16.95
C ASN A 129 -3.09 -16.17 -15.61
N HIS A 130 -3.47 -15.32 -14.68
CA HIS A 130 -2.80 -15.21 -13.40
C HIS A 130 -3.53 -16.00 -12.33
N ASP A 131 -4.75 -16.45 -12.64
CA ASP A 131 -5.57 -17.14 -11.67
C ASP A 131 -4.98 -18.49 -11.31
N GLU A 132 -4.17 -19.05 -12.22
CA GLU A 132 -3.56 -20.35 -12.00
C GLU A 132 -2.48 -20.29 -10.92
N TYR A 133 -2.22 -19.09 -10.42
CA TYR A 133 -1.11 -18.89 -9.49
C TYR A 133 -1.60 -18.47 -8.11
N SER A 134 -0.81 -18.80 -7.11
CA SER A 134 -0.99 -18.26 -5.78
C SER A 134 0.28 -17.52 -5.39
N LEU A 135 0.25 -16.83 -4.27
CA LEU A 135 1.41 -16.06 -3.86
C LEU A 135 2.03 -16.71 -2.64
N VAL A 136 3.34 -16.69 -2.55
CA VAL A 136 4.03 -17.22 -1.39
C VAL A 136 5.16 -16.27 -1.00
N ARG A 137 5.03 -15.69 0.18
CA ARG A 137 5.99 -14.70 0.64
C ARG A 137 6.98 -15.31 1.62
N GLU A 138 8.18 -15.59 1.14
CA GLU A 138 9.23 -16.05 2.01
C GLU A 138 9.87 -14.87 2.71
N LEU A 139 9.68 -14.78 4.01
CA LEU A 139 10.16 -13.64 4.74
C LEU A 139 11.35 -14.00 5.61
N MET A 140 11.85 -12.99 6.28
CA MET A 140 12.95 -13.14 7.22
C MET A 140 12.42 -13.08 8.64
N GLU A 141 11.13 -12.78 8.75
CA GLU A 141 10.48 -12.52 10.03
C GLU A 141 10.75 -13.61 11.04
N GLU A 142 11.22 -13.22 12.21
CA GLU A 142 11.40 -14.15 13.32
C GLU A 142 10.06 -14.71 13.75
N LYS A 143 9.00 -13.96 13.43
CA LYS A 143 7.64 -14.37 13.75
C LYS A 143 7.21 -15.50 12.82
N LYS A 144 6.94 -15.15 11.57
CA LYS A 144 6.59 -16.14 10.55
C LYS A 144 7.73 -17.12 10.30
N ASP A 145 8.75 -16.62 9.59
CA ASP A 145 9.81 -17.45 9.04
C ASP A 145 9.22 -18.60 8.24
N GLU A 146 8.07 -18.33 7.65
CA GLU A 146 7.36 -19.31 6.86
C GLU A 146 7.30 -18.85 5.42
N LEU A 147 6.55 -19.60 4.62
CA LEU A 147 6.43 -19.35 3.20
C LEU A 147 5.37 -18.32 2.93
N ASN A 148 4.45 -18.15 3.88
CA ASN A 148 3.34 -17.22 3.74
C ASN A 148 2.64 -17.41 2.40
N TRP A 149 1.85 -18.45 2.28
CA TRP A 149 1.15 -18.72 1.04
C TRP A 149 -0.14 -17.93 1.02
N LEU A 150 -0.16 -16.86 0.25
CA LEU A 150 -1.34 -16.00 0.18
C LEU A 150 -2.47 -16.73 -0.52
N ASP A 151 -3.57 -16.89 0.21
CA ASP A 151 -4.70 -17.71 -0.22
C ASP A 151 -5.65 -16.91 -1.11
N HIS A 152 -5.17 -15.78 -1.61
CA HIS A 152 -5.97 -14.88 -2.45
C HIS A 152 -7.14 -14.28 -1.67
N GLY A 153 -7.05 -14.36 -0.36
CA GLY A 153 -8.10 -13.82 0.49
C GLY A 153 -7.52 -13.13 1.69
N ARG A 154 -6.27 -12.74 1.57
CA ARG A 154 -5.53 -12.11 2.66
C ARG A 154 -4.89 -10.82 2.19
N THR A 155 -5.22 -9.71 2.83
CA THR A 155 -4.60 -8.44 2.47
C THR A 155 -3.22 -8.33 3.12
N LEU A 156 -2.35 -7.56 2.50
CA LEU A 156 -0.97 -7.47 2.91
C LEU A 156 -0.84 -6.70 4.21
N ARG A 157 -1.82 -5.84 4.44
CA ARG A 157 -1.80 -4.95 5.59
C ARG A 157 -2.20 -5.69 6.87
N GLU A 158 -2.88 -6.82 6.70
CA GLU A 158 -3.28 -7.62 7.86
C GLU A 158 -2.27 -8.73 8.10
N GLN A 159 -1.39 -8.93 7.12
CA GLN A 159 -0.31 -9.92 7.24
C GLN A 159 0.81 -9.35 8.10
N GLY A 160 1.09 -8.07 7.91
CA GLY A 160 2.17 -7.44 8.63
C GLY A 160 3.52 -7.71 7.98
N VAL A 161 3.47 -8.13 6.72
CA VAL A 161 4.68 -8.40 5.97
C VAL A 161 5.40 -7.09 5.60
N GLU A 162 6.70 -7.19 5.34
CA GLU A 162 7.49 -6.03 4.98
C GLU A 162 7.56 -5.86 3.47
N GLU A 163 8.23 -4.81 3.03
CA GLU A 163 8.36 -4.51 1.63
C GLU A 163 9.68 -5.08 1.07
N HIS A 164 10.64 -5.28 1.96
CA HIS A 164 11.96 -5.78 1.55
C HIS A 164 11.98 -7.31 1.46
N GLU A 165 10.85 -7.94 1.70
CA GLU A 165 10.77 -9.40 1.71
C GLU A 165 10.65 -9.95 0.29
N THR A 166 11.34 -11.06 0.00
CA THR A 166 11.22 -11.70 -1.32
C THR A 166 9.96 -12.53 -1.40
N LEU A 167 9.15 -12.28 -2.42
CA LEU A 167 7.92 -13.02 -2.63
C LEU A 167 8.05 -13.85 -3.89
N LEU A 168 7.53 -15.06 -3.88
CA LEU A 168 7.67 -15.95 -5.03
C LEU A 168 6.33 -16.18 -5.70
N LEU A 169 6.32 -16.17 -7.01
CA LEU A 169 5.14 -16.55 -7.76
C LEU A 169 5.13 -18.06 -7.98
N ARG A 170 4.06 -18.72 -7.53
CA ARG A 170 3.94 -20.16 -7.64
C ARG A 170 2.65 -20.52 -8.36
N ARG A 171 2.69 -21.60 -9.11
CA ARG A 171 1.51 -22.06 -9.82
C ARG A 171 0.74 -23.05 -8.95
N LYS A 172 -0.53 -22.76 -8.73
CA LYS A 172 -1.38 -23.63 -7.92
C LYS A 172 -2.26 -24.49 -8.82
N PHE A 173 -2.87 -23.87 -9.81
CA PHE A 173 -3.68 -24.61 -10.78
C PHE A 173 -2.82 -24.98 -11.97
N PHE A 174 -3.06 -26.14 -12.54
CA PHE A 174 -2.23 -26.64 -13.62
C PHE A 174 -3.08 -27.01 -14.82
N TYR A 175 -4.27 -26.43 -14.91
CA TYR A 175 -5.20 -26.80 -15.96
C TYR A 175 -4.80 -26.22 -17.32
N SER A 176 -4.08 -25.10 -17.31
CA SER A 176 -3.60 -24.46 -18.55
C SER A 176 -4.78 -24.09 -19.45
N ASP A 177 -5.87 -23.66 -18.81
CA ASP A 177 -7.12 -23.29 -19.49
C ASP A 177 -7.78 -24.51 -20.15
N GLN A 178 -7.28 -25.70 -19.83
CA GLN A 178 -7.84 -26.93 -20.33
C GLN A 178 -8.58 -27.64 -19.20
N GLY A 1 -18.72 33.44 7.26
CA GLY A 1 -19.83 32.82 6.51
C GLY A 1 -19.86 31.32 6.69
N ILE A 2 -19.97 30.60 5.58
CA ILE A 2 -19.85 29.14 5.62
C ILE A 2 -18.43 28.76 5.23
N ASP A 3 -17.50 29.06 6.13
CA ASP A 3 -16.09 28.91 5.83
C ASP A 3 -15.60 27.50 6.15
N PRO A 4 -14.82 26.90 5.23
CA PRO A 4 -14.15 25.62 5.46
C PRO A 4 -13.02 25.77 6.47
N PHE A 5 -12.57 24.65 7.02
CA PHE A 5 -11.56 24.60 8.08
C PHE A 5 -11.62 25.80 9.03
N THR A 6 -12.65 25.81 9.85
CA THR A 6 -12.82 26.83 10.87
C THR A 6 -11.94 26.52 12.09
N MET A 7 -12.46 26.72 13.29
CA MET A 7 -11.71 26.41 14.50
C MET A 7 -11.86 24.92 14.82
N VAL A 8 -11.75 24.14 13.78
CA VAL A 8 -11.75 22.69 13.84
C VAL A 8 -10.88 22.17 12.70
N ALA A 9 -9.60 22.10 12.95
CA ALA A 9 -8.67 21.58 11.98
C ALA A 9 -7.77 20.58 12.63
N LEU A 10 -7.31 19.63 11.86
CA LEU A 10 -6.52 18.53 12.36
C LEU A 10 -5.08 18.70 11.92
N SER A 11 -4.17 18.67 12.87
CA SER A 11 -2.76 18.83 12.58
C SER A 11 -2.14 17.47 12.40
N LEU A 12 -1.97 17.08 11.15
CA LEU A 12 -1.52 15.75 10.82
C LEU A 12 -0.10 15.82 10.27
N LYS A 13 0.80 15.07 10.88
CA LYS A 13 2.17 15.05 10.42
C LYS A 13 2.31 14.17 9.21
N ILE A 14 2.78 14.75 8.14
CA ILE A 14 2.86 14.06 6.86
C ILE A 14 4.26 13.52 6.65
N SER A 15 4.42 12.23 6.87
CA SER A 15 5.69 11.58 6.62
C SER A 15 5.74 11.07 5.18
N ILE A 16 6.63 11.64 4.39
CA ILE A 16 6.76 11.23 3.00
C ILE A 16 8.07 10.46 2.83
N GLY A 17 8.02 9.17 3.10
CA GLY A 17 9.21 8.35 3.08
C GLY A 17 10.02 8.51 4.35
N ASN A 18 10.89 9.52 4.36
CA ASN A 18 11.70 9.82 5.53
C ASN A 18 11.44 11.25 6.00
N VAL A 19 11.23 12.14 5.04
CA VAL A 19 10.98 13.55 5.34
C VAL A 19 9.61 13.70 6.02
N VAL A 20 9.45 14.76 6.81
CA VAL A 20 8.20 15.00 7.50
C VAL A 20 7.75 16.45 7.29
N LYS A 21 6.53 16.59 6.82
CA LYS A 21 5.95 17.90 6.59
C LYS A 21 4.64 18.02 7.36
N THR A 22 4.34 19.20 7.84
CA THR A 22 3.19 19.39 8.69
C THR A 22 2.06 20.09 7.94
N MET A 23 0.92 19.41 7.86
CA MET A 23 -0.25 19.95 7.17
C MET A 23 -1.47 19.80 8.04
N GLN A 24 -2.39 20.74 7.92
CA GLN A 24 -3.65 20.64 8.63
C GLN A 24 -4.78 20.41 7.67
N PHE A 25 -5.71 19.57 8.10
CA PHE A 25 -6.83 19.17 7.28
C PHE A 25 -8.09 19.35 8.10
N GLU A 26 -9.22 19.44 7.44
CA GLU A 26 -10.49 19.48 8.15
C GLU A 26 -10.76 18.10 8.77
N PRO A 27 -11.52 18.06 9.87
CA PRO A 27 -11.93 16.80 10.48
C PRO A 27 -12.45 15.82 9.44
N SER A 28 -13.29 16.30 8.54
CA SER A 28 -13.78 15.47 7.47
C SER A 28 -12.69 15.29 6.41
N THR A 29 -12.42 16.35 5.65
CA THR A 29 -11.57 16.32 4.46
C THR A 29 -11.93 15.20 3.49
N MET A 30 -11.63 13.96 3.88
CA MET A 30 -11.76 12.78 3.04
C MET A 30 -10.53 12.62 2.16
N VAL A 31 -10.00 11.40 2.15
CA VAL A 31 -8.75 11.06 1.47
C VAL A 31 -8.56 11.76 0.12
N TYR A 32 -9.55 11.65 -0.77
CA TYR A 32 -9.44 12.23 -2.10
C TYR A 32 -9.24 13.75 -2.03
N ASP A 33 -9.83 14.38 -1.03
CA ASP A 33 -9.71 15.83 -0.86
C ASP A 33 -8.35 16.17 -0.27
N ALA A 34 -7.91 15.38 0.70
CA ALA A 34 -6.58 15.53 1.28
C ALA A 34 -5.50 15.42 0.21
N CYS A 35 -5.60 14.37 -0.60
CA CYS A 35 -4.63 14.10 -1.65
C CYS A 35 -4.48 15.29 -2.61
N ARG A 36 -5.54 16.05 -2.82
CA ARG A 36 -5.50 17.14 -3.77
C ARG A 36 -4.79 18.36 -3.18
N MET A 37 -5.02 18.61 -1.89
CA MET A 37 -4.42 19.76 -1.23
C MET A 37 -2.95 19.51 -0.92
N ILE A 38 -2.64 18.35 -0.38
CA ILE A 38 -1.27 18.03 -0.03
C ILE A 38 -0.34 18.12 -1.25
N ARG A 39 -0.77 17.55 -2.37
CA ARG A 39 -0.02 17.67 -3.62
C ARG A 39 0.05 19.12 -4.08
N GLU A 40 -0.95 19.89 -3.71
CA GLU A 40 -1.02 21.29 -4.10
C GLU A 40 0.00 22.10 -3.31
N ARG A 41 0.12 21.80 -2.02
CA ARG A 41 1.04 22.54 -1.15
C ARG A 41 2.46 22.00 -1.32
N ILE A 42 2.59 20.69 -1.15
CA ILE A 42 3.90 20.06 -1.07
C ILE A 42 4.24 19.35 -2.38
N PRO A 43 5.24 19.86 -3.12
CA PRO A 43 5.69 19.23 -4.36
C PRO A 43 6.55 18.00 -4.09
N GLU A 44 6.84 17.80 -2.81
CA GLU A 44 7.64 16.68 -2.36
C GLU A 44 6.75 15.46 -2.12
N ALA A 45 5.45 15.68 -2.16
CA ALA A 45 4.48 14.62 -1.90
C ALA A 45 4.33 13.70 -3.11
N LEU A 46 4.26 14.28 -4.31
CA LEU A 46 4.04 13.50 -5.52
C LEU A 46 5.36 13.10 -6.17
N ALA A 47 6.26 12.53 -5.37
CA ALA A 47 7.58 12.13 -5.85
C ALA A 47 7.50 11.04 -6.93
N GLY A 48 6.39 10.31 -6.92
CA GLY A 48 6.16 9.31 -7.94
C GLY A 48 4.84 9.57 -8.65
N PRO A 49 4.14 8.53 -9.10
CA PRO A 49 2.82 8.67 -9.72
C PRO A 49 1.74 8.93 -8.68
N PRO A 50 1.19 10.17 -8.63
CA PRO A 50 0.21 10.57 -7.61
C PRO A 50 -1.03 9.70 -7.60
N ASN A 51 -1.33 9.08 -8.73
CA ASN A 51 -2.48 8.18 -8.87
C ASN A 51 -2.34 7.02 -7.90
N ASP A 52 -1.09 6.64 -7.62
CA ASP A 52 -0.82 5.49 -6.77
C ASP A 52 -0.34 5.94 -5.40
N PHE A 53 -0.58 7.20 -5.08
CA PHE A 53 -0.19 7.74 -3.79
C PHE A 53 -1.41 7.91 -2.89
N GLY A 54 -1.39 7.20 -1.77
CA GLY A 54 -2.52 7.20 -0.87
C GLY A 54 -2.14 7.61 0.53
N LEU A 55 -3.12 7.63 1.42
CA LEU A 55 -2.90 8.06 2.79
C LEU A 55 -2.76 6.86 3.72
N PHE A 56 -1.55 6.62 4.16
CA PHE A 56 -1.30 5.57 5.14
C PHE A 56 -1.30 6.17 6.54
N LEU A 57 -2.03 5.54 7.44
CA LEU A 57 -2.13 6.06 8.79
C LEU A 57 -1.06 5.42 9.65
N SER A 58 -0.09 6.22 10.06
CA SER A 58 1.03 5.74 10.86
C SER A 58 0.59 5.56 12.31
N ASP A 59 -0.15 4.49 12.55
CA ASP A 59 -0.69 4.20 13.87
C ASP A 59 0.42 3.92 14.87
N ASP A 60 1.23 2.92 14.57
CA ASP A 60 2.32 2.50 15.45
C ASP A 60 3.20 1.49 14.72
N ASP A 61 2.58 0.41 14.28
CA ASP A 61 3.22 -0.59 13.42
C ASP A 61 2.55 -0.54 12.05
N PRO A 62 3.28 -0.83 10.96
CA PRO A 62 2.71 -0.85 9.60
C PRO A 62 1.42 -1.67 9.51
N LYS A 63 1.34 -2.74 10.30
CA LYS A 63 0.18 -3.61 10.29
C LYS A 63 -0.94 -3.03 11.15
N LYS A 64 -0.55 -2.29 12.18
CA LYS A 64 -1.52 -1.64 13.04
C LYS A 64 -2.10 -0.42 12.35
N GLY A 65 -1.32 0.14 11.45
CA GLY A 65 -1.80 1.24 10.62
C GLY A 65 -2.66 0.72 9.48
N ILE A 66 -3.17 1.62 8.67
CA ILE A 66 -4.10 1.25 7.61
C ILE A 66 -3.96 2.16 6.41
N TRP A 67 -4.53 1.73 5.29
CA TRP A 67 -4.61 2.57 4.10
C TRP A 67 -5.95 3.30 4.10
N LEU A 68 -5.88 4.61 4.08
CA LEU A 68 -7.07 5.43 4.09
C LEU A 68 -7.65 5.52 2.68
N GLU A 69 -8.81 4.91 2.49
CA GLU A 69 -9.46 4.92 1.18
C GLU A 69 -10.28 6.20 1.00
N ALA A 70 -10.51 6.56 -0.26
CA ALA A 70 -11.26 7.77 -0.58
C ALA A 70 -12.70 7.69 -0.10
N GLY A 71 -13.16 6.48 0.19
CA GLY A 71 -14.54 6.26 0.58
C GLY A 71 -14.84 6.60 2.03
N LYS A 72 -13.91 7.23 2.73
CA LYS A 72 -14.16 7.64 4.10
C LYS A 72 -13.36 8.88 4.46
N ALA A 73 -13.82 9.59 5.47
CA ALA A 73 -13.16 10.81 5.90
C ALA A 73 -12.09 10.50 6.94
N LEU A 74 -11.38 11.50 7.42
CA LEU A 74 -10.25 11.27 8.32
C LEU A 74 -10.72 11.05 9.75
N ASP A 75 -11.44 12.03 10.28
CA ASP A 75 -11.95 12.02 11.66
C ASP A 75 -13.03 10.96 11.83
N TYR A 76 -13.49 10.41 10.71
CA TYR A 76 -14.34 9.23 10.74
C TYR A 76 -13.63 8.11 11.50
N TYR A 77 -12.32 7.99 11.26
CA TYR A 77 -11.46 7.17 12.09
C TYR A 77 -11.02 7.91 13.36
N MET A 78 -9.95 7.44 13.98
CA MET A 78 -9.45 8.07 15.20
C MET A 78 -8.25 8.95 14.90
N LEU A 79 -8.46 10.05 14.20
CA LEU A 79 -7.37 10.97 13.89
C LEU A 79 -7.71 12.37 14.36
N ARG A 80 -6.68 13.08 14.75
CA ARG A 80 -6.80 14.44 15.22
C ARG A 80 -5.44 15.09 15.32
N ASN A 81 -5.39 16.21 16.01
CA ASN A 81 -4.16 17.00 16.16
C ASN A 81 -3.08 16.20 16.87
N GLY A 82 -2.15 15.66 16.09
CA GLY A 82 -1.06 14.91 16.66
C GLY A 82 -0.77 13.64 15.90
N ASP A 83 -1.76 13.13 15.18
CA ASP A 83 -1.58 11.87 14.46
C ASP A 83 -0.70 12.05 13.24
N THR A 84 0.20 11.10 13.04
CA THR A 84 1.05 11.08 11.87
C THR A 84 0.34 10.34 10.75
N MET A 85 0.32 10.94 9.58
CA MET A 85 -0.30 10.33 8.43
C MET A 85 0.69 10.33 7.29
N GLU A 86 1.13 9.14 6.93
CA GLU A 86 2.12 8.98 5.90
C GLU A 86 1.49 9.14 4.52
N TYR A 87 2.00 10.04 3.71
CA TYR A 87 1.55 10.15 2.34
C TYR A 87 2.53 9.40 1.48
N ARG A 88 2.16 8.20 1.12
CA ARG A 88 3.09 7.30 0.47
C ARG A 88 2.47 6.62 -0.73
N LYS A 89 3.32 6.00 -1.51
CA LYS A 89 2.90 5.23 -2.66
C LYS A 89 2.26 3.93 -2.18
N LYS A 90 1.03 3.68 -2.62
CA LYS A 90 0.28 2.53 -2.15
C LYS A 90 0.98 1.25 -2.54
N GLN A 91 1.77 1.30 -3.60
CA GLN A 91 2.50 0.16 -4.06
C GLN A 91 3.94 0.23 -3.58
N ARG A 92 4.51 -0.93 -3.31
CA ARG A 92 5.88 -1.00 -2.84
C ARG A 92 6.66 -2.03 -3.65
N PRO A 93 8.00 -1.93 -3.66
CA PRO A 93 8.86 -2.79 -4.47
C PRO A 93 8.80 -4.24 -4.03
N LEU A 94 8.10 -5.04 -4.81
CA LEU A 94 7.98 -6.46 -4.52
C LEU A 94 8.88 -7.27 -5.44
N LYS A 95 9.70 -8.12 -4.87
CA LYS A 95 10.56 -8.98 -5.64
C LYS A 95 9.87 -10.30 -5.90
N ILE A 96 9.61 -10.56 -7.16
CA ILE A 96 8.87 -11.73 -7.57
C ILE A 96 9.72 -12.57 -8.51
N ARG A 97 9.74 -13.88 -8.28
CA ARG A 97 10.45 -14.78 -9.17
C ARG A 97 9.46 -15.58 -10.01
N MET A 98 9.64 -15.55 -11.33
CA MET A 98 8.79 -16.30 -12.24
C MET A 98 9.24 -17.75 -12.33
N LEU A 99 8.45 -18.54 -13.06
CA LEU A 99 8.65 -19.98 -13.16
C LEU A 99 10.00 -20.31 -13.77
N ASP A 100 10.46 -19.42 -14.67
CA ASP A 100 11.76 -19.59 -15.31
C ASP A 100 12.89 -19.42 -14.30
N GLY A 101 12.57 -18.78 -13.18
CA GLY A 101 13.58 -18.45 -12.20
C GLY A 101 13.99 -17.00 -12.33
N THR A 102 13.19 -16.26 -13.08
CA THR A 102 13.46 -14.84 -13.32
C THR A 102 12.91 -14.00 -12.18
N VAL A 103 13.67 -13.03 -11.72
CA VAL A 103 13.17 -12.13 -10.71
C VAL A 103 12.94 -10.75 -11.28
N LYS A 104 11.82 -10.16 -10.90
CA LYS A 104 11.50 -8.81 -11.29
C LYS A 104 10.89 -8.08 -10.12
N THR A 105 11.05 -6.78 -10.09
CA THR A 105 10.48 -5.98 -9.02
C THR A 105 9.38 -5.10 -9.59
N ILE A 106 8.15 -5.38 -9.19
CA ILE A 106 7.01 -4.64 -9.70
C ILE A 106 6.34 -3.93 -8.53
N MET A 107 5.76 -2.77 -8.80
CA MET A 107 5.12 -2.01 -7.75
C MET A 107 3.66 -2.40 -7.63
N VAL A 108 3.33 -3.05 -6.51
CA VAL A 108 1.97 -3.51 -6.27
C VAL A 108 1.41 -2.89 -5.00
N ASP A 109 0.20 -2.36 -5.15
CA ASP A 109 -0.48 -1.66 -4.06
C ASP A 109 -0.75 -2.61 -2.90
N ASP A 110 -0.49 -2.13 -1.69
CA ASP A 110 -0.80 -2.89 -0.48
C ASP A 110 -2.26 -2.68 -0.10
N SER A 111 -2.89 -1.71 -0.73
CA SER A 111 -4.28 -1.40 -0.48
C SER A 111 -5.22 -2.38 -1.18
N LYS A 112 -4.66 -3.47 -1.74
CA LYS A 112 -5.46 -4.48 -2.40
C LYS A 112 -4.94 -5.88 -2.10
N THR A 113 -5.74 -6.89 -2.44
CA THR A 113 -5.44 -8.27 -2.11
C THR A 113 -4.48 -8.91 -3.12
N VAL A 114 -4.14 -10.17 -2.87
CA VAL A 114 -3.07 -10.84 -3.60
C VAL A 114 -3.50 -11.25 -5.01
N THR A 115 -4.72 -11.74 -5.15
CA THR A 115 -5.26 -12.07 -6.47
C THR A 115 -5.08 -10.91 -7.45
N ASP A 116 -5.51 -9.71 -7.02
CA ASP A 116 -5.34 -8.51 -7.84
C ASP A 116 -3.86 -8.25 -8.10
N MET A 117 -3.06 -8.38 -7.04
CA MET A 117 -1.61 -8.27 -7.13
C MET A 117 -1.06 -9.16 -8.22
N LEU A 118 -1.50 -10.42 -8.20
CA LEU A 118 -0.99 -11.42 -9.12
C LEU A 118 -1.32 -11.05 -10.55
N MET A 119 -2.54 -10.57 -10.78
CA MET A 119 -2.95 -10.14 -12.12
C MET A 119 -2.15 -8.93 -12.55
N THR A 120 -1.65 -8.18 -11.58
CA THR A 120 -0.79 -7.07 -11.87
C THR A 120 0.60 -7.56 -12.30
N ILE A 121 1.10 -8.59 -11.61
CA ILE A 121 2.43 -9.10 -11.85
C ILE A 121 2.49 -9.93 -13.13
N CYS A 122 1.54 -10.85 -13.29
CA CYS A 122 1.52 -11.74 -14.45
C CYS A 122 1.42 -10.94 -15.75
N ALA A 123 0.69 -9.84 -15.69
CA ALA A 123 0.49 -8.98 -16.84
C ALA A 123 1.77 -8.24 -17.21
N ARG A 124 2.66 -8.04 -16.24
CA ARG A 124 3.95 -7.42 -16.52
C ARG A 124 4.79 -8.36 -17.38
N ILE A 125 4.71 -9.65 -17.07
CA ILE A 125 5.46 -10.67 -17.78
C ILE A 125 4.81 -10.96 -19.13
N GLY A 126 3.49 -11.14 -19.08
CA GLY A 126 2.76 -11.50 -20.28
C GLY A 126 2.02 -12.82 -20.11
N ILE A 127 1.75 -13.19 -18.86
CA ILE A 127 1.03 -14.42 -18.56
C ILE A 127 -0.48 -14.14 -18.60
N THR A 128 -1.23 -15.00 -19.29
CA THR A 128 -2.65 -14.77 -19.50
C THR A 128 -3.47 -15.17 -18.27
N ASN A 129 -3.33 -16.41 -17.83
CA ASN A 129 -4.11 -16.91 -16.70
C ASN A 129 -3.29 -16.78 -15.41
N HIS A 130 -3.86 -16.17 -14.39
CA HIS A 130 -3.12 -15.93 -13.16
C HIS A 130 -3.84 -16.51 -11.95
N ASP A 131 -5.07 -16.97 -12.15
CA ASP A 131 -5.90 -17.41 -11.03
C ASP A 131 -5.55 -18.84 -10.67
N GLU A 132 -4.59 -19.40 -11.39
CA GLU A 132 -4.15 -20.77 -11.17
C GLU A 132 -2.85 -20.80 -10.37
N TYR A 133 -2.35 -19.63 -10.02
CA TYR A 133 -1.08 -19.52 -9.33
C TYR A 133 -1.26 -19.13 -7.88
N SER A 134 -0.46 -19.73 -7.02
CA SER A 134 -0.41 -19.35 -5.64
C SER A 134 0.81 -18.46 -5.42
N LEU A 135 0.75 -17.61 -4.42
CA LEU A 135 1.88 -16.76 -4.12
C LEU A 135 2.59 -17.33 -2.91
N VAL A 136 3.90 -17.38 -2.94
CA VAL A 136 4.64 -17.92 -1.82
C VAL A 136 5.77 -16.96 -1.45
N ARG A 137 5.68 -16.42 -0.24
CA ARG A 137 6.64 -15.43 0.19
C ARG A 137 7.66 -16.03 1.12
N GLU A 138 8.84 -16.28 0.60
CA GLU A 138 9.94 -16.68 1.45
C GLU A 138 10.51 -15.46 2.12
N LEU A 139 10.13 -15.27 3.37
CA LEU A 139 10.43 -14.03 4.06
C LEU A 139 11.73 -14.12 4.86
N MET A 140 11.96 -13.07 5.63
CA MET A 140 13.10 -12.96 6.52
C MET A 140 12.62 -13.12 7.95
N GLU A 141 11.36 -13.52 8.05
CA GLU A 141 10.61 -13.52 9.29
C GLU A 141 11.39 -14.07 10.47
N GLU A 142 11.45 -13.27 11.51
CA GLU A 142 12.10 -13.63 12.75
C GLU A 142 11.17 -14.43 13.65
N LYS A 143 9.88 -14.39 13.33
CA LYS A 143 8.88 -15.08 14.13
C LYS A 143 8.44 -16.37 13.46
N LYS A 144 7.76 -16.25 12.32
CA LYS A 144 7.26 -17.39 11.58
C LYS A 144 8.37 -18.10 10.85
N ASP A 145 8.85 -17.45 9.81
CA ASP A 145 9.89 -17.96 8.94
C ASP A 145 9.44 -19.22 8.23
N GLU A 146 8.70 -19.00 7.17
CA GLU A 146 8.27 -20.07 6.31
C GLU A 146 8.15 -19.57 4.88
N LEU A 147 7.53 -20.37 4.05
CA LEU A 147 7.35 -20.04 2.65
C LEU A 147 6.20 -19.08 2.46
N ASN A 148 5.31 -19.03 3.44
CA ASN A 148 4.13 -18.15 3.38
C ASN A 148 3.40 -18.31 2.06
N TRP A 149 2.59 -19.34 1.96
CA TRP A 149 1.81 -19.57 0.75
C TRP A 149 0.54 -18.74 0.81
N LEU A 150 0.53 -17.63 0.10
CA LEU A 150 -0.61 -16.74 0.14
C LEU A 150 -1.82 -17.38 -0.52
N ASP A 151 -2.92 -17.39 0.22
CA ASP A 151 -4.19 -17.92 -0.24
C ASP A 151 -4.87 -16.93 -1.17
N HIS A 152 -4.27 -15.74 -1.28
CA HIS A 152 -4.77 -14.66 -2.12
C HIS A 152 -6.05 -14.07 -1.56
N GLY A 153 -6.33 -14.40 -0.31
CA GLY A 153 -7.60 -14.03 0.25
C GLY A 153 -7.49 -13.01 1.36
N ARG A 154 -6.33 -12.94 1.99
CA ARG A 154 -6.14 -12.02 3.08
C ARG A 154 -5.19 -10.90 2.72
N THR A 155 -5.06 -9.96 3.64
CA THR A 155 -4.16 -8.82 3.46
C THR A 155 -2.72 -9.24 3.73
N LEU A 156 -1.81 -8.44 3.20
CA LEU A 156 -0.39 -8.66 3.40
C LEU A 156 0.03 -8.01 4.71
N ARG A 157 -0.80 -7.10 5.17
CA ARG A 157 -0.52 -6.27 6.33
C ARG A 157 -0.84 -7.01 7.62
N GLU A 158 -0.99 -8.32 7.53
CA GLU A 158 -1.21 -9.12 8.71
C GLU A 158 -0.18 -10.25 8.76
N GLN A 159 0.66 -10.29 7.74
CA GLN A 159 1.65 -11.34 7.58
C GLN A 159 3.00 -10.92 8.13
N GLY A 160 3.20 -9.61 8.25
CA GLY A 160 4.47 -9.10 8.69
C GLY A 160 5.46 -9.03 7.54
N VAL A 161 4.95 -9.12 6.33
CA VAL A 161 5.78 -9.04 5.13
C VAL A 161 6.22 -7.60 4.87
N GLU A 162 7.43 -7.44 4.36
CA GLU A 162 7.97 -6.14 4.02
C GLU A 162 8.29 -6.05 2.53
N GLU A 163 9.22 -5.19 2.18
CA GLU A 163 9.53 -4.91 0.78
C GLU A 163 10.88 -5.50 0.38
N HIS A 164 11.48 -6.32 1.25
CA HIS A 164 12.85 -6.78 0.99
C HIS A 164 12.94 -8.29 0.81
N GLU A 165 11.94 -9.02 1.23
CA GLU A 165 11.95 -10.48 1.10
C GLU A 165 11.60 -10.90 -0.32
N THR A 166 12.17 -12.01 -0.77
CA THR A 166 11.89 -12.54 -2.09
C THR A 166 10.57 -13.32 -2.11
N LEU A 167 9.68 -12.95 -3.01
CA LEU A 167 8.38 -13.61 -3.13
C LEU A 167 8.37 -14.40 -4.44
N LEU A 168 7.86 -15.61 -4.41
CA LEU A 168 7.93 -16.48 -5.58
C LEU A 168 6.54 -16.77 -6.11
N LEU A 169 6.40 -16.78 -7.43
CA LEU A 169 5.14 -17.18 -8.05
C LEU A 169 5.16 -18.69 -8.29
N ARG A 170 4.13 -19.38 -7.80
CA ARG A 170 4.05 -20.83 -7.92
C ARG A 170 2.74 -21.23 -8.59
N ARG A 171 2.77 -22.33 -9.32
CA ARG A 171 1.56 -22.84 -9.93
C ARG A 171 0.83 -23.73 -8.91
N LYS A 172 -0.40 -23.38 -8.60
CA LYS A 172 -1.17 -24.12 -7.61
C LYS A 172 -2.08 -25.13 -8.29
N PHE A 173 -2.79 -24.69 -9.32
CA PHE A 173 -3.67 -25.57 -10.06
C PHE A 173 -2.92 -26.21 -11.21
N PHE A 174 -3.25 -27.45 -11.50
CA PHE A 174 -2.64 -28.16 -12.60
C PHE A 174 -3.69 -28.83 -13.45
N TYR A 175 -4.40 -28.03 -14.23
CA TYR A 175 -5.43 -28.55 -15.13
C TYR A 175 -4.81 -29.27 -16.33
N SER A 176 -3.49 -29.36 -16.31
CA SER A 176 -2.73 -30.07 -17.34
C SER A 176 -2.94 -29.43 -18.70
N ASP A 177 -2.39 -28.22 -18.86
CA ASP A 177 -2.40 -27.56 -20.15
C ASP A 177 -1.32 -28.19 -21.02
N GLN A 178 -0.29 -28.66 -20.36
CA GLN A 178 0.81 -29.35 -21.00
C GLN A 178 0.46 -30.82 -21.21
N GLY A 1 -13.20 29.68 -4.17
CA GLY A 1 -12.40 30.84 -3.74
C GLY A 1 -11.85 30.65 -2.35
N ILE A 2 -12.25 31.51 -1.42
CA ILE A 2 -11.77 31.43 -0.05
C ILE A 2 -12.63 30.49 0.77
N ASP A 3 -12.17 29.26 0.92
CA ASP A 3 -12.90 28.27 1.69
C ASP A 3 -12.56 28.39 3.16
N PRO A 4 -13.59 28.52 4.02
CA PRO A 4 -13.40 28.74 5.45
C PRO A 4 -12.83 27.53 6.18
N PHE A 5 -12.06 27.79 7.22
CA PHE A 5 -11.50 26.75 8.05
C PHE A 5 -11.75 27.08 9.51
N THR A 6 -12.88 26.63 9.99
CA THR A 6 -13.28 26.87 11.38
C THR A 6 -12.51 25.96 12.33
N MET A 7 -12.92 25.91 13.59
CA MET A 7 -12.22 25.11 14.59
C MET A 7 -12.57 23.63 14.46
N VAL A 8 -12.47 23.15 13.23
CA VAL A 8 -12.62 21.76 12.91
C VAL A 8 -11.50 21.37 11.96
N ALA A 9 -10.30 21.28 12.52
CA ALA A 9 -9.13 20.95 11.73
C ALA A 9 -8.25 20.00 12.50
N LEU A 10 -7.62 19.12 11.78
CA LEU A 10 -6.76 18.11 12.37
C LEU A 10 -5.32 18.38 11.98
N SER A 11 -4.46 18.44 12.97
CA SER A 11 -3.04 18.71 12.72
C SER A 11 -2.32 17.40 12.53
N LEU A 12 -1.99 17.08 11.29
CA LEU A 12 -1.43 15.79 10.95
C LEU A 12 -0.01 15.96 10.42
N LYS A 13 0.91 15.15 10.94
CA LYS A 13 2.27 15.14 10.44
C LYS A 13 2.36 14.33 9.17
N ILE A 14 2.59 15.00 8.05
CA ILE A 14 2.71 14.32 6.78
C ILE A 14 4.15 13.95 6.53
N SER A 15 4.50 12.70 6.77
CA SER A 15 5.85 12.25 6.57
C SER A 15 5.94 11.48 5.26
N ILE A 16 6.93 11.81 4.45
CA ILE A 16 7.11 11.20 3.16
C ILE A 16 8.53 10.67 3.02
N GLY A 17 8.72 9.42 3.43
CA GLY A 17 10.04 8.83 3.43
C GLY A 17 10.87 9.31 4.61
N ASN A 18 11.59 10.41 4.40
CA ASN A 18 12.39 11.02 5.47
C ASN A 18 11.85 12.41 5.81
N VAL A 19 11.27 13.07 4.81
CA VAL A 19 10.74 14.41 5.00
C VAL A 19 9.43 14.35 5.78
N VAL A 20 9.12 15.39 6.52
CA VAL A 20 7.85 15.47 7.23
C VAL A 20 7.36 16.91 7.27
N LYS A 21 6.14 17.08 6.80
CA LYS A 21 5.52 18.40 6.70
C LYS A 21 4.28 18.44 7.54
N THR A 22 3.99 19.59 8.09
CA THR A 22 2.86 19.74 8.99
C THR A 22 1.67 20.30 8.25
N MET A 23 0.59 19.53 8.17
CA MET A 23 -0.59 19.95 7.44
C MET A 23 -1.82 19.74 8.29
N GLN A 24 -2.81 20.58 8.08
CA GLN A 24 -4.09 20.42 8.74
C GLN A 24 -5.19 20.16 7.73
N PHE A 25 -6.09 19.28 8.09
CA PHE A 25 -7.20 18.91 7.21
C PHE A 25 -8.47 18.99 8.02
N GLU A 26 -9.59 19.09 7.36
CA GLU A 26 -10.86 19.08 8.06
C GLU A 26 -11.26 17.63 8.35
N PRO A 27 -11.92 17.39 9.48
CA PRO A 27 -12.43 16.07 9.84
C PRO A 27 -13.31 15.49 8.73
N SER A 28 -13.92 16.38 7.96
CA SER A 28 -14.82 15.98 6.89
C SER A 28 -14.15 16.13 5.51
N THR A 29 -12.84 16.38 5.49
CA THR A 29 -12.11 16.54 4.23
C THR A 29 -12.20 15.28 3.36
N MET A 30 -11.94 14.12 3.97
CA MET A 30 -11.96 12.83 3.28
C MET A 30 -10.66 12.62 2.49
N VAL A 31 -10.14 11.40 2.60
CA VAL A 31 -8.84 11.02 2.00
C VAL A 31 -8.60 11.61 0.60
N TYR A 32 -9.53 11.38 -0.33
CA TYR A 32 -9.34 11.83 -1.71
C TYR A 32 -9.15 13.35 -1.80
N ASP A 33 -9.78 14.09 -0.90
CA ASP A 33 -9.67 15.55 -0.91
C ASP A 33 -8.34 15.98 -0.31
N ALA A 34 -7.91 15.27 0.73
CA ALA A 34 -6.60 15.52 1.33
C ALA A 34 -5.50 15.39 0.28
N CYS A 35 -5.61 14.34 -0.52
CA CYS A 35 -4.64 14.07 -1.58
C CYS A 35 -4.50 15.24 -2.57
N ARG A 36 -5.59 15.96 -2.83
CA ARG A 36 -5.55 17.04 -3.80
C ARG A 36 -4.83 18.27 -3.24
N MET A 37 -5.05 18.53 -1.95
CA MET A 37 -4.46 19.69 -1.30
C MET A 37 -2.99 19.49 -1.00
N ILE A 38 -2.63 18.30 -0.49
CA ILE A 38 -1.24 18.03 -0.13
C ILE A 38 -0.30 18.20 -1.33
N ARG A 39 -0.69 17.62 -2.46
CA ARG A 39 0.06 17.77 -3.71
C ARG A 39 0.20 19.23 -4.13
N GLU A 40 -0.74 20.06 -3.69
CA GLU A 40 -0.71 21.47 -4.06
C GLU A 40 0.46 22.19 -3.40
N ARG A 41 0.54 22.13 -2.07
CA ARG A 41 1.61 22.81 -1.35
C ARG A 41 2.91 22.00 -1.32
N ILE A 42 2.80 20.70 -1.09
CA ILE A 42 3.98 19.85 -0.91
C ILE A 42 4.27 19.06 -2.19
N PRO A 43 5.28 19.49 -2.97
CA PRO A 43 5.66 18.84 -4.23
C PRO A 43 6.39 17.53 -4.01
N GLU A 44 6.93 17.35 -2.81
CA GLU A 44 7.65 16.13 -2.47
C GLU A 44 6.69 14.95 -2.40
N ALA A 45 5.43 15.26 -2.10
CA ALA A 45 4.40 14.23 -2.02
C ALA A 45 4.20 13.55 -3.37
N LEU A 46 4.24 14.35 -4.42
CA LEU A 46 3.98 13.89 -5.77
C LEU A 46 5.27 13.66 -6.54
N ALA A 47 6.32 13.26 -5.83
CA ALA A 47 7.64 13.06 -6.43
C ALA A 47 7.59 12.08 -7.60
N GLY A 48 6.54 11.27 -7.66
CA GLY A 48 6.34 10.37 -8.77
C GLY A 48 4.95 10.51 -9.36
N PRO A 49 4.33 9.41 -9.81
CA PRO A 49 2.96 9.43 -10.32
C PRO A 49 1.94 9.56 -9.18
N PRO A 50 1.26 10.71 -9.08
CA PRO A 50 0.30 10.98 -7.99
C PRO A 50 -0.84 9.96 -7.95
N ASN A 51 -1.06 9.28 -9.07
CA ASN A 51 -2.08 8.25 -9.16
C ASN A 51 -1.66 7.01 -8.39
N ASP A 52 -0.36 6.94 -8.10
CA ASP A 52 0.21 5.79 -7.42
C ASP A 52 0.52 6.13 -5.96
N PHE A 53 0.10 7.31 -5.52
CA PHE A 53 0.37 7.75 -4.15
C PHE A 53 -0.93 7.84 -3.34
N GLY A 54 -0.87 7.39 -2.09
CA GLY A 54 -2.04 7.42 -1.23
C GLY A 54 -1.68 7.71 0.21
N LEU A 55 -2.65 7.55 1.09
CA LEU A 55 -2.48 7.92 2.50
C LEU A 55 -2.33 6.69 3.40
N PHE A 56 -1.16 6.56 3.98
CA PHE A 56 -0.90 5.54 5.00
C PHE A 56 -0.86 6.18 6.38
N LEU A 57 -1.57 5.58 7.33
CA LEU A 57 -1.60 6.09 8.69
C LEU A 57 -0.52 5.38 9.51
N SER A 58 0.46 6.14 9.98
CA SER A 58 1.59 5.59 10.70
C SER A 58 1.34 5.60 12.20
N ASP A 59 1.59 4.46 12.85
CA ASP A 59 1.37 4.33 14.28
C ASP A 59 2.65 3.96 15.01
N ASP A 60 3.22 2.82 14.64
CA ASP A 60 4.37 2.25 15.33
C ASP A 60 4.91 1.07 14.55
N ASP A 61 4.06 0.08 14.36
CA ASP A 61 4.40 -1.11 13.61
C ASP A 61 3.55 -1.18 12.35
N PRO A 62 4.11 -1.68 11.23
CA PRO A 62 3.40 -1.82 9.96
C PRO A 62 1.97 -2.38 10.10
N LYS A 63 1.76 -3.30 11.04
CA LYS A 63 0.44 -3.91 11.21
C LYS A 63 -0.50 -2.95 11.95
N LYS A 64 0.07 -2.17 12.87
CA LYS A 64 -0.70 -1.21 13.65
C LYS A 64 -1.09 -0.03 12.75
N GLY A 65 -0.25 0.21 11.75
CA GLY A 65 -0.54 1.23 10.76
C GLY A 65 -1.58 0.73 9.78
N ILE A 66 -2.27 1.66 9.13
CA ILE A 66 -3.37 1.29 8.27
C ILE A 66 -3.33 2.07 6.96
N TRP A 67 -3.84 1.46 5.90
CA TRP A 67 -4.00 2.15 4.64
C TRP A 67 -5.32 2.89 4.63
N LEU A 68 -5.29 4.12 4.17
CA LEU A 68 -6.47 4.95 4.17
C LEU A 68 -7.14 4.94 2.79
N GLU A 69 -8.30 4.31 2.69
CA GLU A 69 -9.08 4.33 1.46
C GLU A 69 -9.74 5.69 1.28
N ALA A 70 -10.12 6.01 0.05
CA ALA A 70 -10.74 7.29 -0.26
C ALA A 70 -12.24 7.24 0.01
N GLY A 71 -12.74 6.06 0.31
CA GLY A 71 -14.17 5.88 0.51
C GLY A 71 -14.65 6.23 1.90
N LYS A 72 -13.88 7.03 2.62
CA LYS A 72 -14.27 7.48 3.94
C LYS A 72 -13.40 8.67 4.34
N ALA A 73 -13.80 9.40 5.36
CA ALA A 73 -13.08 10.58 5.78
C ALA A 73 -11.94 10.23 6.74
N LEU A 74 -11.17 11.23 7.14
CA LEU A 74 -10.00 11.03 7.99
C LEU A 74 -10.43 10.77 9.44
N ASP A 75 -11.28 11.65 9.94
CA ASP A 75 -11.70 11.60 11.35
C ASP A 75 -12.68 10.45 11.57
N TYR A 76 -13.08 9.82 10.47
CA TYR A 76 -13.89 8.62 10.53
C TYR A 76 -13.17 7.56 11.33
N TYR A 77 -11.86 7.46 11.11
CA TYR A 77 -11.00 6.60 11.90
C TYR A 77 -10.66 7.27 13.22
N MET A 78 -9.49 6.97 13.75
CA MET A 78 -9.08 7.49 15.05
C MET A 78 -8.13 8.67 14.90
N LEU A 79 -8.17 9.34 13.75
CA LEU A 79 -7.23 10.42 13.50
C LEU A 79 -7.77 11.73 14.02
N ARG A 80 -6.85 12.54 14.51
CA ARG A 80 -7.13 13.85 15.02
C ARG A 80 -5.83 14.60 15.22
N ASN A 81 -5.88 15.67 15.97
CA ASN A 81 -4.71 16.51 16.21
C ASN A 81 -3.61 15.75 16.94
N GLY A 82 -2.57 15.37 16.21
CA GLY A 82 -1.45 14.68 16.81
C GLY A 82 -0.98 13.49 16.01
N ASP A 83 -1.84 12.96 15.15
CA ASP A 83 -1.50 11.75 14.41
C ASP A 83 -0.55 12.04 13.25
N THR A 84 0.29 11.07 12.94
CA THR A 84 1.17 11.15 11.79
C THR A 84 0.54 10.40 10.63
N MET A 85 0.56 11.00 9.45
CA MET A 85 0.00 10.37 8.29
C MET A 85 1.02 10.44 7.17
N GLU A 86 1.53 9.28 6.80
CA GLU A 86 2.55 9.19 5.77
C GLU A 86 1.91 9.24 4.40
N TYR A 87 2.36 10.14 3.55
CA TYR A 87 1.91 10.17 2.17
C TYR A 87 2.91 9.39 1.35
N ARG A 88 2.55 8.19 0.99
CA ARG A 88 3.49 7.31 0.32
C ARG A 88 2.86 6.67 -0.88
N LYS A 89 3.70 6.01 -1.65
CA LYS A 89 3.25 5.31 -2.83
C LYS A 89 2.40 4.12 -2.40
N LYS A 90 1.21 4.02 -2.96
CA LYS A 90 0.31 2.92 -2.69
C LYS A 90 0.97 1.61 -3.06
N GLN A 91 1.89 1.70 -3.99
CA GLN A 91 2.66 0.57 -4.46
C GLN A 91 3.89 0.39 -3.58
N ARG A 92 4.23 -0.84 -3.28
CA ARG A 92 5.50 -1.13 -2.62
C ARG A 92 6.40 -1.89 -3.60
N PRO A 93 7.72 -1.83 -3.42
CA PRO A 93 8.65 -2.57 -4.27
C PRO A 93 8.47 -4.07 -4.09
N LEU A 94 7.79 -4.68 -5.04
CA LEU A 94 7.43 -6.08 -4.93
C LEU A 94 8.40 -6.94 -5.73
N LYS A 95 9.14 -7.79 -5.04
CA LYS A 95 10.06 -8.70 -5.70
C LYS A 95 9.41 -10.04 -5.92
N ILE A 96 9.34 -10.46 -7.16
CA ILE A 96 8.69 -11.71 -7.54
C ILE A 96 9.66 -12.57 -8.32
N ARG A 97 9.73 -13.84 -7.98
CA ARG A 97 10.51 -14.78 -8.75
C ARG A 97 9.56 -15.75 -9.43
N MET A 98 9.51 -15.70 -10.75
CA MET A 98 8.57 -16.48 -11.53
C MET A 98 9.14 -17.85 -11.87
N LEU A 99 8.37 -18.62 -12.65
CA LEU A 99 8.60 -20.05 -12.85
C LEU A 99 10.01 -20.35 -13.35
N ASP A 100 10.50 -19.52 -14.27
CA ASP A 100 11.84 -19.72 -14.83
C ASP A 100 12.91 -19.60 -13.76
N GLY A 101 12.57 -18.93 -12.66
CA GLY A 101 13.55 -18.59 -11.66
C GLY A 101 13.93 -17.13 -11.78
N THR A 102 13.21 -16.43 -12.63
CA THR A 102 13.48 -15.04 -12.92
C THR A 102 12.86 -14.15 -11.85
N VAL A 103 13.63 -13.19 -11.36
CA VAL A 103 13.12 -12.28 -10.36
C VAL A 103 12.97 -10.87 -10.94
N LYS A 104 11.87 -10.23 -10.59
CA LYS A 104 11.59 -8.88 -11.05
C LYS A 104 11.03 -8.06 -9.89
N THR A 105 11.19 -6.76 -9.94
CA THR A 105 10.58 -5.90 -8.96
C THR A 105 9.57 -4.99 -9.65
N ILE A 106 8.32 -5.11 -9.26
CA ILE A 106 7.25 -4.35 -9.86
C ILE A 106 6.50 -3.59 -8.77
N MET A 107 6.00 -2.40 -9.09
CA MET A 107 5.32 -1.60 -8.09
C MET A 107 3.84 -1.90 -8.08
N VAL A 108 3.40 -2.47 -6.98
CA VAL A 108 2.00 -2.86 -6.82
C VAL A 108 1.42 -2.32 -5.53
N ASP A 109 0.18 -1.87 -5.59
CA ASP A 109 -0.52 -1.37 -4.42
C ASP A 109 -0.58 -2.44 -3.34
N ASP A 110 -0.03 -2.14 -2.18
CA ASP A 110 -0.03 -3.10 -1.09
C ASP A 110 -1.20 -2.83 -0.15
N SER A 111 -2.02 -1.85 -0.51
CA SER A 111 -3.22 -1.55 0.25
C SER A 111 -4.28 -2.64 0.06
N LYS A 112 -4.33 -3.21 -1.13
CA LYS A 112 -5.36 -4.20 -1.47
C LYS A 112 -4.92 -5.63 -1.17
N THR A 113 -5.74 -6.59 -1.59
CA THR A 113 -5.52 -8.00 -1.31
C THR A 113 -4.60 -8.65 -2.36
N VAL A 114 -4.45 -9.96 -2.27
CA VAL A 114 -3.52 -10.72 -3.10
C VAL A 114 -3.94 -10.79 -4.57
N THR A 115 -5.13 -11.30 -4.79
CA THR A 115 -5.64 -11.61 -6.15
C THR A 115 -5.43 -10.49 -7.16
N ASP A 116 -5.85 -9.27 -6.83
CA ASP A 116 -5.67 -8.12 -7.72
C ASP A 116 -4.19 -7.97 -8.12
N MET A 117 -3.32 -8.11 -7.13
CA MET A 117 -1.88 -8.00 -7.35
C MET A 117 -1.38 -9.14 -8.23
N LEU A 118 -1.88 -10.35 -7.98
CA LEU A 118 -1.49 -11.52 -8.76
C LEU A 118 -1.82 -11.31 -10.23
N MET A 119 -2.97 -10.66 -10.46
CA MET A 119 -3.40 -10.31 -11.81
C MET A 119 -2.40 -9.34 -12.44
N THR A 120 -1.91 -8.44 -11.61
CA THR A 120 -0.97 -7.41 -12.04
C THR A 120 0.42 -8.00 -12.32
N ILE A 121 0.86 -8.96 -11.50
CA ILE A 121 2.21 -9.51 -11.63
C ILE A 121 2.35 -10.34 -12.92
N CYS A 122 1.39 -11.24 -13.13
CA CYS A 122 1.41 -12.11 -14.29
C CYS A 122 1.31 -11.29 -15.58
N ALA A 123 0.68 -10.13 -15.48
CA ALA A 123 0.54 -9.24 -16.62
C ALA A 123 1.87 -8.56 -16.93
N ARG A 124 2.72 -8.39 -15.91
CA ARG A 124 4.03 -7.77 -16.11
C ARG A 124 4.90 -8.66 -16.97
N ILE A 125 4.81 -9.96 -16.74
CA ILE A 125 5.59 -10.92 -17.51
C ILE A 125 4.97 -11.09 -18.89
N GLY A 126 3.64 -11.16 -18.91
CA GLY A 126 2.94 -11.40 -20.14
C GLY A 126 2.19 -12.72 -20.12
N ILE A 127 1.84 -13.17 -18.92
CA ILE A 127 1.14 -14.43 -18.75
C ILE A 127 -0.36 -14.23 -18.92
N THR A 128 -0.85 -13.07 -18.50
CA THR A 128 -2.26 -12.72 -18.58
C THR A 128 -3.10 -13.50 -17.55
N ASN A 129 -3.09 -14.81 -17.65
CA ASN A 129 -3.83 -15.65 -16.70
C ASN A 129 -3.13 -15.62 -15.35
N HIS A 130 -3.88 -15.60 -14.28
CA HIS A 130 -3.27 -15.50 -12.95
C HIS A 130 -3.96 -16.40 -11.92
N ASP A 131 -5.11 -16.95 -12.27
CA ASP A 131 -5.86 -17.76 -11.33
C ASP A 131 -5.23 -19.13 -11.17
N GLU A 132 -4.31 -19.46 -12.08
CA GLU A 132 -3.63 -20.75 -12.04
C GLU A 132 -2.39 -20.66 -11.15
N TYR A 133 -2.12 -19.49 -10.61
CA TYR A 133 -0.95 -19.28 -9.77
C TYR A 133 -1.35 -18.94 -8.35
N SER A 134 -0.52 -19.32 -7.41
CA SER A 134 -0.70 -18.91 -6.04
C SER A 134 0.56 -18.18 -5.58
N LEU A 135 0.38 -17.15 -4.76
CA LEU A 135 1.50 -16.34 -4.33
C LEU A 135 2.10 -16.96 -3.07
N VAL A 136 3.42 -17.06 -3.04
CA VAL A 136 4.11 -17.65 -1.92
C VAL A 136 5.29 -16.76 -1.51
N ARG A 137 5.24 -16.24 -0.30
CA ARG A 137 6.26 -15.33 0.18
C ARG A 137 7.30 -16.06 0.98
N GLU A 138 8.45 -16.31 0.36
CA GLU A 138 9.58 -16.84 1.11
C GLU A 138 10.30 -15.71 1.80
N LEU A 139 10.24 -15.69 3.11
CA LEU A 139 10.76 -14.56 3.84
C LEU A 139 12.07 -14.87 4.52
N MET A 140 12.52 -13.89 5.25
CA MET A 140 13.71 -13.99 6.08
C MET A 140 13.30 -13.81 7.53
N GLU A 141 12.00 -13.61 7.71
CA GLU A 141 11.44 -13.16 8.98
C GLU A 141 11.71 -14.11 10.13
N GLU A 142 12.29 -13.57 11.19
CA GLU A 142 12.34 -14.25 12.47
C GLU A 142 10.94 -14.20 13.10
N LYS A 143 10.13 -13.29 12.61
CA LYS A 143 8.78 -13.09 13.10
C LYS A 143 7.83 -14.07 12.44
N LYS A 144 7.56 -13.87 11.14
CA LYS A 144 6.73 -14.77 10.38
C LYS A 144 7.32 -16.18 10.32
N ASP A 145 8.39 -16.30 9.53
CA ASP A 145 8.97 -17.58 9.16
C ASP A 145 7.93 -18.49 8.55
N GLU A 146 7.66 -18.24 7.28
CA GLU A 146 6.69 -19.00 6.53
C GLU A 146 7.00 -18.94 5.05
N LEU A 147 6.53 -19.94 4.33
CA LEU A 147 6.52 -19.91 2.87
C LEU A 147 5.48 -18.91 2.42
N ASN A 148 4.52 -18.68 3.30
CA ASN A 148 3.47 -17.71 3.08
C ASN A 148 2.76 -17.92 1.76
N TRP A 149 1.93 -18.94 1.69
CA TRP A 149 1.13 -19.15 0.51
C TRP A 149 -0.12 -18.28 0.65
N LEU A 150 -0.12 -17.14 -0.03
CA LEU A 150 -1.10 -16.10 0.21
C LEU A 150 -2.53 -16.60 0.09
N ASP A 151 -3.31 -16.22 1.09
CA ASP A 151 -4.69 -16.67 1.26
C ASP A 151 -5.63 -16.07 0.22
N HIS A 152 -5.23 -14.93 -0.35
CA HIS A 152 -6.06 -14.21 -1.32
C HIS A 152 -7.27 -13.58 -0.63
N GLY A 153 -7.15 -13.36 0.66
CA GLY A 153 -8.25 -12.80 1.42
C GLY A 153 -7.87 -11.54 2.15
N ARG A 154 -6.67 -11.51 2.69
CA ARG A 154 -6.18 -10.35 3.42
C ARG A 154 -5.38 -9.43 2.54
N THR A 155 -5.17 -8.22 3.05
CA THR A 155 -4.29 -7.26 2.43
C THR A 155 -2.85 -7.52 2.86
N LEU A 156 -1.91 -7.04 2.08
CA LEU A 156 -0.49 -7.31 2.29
C LEU A 156 -0.01 -6.67 3.57
N ARG A 157 -0.54 -5.50 3.87
CA ARG A 157 -0.16 -4.75 5.06
C ARG A 157 -0.74 -5.42 6.32
N GLU A 158 -1.83 -6.16 6.14
CA GLU A 158 -2.46 -6.91 7.23
C GLU A 158 -1.74 -8.23 7.44
N GLN A 159 -1.07 -8.71 6.40
CA GLN A 159 -0.26 -9.92 6.51
C GLN A 159 0.97 -9.63 7.34
N GLY A 160 1.61 -8.53 7.03
CA GLY A 160 2.89 -8.21 7.60
C GLY A 160 4.01 -8.49 6.63
N VAL A 161 3.77 -8.14 5.36
CA VAL A 161 4.81 -8.25 4.35
C VAL A 161 5.85 -7.15 4.53
N GLU A 162 7.10 -7.48 4.23
CA GLU A 162 8.14 -6.49 4.16
C GLU A 162 8.45 -6.23 2.70
N GLU A 163 8.86 -5.02 2.40
CA GLU A 163 9.07 -4.61 1.02
C GLU A 163 10.31 -5.28 0.43
N HIS A 164 11.17 -5.79 1.29
CA HIS A 164 12.41 -6.41 0.86
C HIS A 164 12.26 -7.93 0.68
N GLU A 165 11.11 -8.47 1.10
CA GLU A 165 10.91 -9.92 1.11
C GLU A 165 10.76 -10.46 -0.30
N THR A 166 11.47 -11.54 -0.61
CA THR A 166 11.35 -12.17 -1.91
C THR A 166 10.09 -13.02 -1.99
N LEU A 167 9.21 -12.66 -2.89
CA LEU A 167 7.93 -13.34 -3.00
C LEU A 167 7.87 -14.05 -4.34
N LEU A 168 7.30 -15.24 -4.36
CA LEU A 168 7.31 -16.04 -5.58
C LEU A 168 5.89 -16.39 -5.98
N LEU A 169 5.67 -16.69 -7.25
CA LEU A 169 4.42 -17.27 -7.68
C LEU A 169 4.64 -18.73 -8.04
N ARG A 170 3.63 -19.54 -7.79
CA ARG A 170 3.72 -20.96 -8.07
C ARG A 170 2.54 -21.39 -8.92
N ARG A 171 2.82 -22.14 -9.97
CA ARG A 171 1.76 -22.63 -10.83
C ARG A 171 1.07 -23.81 -10.16
N LYS A 172 -0.12 -23.55 -9.62
CA LYS A 172 -0.84 -24.57 -8.87
C LYS A 172 -1.69 -25.43 -9.81
N PHE A 173 -2.12 -24.85 -10.91
CA PHE A 173 -2.80 -25.60 -11.95
C PHE A 173 -1.91 -25.65 -13.18
N PHE A 174 -1.90 -26.77 -13.86
CA PHE A 174 -1.01 -26.94 -15.01
C PHE A 174 -1.77 -26.77 -16.31
N TYR A 175 -3.02 -26.40 -16.18
CA TYR A 175 -3.88 -26.05 -17.30
C TYR A 175 -4.13 -27.21 -18.23
N SER A 176 -5.27 -27.83 -18.01
CA SER A 176 -5.78 -28.85 -18.88
C SER A 176 -6.50 -28.20 -20.07
N ASP A 177 -5.82 -27.21 -20.67
CA ASP A 177 -6.36 -26.38 -21.74
C ASP A 177 -7.40 -25.38 -21.21
N GLN A 178 -8.06 -25.75 -20.13
CA GLN A 178 -9.02 -24.88 -19.46
C GLN A 178 -8.78 -24.93 -17.96
N GLY A 1 -21.30 30.88 6.91
CA GLY A 1 -22.09 30.35 5.76
C GLY A 1 -21.26 29.39 4.93
N ILE A 2 -21.32 28.12 5.27
CA ILE A 2 -20.50 27.09 4.63
C ILE A 2 -19.03 27.42 4.86
N ASP A 3 -18.53 27.01 6.01
CA ASP A 3 -17.18 27.38 6.43
C ASP A 3 -16.24 26.19 6.36
N PRO A 4 -15.17 26.32 5.57
CA PRO A 4 -14.15 25.27 5.40
C PRO A 4 -13.28 25.09 6.64
N PHE A 5 -12.06 24.67 6.40
CA PHE A 5 -11.06 24.45 7.44
C PHE A 5 -10.61 25.77 8.08
N THR A 6 -11.55 26.45 8.70
CA THR A 6 -11.27 27.69 9.42
C THR A 6 -10.44 27.41 10.66
N MET A 7 -11.12 27.11 11.74
CA MET A 7 -10.46 26.70 12.97
C MET A 7 -10.91 25.29 13.33
N VAL A 8 -11.20 24.55 12.30
CA VAL A 8 -11.55 23.16 12.39
C VAL A 8 -10.78 22.42 11.32
N ALA A 9 -9.52 22.17 11.61
CA ALA A 9 -8.64 21.50 10.68
C ALA A 9 -7.56 20.76 11.44
N LEU A 10 -7.78 19.47 11.61
CA LEU A 10 -6.77 18.57 12.15
C LEU A 10 -5.38 18.89 11.62
N SER A 11 -4.44 18.91 12.54
CA SER A 11 -3.06 19.22 12.21
C SER A 11 -2.28 17.92 12.20
N LEU A 12 -1.97 17.45 11.00
CA LEU A 12 -1.40 16.13 10.83
C LEU A 12 0.04 16.22 10.36
N LYS A 13 0.87 15.34 10.85
CA LYS A 13 2.24 15.23 10.37
C LYS A 13 2.30 14.26 9.21
N ILE A 14 2.40 14.79 8.01
CA ILE A 14 2.46 13.97 6.82
C ILE A 14 3.90 13.61 6.52
N SER A 15 4.22 12.34 6.65
CA SER A 15 5.57 11.88 6.35
C SER A 15 5.57 11.16 5.01
N ILE A 16 6.54 11.48 4.18
CA ILE A 16 6.63 10.92 2.85
C ILE A 16 7.98 10.24 2.67
N GLY A 17 8.12 9.06 3.28
CA GLY A 17 9.35 8.30 3.19
C GLY A 17 10.47 8.90 4.03
N ASN A 18 11.19 9.84 3.46
CA ASN A 18 12.38 10.42 4.10
C ASN A 18 12.12 11.85 4.56
N VAL A 19 10.91 12.33 4.34
CA VAL A 19 10.56 13.70 4.69
C VAL A 19 9.25 13.74 5.47
N VAL A 20 9.03 14.78 6.26
CA VAL A 20 7.78 14.95 6.99
C VAL A 20 7.39 16.41 7.05
N LYS A 21 6.15 16.69 6.65
CA LYS A 21 5.62 18.03 6.59
C LYS A 21 4.33 18.11 7.41
N THR A 22 4.08 19.27 7.99
CA THR A 22 2.92 19.44 8.84
C THR A 22 1.79 20.11 8.05
N MET A 23 0.69 19.39 7.88
CA MET A 23 -0.40 19.86 7.06
C MET A 23 -1.72 19.75 7.80
N GLN A 24 -2.64 20.64 7.51
CA GLN A 24 -3.94 20.63 8.15
C GLN A 24 -5.03 20.25 7.17
N PHE A 25 -5.93 19.41 7.61
CA PHE A 25 -7.03 18.95 6.80
C PHE A 25 -8.30 19.16 7.59
N GLU A 26 -9.42 19.29 6.91
CA GLU A 26 -10.70 19.37 7.59
C GLU A 26 -10.97 18.07 8.35
N PRO A 27 -11.75 18.16 9.43
CA PRO A 27 -12.20 16.99 10.17
C PRO A 27 -12.74 15.91 9.23
N SER A 28 -13.43 16.34 8.18
CA SER A 28 -13.90 15.41 7.18
C SER A 28 -12.80 15.15 6.15
N THR A 29 -12.51 16.18 5.34
CA THR A 29 -11.65 16.10 4.15
C THR A 29 -11.98 14.94 3.22
N MET A 30 -11.69 13.72 3.68
CA MET A 30 -11.81 12.50 2.88
C MET A 30 -10.59 12.36 1.98
N VAL A 31 -10.03 11.15 1.97
CA VAL A 31 -8.76 10.86 1.31
C VAL A 31 -8.63 11.50 -0.09
N TYR A 32 -9.67 11.37 -0.92
CA TYR A 32 -9.61 11.90 -2.28
C TYR A 32 -9.38 13.42 -2.27
N ASP A 33 -9.99 14.09 -1.30
CA ASP A 33 -9.86 15.54 -1.17
C ASP A 33 -8.51 15.89 -0.59
N ALA A 34 -8.08 15.10 0.40
CA ALA A 34 -6.76 15.26 1.00
C ALA A 34 -5.68 15.24 -0.08
N CYS A 35 -5.78 14.24 -0.95
CA CYS A 35 -4.82 14.05 -2.03
C CYS A 35 -4.69 15.31 -2.91
N ARG A 36 -5.79 16.04 -3.09
CA ARG A 36 -5.77 17.19 -3.99
C ARG A 36 -5.06 18.38 -3.34
N MET A 37 -5.23 18.52 -2.04
CA MET A 37 -4.64 19.63 -1.31
C MET A 37 -3.18 19.39 -0.99
N ILE A 38 -2.85 18.16 -0.56
CA ILE A 38 -1.49 17.85 -0.16
C ILE A 38 -0.52 18.00 -1.35
N ARG A 39 -0.93 17.46 -2.49
CA ARG A 39 -0.16 17.60 -3.73
C ARG A 39 0.00 19.07 -4.12
N GLU A 40 -0.97 19.87 -3.72
CA GLU A 40 -1.00 21.27 -4.10
C GLU A 40 0.13 22.04 -3.41
N ARG A 41 0.13 22.04 -2.08
CA ARG A 41 1.12 22.79 -1.33
C ARG A 41 2.44 22.03 -1.18
N ILE A 42 2.37 20.71 -1.04
CA ILE A 42 3.56 19.90 -0.82
C ILE A 42 3.98 19.20 -2.11
N PRO A 43 5.04 19.70 -2.77
CA PRO A 43 5.50 19.15 -4.04
C PRO A 43 6.17 17.78 -3.86
N GLU A 44 6.65 17.51 -2.66
CA GLU A 44 7.36 16.27 -2.36
C GLU A 44 6.41 15.07 -2.40
N ALA A 45 5.11 15.35 -2.39
CA ALA A 45 4.09 14.32 -2.33
C ALA A 45 3.98 13.54 -3.64
N LEU A 46 4.04 14.24 -4.76
CA LEU A 46 3.76 13.61 -6.05
C LEU A 46 5.04 13.19 -6.78
N ALA A 47 5.80 12.29 -6.17
CA ALA A 47 7.00 11.74 -6.80
C ALA A 47 6.64 10.73 -7.89
N GLY A 48 5.41 10.83 -8.37
CA GLY A 48 4.89 9.97 -9.41
C GLY A 48 3.44 10.30 -9.67
N PRO A 49 2.67 9.39 -10.28
CA PRO A 49 1.24 9.63 -10.51
C PRO A 49 0.45 9.56 -9.21
N PRO A 50 -0.42 10.56 -8.96
CA PRO A 50 -1.25 10.64 -7.75
C PRO A 50 -2.03 9.36 -7.46
N ASN A 51 -2.37 8.62 -8.51
CA ASN A 51 -3.14 7.40 -8.36
C ASN A 51 -2.31 6.31 -7.70
N ASP A 52 -0.99 6.48 -7.70
CA ASP A 52 -0.10 5.51 -7.08
C ASP A 52 0.31 5.97 -5.68
N PHE A 53 -0.36 7.00 -5.16
CA PHE A 53 -0.06 7.52 -3.84
C PHE A 53 -1.31 7.53 -2.96
N GLY A 54 -1.23 6.90 -1.80
CA GLY A 54 -2.35 6.86 -0.89
C GLY A 54 -2.00 7.34 0.51
N LEU A 55 -3.00 7.42 1.36
CA LEU A 55 -2.81 7.89 2.72
C LEU A 55 -2.66 6.71 3.68
N PHE A 56 -1.45 6.53 4.17
CA PHE A 56 -1.18 5.48 5.15
C PHE A 56 -1.23 6.07 6.55
N LEU A 57 -2.00 5.46 7.44
CA LEU A 57 -2.09 5.94 8.79
C LEU A 57 -1.07 5.21 9.65
N SER A 58 -0.06 5.94 10.07
CA SER A 58 1.01 5.38 10.87
C SER A 58 0.55 5.22 12.31
N ASP A 59 -0.07 4.08 12.59
CA ASP A 59 -0.53 3.77 13.94
C ASP A 59 0.65 3.69 14.90
N ASP A 60 1.44 2.63 14.74
CA ASP A 60 2.66 2.42 15.51
C ASP A 60 3.27 1.09 15.10
N ASP A 61 2.43 0.06 15.05
CA ASP A 61 2.82 -1.23 14.51
C ASP A 61 2.46 -1.31 13.04
N PRO A 62 3.33 -1.91 12.21
CA PRO A 62 3.08 -2.10 10.78
C PRO A 62 1.82 -2.93 10.53
N LYS A 63 1.48 -3.81 11.46
CA LYS A 63 0.30 -4.65 11.34
C LYS A 63 -0.96 -3.84 11.60
N LYS A 64 -0.85 -2.87 12.52
CA LYS A 64 -1.98 -2.04 12.90
C LYS A 64 -2.15 -0.88 11.92
N GLY A 65 -1.07 -0.59 11.19
CA GLY A 65 -1.12 0.46 10.19
C GLY A 65 -2.12 0.15 9.10
N ILE A 66 -2.71 1.18 8.53
CA ILE A 66 -3.79 0.99 7.57
C ILE A 66 -3.68 1.98 6.42
N TRP A 67 -4.34 1.66 5.33
CA TRP A 67 -4.44 2.57 4.20
C TRP A 67 -5.79 3.25 4.20
N LEU A 68 -5.76 4.56 4.27
CA LEU A 68 -6.97 5.36 4.27
C LEU A 68 -7.55 5.42 2.86
N GLU A 69 -8.70 4.80 2.66
CA GLU A 69 -9.34 4.80 1.35
C GLU A 69 -10.19 6.06 1.18
N ALA A 70 -10.49 6.40 -0.07
CA ALA A 70 -11.28 7.59 -0.36
C ALA A 70 -12.73 7.43 0.09
N GLY A 71 -13.10 6.20 0.44
CA GLY A 71 -14.46 5.90 0.82
C GLY A 71 -14.76 6.18 2.28
N LYS A 72 -13.91 6.95 2.95
CA LYS A 72 -14.17 7.38 4.31
C LYS A 72 -13.41 8.67 4.61
N ALA A 73 -13.84 9.39 5.63
CA ALA A 73 -13.19 10.64 6.01
C ALA A 73 -12.02 10.35 6.93
N LEU A 74 -11.27 11.37 7.31
CA LEU A 74 -10.08 11.15 8.12
C LEU A 74 -10.44 10.99 9.59
N ASP A 75 -11.07 12.01 10.16
CA ASP A 75 -11.47 12.02 11.58
C ASP A 75 -12.54 10.96 11.85
N TYR A 76 -13.07 10.38 10.78
CA TYR A 76 -13.93 9.21 10.90
C TYR A 76 -13.16 8.11 11.63
N TYR A 77 -11.86 8.03 11.37
CA TYR A 77 -10.96 7.16 12.09
C TYR A 77 -10.55 7.77 13.42
N MET A 78 -9.52 7.22 14.05
CA MET A 78 -9.09 7.68 15.37
C MET A 78 -7.95 8.68 15.27
N LEU A 79 -7.77 9.28 14.09
CA LEU A 79 -6.71 10.25 13.90
C LEU A 79 -7.25 11.67 14.09
N ARG A 80 -6.42 12.50 14.66
CA ARG A 80 -6.79 13.86 15.02
C ARG A 80 -5.56 14.76 15.02
N ASN A 81 -5.66 15.86 15.74
CA ASN A 81 -4.56 16.81 15.87
C ASN A 81 -3.37 16.18 16.58
N GLY A 82 -2.28 16.01 15.85
CA GLY A 82 -1.07 15.48 16.46
C GLY A 82 -0.70 14.12 15.91
N ASP A 83 -1.60 13.52 15.15
CA ASP A 83 -1.33 12.22 14.56
C ASP A 83 -0.46 12.33 13.33
N THR A 84 0.37 11.34 13.11
CA THR A 84 1.21 11.28 11.94
C THR A 84 0.52 10.49 10.83
N MET A 85 0.36 11.10 9.68
CA MET A 85 -0.29 10.46 8.57
C MET A 85 0.67 10.40 7.41
N GLU A 86 1.08 9.20 7.07
CA GLU A 86 2.10 9.01 6.07
C GLU A 86 1.49 9.08 4.67
N TYR A 87 2.03 9.95 3.82
CA TYR A 87 1.60 10.01 2.44
C TYR A 87 2.63 9.29 1.62
N ARG A 88 2.31 8.08 1.23
CA ARG A 88 3.29 7.23 0.59
C ARG A 88 2.72 6.56 -0.62
N LYS A 89 3.61 6.04 -1.44
CA LYS A 89 3.22 5.30 -2.62
C LYS A 89 2.39 4.09 -2.22
N LYS A 90 1.23 3.93 -2.84
CA LYS A 90 0.34 2.80 -2.57
C LYS A 90 1.10 1.49 -2.66
N GLN A 91 2.07 1.46 -3.56
CA GLN A 91 2.82 0.27 -3.86
C GLN A 91 4.13 0.22 -3.11
N ARG A 92 4.60 -0.99 -2.91
CA ARG A 92 5.88 -1.23 -2.28
C ARG A 92 6.71 -2.19 -3.14
N PRO A 93 8.05 -2.08 -3.10
CA PRO A 93 8.94 -2.87 -3.96
C PRO A 93 8.89 -4.36 -3.66
N LEU A 94 8.22 -5.10 -4.53
CA LEU A 94 8.06 -6.53 -4.35
C LEU A 94 9.00 -7.30 -5.27
N LYS A 95 9.79 -8.19 -4.69
CA LYS A 95 10.67 -9.04 -5.47
C LYS A 95 10.00 -10.37 -5.74
N ILE A 96 9.73 -10.60 -7.01
CA ILE A 96 8.93 -11.73 -7.43
C ILE A 96 9.73 -12.59 -8.40
N ARG A 97 9.63 -13.90 -8.26
CA ARG A 97 10.25 -14.81 -9.20
C ARG A 97 9.18 -15.58 -9.97
N MET A 98 9.28 -15.58 -11.30
CA MET A 98 8.31 -16.25 -12.16
C MET A 98 8.63 -17.73 -12.27
N LEU A 99 7.72 -18.46 -12.92
CA LEU A 99 7.76 -19.92 -13.03
C LEU A 99 9.10 -20.39 -13.58
N ASP A 100 9.61 -19.65 -14.55
CA ASP A 100 10.84 -20.03 -15.25
C ASP A 100 12.05 -19.81 -14.35
N GLY A 101 11.86 -19.06 -13.27
CA GLY A 101 12.96 -18.75 -12.38
C GLY A 101 13.43 -17.33 -12.55
N THR A 102 12.67 -16.55 -13.31
CA THR A 102 13.01 -15.14 -13.56
C THR A 102 12.59 -14.29 -12.38
N VAL A 103 13.47 -13.44 -11.90
CA VAL A 103 13.10 -12.59 -10.77
C VAL A 103 13.09 -11.11 -11.16
N LYS A 104 12.06 -10.41 -10.71
CA LYS A 104 11.92 -8.98 -10.99
C LYS A 104 11.42 -8.27 -9.74
N THR A 105 11.64 -6.97 -9.67
CA THR A 105 11.09 -6.16 -8.60
C THR A 105 10.05 -5.21 -9.17
N ILE A 106 8.82 -5.36 -8.75
CA ILE A 106 7.74 -4.52 -9.24
C ILE A 106 7.00 -3.92 -8.05
N MET A 107 6.50 -2.70 -8.21
CA MET A 107 5.84 -2.04 -7.13
C MET A 107 4.35 -2.31 -7.16
N VAL A 108 3.91 -3.04 -6.15
CA VAL A 108 2.53 -3.46 -6.04
C VAL A 108 1.91 -2.87 -4.78
N ASP A 109 0.66 -2.43 -4.91
CA ASP A 109 -0.03 -1.73 -3.83
C ASP A 109 -0.15 -2.61 -2.59
N ASP A 110 0.16 -2.04 -1.43
CA ASP A 110 0.01 -2.73 -0.15
C ASP A 110 -1.41 -2.56 0.36
N SER A 111 -2.14 -1.68 -0.29
CA SER A 111 -3.51 -1.37 0.10
C SER A 111 -4.52 -2.43 -0.35
N LYS A 112 -4.02 -3.47 -1.01
CA LYS A 112 -4.91 -4.50 -1.55
C LYS A 112 -4.42 -5.91 -1.19
N THR A 113 -5.18 -6.91 -1.63
CA THR A 113 -4.90 -8.29 -1.28
C THR A 113 -3.96 -8.98 -2.28
N VAL A 114 -3.78 -10.28 -2.10
CA VAL A 114 -2.85 -11.06 -2.91
C VAL A 114 -3.28 -11.12 -4.37
N THR A 115 -4.49 -11.59 -4.57
CA THR A 115 -5.10 -11.71 -5.89
C THR A 115 -4.88 -10.48 -6.77
N ASP A 116 -5.11 -9.30 -6.21
CA ASP A 116 -4.93 -8.06 -6.97
C ASP A 116 -3.45 -7.84 -7.29
N MET A 117 -2.60 -8.19 -6.32
CA MET A 117 -1.16 -8.13 -6.50
C MET A 117 -0.71 -9.08 -7.60
N LEU A 118 -1.24 -10.30 -7.58
CA LEU A 118 -0.89 -11.30 -8.58
C LEU A 118 -1.33 -10.84 -9.96
N MET A 119 -2.53 -10.24 -10.00
CA MET A 119 -3.08 -9.64 -11.22
C MET A 119 -2.13 -8.58 -11.76
N THR A 120 -1.50 -7.89 -10.84
CA THR A 120 -0.56 -6.83 -11.16
C THR A 120 0.77 -7.40 -11.66
N ILE A 121 1.24 -8.47 -11.02
CA ILE A 121 2.55 -9.04 -11.32
C ILE A 121 2.55 -9.70 -12.70
N CYS A 122 1.52 -10.48 -12.98
CA CYS A 122 1.43 -11.21 -14.24
C CYS A 122 1.40 -10.24 -15.41
N ALA A 123 0.78 -9.08 -15.19
CA ALA A 123 0.66 -8.06 -16.22
C ALA A 123 2.00 -7.44 -16.57
N ARG A 124 2.93 -7.45 -15.61
CA ARG A 124 4.25 -6.90 -15.84
C ARG A 124 5.02 -7.79 -16.81
N ILE A 125 4.90 -9.09 -16.60
CA ILE A 125 5.60 -10.07 -17.41
C ILE A 125 4.98 -10.15 -18.80
N GLY A 126 3.66 -10.26 -18.81
CA GLY A 126 2.95 -10.50 -20.05
C GLY A 126 2.09 -11.74 -19.97
N ILE A 127 1.75 -12.10 -18.74
CA ILE A 127 0.91 -13.25 -18.50
C ILE A 127 -0.53 -12.80 -18.31
N THR A 128 -1.42 -13.32 -19.14
CA THR A 128 -2.82 -12.94 -19.10
C THR A 128 -3.53 -13.68 -17.95
N ASN A 129 -3.02 -14.85 -17.62
CA ASN A 129 -3.59 -15.67 -16.56
C ASN A 129 -3.05 -15.24 -15.21
N HIS A 130 -3.92 -15.23 -14.20
CA HIS A 130 -3.48 -14.97 -12.84
C HIS A 130 -4.36 -15.71 -11.85
N ASP A 131 -5.31 -16.49 -12.35
CA ASP A 131 -6.26 -17.16 -11.51
C ASP A 131 -5.81 -18.60 -11.26
N GLU A 132 -4.88 -19.06 -12.08
CA GLU A 132 -4.31 -20.40 -11.94
C GLU A 132 -2.97 -20.36 -11.24
N TYR A 133 -2.72 -19.27 -10.53
CA TYR A 133 -1.47 -19.12 -9.81
C TYR A 133 -1.72 -18.80 -8.34
N SER A 134 -0.91 -19.37 -7.49
CA SER A 134 -0.89 -19.00 -6.09
C SER A 134 0.43 -18.31 -5.79
N LEU A 135 0.49 -17.54 -4.72
CA LEU A 135 1.72 -16.86 -4.39
C LEU A 135 2.36 -17.54 -3.20
N VAL A 136 3.67 -17.52 -3.14
CA VAL A 136 4.38 -18.11 -2.02
C VAL A 136 5.56 -17.21 -1.64
N ARG A 137 5.51 -16.67 -0.45
CA ARG A 137 6.54 -15.73 -0.02
C ARG A 137 7.55 -16.42 0.87
N GLU A 138 8.70 -16.73 0.31
CA GLU A 138 9.78 -17.25 1.10
C GLU A 138 10.41 -16.10 1.88
N LEU A 139 9.97 -15.93 3.11
CA LEU A 139 10.41 -14.78 3.89
C LEU A 139 11.62 -15.10 4.74
N MET A 140 12.02 -14.10 5.49
CA MET A 140 13.15 -14.18 6.40
C MET A 140 12.63 -14.25 7.82
N GLU A 141 11.32 -14.40 7.91
CA GLU A 141 10.59 -14.30 9.17
C GLU A 141 11.21 -15.14 10.27
N GLU A 142 11.73 -14.47 11.28
CA GLU A 142 12.27 -15.10 12.45
C GLU A 142 11.14 -15.58 13.35
N LYS A 143 9.96 -14.98 13.20
CA LYS A 143 8.82 -15.32 14.01
C LYS A 143 8.03 -16.44 13.37
N LYS A 144 7.64 -16.22 12.11
CA LYS A 144 6.83 -17.17 11.37
C LYS A 144 7.66 -18.36 10.89
N ASP A 145 8.63 -18.09 10.02
CA ASP A 145 9.40 -19.13 9.34
C ASP A 145 8.46 -19.96 8.51
N GLU A 146 8.13 -19.45 7.33
CA GLU A 146 7.14 -20.08 6.48
C GLU A 146 7.36 -19.73 5.02
N LEU A 147 6.82 -20.57 4.17
CA LEU A 147 6.85 -20.35 2.73
C LEU A 147 5.81 -19.30 2.38
N ASN A 148 4.92 -19.06 3.32
CA ASN A 148 3.85 -18.08 3.15
C ASN A 148 3.16 -18.24 1.82
N TRP A 149 2.39 -19.30 1.66
CA TRP A 149 1.67 -19.51 0.43
C TRP A 149 0.42 -18.65 0.48
N LEU A 150 0.48 -17.50 -0.17
CA LEU A 150 -0.60 -16.54 -0.13
C LEU A 150 -1.88 -17.15 -0.64
N ASP A 151 -2.87 -17.17 0.26
CA ASP A 151 -4.14 -17.85 0.06
C ASP A 151 -5.10 -17.04 -0.80
N HIS A 152 -4.70 -15.80 -1.10
CA HIS A 152 -5.48 -14.90 -1.96
C HIS A 152 -6.63 -14.22 -1.20
N GLY A 153 -6.95 -14.72 -0.03
CA GLY A 153 -8.08 -14.19 0.72
C GLY A 153 -7.65 -13.37 1.90
N ARG A 154 -6.39 -12.97 1.90
CA ARG A 154 -5.82 -12.21 3.01
C ARG A 154 -4.85 -11.15 2.49
N THR A 155 -4.72 -10.06 3.25
CA THR A 155 -3.82 -8.97 2.87
C THR A 155 -2.39 -9.23 3.33
N LEU A 156 -1.51 -8.29 3.05
CA LEU A 156 -0.09 -8.48 3.24
C LEU A 156 0.38 -7.95 4.58
N ARG A 157 -0.15 -6.79 4.99
CA ARG A 157 0.14 -6.22 6.31
C ARG A 157 -0.30 -7.18 7.41
N GLU A 158 -1.27 -8.01 7.07
CA GLU A 158 -1.83 -8.97 8.01
C GLU A 158 -0.82 -10.08 8.31
N GLN A 159 0.12 -10.26 7.40
CA GLN A 159 1.11 -11.32 7.51
C GLN A 159 2.47 -10.76 7.91
N GLY A 160 2.59 -9.44 7.88
CA GLY A 160 3.82 -8.79 8.28
C GLY A 160 4.96 -9.03 7.31
N VAL A 161 4.63 -9.00 6.02
CA VAL A 161 5.64 -9.19 4.98
C VAL A 161 6.33 -7.88 4.63
N GLU A 162 7.61 -7.97 4.28
CA GLU A 162 8.40 -6.78 3.95
C GLU A 162 8.65 -6.72 2.45
N GLU A 163 9.61 -5.89 2.06
CA GLU A 163 9.91 -5.69 0.66
C GLU A 163 11.31 -6.20 0.32
N HIS A 164 11.84 -7.11 1.12
CA HIS A 164 13.20 -7.59 0.90
C HIS A 164 13.30 -9.11 0.83
N GLU A 165 12.20 -9.80 1.11
CA GLU A 165 12.16 -11.25 0.96
C GLU A 165 11.76 -11.61 -0.46
N THR A 166 12.26 -12.74 -0.97
CA THR A 166 11.90 -13.20 -2.30
C THR A 166 10.53 -13.86 -2.30
N LEU A 167 9.63 -13.34 -3.12
CA LEU A 167 8.29 -13.89 -3.22
C LEU A 167 8.17 -14.60 -4.57
N LEU A 168 7.57 -15.78 -4.60
CA LEU A 168 7.56 -16.57 -5.82
C LEU A 168 6.14 -16.73 -6.35
N LEU A 169 6.01 -16.64 -7.65
CA LEU A 169 4.74 -16.95 -8.32
C LEU A 169 4.73 -18.43 -8.68
N ARG A 170 3.69 -19.14 -8.26
CA ARG A 170 3.61 -20.58 -8.48
C ARG A 170 2.34 -20.91 -9.26
N ARG A 171 2.43 -21.90 -10.12
CA ARG A 171 1.28 -22.33 -10.89
C ARG A 171 0.47 -23.35 -10.10
N LYS A 172 -0.75 -22.99 -9.78
CA LYS A 172 -1.63 -23.83 -8.99
C LYS A 172 -2.36 -24.83 -9.89
N PHE A 173 -3.07 -24.30 -10.87
CA PHE A 173 -3.74 -25.15 -11.85
C PHE A 173 -2.91 -25.17 -13.12
N PHE A 174 -3.19 -26.11 -14.00
CA PHE A 174 -2.44 -26.24 -15.23
C PHE A 174 -3.36 -26.28 -16.44
N TYR A 175 -4.58 -25.82 -16.26
CA TYR A 175 -5.56 -25.80 -17.34
C TYR A 175 -5.11 -24.87 -18.47
N SER A 176 -4.24 -23.92 -18.12
CA SER A 176 -3.60 -23.05 -19.12
C SER A 176 -4.63 -22.23 -19.88
N ASP A 177 -5.50 -21.57 -19.13
CA ASP A 177 -6.58 -20.74 -19.69
C ASP A 177 -7.47 -21.56 -20.64
N GLN A 178 -7.60 -22.84 -20.32
CA GLN A 178 -8.44 -23.74 -21.10
C GLN A 178 -9.38 -24.51 -20.17
N GLY A 1 -15.25 36.89 14.06
CA GLY A 1 -16.17 35.96 13.36
C GLY A 1 -15.79 35.79 11.90
N ILE A 2 -16.51 34.89 11.21
CA ILE A 2 -16.27 34.56 9.80
C ILE A 2 -14.79 34.51 9.43
N ASP A 3 -14.06 33.70 10.19
CA ASP A 3 -12.65 33.48 9.93
C ASP A 3 -12.44 32.14 9.24
N PRO A 4 -11.47 32.06 8.32
CA PRO A 4 -11.21 30.85 7.54
C PRO A 4 -10.84 29.65 8.42
N PHE A 5 -11.77 28.71 8.52
CA PHE A 5 -11.64 27.50 9.29
C PHE A 5 -11.16 27.74 10.72
N THR A 6 -12.12 27.70 11.63
CA THR A 6 -11.83 27.80 13.06
C THR A 6 -11.09 26.56 13.55
N MET A 7 -11.47 26.04 14.71
CA MET A 7 -10.86 24.82 15.23
C MET A 7 -11.47 23.60 14.55
N VAL A 8 -11.59 23.68 13.25
CA VAL A 8 -12.09 22.60 12.43
C VAL A 8 -11.06 22.27 11.37
N ALA A 9 -9.84 22.16 11.82
CA ALA A 9 -8.72 21.82 10.99
C ALA A 9 -7.83 20.88 11.77
N LEU A 10 -7.28 19.92 11.08
CA LEU A 10 -6.47 18.91 11.72
C LEU A 10 -5.02 19.06 11.29
N SER A 11 -4.12 19.04 12.24
CA SER A 11 -2.72 19.23 11.97
C SER A 11 -2.05 17.86 11.94
N LEU A 12 -1.83 17.35 10.75
CA LEU A 12 -1.36 15.99 10.59
C LEU A 12 0.10 15.97 10.17
N LYS A 13 0.86 15.08 10.80
CA LYS A 13 2.25 14.88 10.45
C LYS A 13 2.35 13.99 9.22
N ILE A 14 2.60 14.60 8.08
CA ILE A 14 2.70 13.87 6.84
C ILE A 14 4.12 13.33 6.67
N SER A 15 4.32 12.09 7.07
CA SER A 15 5.62 11.48 6.92
C SER A 15 5.72 10.82 5.55
N ILE A 16 6.32 11.53 4.61
CA ILE A 16 6.45 11.03 3.26
C ILE A 16 7.69 10.14 3.15
N GLY A 17 7.52 8.88 3.53
CA GLY A 17 8.61 7.93 3.51
C GLY A 17 9.51 8.08 4.72
N ASN A 18 10.29 9.16 4.75
CA ASN A 18 11.19 9.43 5.85
C ASN A 18 11.01 10.87 6.32
N VAL A 19 10.90 11.77 5.36
CA VAL A 19 10.67 13.18 5.64
C VAL A 19 9.30 13.37 6.29
N VAL A 20 9.11 14.47 7.00
CA VAL A 20 7.82 14.75 7.62
C VAL A 20 7.40 16.19 7.35
N LYS A 21 6.23 16.33 6.76
CA LYS A 21 5.68 17.63 6.44
C LYS A 21 4.45 17.88 7.30
N THR A 22 4.24 19.11 7.68
CA THR A 22 3.11 19.44 8.53
C THR A 22 2.02 20.14 7.71
N MET A 23 0.89 19.46 7.54
CA MET A 23 -0.22 19.98 6.75
C MET A 23 -1.51 19.87 7.54
N GLN A 24 -2.42 20.79 7.28
CA GLN A 24 -3.72 20.75 7.92
C GLN A 24 -4.80 20.43 6.91
N PHE A 25 -5.72 19.58 7.32
CA PHE A 25 -6.83 19.19 6.49
C PHE A 25 -8.10 19.38 7.29
N GLU A 26 -9.22 19.48 6.61
CA GLU A 26 -10.49 19.57 7.30
C GLU A 26 -10.87 18.21 7.83
N PRO A 27 -11.59 18.16 8.95
CA PRO A 27 -12.08 16.92 9.53
C PRO A 27 -12.93 16.14 8.53
N SER A 28 -13.63 16.88 7.68
CA SER A 28 -14.49 16.28 6.67
C SER A 28 -13.86 16.32 5.28
N THR A 29 -12.55 16.57 5.21
CA THR A 29 -11.85 16.63 3.94
C THR A 29 -12.04 15.34 3.14
N MET A 30 -11.80 14.20 3.78
CA MET A 30 -11.91 12.89 3.15
C MET A 30 -10.66 12.60 2.32
N VAL A 31 -10.16 11.38 2.43
CA VAL A 31 -8.89 10.97 1.81
C VAL A 31 -8.66 11.53 0.40
N TYR A 32 -9.62 11.34 -0.50
CA TYR A 32 -9.46 11.76 -1.90
C TYR A 32 -9.22 13.28 -2.01
N ASP A 33 -9.76 14.03 -1.08
CA ASP A 33 -9.56 15.48 -1.06
C ASP A 33 -8.19 15.81 -0.48
N ALA A 34 -7.77 15.04 0.51
CA ALA A 34 -6.50 15.27 1.18
C ALA A 34 -5.35 15.01 0.21
N CYS A 35 -5.40 13.87 -0.45
CA CYS A 35 -4.35 13.47 -1.36
C CYS A 35 -4.21 14.44 -2.54
N ARG A 36 -5.30 15.10 -2.91
CA ARG A 36 -5.27 16.01 -4.04
C ARG A 36 -4.66 17.36 -3.65
N MET A 37 -4.88 17.78 -2.42
CA MET A 37 -4.29 19.02 -1.95
C MET A 37 -2.83 18.83 -1.57
N ILE A 38 -2.51 17.72 -0.93
CA ILE A 38 -1.14 17.48 -0.47
C ILE A 38 -0.17 17.43 -1.66
N ARG A 39 -0.56 16.76 -2.74
CA ARG A 39 0.24 16.73 -3.97
C ARG A 39 0.38 18.14 -4.54
N GLU A 40 -0.62 18.97 -4.25
CA GLU A 40 -0.66 20.34 -4.73
C GLU A 40 0.34 21.20 -3.94
N ARG A 41 0.38 21.01 -2.63
CA ARG A 41 1.26 21.79 -1.78
C ARG A 41 2.68 21.27 -1.84
N ILE A 42 2.83 19.98 -1.57
CA ILE A 42 4.12 19.34 -1.44
C ILE A 42 4.44 18.49 -2.66
N PRO A 43 5.38 18.94 -3.52
CA PRO A 43 5.80 18.15 -4.68
C PRO A 43 6.56 16.89 -4.28
N GLU A 44 7.11 16.91 -3.07
CA GLU A 44 7.83 15.76 -2.53
C GLU A 44 6.86 14.67 -2.11
N ALA A 45 5.58 15.03 -2.01
CA ALA A 45 4.56 14.09 -1.60
C ALA A 45 4.29 13.06 -2.68
N LEU A 46 3.91 13.53 -3.86
CA LEU A 46 3.54 12.63 -4.95
C LEU A 46 4.75 11.90 -5.53
N ALA A 47 5.91 12.55 -5.50
CA ALA A 47 7.17 11.99 -5.98
C ALA A 47 7.18 11.78 -7.50
N GLY A 48 6.12 11.19 -8.00
CA GLY A 48 5.99 10.90 -9.41
C GLY A 48 4.54 10.81 -9.82
N PRO A 49 3.98 9.59 -9.87
CA PRO A 49 2.58 9.36 -10.19
C PRO A 49 1.70 9.45 -8.94
N PRO A 50 0.88 10.50 -8.83
CA PRO A 50 0.03 10.72 -7.65
C PRO A 50 -1.18 9.77 -7.60
N ASN A 51 -1.23 8.85 -8.54
CA ASN A 51 -2.31 7.87 -8.60
C ASN A 51 -2.07 6.77 -7.57
N ASP A 52 -0.86 6.26 -7.56
CA ASP A 52 -0.49 5.18 -6.67
C ASP A 52 0.11 5.70 -5.37
N PHE A 53 -0.40 6.82 -4.90
CA PHE A 53 0.03 7.38 -3.61
C PHE A 53 -1.18 7.59 -2.71
N GLY A 54 -1.15 6.98 -1.54
CA GLY A 54 -2.29 7.01 -0.65
C GLY A 54 -1.94 7.40 0.77
N LEU A 55 -2.94 7.36 1.64
CA LEU A 55 -2.78 7.79 3.02
C LEU A 55 -2.69 6.59 3.96
N PHE A 56 -1.50 6.37 4.49
CA PHE A 56 -1.28 5.33 5.49
C PHE A 56 -1.26 5.95 6.88
N LEU A 57 -2.08 5.44 7.78
CA LEU A 57 -2.12 5.97 9.13
C LEU A 57 -1.16 5.17 10.00
N SER A 58 -0.13 5.84 10.48
CA SER A 58 0.93 5.18 11.21
C SER A 58 0.61 5.13 12.70
N ASP A 59 0.49 3.93 13.23
CA ASP A 59 0.29 3.73 14.66
C ASP A 59 1.62 3.37 15.31
N ASP A 60 2.14 2.20 14.95
CA ASP A 60 3.45 1.75 15.42
C ASP A 60 3.88 0.49 14.68
N ASP A 61 3.23 -0.62 15.00
CA ASP A 61 3.48 -1.89 14.34
C ASP A 61 2.86 -1.88 12.94
N PRO A 62 3.50 -2.55 11.96
CA PRO A 62 2.97 -2.68 10.60
C PRO A 62 1.49 -3.07 10.55
N LYS A 63 1.04 -3.91 11.48
CA LYS A 63 -0.35 -4.36 11.50
C LYS A 63 -1.25 -3.33 12.19
N LYS A 64 -0.65 -2.46 13.00
CA LYS A 64 -1.41 -1.43 13.70
C LYS A 64 -1.80 -0.34 12.73
N GLY A 65 -0.90 -0.06 11.80
CA GLY A 65 -1.17 0.92 10.78
C GLY A 65 -2.15 0.41 9.75
N ILE A 66 -2.82 1.32 9.06
CA ILE A 66 -3.84 0.94 8.09
C ILE A 66 -3.85 1.91 6.91
N TRP A 67 -4.49 1.50 5.84
CA TRP A 67 -4.61 2.35 4.67
C TRP A 67 -5.93 3.10 4.72
N LEU A 68 -5.84 4.40 4.55
CA LEU A 68 -7.01 5.24 4.60
C LEU A 68 -7.71 5.25 3.24
N GLU A 69 -8.89 4.63 3.18
CA GLU A 69 -9.65 4.60 1.95
C GLU A 69 -10.40 5.91 1.75
N ALA A 70 -10.76 6.20 0.51
CA ALA A 70 -11.44 7.45 0.18
C ALA A 70 -12.94 7.34 0.39
N GLY A 71 -13.38 6.17 0.85
CA GLY A 71 -14.79 5.94 1.10
C GLY A 71 -15.25 6.48 2.45
N LYS A 72 -14.37 7.22 3.11
CA LYS A 72 -14.71 7.82 4.39
C LYS A 72 -13.77 8.99 4.65
N ALA A 73 -14.14 9.86 5.56
CA ALA A 73 -13.36 11.06 5.84
C ALA A 73 -12.25 10.78 6.85
N LEU A 74 -11.43 11.79 7.12
CA LEU A 74 -10.27 11.63 7.99
C LEU A 74 -10.70 11.54 9.45
N ASP A 75 -11.53 12.50 9.86
CA ASP A 75 -11.98 12.62 11.25
C ASP A 75 -12.98 11.52 11.59
N TYR A 76 -13.41 10.81 10.56
CA TYR A 76 -14.24 9.64 10.71
C TYR A 76 -13.54 8.62 11.60
N TYR A 77 -12.24 8.51 11.43
CA TYR A 77 -11.40 7.67 12.29
C TYR A 77 -11.10 8.41 13.60
N MET A 78 -9.93 8.18 14.16
CA MET A 78 -9.55 8.78 15.43
C MET A 78 -8.52 9.88 15.24
N LEU A 79 -8.45 10.45 14.04
CA LEU A 79 -7.40 11.42 13.75
C LEU A 79 -7.77 12.79 14.27
N ARG A 80 -6.76 13.47 14.72
CA ARG A 80 -6.88 14.82 15.22
C ARG A 80 -5.54 15.52 15.17
N ASN A 81 -5.50 16.71 15.73
CA ASN A 81 -4.28 17.50 15.77
C ASN A 81 -3.16 16.78 16.52
N GLY A 82 -2.21 16.23 15.78
CA GLY A 82 -1.09 15.56 16.40
C GLY A 82 -0.81 14.19 15.81
N ASP A 83 -1.76 13.65 15.04
CA ASP A 83 -1.59 12.32 14.47
C ASP A 83 -0.67 12.35 13.26
N THR A 84 0.22 11.38 13.19
CA THR A 84 1.08 11.22 12.03
C THR A 84 0.35 10.43 10.94
N MET A 85 0.25 11.02 9.77
CA MET A 85 -0.37 10.35 8.64
C MET A 85 0.66 10.24 7.53
N GLU A 86 1.08 9.03 7.26
CA GLU A 86 2.13 8.78 6.31
C GLU A 86 1.56 8.89 4.90
N TYR A 87 2.14 9.75 4.07
CA TYR A 87 1.74 9.82 2.68
C TYR A 87 2.73 9.04 1.87
N ARG A 88 2.34 7.86 1.48
CA ARG A 88 3.24 6.93 0.85
C ARG A 88 2.62 6.32 -0.37
N LYS A 89 3.46 5.78 -1.22
CA LYS A 89 3.03 5.07 -2.40
C LYS A 89 2.14 3.90 -1.96
N LYS A 90 0.93 3.84 -2.51
CA LYS A 90 -0.01 2.75 -2.23
C LYS A 90 0.69 1.42 -2.40
N GLN A 91 1.52 1.36 -3.42
CA GLN A 91 2.23 0.16 -3.78
C GLN A 91 3.60 0.15 -3.10
N ARG A 92 4.10 -1.03 -2.81
CA ARG A 92 5.42 -1.17 -2.25
C ARG A 92 6.21 -2.27 -2.96
N PRO A 93 7.55 -2.19 -2.92
CA PRO A 93 8.42 -3.04 -3.76
C PRO A 93 8.35 -4.52 -3.42
N LEU A 94 7.75 -5.27 -4.32
CA LEU A 94 7.74 -6.72 -4.20
C LEU A 94 8.71 -7.34 -5.19
N LYS A 95 9.60 -8.18 -4.68
CA LYS A 95 10.53 -8.89 -5.56
C LYS A 95 9.95 -10.23 -5.91
N ILE A 96 9.72 -10.45 -7.19
CA ILE A 96 8.96 -11.60 -7.65
C ILE A 96 9.78 -12.40 -8.65
N ARG A 97 9.85 -13.71 -8.46
CA ARG A 97 10.54 -14.57 -9.40
C ARG A 97 9.50 -15.36 -10.19
N MET A 98 9.54 -15.23 -11.51
CA MET A 98 8.58 -15.87 -12.38
C MET A 98 8.99 -17.30 -12.67
N LEU A 99 8.10 -18.02 -13.38
CA LEU A 99 8.25 -19.46 -13.61
C LEU A 99 9.59 -19.80 -14.23
N ASP A 100 9.99 -19.00 -15.22
CA ASP A 100 11.25 -19.21 -15.93
C ASP A 100 12.44 -18.96 -15.00
N GLY A 101 12.18 -18.32 -13.88
CA GLY A 101 13.22 -18.01 -12.94
C GLY A 101 13.63 -16.56 -13.04
N THR A 102 12.83 -15.79 -13.74
CA THR A 102 13.10 -14.39 -13.97
C THR A 102 12.56 -13.55 -12.81
N VAL A 103 13.40 -12.75 -12.20
CA VAL A 103 12.96 -11.96 -11.07
C VAL A 103 12.77 -10.50 -11.48
N LYS A 104 11.69 -9.92 -10.99
CA LYS A 104 11.41 -8.51 -11.21
C LYS A 104 10.88 -7.89 -9.94
N THR A 105 11.00 -6.58 -9.83
CA THR A 105 10.41 -5.86 -8.73
C THR A 105 9.23 -5.05 -9.23
N ILE A 106 8.04 -5.37 -8.75
CA ILE A 106 6.85 -4.65 -9.16
C ILE A 106 6.28 -3.95 -7.94
N MET A 107 5.71 -2.78 -8.15
CA MET A 107 5.08 -2.06 -7.08
C MET A 107 3.61 -2.43 -7.04
N VAL A 108 3.23 -3.13 -5.97
CA VAL A 108 1.87 -3.57 -5.78
C VAL A 108 1.25 -2.91 -4.56
N ASP A 109 0.02 -2.43 -4.74
CA ASP A 109 -0.69 -1.69 -3.71
C ASP A 109 -0.86 -2.53 -2.44
N ASP A 110 -0.39 -2.03 -1.32
CA ASP A 110 -0.47 -2.76 -0.07
C ASP A 110 -1.88 -2.69 0.50
N SER A 111 -2.73 -1.87 -0.12
CA SER A 111 -4.11 -1.75 0.32
C SER A 111 -4.98 -2.90 -0.22
N LYS A 112 -4.37 -3.77 -1.01
CA LYS A 112 -5.12 -4.86 -1.65
C LYS A 112 -4.48 -6.23 -1.35
N THR A 113 -5.24 -7.29 -1.62
CA THR A 113 -4.83 -8.65 -1.28
C THR A 113 -3.95 -9.30 -2.36
N VAL A 114 -3.86 -10.62 -2.35
CA VAL A 114 -2.94 -11.34 -3.24
C VAL A 114 -3.43 -11.40 -4.69
N THR A 115 -4.71 -11.69 -4.86
CA THR A 115 -5.33 -11.76 -6.20
C THR A 115 -4.97 -10.56 -7.08
N ASP A 116 -5.29 -9.36 -6.61
CA ASP A 116 -5.00 -8.14 -7.35
C ASP A 116 -3.49 -7.99 -7.60
N MET A 117 -2.70 -8.45 -6.63
CA MET A 117 -1.25 -8.43 -6.74
C MET A 117 -0.80 -9.27 -7.93
N LEU A 118 -1.30 -10.48 -7.98
CA LEU A 118 -0.96 -11.41 -9.05
C LEU A 118 -1.44 -10.87 -10.38
N MET A 119 -2.65 -10.31 -10.35
CA MET A 119 -3.24 -9.65 -11.51
C MET A 119 -2.29 -8.58 -12.04
N THR A 120 -1.72 -7.84 -11.11
CA THR A 120 -0.74 -6.82 -11.42
C THR A 120 0.53 -7.44 -11.99
N ILE A 121 1.05 -8.47 -11.32
CA ILE A 121 2.35 -9.04 -11.67
C ILE A 121 2.34 -9.69 -13.04
N CYS A 122 1.31 -10.51 -13.31
CA CYS A 122 1.24 -11.24 -14.56
C CYS A 122 1.11 -10.28 -15.74
N ALA A 123 0.55 -9.11 -15.48
CA ALA A 123 0.38 -8.10 -16.51
C ALA A 123 1.71 -7.42 -16.82
N ARG A 124 2.58 -7.33 -15.81
CA ARG A 124 3.88 -6.70 -15.98
C ARG A 124 4.75 -7.57 -16.88
N ILE A 125 4.65 -8.87 -16.71
CA ILE A 125 5.40 -9.82 -17.51
C ILE A 125 4.82 -9.89 -18.92
N GLY A 126 3.50 -10.06 -18.98
CA GLY A 126 2.84 -10.30 -20.24
C GLY A 126 2.20 -11.68 -20.26
N ILE A 127 1.84 -12.16 -19.08
CA ILE A 127 1.24 -13.47 -18.91
C ILE A 127 -0.26 -13.41 -19.13
N THR A 128 -0.89 -12.39 -18.54
CA THR A 128 -2.33 -12.20 -18.65
C THR A 128 -3.09 -13.39 -18.06
N ASN A 129 -2.47 -14.01 -17.07
CA ASN A 129 -3.04 -15.18 -16.40
C ASN A 129 -2.52 -15.24 -14.98
N HIS A 130 -3.42 -15.22 -14.01
CA HIS A 130 -3.03 -15.18 -12.62
C HIS A 130 -3.98 -15.98 -11.74
N ASP A 131 -4.86 -16.77 -12.35
CA ASP A 131 -5.84 -17.51 -11.59
C ASP A 131 -5.26 -18.84 -11.13
N GLU A 132 -4.40 -19.42 -11.97
CA GLU A 132 -3.82 -20.72 -11.69
C GLU A 132 -2.53 -20.59 -10.88
N TYR A 133 -2.18 -19.38 -10.49
CA TYR A 133 -0.96 -19.15 -9.75
C TYR A 133 -1.26 -18.74 -8.31
N SER A 134 -0.37 -19.11 -7.42
CA SER A 134 -0.43 -18.67 -6.05
C SER A 134 0.87 -17.97 -5.70
N LEU A 135 0.83 -17.09 -4.72
CA LEU A 135 2.02 -16.35 -4.34
C LEU A 135 2.69 -17.07 -3.19
N VAL A 136 4.01 -17.20 -3.25
CA VAL A 136 4.74 -17.87 -2.19
C VAL A 136 5.91 -17.00 -1.76
N ARG A 137 5.86 -16.54 -0.52
CA ARG A 137 6.86 -15.63 -0.02
C ARG A 137 7.92 -16.37 0.79
N GLU A 138 9.07 -16.59 0.20
CA GLU A 138 10.18 -17.12 0.95
C GLU A 138 10.84 -15.99 1.73
N LEU A 139 10.60 -15.96 3.03
CA LEU A 139 11.04 -14.84 3.84
C LEU A 139 12.18 -15.20 4.76
N MET A 140 12.57 -14.20 5.54
CA MET A 140 13.62 -14.33 6.55
C MET A 140 12.96 -14.49 7.91
N GLU A 141 11.64 -14.62 7.86
CA GLU A 141 10.78 -14.62 9.05
C GLU A 141 11.32 -15.50 10.16
N GLU A 142 11.73 -14.87 11.24
CA GLU A 142 12.18 -15.58 12.43
C GLU A 142 11.00 -16.21 13.14
N LYS A 143 9.81 -15.69 12.88
CA LYS A 143 8.59 -16.18 13.51
C LYS A 143 8.08 -17.40 12.76
N LYS A 144 7.68 -17.17 11.51
CA LYS A 144 7.18 -18.24 10.66
C LYS A 144 8.30 -19.15 10.16
N ASP A 145 9.23 -18.55 9.42
CA ASP A 145 10.17 -19.30 8.59
C ASP A 145 9.40 -20.24 7.68
N GLU A 146 8.60 -19.66 6.81
CA GLU A 146 7.79 -20.42 5.89
C GLU A 146 8.02 -20.00 4.45
N LEU A 147 7.46 -20.78 3.54
CA LEU A 147 7.41 -20.43 2.13
C LEU A 147 6.31 -19.41 1.93
N ASN A 148 5.42 -19.33 2.91
CA ASN A 148 4.30 -18.40 2.88
C ASN A 148 3.55 -18.48 1.57
N TRP A 149 2.75 -19.51 1.41
CA TRP A 149 1.99 -19.70 0.18
C TRP A 149 0.66 -18.96 0.31
N LEU A 150 0.65 -17.73 -0.16
CA LEU A 150 -0.53 -16.88 -0.08
C LEU A 150 -1.67 -17.50 -0.87
N ASP A 151 -2.78 -17.71 -0.19
CA ASP A 151 -3.90 -18.44 -0.77
C ASP A 151 -4.94 -17.49 -1.34
N HIS A 152 -4.51 -16.25 -1.60
CA HIS A 152 -5.38 -15.23 -2.17
C HIS A 152 -6.56 -14.95 -1.27
N GLY A 153 -6.29 -14.75 0.01
CA GLY A 153 -7.36 -14.53 0.96
C GLY A 153 -6.97 -13.58 2.07
N ARG A 154 -5.69 -13.57 2.40
CA ARG A 154 -5.22 -12.72 3.49
C ARG A 154 -4.53 -11.47 2.96
N THR A 155 -4.73 -10.35 3.65
CA THR A 155 -4.07 -9.10 3.30
C THR A 155 -2.65 -9.09 3.84
N LEU A 156 -1.81 -8.27 3.23
CA LEU A 156 -0.36 -8.36 3.36
C LEU A 156 0.12 -8.06 4.79
N ARG A 157 -0.32 -6.96 5.36
CA ARG A 157 0.03 -6.61 6.74
C ARG A 157 -0.44 -7.69 7.70
N GLU A 158 -1.59 -8.26 7.40
CA GLU A 158 -2.21 -9.27 8.27
C GLU A 158 -1.45 -10.60 8.16
N GLN A 159 -0.60 -10.71 7.15
CA GLN A 159 0.26 -11.87 6.99
C GLN A 159 1.49 -11.72 7.87
N GLY A 160 1.73 -10.50 8.35
CA GLY A 160 2.92 -10.23 9.12
C GLY A 160 4.17 -10.38 8.27
N VAL A 161 4.06 -9.97 7.01
CA VAL A 161 5.18 -10.02 6.10
C VAL A 161 5.93 -8.69 6.05
N GLU A 162 6.98 -8.66 5.25
CA GLU A 162 7.84 -7.49 5.13
C GLU A 162 7.74 -6.91 3.72
N GLU A 163 8.67 -6.02 3.36
CA GLU A 163 8.69 -5.41 2.03
C GLU A 163 10.04 -5.60 1.33
N HIS A 164 10.75 -6.71 1.61
CA HIS A 164 12.12 -6.82 1.10
C HIS A 164 12.55 -8.25 0.71
N GLU A 165 11.82 -9.26 1.14
CA GLU A 165 12.22 -10.65 0.87
C GLU A 165 11.77 -11.11 -0.51
N THR A 166 12.31 -12.24 -0.95
CA THR A 166 11.99 -12.79 -2.25
C THR A 166 10.63 -13.48 -2.26
N LEU A 167 9.76 -13.03 -3.14
CA LEU A 167 8.46 -13.64 -3.30
C LEU A 167 8.44 -14.35 -4.64
N LEU A 168 7.94 -15.56 -4.68
CA LEU A 168 8.01 -16.35 -5.90
C LEU A 168 6.61 -16.54 -6.49
N LEU A 169 6.51 -16.42 -7.80
CA LEU A 169 5.27 -16.73 -8.48
C LEU A 169 5.27 -18.22 -8.87
N ARG A 170 4.32 -18.96 -8.34
CA ARG A 170 4.22 -20.39 -8.59
C ARG A 170 2.83 -20.73 -9.07
N ARG A 171 2.72 -21.73 -9.94
CA ARG A 171 1.41 -22.18 -10.37
C ARG A 171 0.94 -23.31 -9.48
N LYS A 172 -0.28 -23.18 -8.98
CA LYS A 172 -0.83 -24.17 -8.07
C LYS A 172 -1.44 -25.32 -8.85
N PHE A 173 -2.25 -25.00 -9.85
CA PHE A 173 -2.95 -26.01 -10.60
C PHE A 173 -2.19 -26.40 -11.86
N PHE A 174 -2.35 -27.64 -12.26
CA PHE A 174 -1.85 -28.12 -13.53
C PHE A 174 -2.98 -28.80 -14.26
N TYR A 175 -3.93 -28.00 -14.73
CA TYR A 175 -5.15 -28.51 -15.33
C TYR A 175 -4.94 -28.95 -16.79
N SER A 176 -3.72 -29.35 -17.11
CA SER A 176 -3.37 -29.79 -18.45
C SER A 176 -3.66 -28.70 -19.47
N ASP A 177 -3.32 -27.47 -19.11
CA ASP A 177 -3.46 -26.33 -19.99
C ASP A 177 -2.53 -26.49 -21.19
N GLN A 178 -1.51 -27.30 -20.99
CA GLN A 178 -0.52 -27.59 -22.01
C GLN A 178 -0.76 -28.99 -22.55
N GLY A 1 -5.73 32.81 0.29
CA GLY A 1 -4.64 32.17 1.05
C GLY A 1 -5.14 30.98 1.85
N ILE A 2 -4.45 30.68 2.94
CA ILE A 2 -4.83 29.55 3.77
C ILE A 2 -5.64 30.01 4.99
N ASP A 3 -6.91 29.65 5.00
CA ASP A 3 -7.81 30.06 6.08
C ASP A 3 -8.06 28.91 7.04
N PRO A 4 -7.77 29.12 8.33
CA PRO A 4 -7.94 28.09 9.35
C PRO A 4 -9.41 27.79 9.66
N PHE A 5 -9.77 26.52 9.56
CA PHE A 5 -11.13 26.06 9.85
C PHE A 5 -11.33 25.97 11.35
N THR A 6 -11.16 27.10 12.02
CA THR A 6 -11.24 27.19 13.48
C THR A 6 -10.42 26.07 14.14
N MET A 7 -10.85 25.60 15.29
CA MET A 7 -10.14 24.52 15.95
C MET A 7 -10.76 23.17 15.59
N VAL A 8 -11.11 23.05 14.33
CA VAL A 8 -11.62 21.81 13.77
C VAL A 8 -10.97 21.58 12.42
N ALA A 9 -9.66 21.65 12.43
CA ALA A 9 -8.83 21.35 11.28
C ALA A 9 -7.58 20.66 11.74
N LEU A 10 -7.69 19.36 11.87
CA LEU A 10 -6.62 18.51 12.36
C LEU A 10 -5.25 18.88 11.80
N SER A 11 -4.27 18.88 12.70
CA SER A 11 -2.89 19.13 12.33
C SER A 11 -2.19 17.79 12.24
N LEU A 12 -1.95 17.34 11.02
CA LEU A 12 -1.46 16.00 10.79
C LEU A 12 -0.02 16.03 10.30
N LYS A 13 0.80 15.16 10.85
CA LYS A 13 2.17 15.01 10.39
C LYS A 13 2.19 14.16 9.14
N ILE A 14 2.42 14.78 8.01
CA ILE A 14 2.47 14.06 6.76
C ILE A 14 3.89 13.65 6.45
N SER A 15 4.21 12.39 6.73
CA SER A 15 5.54 11.89 6.48
C SER A 15 5.57 11.21 5.12
N ILE A 16 6.55 11.57 4.31
CA ILE A 16 6.68 11.04 2.96
C ILE A 16 8.08 10.46 2.80
N GLY A 17 8.20 9.17 3.07
CA GLY A 17 9.51 8.53 3.04
C GLY A 17 10.37 8.96 4.21
N ASN A 18 11.29 9.88 3.97
CA ASN A 18 12.18 10.37 5.01
C ASN A 18 11.77 11.77 5.47
N VAL A 19 10.99 12.47 4.65
CA VAL A 19 10.58 13.83 4.98
C VAL A 19 9.23 13.80 5.70
N VAL A 20 8.92 14.86 6.43
CA VAL A 20 7.63 15.00 7.08
C VAL A 20 7.20 16.47 7.12
N LYS A 21 5.99 16.71 6.67
CA LYS A 21 5.44 18.06 6.57
C LYS A 21 4.17 18.14 7.39
N THR A 22 3.90 19.30 7.95
CA THR A 22 2.73 19.47 8.79
C THR A 22 1.59 20.07 7.96
N MET A 23 0.48 19.36 7.90
CA MET A 23 -0.66 19.76 7.10
C MET A 23 -1.92 19.73 7.93
N GLN A 24 -2.80 20.67 7.69
CA GLN A 24 -4.08 20.70 8.37
C GLN A 24 -5.20 20.45 7.40
N PHE A 25 -6.14 19.62 7.81
CA PHE A 25 -7.26 19.23 6.98
C PHE A 25 -8.51 19.32 7.82
N GLU A 26 -9.66 19.49 7.19
CA GLU A 26 -10.91 19.47 7.92
C GLU A 26 -11.21 18.04 8.35
N PRO A 27 -11.97 17.87 9.44
CA PRO A 27 -12.29 16.54 9.97
C PRO A 27 -12.97 15.66 8.93
N SER A 28 -13.77 16.29 8.07
CA SER A 28 -14.53 15.57 7.06
C SER A 28 -13.91 15.74 5.67
N THR A 29 -12.66 16.21 5.62
CA THR A 29 -11.96 16.46 4.35
C THR A 29 -11.96 15.24 3.44
N MET A 30 -11.76 14.05 4.03
CA MET A 30 -11.64 12.79 3.28
C MET A 30 -10.27 12.64 2.66
N VAL A 31 -9.88 11.39 2.50
CA VAL A 31 -8.69 11.02 1.76
C VAL A 31 -8.63 11.72 0.40
N TYR A 32 -9.75 11.75 -0.32
CA TYR A 32 -9.74 12.24 -1.69
C TYR A 32 -9.44 13.74 -1.76
N ASP A 33 -9.96 14.50 -0.80
CA ASP A 33 -9.71 15.93 -0.75
C ASP A 33 -8.31 16.20 -0.21
N ALA A 34 -7.92 15.43 0.81
CA ALA A 34 -6.59 15.56 1.39
C ALA A 34 -5.50 15.39 0.33
N CYS A 35 -5.63 14.33 -0.45
CA CYS A 35 -4.66 14.02 -1.50
C CYS A 35 -4.52 15.15 -2.51
N ARG A 36 -5.61 15.84 -2.81
CA ARG A 36 -5.59 16.86 -3.85
C ARG A 36 -4.96 18.16 -3.35
N MET A 37 -5.11 18.44 -2.07
CA MET A 37 -4.54 19.64 -1.47
C MET A 37 -3.06 19.44 -1.15
N ILE A 38 -2.70 18.27 -0.64
CA ILE A 38 -1.33 18.00 -0.27
C ILE A 38 -0.41 18.06 -1.50
N ARG A 39 -0.86 17.47 -2.59
CA ARG A 39 -0.13 17.52 -3.85
C ARG A 39 -0.02 18.95 -4.37
N GLU A 40 -0.99 19.78 -4.00
CA GLU A 40 -1.02 21.15 -4.46
C GLU A 40 0.15 21.95 -3.88
N ARG A 41 0.19 22.03 -2.57
CA ARG A 41 1.19 22.83 -1.87
C ARG A 41 2.52 22.09 -1.66
N ILE A 42 2.46 20.79 -1.40
CA ILE A 42 3.67 20.03 -1.07
C ILE A 42 4.18 19.24 -2.28
N PRO A 43 5.39 19.55 -2.77
CA PRO A 43 5.99 18.87 -3.91
C PRO A 43 6.48 17.46 -3.59
N GLU A 44 6.76 17.20 -2.31
CA GLU A 44 7.24 15.89 -1.88
C GLU A 44 6.18 14.81 -2.09
N ALA A 45 4.92 15.23 -2.11
CA ALA A 45 3.81 14.30 -2.23
C ALA A 45 3.88 13.49 -3.52
N LEU A 46 4.14 14.14 -4.64
CA LEU A 46 4.14 13.46 -5.92
C LEU A 46 5.56 13.13 -6.37
N ALA A 47 6.18 12.21 -5.66
CA ALA A 47 7.52 11.74 -6.03
C ALA A 47 7.47 10.99 -7.36
N GLY A 48 6.29 10.52 -7.71
CA GLY A 48 6.07 9.86 -8.97
C GLY A 48 4.67 10.11 -9.48
N PRO A 49 3.99 9.08 -10.00
CA PRO A 49 2.60 9.22 -10.45
C PRO A 49 1.64 9.39 -9.28
N PRO A 50 0.91 10.52 -9.25
CA PRO A 50 0.07 10.91 -8.10
C PRO A 50 -1.01 9.89 -7.74
N ASN A 51 -1.44 9.09 -8.72
CA ASN A 51 -2.53 8.15 -8.51
C ASN A 51 -2.04 6.94 -7.75
N ASP A 52 -0.73 6.72 -7.79
CA ASP A 52 -0.12 5.58 -7.12
C ASP A 52 0.18 5.88 -5.67
N PHE A 53 -0.10 7.10 -5.26
CA PHE A 53 0.15 7.51 -3.88
C PHE A 53 -1.16 7.56 -3.09
N GLY A 54 -1.12 7.06 -1.87
CA GLY A 54 -2.30 7.07 -1.03
C GLY A 54 -2.00 7.50 0.40
N LEU A 55 -3.03 7.50 1.23
CA LEU A 55 -2.89 7.92 2.61
C LEU A 55 -2.77 6.72 3.54
N PHE A 56 -1.56 6.46 3.97
CA PHE A 56 -1.28 5.39 4.91
C PHE A 56 -1.22 5.96 6.32
N LEU A 57 -1.96 5.35 7.24
CA LEU A 57 -1.96 5.82 8.60
C LEU A 57 -0.92 5.06 9.40
N SER A 58 0.14 5.75 9.78
CA SER A 58 1.22 5.14 10.52
C SER A 58 0.99 5.29 12.01
N ASP A 59 0.62 4.18 12.63
CA ASP A 59 0.39 4.15 14.07
C ASP A 59 1.69 3.84 14.79
N ASP A 60 2.26 2.67 14.48
CA ASP A 60 3.54 2.25 15.03
C ASP A 60 3.92 0.87 14.51
N ASP A 61 3.04 -0.09 14.71
CA ASP A 61 3.24 -1.45 14.19
C ASP A 61 2.70 -1.54 12.77
N PRO A 62 3.33 -2.37 11.93
CA PRO A 62 2.87 -2.60 10.55
C PRO A 62 1.47 -3.20 10.49
N LYS A 63 1.05 -3.80 11.59
CA LYS A 63 -0.28 -4.41 11.68
C LYS A 63 -1.35 -3.35 11.88
N LYS A 64 -1.04 -2.36 12.71
CA LYS A 64 -1.98 -1.29 13.00
C LYS A 64 -2.01 -0.28 11.86
N GLY A 65 -0.95 -0.29 11.06
CA GLY A 65 -0.90 0.55 9.89
C GLY A 65 -1.98 0.18 8.89
N ILE A 66 -2.66 1.17 8.36
CA ILE A 66 -3.80 0.94 7.48
C ILE A 66 -3.80 1.91 6.31
N TRP A 67 -4.47 1.53 5.24
CA TRP A 67 -4.63 2.41 4.10
C TRP A 67 -5.99 3.11 4.19
N LEU A 68 -5.96 4.42 4.12
CA LEU A 68 -7.15 5.23 4.25
C LEU A 68 -7.86 5.32 2.90
N GLU A 69 -9.08 4.81 2.83
CA GLU A 69 -9.87 4.90 1.61
C GLU A 69 -10.60 6.24 1.54
N ALA A 70 -10.99 6.64 0.34
CA ALA A 70 -11.62 7.93 0.13
C ALA A 70 -13.09 7.92 0.54
N GLY A 71 -13.58 6.74 0.93
CA GLY A 71 -14.97 6.60 1.29
C GLY A 71 -15.27 7.07 2.70
N LYS A 72 -14.25 7.23 3.52
CA LYS A 72 -14.44 7.70 4.89
C LYS A 72 -13.58 8.93 5.15
N ALA A 73 -13.91 9.66 6.21
CA ALA A 73 -13.19 10.87 6.53
C ALA A 73 -11.95 10.52 7.35
N LEU A 74 -11.14 11.51 7.66
CA LEU A 74 -9.89 11.27 8.38
C LEU A 74 -10.15 11.20 9.87
N ASP A 75 -10.81 12.22 10.37
CA ASP A 75 -11.12 12.37 11.79
C ASP A 75 -12.09 11.29 12.24
N TYR A 76 -12.80 10.70 11.28
CA TYR A 76 -13.67 9.58 11.55
C TYR A 76 -12.88 8.44 12.17
N TYR A 77 -11.64 8.27 11.73
CA TYR A 77 -10.73 7.31 12.31
C TYR A 77 -10.06 7.85 13.58
N MET A 78 -8.93 7.27 13.92
CA MET A 78 -8.20 7.61 15.15
C MET A 78 -7.23 8.78 14.91
N LEU A 79 -7.62 9.74 14.07
CA LEU A 79 -6.70 10.84 13.76
C LEU A 79 -7.20 12.13 14.34
N ARG A 80 -6.25 12.97 14.68
CA ARG A 80 -6.53 14.27 15.22
C ARG A 80 -5.25 15.08 15.24
N ASN A 81 -5.29 16.23 15.89
CA ASN A 81 -4.15 17.13 15.96
C ASN A 81 -2.94 16.45 16.61
N GLY A 82 -1.94 16.15 15.81
CA GLY A 82 -0.73 15.54 16.32
C GLY A 82 -0.42 14.21 15.67
N ASP A 83 -1.43 13.54 15.14
CA ASP A 83 -1.25 12.20 14.59
C ASP A 83 -0.46 12.25 13.29
N THR A 84 0.34 11.22 13.06
CA THR A 84 1.14 11.12 11.86
C THR A 84 0.38 10.37 10.77
N MET A 85 0.28 10.98 9.60
CA MET A 85 -0.37 10.35 8.48
C MET A 85 0.61 10.33 7.31
N GLU A 86 1.02 9.14 6.95
CA GLU A 86 2.07 8.98 5.96
C GLU A 86 1.48 9.08 4.55
N TYR A 87 2.02 9.96 3.72
CA TYR A 87 1.62 10.03 2.33
C TYR A 87 2.65 9.26 1.53
N ARG A 88 2.29 8.07 1.15
CA ARG A 88 3.25 7.18 0.53
C ARG A 88 2.64 6.51 -0.68
N LYS A 89 3.48 5.87 -1.47
CA LYS A 89 3.03 5.12 -2.61
C LYS A 89 2.23 3.93 -2.10
N LYS A 90 1.04 3.72 -2.66
CA LYS A 90 0.17 2.64 -2.23
C LYS A 90 0.84 1.30 -2.46
N GLN A 91 1.75 1.27 -3.42
CA GLN A 91 2.43 0.05 -3.76
C GLN A 91 3.71 -0.08 -2.98
N ARG A 92 4.12 -1.31 -2.77
CA ARG A 92 5.40 -1.61 -2.14
C ARG A 92 6.24 -2.44 -3.09
N PRO A 93 7.58 -2.34 -3.00
CA PRO A 93 8.48 -3.10 -3.88
C PRO A 93 8.47 -4.60 -3.57
N LEU A 94 7.88 -5.36 -4.46
CA LEU A 94 7.83 -6.81 -4.32
C LEU A 94 8.84 -7.49 -5.22
N LYS A 95 9.63 -8.39 -4.65
CA LYS A 95 10.56 -9.18 -5.44
C LYS A 95 9.91 -10.52 -5.77
N ILE A 96 9.71 -10.78 -7.04
CA ILE A 96 8.94 -11.92 -7.48
C ILE A 96 9.77 -12.79 -8.40
N ARG A 97 9.79 -14.09 -8.15
CA ARG A 97 10.49 -15.00 -9.04
C ARG A 97 9.47 -15.77 -9.86
N MET A 98 9.58 -15.66 -11.18
CA MET A 98 8.62 -16.26 -12.10
C MET A 98 8.93 -17.73 -12.35
N LEU A 99 8.05 -18.36 -13.13
CA LEU A 99 8.08 -19.82 -13.34
C LEU A 99 9.45 -20.32 -13.78
N ASP A 100 10.04 -19.62 -14.74
CA ASP A 100 11.33 -20.03 -15.29
C ASP A 100 12.47 -19.67 -14.35
N GLY A 101 12.13 -18.99 -13.26
CA GLY A 101 13.12 -18.63 -12.26
C GLY A 101 13.55 -17.20 -12.41
N THR A 102 12.86 -16.47 -13.27
CA THR A 102 13.22 -15.09 -13.57
C THR A 102 12.64 -14.16 -12.52
N VAL A 103 13.48 -13.37 -11.90
CA VAL A 103 13.03 -12.54 -10.80
C VAL A 103 12.97 -11.07 -11.21
N LYS A 104 11.92 -10.42 -10.77
CA LYS A 104 11.73 -8.99 -11.04
C LYS A 104 11.20 -8.30 -9.80
N THR A 105 11.38 -7.00 -9.73
CA THR A 105 10.81 -6.22 -8.65
C THR A 105 9.75 -5.29 -9.19
N ILE A 106 8.51 -5.48 -8.77
CA ILE A 106 7.41 -4.67 -9.26
C ILE A 106 6.62 -4.14 -8.07
N MET A 107 6.08 -2.94 -8.20
CA MET A 107 5.36 -2.32 -7.11
C MET A 107 3.87 -2.61 -7.20
N VAL A 108 3.39 -3.34 -6.22
CA VAL A 108 1.98 -3.67 -6.10
C VAL A 108 1.36 -2.96 -4.93
N ASP A 109 0.19 -2.38 -5.17
CA ASP A 109 -0.55 -1.66 -4.15
C ASP A 109 -0.86 -2.58 -2.97
N ASP A 110 -0.30 -2.22 -1.82
CA ASP A 110 -0.49 -2.97 -0.59
C ASP A 110 -1.94 -2.86 -0.11
N SER A 111 -2.67 -1.92 -0.69
CA SER A 111 -4.06 -1.69 -0.34
C SER A 111 -5.01 -2.66 -1.06
N LYS A 112 -4.46 -3.54 -1.91
CA LYS A 112 -5.30 -4.53 -2.59
C LYS A 112 -4.80 -5.96 -2.31
N THR A 113 -5.68 -6.93 -2.52
CA THR A 113 -5.38 -8.32 -2.19
C THR A 113 -4.44 -8.97 -3.20
N VAL A 114 -4.16 -10.25 -2.99
CA VAL A 114 -3.14 -10.95 -3.76
C VAL A 114 -3.62 -11.30 -5.15
N THR A 115 -4.89 -11.68 -5.28
CA THR A 115 -5.49 -11.92 -6.59
C THR A 115 -5.27 -10.73 -7.52
N ASP A 116 -5.53 -9.54 -7.02
CA ASP A 116 -5.35 -8.32 -7.80
C ASP A 116 -3.86 -8.05 -7.97
N MET A 117 -3.09 -8.36 -6.92
CA MET A 117 -1.64 -8.24 -6.94
C MET A 117 -1.03 -9.08 -8.07
N LEU A 118 -1.41 -10.33 -8.11
CA LEU A 118 -0.85 -11.27 -9.08
C LEU A 118 -1.25 -10.87 -10.49
N MET A 119 -2.46 -10.34 -10.62
CA MET A 119 -2.94 -9.82 -11.90
C MET A 119 -1.99 -8.72 -12.39
N THR A 120 -1.56 -7.91 -11.44
CA THR A 120 -0.60 -6.85 -11.70
C THR A 120 0.76 -7.42 -12.09
N ILE A 121 1.21 -8.45 -11.36
CA ILE A 121 2.56 -8.98 -11.52
C ILE A 121 2.71 -9.79 -12.80
N CYS A 122 1.78 -10.72 -13.04
CA CYS A 122 1.87 -11.59 -14.21
C CYS A 122 1.76 -10.78 -15.49
N ALA A 123 1.07 -9.65 -15.41
CA ALA A 123 0.89 -8.77 -16.55
C ALA A 123 2.19 -8.04 -16.89
N ARG A 124 3.06 -7.86 -15.89
CA ARG A 124 4.34 -7.20 -16.12
C ARG A 124 5.22 -8.08 -16.99
N ILE A 125 5.13 -9.38 -16.79
CA ILE A 125 5.90 -10.34 -17.56
C ILE A 125 5.27 -10.52 -18.94
N GLY A 126 3.96 -10.57 -18.95
CA GLY A 126 3.24 -10.80 -20.19
C GLY A 126 2.44 -12.09 -20.14
N ILE A 127 2.26 -12.62 -18.93
CA ILE A 127 1.49 -13.82 -18.73
C ILE A 127 -0.01 -13.49 -18.82
N THR A 128 -0.73 -14.25 -19.63
CA THR A 128 -2.14 -13.96 -19.90
C THR A 128 -3.05 -14.65 -18.87
N ASN A 129 -2.46 -15.10 -17.78
CA ASN A 129 -3.20 -15.80 -16.74
C ASN A 129 -2.57 -15.49 -15.39
N HIS A 130 -3.40 -15.25 -14.39
CA HIS A 130 -2.91 -14.96 -13.05
C HIS A 130 -3.69 -15.75 -12.00
N ASP A 131 -4.65 -16.53 -12.46
CA ASP A 131 -5.52 -17.26 -11.56
C ASP A 131 -4.99 -18.67 -11.39
N GLU A 132 -4.16 -19.10 -12.35
CA GLU A 132 -3.57 -20.42 -12.29
C GLU A 132 -2.39 -20.45 -11.33
N TYR A 133 -2.17 -19.33 -10.65
CA TYR A 133 -1.02 -19.19 -9.78
C TYR A 133 -1.43 -18.88 -8.34
N SER A 134 -0.63 -19.35 -7.41
CA SER A 134 -0.71 -18.95 -6.03
C SER A 134 0.54 -18.15 -5.69
N LEU A 135 0.64 -17.62 -4.49
CA LEU A 135 1.84 -16.88 -4.14
C LEU A 135 2.49 -17.50 -2.93
N VAL A 136 3.81 -17.45 -2.86
CA VAL A 136 4.54 -17.98 -1.71
C VAL A 136 5.66 -17.01 -1.34
N ARG A 137 5.56 -16.43 -0.16
CA ARG A 137 6.52 -15.44 0.28
C ARG A 137 7.54 -16.04 1.22
N GLU A 138 8.74 -16.28 0.72
CA GLU A 138 9.82 -16.70 1.56
C GLU A 138 10.34 -15.52 2.37
N LEU A 139 10.00 -15.49 3.64
CA LEU A 139 10.41 -14.38 4.48
C LEU A 139 11.60 -14.76 5.34
N MET A 140 12.03 -13.79 6.11
CA MET A 140 13.09 -13.95 7.10
C MET A 140 12.46 -13.97 8.48
N GLU A 141 11.13 -13.98 8.47
CA GLU A 141 10.30 -13.80 9.67
C GLU A 141 10.91 -14.43 10.91
N GLU A 142 11.19 -13.57 11.88
CA GLU A 142 11.79 -13.98 13.14
C GLU A 142 10.78 -14.78 13.97
N LYS A 143 9.52 -14.67 13.61
CA LYS A 143 8.46 -15.36 14.33
C LYS A 143 8.01 -16.61 13.58
N LYS A 144 7.48 -16.41 12.37
CA LYS A 144 6.97 -17.50 11.56
C LYS A 144 8.09 -18.42 11.03
N ASP A 145 8.91 -17.86 10.16
CA ASP A 145 9.79 -18.65 9.30
C ASP A 145 8.93 -19.59 8.47
N GLU A 146 8.14 -19.01 7.58
CA GLU A 146 7.26 -19.77 6.72
C GLU A 146 7.48 -19.41 5.27
N LEU A 147 6.93 -20.25 4.40
CA LEU A 147 6.93 -20.01 2.97
C LEU A 147 5.87 -18.99 2.64
N ASN A 148 4.93 -18.83 3.57
CA ASN A 148 3.84 -17.88 3.42
C ASN A 148 3.15 -18.03 2.07
N TRP A 149 2.33 -19.05 1.92
CA TRP A 149 1.60 -19.24 0.68
C TRP A 149 0.35 -18.37 0.69
N LEU A 150 0.37 -17.28 -0.07
CA LEU A 150 -0.73 -16.34 -0.06
C LEU A 150 -1.99 -16.94 -0.64
N ASP A 151 -3.07 -16.78 0.13
CA ASP A 151 -4.37 -17.41 -0.16
C ASP A 151 -5.15 -16.63 -1.20
N HIS A 152 -4.65 -15.44 -1.54
CA HIS A 152 -5.32 -14.55 -2.48
C HIS A 152 -6.59 -13.97 -1.86
N GLY A 153 -6.50 -13.62 -0.58
CA GLY A 153 -7.64 -13.03 0.10
C GLY A 153 -7.21 -12.16 1.27
N ARG A 154 -6.21 -12.62 1.99
CA ARG A 154 -5.69 -11.90 3.14
C ARG A 154 -4.69 -10.83 2.70
N THR A 155 -4.74 -9.66 3.35
CA THR A 155 -3.83 -8.57 3.00
C THR A 155 -2.45 -8.81 3.59
N LEU A 156 -1.51 -7.96 3.22
CA LEU A 156 -0.11 -8.21 3.48
C LEU A 156 0.29 -7.73 4.87
N ARG A 157 -0.18 -6.55 5.24
CA ARG A 157 0.08 -6.01 6.58
C ARG A 157 -0.46 -6.93 7.65
N GLU A 158 -1.56 -7.60 7.34
CA GLU A 158 -2.21 -8.49 8.30
C GLU A 158 -1.37 -9.76 8.49
N GLN A 159 -0.47 -10.00 7.55
CA GLN A 159 0.38 -11.18 7.60
C GLN A 159 1.77 -10.83 8.10
N GLY A 160 2.04 -9.54 8.23
CA GLY A 160 3.34 -9.10 8.69
C GLY A 160 4.44 -9.48 7.72
N VAL A 161 4.18 -9.31 6.43
CA VAL A 161 5.16 -9.59 5.40
C VAL A 161 5.83 -8.29 4.93
N GLU A 162 7.11 -8.37 4.63
CA GLU A 162 7.87 -7.18 4.26
C GLU A 162 8.03 -7.09 2.75
N GLU A 163 8.74 -6.06 2.34
CA GLU A 163 8.96 -5.77 0.93
C GLU A 163 10.26 -6.40 0.45
N HIS A 164 11.27 -6.34 1.32
CA HIS A 164 12.61 -6.84 1.01
C HIS A 164 12.65 -8.37 0.92
N GLU A 165 11.51 -9.00 1.16
CA GLU A 165 11.42 -10.44 1.16
C GLU A 165 11.23 -10.96 -0.27
N THR A 166 11.89 -12.07 -0.60
CA THR A 166 11.71 -12.67 -1.91
C THR A 166 10.41 -13.48 -1.96
N LEU A 167 9.54 -13.11 -2.88
CA LEU A 167 8.27 -13.78 -3.06
C LEU A 167 8.32 -14.57 -4.35
N LEU A 168 7.83 -15.80 -4.34
CA LEU A 168 7.95 -16.66 -5.50
C LEU A 168 6.58 -16.88 -6.12
N LEU A 169 6.49 -16.77 -7.43
CA LEU A 169 5.27 -17.07 -8.14
C LEU A 169 5.19 -18.57 -8.43
N ARG A 170 4.14 -19.20 -7.95
CA ARG A 170 3.95 -20.64 -8.10
C ARG A 170 2.65 -20.90 -8.83
N ARG A 171 2.60 -21.94 -9.62
CA ARG A 171 1.36 -22.27 -10.29
C ARG A 171 0.58 -23.29 -9.48
N LYS A 172 -0.68 -22.97 -9.25
CA LYS A 172 -1.58 -23.82 -8.49
C LYS A 172 -2.30 -24.78 -9.42
N PHE A 173 -2.34 -24.40 -10.69
CA PHE A 173 -2.89 -25.25 -11.74
C PHE A 173 -1.81 -25.56 -12.75
N PHE A 174 -2.06 -26.55 -13.58
CA PHE A 174 -1.16 -26.86 -14.68
C PHE A 174 -1.81 -26.47 -16.00
N TYR A 175 -1.97 -25.16 -16.17
CA TYR A 175 -2.59 -24.62 -17.37
C TYR A 175 -1.64 -24.66 -18.54
N SER A 176 -0.81 -23.61 -18.65
CA SER A 176 0.13 -23.49 -19.76
C SER A 176 -0.64 -23.42 -21.08
N ASP A 177 -1.85 -22.85 -21.00
CA ASP A 177 -2.76 -22.77 -22.15
C ASP A 177 -3.07 -24.16 -22.72
N GLN A 178 -3.00 -25.17 -21.86
CA GLN A 178 -3.33 -26.53 -22.27
C GLN A 178 -4.75 -26.86 -21.86
N GLY A 1 -20.48 17.90 -0.84
CA GLY A 1 -20.26 18.05 0.61
C GLY A 1 -18.98 18.77 0.93
N ILE A 2 -19.05 20.08 1.11
CA ILE A 2 -17.86 20.86 1.37
C ILE A 2 -18.14 21.98 2.39
N ASP A 3 -17.46 21.90 3.52
CA ASP A 3 -17.51 22.95 4.52
C ASP A 3 -16.09 23.38 4.87
N PRO A 4 -15.71 24.60 4.46
CA PRO A 4 -14.35 25.13 4.66
C PRO A 4 -13.81 24.91 6.07
N PHE A 5 -12.48 24.81 6.15
CA PHE A 5 -11.81 24.55 7.41
C PHE A 5 -11.84 25.78 8.30
N THR A 6 -12.98 25.97 8.92
CA THR A 6 -13.15 26.95 9.98
C THR A 6 -12.32 26.56 11.20
N MET A 7 -12.89 26.64 12.39
CA MET A 7 -12.17 26.22 13.60
C MET A 7 -12.32 24.71 13.79
N VAL A 8 -12.14 24.01 12.68
CA VAL A 8 -12.22 22.55 12.64
C VAL A 8 -11.18 22.04 11.65
N ALA A 9 -9.96 21.89 12.13
CA ALA A 9 -8.88 21.41 11.31
C ALA A 9 -8.03 20.46 12.12
N LEU A 10 -7.45 19.51 11.43
CA LEU A 10 -6.63 18.50 12.07
C LEU A 10 -5.19 18.68 11.64
N SER A 11 -4.27 18.60 12.59
CA SER A 11 -2.87 18.81 12.30
C SER A 11 -2.16 17.47 12.20
N LEU A 12 -1.86 17.08 10.97
CA LEU A 12 -1.31 15.77 10.70
C LEU A 12 0.11 15.88 10.16
N LYS A 13 1.00 15.06 10.70
CA LYS A 13 2.36 15.00 10.19
C LYS A 13 2.42 14.14 8.94
N ILE A 14 2.64 14.78 7.81
CA ILE A 14 2.72 14.07 6.55
C ILE A 14 4.14 13.58 6.33
N SER A 15 4.36 12.31 6.58
CA SER A 15 5.66 11.72 6.34
C SER A 15 5.65 11.05 4.97
N ILE A 16 6.53 11.50 4.09
CA ILE A 16 6.55 11.02 2.73
C ILE A 16 7.81 10.20 2.49
N GLY A 17 7.74 8.91 2.82
CA GLY A 17 8.89 8.04 2.69
C GLY A 17 9.88 8.25 3.81
N ASN A 18 10.46 9.44 3.87
CA ASN A 18 11.44 9.78 4.87
C ASN A 18 11.22 11.20 5.39
N VAL A 19 10.94 12.11 4.46
CA VAL A 19 10.69 13.51 4.82
C VAL A 19 9.37 13.66 5.56
N VAL A 20 9.23 14.72 6.35
CA VAL A 20 8.01 14.96 7.10
C VAL A 20 7.57 16.42 6.98
N LYS A 21 6.33 16.59 6.57
CA LYS A 21 5.74 17.91 6.39
C LYS A 21 4.54 18.08 7.30
N THR A 22 4.28 19.28 7.77
CA THR A 22 3.17 19.52 8.66
C THR A 22 1.99 20.09 7.86
N MET A 23 0.89 19.35 7.83
CA MET A 23 -0.27 19.73 7.06
C MET A 23 -1.53 19.63 7.89
N GLN A 24 -2.49 20.48 7.60
CA GLN A 24 -3.78 20.42 8.26
C GLN A 24 -4.88 20.15 7.26
N PHE A 25 -5.80 19.29 7.65
CA PHE A 25 -6.89 18.88 6.78
C PHE A 25 -8.20 19.07 7.52
N GLU A 26 -9.28 19.14 6.79
CA GLU A 26 -10.59 19.29 7.40
C GLU A 26 -11.07 17.92 7.90
N PRO A 27 -11.83 17.89 9.01
CA PRO A 27 -12.37 16.64 9.55
C PRO A 27 -13.19 15.85 8.53
N SER A 28 -13.80 16.55 7.59
CA SER A 28 -14.62 15.90 6.57
C SER A 28 -13.80 15.54 5.34
N THR A 29 -12.52 15.89 5.35
CA THR A 29 -11.65 15.65 4.23
C THR A 29 -11.45 14.17 4.02
N MET A 30 -12.02 13.70 2.94
CA MET A 30 -11.77 12.36 2.47
C MET A 30 -10.32 12.19 2.08
N VAL A 31 -9.84 10.96 2.11
CA VAL A 31 -8.53 10.64 1.55
C VAL A 31 -8.37 11.25 0.15
N TYR A 32 -9.42 11.18 -0.66
CA TYR A 32 -9.34 11.71 -2.01
C TYR A 32 -9.18 13.23 -2.00
N ASP A 33 -9.77 13.90 -1.00
CA ASP A 33 -9.67 15.34 -0.89
C ASP A 33 -8.31 15.74 -0.34
N ALA A 34 -7.88 15.02 0.69
CA ALA A 34 -6.59 15.26 1.32
C ALA A 34 -5.45 15.12 0.31
N CYS A 35 -5.49 14.03 -0.45
CA CYS A 35 -4.47 13.76 -1.45
C CYS A 35 -4.37 14.90 -2.45
N ARG A 36 -5.49 15.58 -2.72
CA ARG A 36 -5.51 16.64 -3.73
C ARG A 36 -4.81 17.89 -3.20
N MET A 37 -5.01 18.19 -1.92
CA MET A 37 -4.42 19.36 -1.31
C MET A 37 -2.97 19.11 -0.94
N ILE A 38 -2.69 17.93 -0.42
CA ILE A 38 -1.34 17.61 0.05
C ILE A 38 -0.34 17.63 -1.12
N ARG A 39 -0.75 17.04 -2.26
CA ARG A 39 0.05 17.05 -3.47
C ARG A 39 0.27 18.49 -3.97
N GLU A 40 -0.68 19.37 -3.63
CA GLU A 40 -0.69 20.73 -4.14
C GLU A 40 0.47 21.57 -3.58
N ARG A 41 0.53 21.72 -2.26
CA ARG A 41 1.54 22.57 -1.66
C ARG A 41 2.89 21.86 -1.49
N ILE A 42 2.86 20.54 -1.33
CA ILE A 42 4.08 19.80 -1.05
C ILE A 42 4.61 19.09 -2.31
N PRO A 43 5.74 19.58 -2.84
CA PRO A 43 6.38 19.00 -4.04
C PRO A 43 7.00 17.62 -3.75
N GLU A 44 7.31 17.36 -2.49
CA GLU A 44 7.88 16.07 -2.11
C GLU A 44 6.83 14.97 -2.09
N ALA A 45 5.57 15.37 -2.22
CA ALA A 45 4.48 14.41 -2.20
C ALA A 45 4.46 13.56 -3.47
N LEU A 46 4.57 14.23 -4.61
CA LEU A 46 4.50 13.53 -5.89
C LEU A 46 5.90 13.16 -6.39
N ALA A 47 6.49 12.17 -5.73
CA ALA A 47 7.77 11.62 -6.17
C ALA A 47 7.59 10.96 -7.53
N GLY A 48 6.35 10.59 -7.80
CA GLY A 48 5.95 10.11 -9.10
C GLY A 48 4.61 10.73 -9.48
N PRO A 49 3.73 10.00 -10.16
CA PRO A 49 2.39 10.49 -10.46
C PRO A 49 1.48 10.40 -9.23
N PRO A 50 0.79 11.50 -8.91
CA PRO A 50 -0.06 11.60 -7.72
C PRO A 50 -1.12 10.50 -7.63
N ASN A 51 -1.49 9.94 -8.77
CA ASN A 51 -2.52 8.89 -8.82
C ASN A 51 -2.01 7.61 -8.17
N ASP A 52 -0.69 7.49 -8.08
CA ASP A 52 -0.08 6.30 -7.51
C ASP A 52 0.20 6.46 -6.02
N PHE A 53 -0.27 7.57 -5.44
CA PHE A 53 0.00 7.86 -4.03
C PHE A 53 -1.28 7.88 -3.21
N GLY A 54 -1.21 7.34 -2.00
CA GLY A 54 -2.36 7.32 -1.11
C GLY A 54 -1.98 7.63 0.33
N LEU A 55 -2.95 7.50 1.23
CA LEU A 55 -2.74 7.85 2.63
C LEU A 55 -2.60 6.61 3.52
N PHE A 56 -1.39 6.43 4.04
CA PHE A 56 -1.12 5.37 5.00
C PHE A 56 -1.07 5.95 6.41
N LEU A 57 -1.78 5.32 7.33
CA LEU A 57 -1.79 5.80 8.70
C LEU A 57 -0.72 5.05 9.48
N SER A 58 0.30 5.79 9.87
CA SER A 58 1.47 5.21 10.51
C SER A 58 1.25 4.98 12.00
N ASP A 59 1.66 3.81 12.45
CA ASP A 59 1.60 3.46 13.87
C ASP A 59 2.98 3.06 14.36
N ASP A 60 3.38 1.85 13.98
CA ASP A 60 4.68 1.28 14.35
C ASP A 60 4.76 -0.15 13.86
N ASP A 61 3.73 -0.92 14.19
CA ASP A 61 3.68 -2.32 13.82
C ASP A 61 2.90 -2.50 12.53
N PRO A 62 3.41 -3.34 11.62
CA PRO A 62 2.79 -3.62 10.32
C PRO A 62 1.32 -4.05 10.42
N LYS A 63 0.94 -4.65 11.54
CA LYS A 63 -0.42 -5.15 11.69
C LYS A 63 -1.36 -4.01 12.11
N LYS A 64 -0.80 -2.96 12.67
CA LYS A 64 -1.58 -1.79 13.08
C LYS A 64 -1.65 -0.79 11.94
N GLY A 65 -0.63 -0.80 11.07
CA GLY A 65 -0.60 0.08 9.92
C GLY A 65 -1.78 -0.16 9.00
N ILE A 66 -2.39 0.91 8.52
CA ILE A 66 -3.58 0.80 7.70
C ILE A 66 -3.53 1.77 6.53
N TRP A 67 -4.20 1.40 5.44
CA TRP A 67 -4.30 2.27 4.30
C TRP A 67 -5.65 2.96 4.28
N LEU A 68 -5.61 4.27 4.29
CA LEU A 68 -6.80 5.08 4.33
C LEU A 68 -7.41 5.17 2.94
N GLU A 69 -8.57 4.56 2.75
CA GLU A 69 -9.22 4.54 1.45
C GLU A 69 -9.99 5.84 1.21
N ALA A 70 -10.25 6.13 -0.06
CA ALA A 70 -10.95 7.35 -0.44
C ALA A 70 -12.43 7.27 -0.08
N GLY A 71 -12.88 6.08 0.29
CA GLY A 71 -14.27 5.88 0.61
C GLY A 71 -14.65 6.37 2.00
N LYS A 72 -13.66 6.73 2.81
CA LYS A 72 -13.93 7.22 4.15
C LYS A 72 -13.25 8.55 4.42
N ALA A 73 -13.75 9.28 5.40
CA ALA A 73 -13.18 10.56 5.78
C ALA A 73 -12.07 10.33 6.80
N LEU A 74 -11.18 11.29 6.94
CA LEU A 74 -10.04 11.12 7.85
C LEU A 74 -10.50 11.05 9.31
N ASP A 75 -11.24 12.06 9.74
CA ASP A 75 -11.69 12.18 11.13
C ASP A 75 -12.65 11.05 11.51
N TYR A 76 -13.19 10.37 10.51
CA TYR A 76 -13.97 9.16 10.74
C TYR A 76 -13.12 8.12 11.48
N TYR A 77 -11.83 8.13 11.19
CA TYR A 77 -10.88 7.26 11.86
C TYR A 77 -10.50 7.80 13.23
N MET A 78 -9.44 7.26 13.80
CA MET A 78 -9.01 7.62 15.14
C MET A 78 -7.88 8.63 15.10
N LEU A 79 -7.82 9.46 14.06
CA LEU A 79 -6.72 10.39 13.91
C LEU A 79 -7.19 11.82 14.07
N ARG A 80 -6.28 12.65 14.54
CA ARG A 80 -6.61 14.02 14.92
C ARG A 80 -5.34 14.85 14.99
N ASN A 81 -5.42 15.97 15.68
CA ASN A 81 -4.28 16.87 15.87
C ASN A 81 -3.16 16.17 16.62
N GLY A 82 -2.11 15.81 15.90
CA GLY A 82 -0.95 15.25 16.55
C GLY A 82 -0.50 13.95 15.92
N ASP A 83 -1.41 13.30 15.20
CA ASP A 83 -1.10 12.01 14.58
C ASP A 83 -0.25 12.17 13.35
N THR A 84 0.59 11.19 13.11
CA THR A 84 1.40 11.16 11.90
C THR A 84 0.68 10.34 10.82
N MET A 85 0.59 10.91 9.63
CA MET A 85 -0.04 10.23 8.52
C MET A 85 0.92 10.19 7.35
N GLU A 86 1.37 9.00 7.03
CA GLU A 86 2.38 8.82 6.01
C GLU A 86 1.75 8.95 4.63
N TYR A 87 2.26 9.84 3.80
CA TYR A 87 1.81 9.95 2.43
C TYR A 87 2.79 9.23 1.55
N ARG A 88 2.40 8.06 1.12
CA ARG A 88 3.31 7.20 0.40
C ARG A 88 2.63 6.63 -0.82
N LYS A 89 3.43 6.08 -1.72
CA LYS A 89 2.92 5.45 -2.91
C LYS A 89 1.98 4.32 -2.49
N LYS A 90 0.77 4.33 -3.05
CA LYS A 90 -0.24 3.31 -2.74
C LYS A 90 0.35 1.92 -2.89
N GLN A 91 1.28 1.82 -3.81
CA GLN A 91 1.94 0.58 -4.13
C GLN A 91 3.25 0.45 -3.37
N ARG A 92 3.60 -0.77 -3.02
CA ARG A 92 4.85 -1.05 -2.34
C ARG A 92 5.72 -1.99 -3.19
N PRO A 93 7.05 -1.91 -3.02
CA PRO A 93 7.99 -2.70 -3.83
C PRO A 93 7.89 -4.19 -3.55
N LEU A 94 7.35 -4.92 -4.50
CA LEU A 94 7.23 -6.36 -4.39
C LEU A 94 8.31 -7.04 -5.21
N LYS A 95 9.18 -7.77 -4.53
CA LYS A 95 10.19 -8.55 -5.22
C LYS A 95 9.64 -9.93 -5.52
N ILE A 96 9.52 -10.24 -6.78
CA ILE A 96 8.84 -11.44 -7.22
C ILE A 96 9.75 -12.26 -8.12
N ARG A 97 9.86 -13.55 -7.87
CA ARG A 97 10.63 -14.41 -8.74
C ARG A 97 9.68 -15.26 -9.57
N MET A 98 9.79 -15.15 -10.88
CA MET A 98 8.90 -15.82 -11.81
C MET A 98 9.31 -17.26 -12.05
N LEU A 99 8.50 -17.97 -12.83
CA LEU A 99 8.62 -19.41 -13.03
C LEU A 99 10.01 -19.79 -13.51
N ASP A 100 10.50 -19.07 -14.52
CA ASP A 100 11.81 -19.34 -15.10
C ASP A 100 12.92 -19.07 -14.09
N GLY A 101 12.58 -18.37 -13.02
CA GLY A 101 13.57 -18.01 -12.02
C GLY A 101 13.97 -16.56 -12.16
N THR A 102 13.19 -15.81 -12.91
CA THR A 102 13.49 -14.41 -13.16
C THR A 102 12.83 -13.54 -12.12
N VAL A 103 13.59 -12.67 -11.48
CA VAL A 103 13.06 -11.86 -10.42
C VAL A 103 12.86 -10.42 -10.90
N LYS A 104 11.74 -9.83 -10.49
CA LYS A 104 11.46 -8.45 -10.79
C LYS A 104 10.88 -7.76 -9.58
N THR A 105 11.04 -6.45 -9.50
CA THR A 105 10.43 -5.68 -8.44
C THR A 105 9.39 -4.77 -9.04
N ILE A 106 8.13 -5.00 -8.68
CA ILE A 106 7.03 -4.27 -9.28
C ILE A 106 6.24 -3.58 -8.17
N MET A 107 5.69 -2.41 -8.46
CA MET A 107 4.94 -1.67 -7.47
C MET A 107 3.46 -2.04 -7.55
N VAL A 108 3.02 -2.72 -6.51
CA VAL A 108 1.62 -3.14 -6.40
C VAL A 108 0.96 -2.42 -5.24
N ASP A 109 -0.20 -1.82 -5.49
CA ASP A 109 -0.96 -1.14 -4.45
C ASP A 109 -1.08 -2.05 -3.24
N ASP A 110 -0.74 -1.57 -2.07
CA ASP A 110 -0.79 -2.43 -0.88
C ASP A 110 -2.22 -2.53 -0.37
N SER A 111 -3.06 -1.62 -0.84
CA SER A 111 -4.45 -1.60 -0.40
C SER A 111 -5.29 -2.62 -1.18
N LYS A 112 -4.98 -3.91 -0.99
CA LYS A 112 -5.62 -4.99 -1.73
C LYS A 112 -5.19 -6.36 -1.21
N THR A 113 -5.84 -7.40 -1.71
CA THR A 113 -5.54 -8.78 -1.30
C THR A 113 -4.63 -9.48 -2.32
N VAL A 114 -4.41 -10.78 -2.13
CA VAL A 114 -3.46 -11.54 -2.94
C VAL A 114 -3.83 -11.55 -4.42
N THR A 115 -5.04 -12.00 -4.71
CA THR A 115 -5.54 -12.10 -6.08
C THR A 115 -5.32 -10.81 -6.89
N ASP A 116 -5.58 -9.66 -6.26
CA ASP A 116 -5.43 -8.37 -6.94
C ASP A 116 -3.96 -8.07 -7.18
N MET A 117 -3.14 -8.43 -6.19
CA MET A 117 -1.70 -8.31 -6.30
C MET A 117 -1.17 -9.20 -7.42
N LEU A 118 -1.64 -10.43 -7.45
CA LEU A 118 -1.24 -11.40 -8.47
C LEU A 118 -1.62 -10.89 -9.85
N MET A 119 -2.83 -10.34 -9.93
CA MET A 119 -3.34 -9.75 -11.17
C MET A 119 -2.36 -8.72 -11.69
N THR A 120 -1.91 -7.88 -10.78
CA THR A 120 -0.98 -6.81 -11.08
C THR A 120 0.39 -7.35 -11.51
N ILE A 121 0.90 -8.33 -10.78
CA ILE A 121 2.25 -8.85 -11.02
C ILE A 121 2.32 -9.63 -12.32
N CYS A 122 1.36 -10.53 -12.53
CA CYS A 122 1.35 -11.38 -13.71
C CYS A 122 1.14 -10.56 -14.97
N ALA A 123 0.45 -9.42 -14.82
CA ALA A 123 0.20 -8.53 -15.94
C ALA A 123 1.48 -7.86 -16.40
N ARG A 124 2.43 -7.72 -15.48
CA ARG A 124 3.72 -7.10 -15.81
C ARG A 124 4.53 -8.04 -16.69
N ILE A 125 4.43 -9.32 -16.40
CA ILE A 125 5.18 -10.33 -17.13
C ILE A 125 4.58 -10.52 -18.53
N GLY A 126 3.26 -10.49 -18.58
CA GLY A 126 2.56 -10.69 -19.84
C GLY A 126 1.70 -11.95 -19.80
N ILE A 127 1.03 -12.17 -18.67
CA ILE A 127 0.16 -13.32 -18.51
C ILE A 127 -1.30 -12.87 -18.54
N THR A 128 -2.14 -13.62 -19.25
CA THR A 128 -3.54 -13.29 -19.34
C THR A 128 -4.30 -13.81 -18.13
N ASN A 129 -4.33 -15.13 -17.98
CA ASN A 129 -5.02 -15.75 -16.86
C ASN A 129 -4.06 -15.97 -15.70
N HIS A 130 -4.18 -15.10 -14.71
CA HIS A 130 -3.20 -15.01 -13.63
C HIS A 130 -3.61 -15.85 -12.43
N ASP A 131 -4.90 -16.14 -12.31
CA ASP A 131 -5.41 -16.81 -11.11
C ASP A 131 -5.01 -18.29 -11.12
N GLU A 132 -4.26 -18.67 -12.14
CA GLU A 132 -3.77 -20.04 -12.25
C GLU A 132 -2.53 -20.22 -11.36
N TYR A 133 -2.11 -19.11 -10.75
CA TYR A 133 -0.94 -19.11 -9.91
C TYR A 133 -1.32 -18.83 -8.46
N SER A 134 -0.46 -19.25 -7.55
CA SER A 134 -0.60 -18.88 -6.16
C SER A 134 0.58 -17.99 -5.77
N LEU A 135 0.61 -17.55 -4.53
CA LEU A 135 1.72 -16.72 -4.09
C LEU A 135 2.41 -17.40 -2.92
N VAL A 136 3.73 -17.30 -2.86
CA VAL A 136 4.47 -17.84 -1.73
C VAL A 136 5.53 -16.82 -1.31
N ARG A 137 5.39 -16.34 -0.09
CA ARG A 137 6.28 -15.30 0.40
C ARG A 137 7.31 -15.88 1.35
N GLU A 138 8.52 -16.03 0.87
CA GLU A 138 9.62 -16.39 1.73
C GLU A 138 10.06 -15.19 2.54
N LEU A 139 9.88 -15.25 3.84
CA LEU A 139 10.28 -14.16 4.70
C LEU A 139 11.55 -14.47 5.47
N MET A 140 11.89 -13.57 6.36
CA MET A 140 13.05 -13.70 7.22
C MET A 140 12.59 -13.78 8.68
N GLU A 141 11.28 -13.87 8.85
CA GLU A 141 10.64 -13.70 10.15
C GLU A 141 11.20 -14.58 11.24
N GLU A 142 11.45 -13.96 12.38
CA GLU A 142 11.70 -14.68 13.62
C GLU A 142 10.37 -15.11 14.23
N LYS A 143 9.29 -14.47 13.77
CA LYS A 143 7.94 -14.75 14.28
C LYS A 143 7.45 -16.10 13.76
N LYS A 144 6.96 -16.11 12.53
CA LYS A 144 6.47 -17.34 11.91
C LYS A 144 7.61 -18.13 11.33
N ASP A 145 8.30 -17.49 10.39
CA ASP A 145 9.27 -18.14 9.54
C ASP A 145 8.58 -19.19 8.70
N GLU A 146 8.01 -18.72 7.61
CA GLU A 146 7.15 -19.54 6.79
C GLU A 146 7.34 -19.20 5.32
N LEU A 147 6.85 -20.11 4.48
CA LEU A 147 6.88 -19.91 3.05
C LEU A 147 5.77 -18.98 2.63
N ASN A 148 4.78 -18.85 3.52
CA ASN A 148 3.63 -18.00 3.29
C ASN A 148 3.02 -18.26 1.91
N TRP A 149 2.33 -19.37 1.78
CA TRP A 149 1.70 -19.73 0.52
C TRP A 149 0.32 -19.10 0.47
N LEU A 150 0.25 -17.89 -0.06
CA LEU A 150 -0.95 -17.09 -0.04
C LEU A 150 -2.11 -17.78 -0.72
N ASP A 151 -3.20 -17.89 0.04
CA ASP A 151 -4.39 -18.64 -0.34
C ASP A 151 -5.34 -17.82 -1.19
N HIS A 152 -4.97 -16.56 -1.44
CA HIS A 152 -5.81 -15.63 -2.19
C HIS A 152 -6.98 -15.13 -1.34
N GLY A 153 -6.77 -15.07 -0.03
CA GLY A 153 -7.80 -14.55 0.84
C GLY A 153 -7.22 -13.73 1.98
N ARG A 154 -5.91 -13.59 1.97
CA ARG A 154 -5.22 -12.93 3.07
C ARG A 154 -4.62 -11.59 2.63
N THR A 155 -4.98 -10.52 3.31
CA THR A 155 -4.33 -9.24 3.11
C THR A 155 -2.92 -9.27 3.69
N LEU A 156 -2.04 -8.47 3.10
CA LEU A 156 -0.61 -8.59 3.33
C LEU A 156 -0.19 -8.00 4.67
N ARG A 157 -0.90 -6.98 5.14
CA ARG A 157 -0.59 -6.38 6.43
C ARG A 157 -1.14 -7.23 7.57
N GLU A 158 -1.91 -8.27 7.22
CA GLU A 158 -2.39 -9.23 8.18
C GLU A 158 -1.39 -10.38 8.30
N GLN A 159 -0.49 -10.44 7.33
CA GLN A 159 0.55 -11.46 7.32
C GLN A 159 1.77 -10.95 8.07
N GLY A 160 1.94 -9.64 8.07
CA GLY A 160 3.07 -9.04 8.74
C GLY A 160 4.29 -8.96 7.84
N VAL A 161 4.11 -9.36 6.58
CA VAL A 161 5.19 -9.38 5.62
C VAL A 161 5.74 -7.98 5.35
N GLU A 162 7.05 -7.91 5.17
CA GLU A 162 7.73 -6.68 4.89
C GLU A 162 7.76 -6.42 3.39
N GLU A 163 8.43 -5.37 3.00
CA GLU A 163 8.54 -4.99 1.62
C GLU A 163 9.80 -5.59 1.00
N HIS A 164 10.82 -5.77 1.82
CA HIS A 164 12.09 -6.33 1.37
C HIS A 164 12.00 -7.85 1.15
N GLU A 165 10.90 -8.44 1.60
CA GLU A 165 10.74 -9.89 1.51
C GLU A 165 10.60 -10.34 0.06
N THR A 166 11.34 -11.37 -0.32
CA THR A 166 11.24 -11.91 -1.67
C THR A 166 10.08 -12.89 -1.77
N LEU A 167 9.23 -12.67 -2.76
CA LEU A 167 8.06 -13.50 -2.95
C LEU A 167 8.21 -14.26 -4.25
N LEU A 168 7.73 -15.48 -4.30
CA LEU A 168 7.91 -16.31 -5.47
C LEU A 168 6.56 -16.58 -6.13
N LEU A 169 6.50 -16.42 -7.44
CA LEU A 169 5.29 -16.74 -8.18
C LEU A 169 5.30 -18.23 -8.56
N ARG A 170 4.26 -18.95 -8.14
CA ARG A 170 4.21 -20.38 -8.36
C ARG A 170 2.95 -20.77 -9.12
N ARG A 171 3.09 -21.63 -10.12
CA ARG A 171 1.96 -22.08 -10.90
C ARG A 171 1.21 -23.18 -10.17
N LYS A 172 -0.07 -22.94 -9.91
CA LYS A 172 -0.89 -23.92 -9.20
C LYS A 172 -1.57 -24.85 -10.20
N PHE A 173 -2.23 -24.26 -11.19
CA PHE A 173 -2.91 -25.06 -12.21
C PHE A 173 -1.98 -25.27 -13.39
N PHE A 174 -2.01 -26.46 -13.95
CA PHE A 174 -1.14 -26.81 -15.05
C PHE A 174 -1.96 -27.15 -16.29
N TYR A 175 -2.87 -26.25 -16.61
CA TYR A 175 -3.68 -26.36 -17.82
C TYR A 175 -2.79 -26.41 -19.06
N SER A 176 -1.74 -25.58 -19.06
CA SER A 176 -0.81 -25.49 -20.18
C SER A 176 -1.54 -25.27 -21.50
N ASP A 177 -2.06 -24.06 -21.68
CA ASP A 177 -2.75 -23.68 -22.91
C ASP A 177 -3.99 -24.56 -23.17
N GLN A 178 -4.50 -25.17 -22.11
CA GLN A 178 -5.67 -26.02 -22.23
C GLN A 178 -6.71 -25.60 -21.19
N GLY A 1 -8.83 26.05 -6.48
CA GLY A 1 -9.31 27.41 -6.13
C GLY A 1 -9.20 27.69 -4.65
N ILE A 2 -10.27 28.22 -4.07
CA ILE A 2 -10.29 28.56 -2.66
C ILE A 2 -11.05 27.48 -1.87
N ASP A 3 -10.46 27.05 -0.76
CA ASP A 3 -11.09 26.07 0.12
C ASP A 3 -11.05 26.55 1.55
N PRO A 4 -12.22 26.81 2.16
CA PRO A 4 -12.32 27.36 3.51
C PRO A 4 -12.02 26.32 4.60
N PHE A 5 -11.32 26.76 5.64
CA PHE A 5 -10.95 25.90 6.75
C PHE A 5 -11.45 26.48 8.05
N THR A 6 -12.68 26.14 8.39
CA THR A 6 -13.30 26.60 9.62
C THR A 6 -12.81 25.79 10.83
N MET A 7 -13.57 25.80 11.93
CA MET A 7 -13.17 25.11 13.15
C MET A 7 -13.46 23.61 13.05
N VAL A 8 -12.93 23.03 12.00
CA VAL A 8 -12.96 21.61 11.77
C VAL A 8 -11.67 21.23 11.05
N ALA A 9 -10.60 21.11 11.81
CA ALA A 9 -9.30 20.87 11.23
C ALA A 9 -8.50 19.90 12.07
N LEU A 10 -7.82 19.01 11.41
CA LEU A 10 -6.97 18.03 12.05
C LEU A 10 -5.51 18.31 11.69
N SER A 11 -4.67 18.31 12.70
CA SER A 11 -3.25 18.60 12.50
C SER A 11 -2.51 17.30 12.30
N LEU A 12 -2.17 17.01 11.05
CA LEU A 12 -1.58 15.74 10.70
C LEU A 12 -0.16 15.92 10.20
N LYS A 13 0.77 15.20 10.78
CA LYS A 13 2.15 15.23 10.32
C LYS A 13 2.31 14.32 9.12
N ILE A 14 2.63 14.91 7.99
CA ILE A 14 2.79 14.18 6.77
C ILE A 14 4.24 13.73 6.63
N SER A 15 4.50 12.47 6.91
CA SER A 15 5.83 11.92 6.79
C SER A 15 6.04 11.38 5.38
N ILE A 16 6.87 12.05 4.61
CA ILE A 16 7.14 11.63 3.25
C ILE A 16 8.59 11.16 3.12
N GLY A 17 8.78 9.88 3.40
CA GLY A 17 10.12 9.31 3.39
C GLY A 17 11.01 9.93 4.45
N ASN A 18 11.91 10.79 4.02
CA ASN A 18 12.87 11.43 4.93
C ASN A 18 12.35 12.77 5.45
N VAL A 19 11.36 13.33 4.79
CA VAL A 19 10.88 14.65 5.15
C VAL A 19 9.57 14.57 5.94
N VAL A 20 9.33 15.55 6.77
CA VAL A 20 8.09 15.63 7.53
C VAL A 20 7.47 17.01 7.39
N LYS A 21 6.26 17.04 6.84
CA LYS A 21 5.55 18.29 6.65
C LYS A 21 4.28 18.29 7.48
N THR A 22 3.89 19.44 7.99
CA THR A 22 2.72 19.51 8.84
C THR A 22 1.57 20.17 8.08
N MET A 23 0.47 19.46 7.95
CA MET A 23 -0.70 19.97 7.24
C MET A 23 -1.94 19.72 8.05
N GLN A 24 -2.92 20.59 7.88
CA GLN A 24 -4.20 20.41 8.51
C GLN A 24 -5.26 20.15 7.45
N PHE A 25 -6.14 19.21 7.74
CA PHE A 25 -7.20 18.84 6.83
C PHE A 25 -8.49 18.86 7.62
N GLU A 26 -9.62 18.98 6.95
CA GLU A 26 -10.88 18.89 7.63
C GLU A 26 -11.21 17.44 7.93
N PRO A 27 -11.82 17.17 9.09
CA PRO A 27 -12.27 15.84 9.46
C PRO A 27 -13.12 15.20 8.37
N SER A 28 -13.79 16.04 7.59
CA SER A 28 -14.65 15.59 6.51
C SER A 28 -14.01 15.80 5.14
N THR A 29 -12.70 16.08 5.12
CA THR A 29 -11.98 16.28 3.86
C THR A 29 -12.02 15.02 2.99
N MET A 30 -11.70 13.87 3.60
CA MET A 30 -11.67 12.59 2.91
C MET A 30 -10.40 12.47 2.06
N VAL A 31 -9.81 11.27 2.06
CA VAL A 31 -8.52 11.01 1.43
C VAL A 31 -8.35 11.67 0.05
N TYR A 32 -9.32 11.46 -0.85
CA TYR A 32 -9.20 11.97 -2.22
C TYR A 32 -9.04 13.49 -2.25
N ASP A 33 -9.70 14.17 -1.33
CA ASP A 33 -9.64 15.62 -1.27
C ASP A 33 -8.32 16.06 -0.65
N ALA A 34 -7.86 15.32 0.33
CA ALA A 34 -6.55 15.56 0.94
C ALA A 34 -5.45 15.47 -0.11
N CYS A 35 -5.52 14.43 -0.94
CA CYS A 35 -4.52 14.18 -1.98
C CYS A 35 -4.35 15.39 -2.91
N ARG A 36 -5.44 16.03 -3.29
CA ARG A 36 -5.35 17.14 -4.24
C ARG A 36 -4.67 18.34 -3.59
N MET A 37 -4.97 18.57 -2.32
CA MET A 37 -4.44 19.70 -1.60
C MET A 37 -2.99 19.50 -1.21
N ILE A 38 -2.64 18.32 -0.71
CA ILE A 38 -1.29 18.07 -0.23
C ILE A 38 -0.27 18.20 -1.35
N ARG A 39 -0.57 17.60 -2.51
CA ARG A 39 0.28 17.72 -3.70
C ARG A 39 0.45 19.17 -4.13
N GLU A 40 -0.52 20.01 -3.78
CA GLU A 40 -0.50 21.42 -4.17
C GLU A 40 0.64 22.16 -3.47
N ARG A 41 0.61 22.18 -2.14
CA ARG A 41 1.61 22.93 -1.38
C ARG A 41 2.88 22.11 -1.16
N ILE A 42 2.74 20.80 -1.00
CA ILE A 42 3.88 19.94 -0.72
C ILE A 42 4.32 19.18 -1.98
N PRO A 43 5.45 19.58 -2.59
CA PRO A 43 5.97 18.94 -3.79
C PRO A 43 6.59 17.58 -3.49
N GLU A 44 6.94 17.35 -2.23
CA GLU A 44 7.54 16.09 -1.82
C GLU A 44 6.51 14.97 -1.86
N ALA A 45 5.24 15.34 -1.72
CA ALA A 45 4.15 14.37 -1.72
C ALA A 45 4.12 13.60 -3.04
N LEU A 46 4.21 14.35 -4.12
CA LEU A 46 4.08 13.80 -5.46
C LEU A 46 5.44 13.36 -6.01
N ALA A 47 6.28 12.85 -5.13
CA ALA A 47 7.65 12.44 -5.48
C ALA A 47 7.69 11.19 -6.39
N GLY A 48 6.78 11.13 -7.34
CA GLY A 48 6.76 10.08 -8.32
C GLY A 48 5.57 10.28 -9.22
N PRO A 49 4.82 9.23 -9.53
CA PRO A 49 3.54 9.37 -10.17
C PRO A 49 2.43 9.52 -9.13
N PRO A 50 1.91 10.75 -8.97
CA PRO A 50 1.00 11.09 -7.87
C PRO A 50 -0.41 10.51 -8.03
N ASN A 51 -0.52 9.46 -8.82
CA ASN A 51 -1.79 8.81 -9.06
C ASN A 51 -1.89 7.52 -8.26
N ASP A 52 -0.74 7.01 -7.84
CA ASP A 52 -0.69 5.79 -7.04
C ASP A 52 -0.27 6.11 -5.63
N PHE A 53 -0.22 7.40 -5.35
CA PHE A 53 0.26 7.90 -4.08
C PHE A 53 -0.91 8.18 -3.15
N GLY A 54 -0.88 7.56 -1.99
CA GLY A 54 -2.00 7.63 -1.08
C GLY A 54 -1.60 7.88 0.36
N LEU A 55 -2.57 7.77 1.25
CA LEU A 55 -2.38 8.11 2.65
C LEU A 55 -2.24 6.84 3.50
N PHE A 56 -1.04 6.61 4.00
CA PHE A 56 -0.79 5.52 4.94
C PHE A 56 -0.80 6.08 6.35
N LEU A 57 -1.56 5.44 7.23
CA LEU A 57 -1.65 5.91 8.61
C LEU A 57 -0.61 5.18 9.45
N SER A 58 0.36 5.93 9.95
CA SER A 58 1.46 5.36 10.71
C SER A 58 1.06 5.12 12.17
N ASP A 59 1.07 3.86 12.57
CA ASP A 59 0.79 3.49 13.95
C ASP A 59 2.08 3.17 14.68
N ASP A 60 2.71 2.07 14.25
CA ASP A 60 3.91 1.56 14.89
C ASP A 60 4.32 0.23 14.26
N ASP A 61 3.37 -0.68 14.19
CA ASP A 61 3.62 -2.01 13.63
C ASP A 61 2.81 -2.19 12.35
N PRO A 62 3.40 -2.86 11.33
CA PRO A 62 2.76 -3.08 10.02
C PRO A 62 1.36 -3.71 10.09
N LYS A 63 1.10 -4.51 11.13
CA LYS A 63 -0.20 -5.15 11.26
C LYS A 63 -1.26 -4.13 11.69
N LYS A 64 -0.80 -3.05 12.29
CA LYS A 64 -1.69 -2.01 12.79
C LYS A 64 -1.78 -0.87 11.79
N GLY A 65 -0.71 -0.67 11.02
CA GLY A 65 -0.71 0.34 9.98
C GLY A 65 -1.78 0.08 8.94
N ILE A 66 -2.38 1.15 8.43
CA ILE A 66 -3.52 1.01 7.53
C ILE A 66 -3.41 1.98 6.36
N TRP A 67 -4.04 1.61 5.26
CA TRP A 67 -4.11 2.49 4.10
C TRP A 67 -5.43 3.23 4.08
N LEU A 68 -5.33 4.54 3.97
CA LEU A 68 -6.50 5.39 3.94
C LEU A 68 -7.00 5.51 2.52
N GLU A 69 -8.09 4.83 2.22
CA GLU A 69 -8.67 4.84 0.88
C GLU A 69 -9.56 6.06 0.71
N ALA A 70 -9.83 6.42 -0.54
CA ALA A 70 -10.68 7.57 -0.85
C ALA A 70 -12.15 7.24 -0.57
N GLY A 71 -12.39 6.05 -0.04
CA GLY A 71 -13.75 5.62 0.23
C GLY A 71 -14.18 5.86 1.66
N LYS A 72 -13.38 6.59 2.44
CA LYS A 72 -13.72 6.88 3.81
C LYS A 72 -13.07 8.20 4.25
N ALA A 73 -13.54 8.76 5.35
CA ALA A 73 -13.03 10.03 5.82
C ALA A 73 -11.83 9.81 6.74
N LEU A 74 -11.15 10.90 7.08
CA LEU A 74 -9.95 10.82 7.91
C LEU A 74 -10.33 10.55 9.36
N ASP A 75 -11.20 11.41 9.89
CA ASP A 75 -11.64 11.35 11.29
C ASP A 75 -12.47 10.09 11.56
N TYR A 76 -12.95 9.45 10.49
CA TYR A 76 -13.67 8.19 10.61
C TYR A 76 -12.83 7.16 11.37
N TYR A 77 -11.53 7.17 11.15
CA TYR A 77 -10.62 6.32 11.91
C TYR A 77 -10.29 6.94 13.28
N MET A 78 -9.07 6.71 13.74
CA MET A 78 -8.66 7.15 15.07
C MET A 78 -7.77 8.38 15.01
N LEU A 79 -7.69 9.03 13.86
CA LEU A 79 -6.77 10.15 13.70
C LEU A 79 -7.48 11.47 13.85
N ARG A 80 -6.81 12.35 14.58
CA ARG A 80 -7.28 13.69 14.84
C ARG A 80 -6.06 14.60 14.94
N ASN A 81 -6.16 15.65 15.73
CA ASN A 81 -5.04 16.56 15.93
C ASN A 81 -3.90 15.89 16.67
N GLY A 82 -2.88 15.47 15.93
CA GLY A 82 -1.72 14.88 16.55
C GLY A 82 -1.16 13.70 15.79
N ASP A 83 -2.02 12.94 15.12
CA ASP A 83 -1.61 11.71 14.46
C ASP A 83 -0.73 11.99 13.25
N THR A 84 0.17 11.05 12.97
CA THR A 84 1.05 11.16 11.83
C THR A 84 0.47 10.40 10.65
N MET A 85 0.51 11.01 9.47
CA MET A 85 -0.05 10.39 8.29
C MET A 85 0.97 10.43 7.17
N GLU A 86 1.44 9.26 6.79
CA GLU A 86 2.47 9.13 5.79
C GLU A 86 1.85 9.29 4.40
N TYR A 87 2.35 10.22 3.59
CA TYR A 87 1.92 10.30 2.21
C TYR A 87 2.95 9.60 1.37
N ARG A 88 2.60 8.42 0.95
CA ARG A 88 3.56 7.56 0.29
C ARG A 88 2.97 6.91 -0.94
N LYS A 89 3.81 6.19 -1.65
CA LYS A 89 3.38 5.36 -2.73
C LYS A 89 2.54 4.22 -2.16
N LYS A 90 1.32 4.05 -2.67
CA LYS A 90 0.46 2.98 -2.19
C LYS A 90 1.08 1.64 -2.50
N GLN A 91 1.91 1.63 -3.52
CA GLN A 91 2.53 0.42 -3.98
C GLN A 91 3.85 0.20 -3.27
N ARG A 92 4.16 -1.06 -3.02
CA ARG A 92 5.41 -1.41 -2.36
C ARG A 92 6.24 -2.33 -3.23
N PRO A 93 7.57 -2.34 -3.04
CA PRO A 93 8.48 -3.17 -3.84
C PRO A 93 8.24 -4.67 -3.62
N LEU A 94 7.64 -5.30 -4.62
CA LEU A 94 7.44 -6.74 -4.58
C LEU A 94 8.47 -7.44 -5.46
N LYS A 95 9.31 -8.26 -4.84
CA LYS A 95 10.23 -9.07 -5.59
C LYS A 95 9.59 -10.41 -5.89
N ILE A 96 9.37 -10.67 -7.16
CA ILE A 96 8.63 -11.86 -7.58
C ILE A 96 9.47 -12.67 -8.54
N ARG A 97 9.48 -13.98 -8.37
CA ARG A 97 10.19 -14.86 -9.27
C ARG A 97 9.18 -15.67 -10.10
N MET A 98 9.30 -15.62 -11.41
CA MET A 98 8.41 -16.35 -12.31
C MET A 98 8.89 -17.80 -12.46
N LEU A 99 8.07 -18.60 -13.13
CA LEU A 99 8.29 -20.05 -13.22
C LEU A 99 9.62 -20.35 -13.91
N ASP A 100 9.98 -19.54 -14.89
CA ASP A 100 11.24 -19.70 -15.61
C ASP A 100 12.43 -19.49 -14.66
N GLY A 101 12.15 -18.85 -13.54
CA GLY A 101 13.20 -18.56 -12.58
C GLY A 101 13.63 -17.11 -12.67
N THR A 102 12.84 -16.33 -13.39
CA THR A 102 13.16 -14.92 -13.61
C THR A 102 12.53 -14.08 -12.52
N VAL A 103 13.31 -13.21 -11.92
CA VAL A 103 12.82 -12.38 -10.84
C VAL A 103 12.68 -10.93 -11.29
N LYS A 104 11.60 -10.30 -10.87
CA LYS A 104 11.35 -8.90 -11.18
C LYS A 104 10.82 -8.20 -9.94
N THR A 105 10.98 -6.90 -9.89
CA THR A 105 10.42 -6.10 -8.81
C THR A 105 9.47 -5.06 -9.38
N ILE A 106 8.20 -5.21 -9.07
CA ILE A 106 7.17 -4.33 -9.60
C ILE A 106 6.44 -3.66 -8.44
N MET A 107 5.98 -2.44 -8.66
CA MET A 107 5.29 -1.72 -7.59
C MET A 107 3.80 -2.00 -7.64
N VAL A 108 3.35 -2.71 -6.62
CA VAL A 108 1.95 -3.06 -6.49
C VAL A 108 1.40 -2.51 -5.19
N ASP A 109 0.21 -1.91 -5.28
CA ASP A 109 -0.44 -1.32 -4.12
C ASP A 109 -0.50 -2.30 -2.97
N ASP A 110 -0.13 -1.82 -1.79
CA ASP A 110 -0.20 -2.62 -0.57
C ASP A 110 -1.61 -2.53 0.00
N SER A 111 -2.39 -1.62 -0.57
CA SER A 111 -3.76 -1.35 -0.12
C SER A 111 -4.76 -2.35 -0.72
N LYS A 112 -4.37 -3.62 -0.82
CA LYS A 112 -5.19 -4.62 -1.47
C LYS A 112 -4.99 -6.01 -0.84
N THR A 113 -5.52 -7.03 -1.51
CA THR A 113 -5.30 -8.41 -1.11
C THR A 113 -4.38 -9.11 -2.12
N VAL A 114 -4.22 -10.43 -1.98
CA VAL A 114 -3.29 -11.19 -2.81
C VAL A 114 -3.73 -11.25 -4.27
N THR A 115 -4.94 -11.75 -4.49
CA THR A 115 -5.52 -11.89 -5.84
C THR A 115 -5.33 -10.64 -6.69
N ASP A 116 -5.67 -9.49 -6.14
CA ASP A 116 -5.61 -8.24 -6.88
C ASP A 116 -4.16 -7.87 -7.19
N MET A 117 -3.28 -8.19 -6.26
CA MET A 117 -1.85 -7.97 -6.44
C MET A 117 -1.30 -8.86 -7.54
N LEU A 118 -1.66 -10.15 -7.49
CA LEU A 118 -1.17 -11.12 -8.47
C LEU A 118 -1.61 -10.74 -9.86
N MET A 119 -2.85 -10.23 -9.96
CA MET A 119 -3.40 -9.78 -11.24
C MET A 119 -2.54 -8.66 -11.81
N THR A 120 -2.05 -7.83 -10.91
CA THR A 120 -1.18 -6.72 -11.28
C THR A 120 0.20 -7.20 -11.69
N ILE A 121 0.71 -8.23 -11.01
CA ILE A 121 2.06 -8.72 -11.25
C ILE A 121 2.12 -9.53 -12.55
N CYS A 122 1.15 -10.41 -12.74
CA CYS A 122 1.11 -11.27 -13.91
C CYS A 122 1.03 -10.43 -15.19
N ALA A 123 0.33 -9.31 -15.12
CA ALA A 123 0.17 -8.43 -16.27
C ALA A 123 1.50 -7.81 -16.67
N ARG A 124 2.42 -7.70 -15.72
CA ARG A 124 3.73 -7.11 -15.97
C ARG A 124 4.54 -7.96 -16.91
N ILE A 125 4.45 -9.27 -16.69
CA ILE A 125 5.22 -10.24 -17.45
C ILE A 125 4.51 -10.59 -18.73
N GLY A 126 3.19 -10.52 -18.69
CA GLY A 126 2.40 -10.88 -19.83
C GLY A 126 1.68 -12.19 -19.63
N ILE A 127 1.55 -12.58 -18.37
CA ILE A 127 0.85 -13.81 -18.02
C ILE A 127 -0.64 -13.55 -17.95
N THR A 128 -1.36 -14.01 -18.97
CA THR A 128 -2.80 -13.79 -19.07
C THR A 128 -3.55 -14.38 -17.88
N ASN A 129 -3.30 -15.66 -17.61
CA ASN A 129 -3.92 -16.35 -16.48
C ASN A 129 -3.25 -15.93 -15.17
N HIS A 130 -3.94 -15.12 -14.39
CA HIS A 130 -3.29 -14.49 -13.24
C HIS A 130 -3.52 -15.27 -11.94
N ASP A 131 -4.72 -15.76 -11.72
CA ASP A 131 -5.08 -16.29 -10.41
C ASP A 131 -4.97 -17.81 -10.40
N GLU A 132 -4.35 -18.35 -11.44
CA GLU A 132 -4.11 -19.78 -11.50
C GLU A 132 -2.82 -20.09 -10.75
N TYR A 133 -2.22 -19.05 -10.20
CA TYR A 133 -1.03 -19.16 -9.40
C TYR A 133 -1.32 -18.82 -7.96
N SER A 134 -0.53 -19.37 -7.07
CA SER A 134 -0.59 -19.02 -5.68
C SER A 134 0.66 -18.24 -5.36
N LEU A 135 0.66 -17.51 -4.26
CA LEU A 135 1.85 -16.74 -3.95
C LEU A 135 2.55 -17.38 -2.76
N VAL A 136 3.87 -17.34 -2.77
CA VAL A 136 4.64 -17.91 -1.67
C VAL A 136 5.79 -16.98 -1.33
N ARG A 137 5.78 -16.45 -0.12
CA ARG A 137 6.79 -15.51 0.31
C ARG A 137 7.89 -16.24 1.06
N GLU A 138 9.00 -16.46 0.40
CA GLU A 138 10.14 -17.05 1.04
C GLU A 138 10.95 -15.99 1.76
N LEU A 139 11.01 -16.09 3.08
CA LEU A 139 11.71 -15.09 3.84
C LEU A 139 12.79 -15.70 4.71
N MET A 140 13.55 -14.82 5.31
CA MET A 140 14.57 -15.16 6.31
C MET A 140 14.02 -14.82 7.68
N GLU A 141 12.71 -14.63 7.72
CA GLU A 141 11.99 -14.15 8.90
C GLU A 141 12.35 -14.92 10.16
N GLU A 142 12.79 -14.18 11.17
CA GLU A 142 13.14 -14.75 12.46
C GLU A 142 11.88 -15.17 13.23
N LYS A 143 10.79 -14.47 12.98
CA LYS A 143 9.55 -14.71 13.71
C LYS A 143 8.64 -15.58 12.87
N LYS A 144 8.36 -15.09 11.66
CA LYS A 144 7.47 -15.77 10.75
C LYS A 144 8.01 -17.16 10.38
N ASP A 145 9.22 -17.21 9.82
CA ASP A 145 9.89 -18.47 9.45
C ASP A 145 8.94 -19.34 8.62
N GLU A 146 8.46 -18.79 7.52
CA GLU A 146 7.50 -19.48 6.69
C GLU A 146 7.78 -19.28 5.20
N LEU A 147 7.16 -20.16 4.43
CA LEU A 147 7.14 -20.05 2.98
C LEU A 147 6.08 -19.05 2.60
N ASN A 148 5.16 -18.84 3.52
CA ASN A 148 4.12 -17.84 3.37
C ASN A 148 3.36 -18.01 2.07
N TRP A 149 2.51 -19.02 2.00
CA TRP A 149 1.73 -19.27 0.80
C TRP A 149 0.44 -18.45 0.86
N LEU A 150 0.40 -17.37 0.09
CA LEU A 150 -0.74 -16.45 0.12
C LEU A 150 -2.00 -17.13 -0.40
N ASP A 151 -3.03 -17.05 0.44
CA ASP A 151 -4.30 -17.76 0.26
C ASP A 151 -5.24 -17.10 -0.74
N HIS A 152 -4.90 -15.89 -1.18
CA HIS A 152 -5.70 -15.14 -2.16
C HIS A 152 -6.98 -14.57 -1.55
N GLY A 153 -6.93 -14.21 -0.28
CA GLY A 153 -8.09 -13.61 0.35
C GLY A 153 -7.73 -12.63 1.44
N ARG A 154 -6.68 -12.96 2.18
CA ARG A 154 -6.24 -12.14 3.30
C ARG A 154 -5.29 -11.04 2.81
N THR A 155 -5.41 -9.85 3.40
CA THR A 155 -4.63 -8.70 2.95
C THR A 155 -3.16 -8.83 3.33
N LEU A 156 -2.32 -8.12 2.60
CA LEU A 156 -0.88 -8.31 2.64
C LEU A 156 -0.28 -7.88 3.98
N ARG A 157 -0.83 -6.82 4.56
CA ARG A 157 -0.36 -6.37 5.87
C ARG A 157 -0.79 -7.32 6.97
N GLU A 158 -1.77 -8.16 6.68
CA GLU A 158 -2.24 -9.15 7.63
C GLU A 158 -1.26 -10.32 7.69
N GLN A 159 -0.57 -10.56 6.57
CA GLN A 159 0.55 -11.50 6.55
C GLN A 159 1.79 -10.88 7.14
N GLY A 160 1.75 -9.57 7.33
CA GLY A 160 2.93 -8.83 7.73
C GLY A 160 4.00 -8.96 6.68
N VAL A 161 3.65 -8.69 5.43
CA VAL A 161 4.60 -8.78 4.33
C VAL A 161 5.66 -7.69 4.43
N GLU A 162 6.88 -8.07 4.13
CA GLU A 162 8.00 -7.16 4.16
C GLU A 162 8.24 -6.64 2.74
N GLU A 163 8.91 -5.52 2.64
CA GLU A 163 9.20 -4.92 1.34
C GLU A 163 10.63 -5.24 0.91
N HIS A 164 11.26 -6.18 1.62
CA HIS A 164 12.66 -6.48 1.37
C HIS A 164 12.88 -7.98 1.15
N GLU A 165 11.82 -8.76 1.14
CA GLU A 165 11.94 -10.22 1.03
C GLU A 165 11.47 -10.72 -0.33
N THR A 166 11.97 -11.88 -0.75
CA THR A 166 11.62 -12.43 -2.06
C THR A 166 10.31 -13.20 -2.00
N LEU A 167 9.41 -12.89 -2.92
CA LEU A 167 8.14 -13.57 -3.01
C LEU A 167 8.09 -14.31 -4.33
N LEU A 168 7.51 -15.49 -4.36
CA LEU A 168 7.47 -16.27 -5.59
C LEU A 168 6.02 -16.59 -5.92
N LEU A 169 5.72 -16.81 -7.18
CA LEU A 169 4.43 -17.35 -7.54
C LEU A 169 4.57 -18.82 -7.91
N ARG A 170 3.56 -19.58 -7.60
CA ARG A 170 3.55 -21.01 -7.84
C ARG A 170 2.31 -21.35 -8.65
N ARG A 171 2.46 -22.12 -9.70
CA ARG A 171 1.28 -22.53 -10.46
C ARG A 171 0.48 -23.52 -9.64
N LYS A 172 -0.66 -23.07 -9.14
CA LYS A 172 -1.48 -23.88 -8.27
C LYS A 172 -2.39 -24.78 -9.09
N PHE A 173 -3.08 -24.19 -10.06
CA PHE A 173 -3.99 -24.94 -10.90
C PHE A 173 -3.29 -25.41 -12.16
N PHE A 174 -3.58 -26.62 -12.55
CA PHE A 174 -2.93 -27.22 -13.71
C PHE A 174 -3.98 -27.54 -14.77
N TYR A 175 -4.78 -26.55 -15.11
CA TYR A 175 -5.84 -26.69 -16.11
C TYR A 175 -5.25 -27.07 -17.46
N SER A 176 -3.94 -26.84 -17.62
CA SER A 176 -3.21 -27.15 -18.84
C SER A 176 -3.69 -26.29 -20.00
N ASP A 177 -3.06 -25.13 -20.16
CA ASP A 177 -3.33 -24.26 -21.28
C ASP A 177 -2.81 -24.91 -22.55
N GLN A 178 -1.67 -25.58 -22.39
CA GLN A 178 -1.06 -26.40 -23.43
C GLN A 178 -1.03 -25.68 -24.78
N GLY A 1 -6.23 31.99 13.10
CA GLY A 1 -6.01 32.72 11.82
C GLY A 1 -6.88 32.16 10.71
N ILE A 2 -6.29 31.95 9.55
CA ILE A 2 -7.02 31.35 8.44
C ILE A 2 -6.98 29.84 8.55
N ASP A 3 -7.48 29.34 9.67
CA ASP A 3 -7.47 27.92 9.96
C ASP A 3 -8.69 27.27 9.34
N PRO A 4 -8.51 26.14 8.65
CA PRO A 4 -9.61 25.41 8.03
C PRO A 4 -10.58 24.85 9.06
N PHE A 5 -11.87 24.86 8.73
CA PHE A 5 -12.90 24.29 9.59
C PHE A 5 -12.81 24.86 11.01
N THR A 6 -13.11 26.15 11.14
CA THR A 6 -13.03 26.86 12.43
C THR A 6 -11.71 26.59 13.15
N MET A 7 -11.80 26.01 14.33
CA MET A 7 -10.59 25.62 15.06
C MET A 7 -10.59 24.10 15.28
N VAL A 8 -10.99 23.41 14.23
CA VAL A 8 -10.97 21.97 14.19
C VAL A 8 -10.49 21.52 12.82
N ALA A 9 -9.19 21.62 12.62
CA ALA A 9 -8.54 21.16 11.41
C ALA A 9 -7.35 20.31 11.76
N LEU A 10 -7.61 19.01 11.85
CA LEU A 10 -6.60 18.01 12.17
C LEU A 10 -5.19 18.36 11.70
N SER A 11 -4.28 18.36 12.65
CA SER A 11 -2.89 18.67 12.40
C SER A 11 -2.14 17.35 12.22
N LEU A 12 -1.86 17.01 10.99
CA LEU A 12 -1.35 15.69 10.68
C LEU A 12 0.09 15.76 10.22
N LYS A 13 0.90 14.86 10.76
CA LYS A 13 2.29 14.74 10.33
C LYS A 13 2.38 13.83 9.12
N ILE A 14 2.56 14.41 7.95
CA ILE A 14 2.64 13.65 6.73
C ILE A 14 4.07 13.19 6.51
N SER A 15 4.28 11.90 6.67
CA SER A 15 5.58 11.33 6.42
C SER A 15 5.64 10.79 5.00
N ILE A 16 6.59 11.28 4.22
CA ILE A 16 6.74 10.84 2.84
C ILE A 16 8.06 10.09 2.69
N GLY A 17 8.01 8.77 2.76
CA GLY A 17 9.22 7.98 2.73
C GLY A 17 9.94 7.99 4.05
N ASN A 18 10.24 9.18 4.54
CA ASN A 18 10.93 9.37 5.81
C ASN A 18 10.70 10.78 6.34
N VAL A 19 10.85 11.77 5.46
CA VAL A 19 10.68 13.17 5.81
C VAL A 19 9.26 13.43 6.34
N VAL A 20 9.12 14.47 7.15
CA VAL A 20 7.84 14.77 7.79
C VAL A 20 7.37 16.18 7.43
N LYS A 21 6.19 16.25 6.84
CA LYS A 21 5.59 17.53 6.50
C LYS A 21 4.33 17.73 7.33
N THR A 22 4.16 18.91 7.87
CA THR A 22 3.05 19.16 8.77
C THR A 22 1.91 19.85 8.02
N MET A 23 0.78 19.18 7.94
CA MET A 23 -0.37 19.68 7.19
C MET A 23 -1.61 19.63 8.06
N GLN A 24 -2.52 20.56 7.84
CA GLN A 24 -3.80 20.54 8.52
C GLN A 24 -4.90 20.27 7.53
N PHE A 25 -5.80 19.38 7.88
CA PHE A 25 -6.90 19.00 7.01
C PHE A 25 -8.18 19.08 7.80
N GLU A 26 -9.26 19.43 7.15
CA GLU A 26 -10.54 19.48 7.82
C GLU A 26 -10.98 18.05 8.15
N PRO A 27 -11.53 17.85 9.34
CA PRO A 27 -12.01 16.54 9.80
C PRO A 27 -12.87 15.83 8.75
N SER A 28 -13.58 16.60 7.92
CA SER A 28 -14.46 16.04 6.90
C SER A 28 -13.86 16.19 5.49
N THR A 29 -12.57 16.50 5.41
CA THR A 29 -11.89 16.73 4.14
C THR A 29 -11.92 15.51 3.22
N MET A 30 -11.65 14.33 3.79
CA MET A 30 -11.50 13.08 3.02
C MET A 30 -10.12 12.95 2.41
N VAL A 31 -9.70 11.70 2.23
CA VAL A 31 -8.47 11.39 1.52
C VAL A 31 -8.41 12.09 0.15
N TYR A 32 -9.53 12.12 -0.58
CA TYR A 32 -9.51 12.64 -1.95
C TYR A 32 -9.19 14.14 -1.96
N ASP A 33 -9.73 14.87 -0.99
CA ASP A 33 -9.49 16.30 -0.88
C ASP A 33 -8.09 16.55 -0.31
N ALA A 34 -7.71 15.75 0.68
CA ALA A 34 -6.39 15.83 1.28
C ALA A 34 -5.29 15.67 0.24
N CYS A 35 -5.41 14.62 -0.57
CA CYS A 35 -4.43 14.31 -1.60
C CYS A 35 -4.25 15.48 -2.58
N ARG A 36 -5.33 16.19 -2.88
CA ARG A 36 -5.25 17.23 -3.90
C ARG A 36 -4.58 18.49 -3.34
N MET A 37 -4.74 18.74 -2.05
CA MET A 37 -4.11 19.88 -1.42
C MET A 37 -2.65 19.61 -1.08
N ILE A 38 -2.35 18.39 -0.64
CA ILE A 38 -0.99 18.05 -0.27
C ILE A 38 -0.06 18.09 -1.47
N ARG A 39 -0.52 17.54 -2.61
CA ARG A 39 0.24 17.59 -3.86
C ARG A 39 0.43 19.04 -4.30
N GLU A 40 -0.49 19.90 -3.91
CA GLU A 40 -0.49 21.29 -4.34
C GLU A 40 0.63 22.07 -3.66
N ARG A 41 0.57 22.12 -2.34
CA ARG A 41 1.54 22.91 -1.57
C ARG A 41 2.84 22.14 -1.30
N ILE A 42 2.76 20.83 -1.18
CA ILE A 42 3.95 20.03 -0.90
C ILE A 42 4.46 19.35 -2.16
N PRO A 43 5.58 19.84 -2.72
CA PRO A 43 6.17 19.28 -3.93
C PRO A 43 6.84 17.93 -3.67
N GLU A 44 7.00 17.60 -2.39
CA GLU A 44 7.61 16.34 -2.00
C GLU A 44 6.59 15.20 -2.07
N ALA A 45 5.33 15.58 -2.22
CA ALA A 45 4.25 14.61 -2.20
C ALA A 45 4.26 13.71 -3.43
N LEU A 46 4.30 14.31 -4.61
CA LEU A 46 4.21 13.55 -5.85
C LEU A 46 5.57 13.00 -6.29
N ALA A 47 6.13 12.12 -5.46
CA ALA A 47 7.41 11.48 -5.77
C ALA A 47 7.28 10.57 -6.99
N GLY A 48 6.04 10.24 -7.32
CA GLY A 48 5.75 9.46 -8.51
C GLY A 48 4.38 9.81 -9.04
N PRO A 49 3.75 8.92 -9.83
CA PRO A 49 2.39 9.15 -10.32
C PRO A 49 1.40 9.38 -9.19
N PRO A 50 0.81 10.59 -9.12
CA PRO A 50 -0.12 10.98 -8.04
C PRO A 50 -1.32 10.04 -7.92
N ASN A 51 -1.57 9.28 -8.98
CA ASN A 51 -2.66 8.32 -9.01
C ASN A 51 -2.36 7.16 -8.07
N ASP A 52 -1.07 6.81 -7.99
CA ASP A 52 -0.63 5.68 -7.18
C ASP A 52 -0.29 6.13 -5.77
N PHE A 53 -0.66 7.36 -5.42
CA PHE A 53 -0.34 7.91 -4.11
C PHE A 53 -1.59 8.08 -3.26
N GLY A 54 -1.55 7.52 -2.06
CA GLY A 54 -2.67 7.60 -1.14
C GLY A 54 -2.25 7.82 0.29
N LEU A 55 -3.20 7.79 1.20
CA LEU A 55 -2.93 8.08 2.60
C LEU A 55 -2.86 6.82 3.44
N PHE A 56 -1.69 6.57 3.99
CA PHE A 56 -1.50 5.48 4.95
C PHE A 56 -1.41 6.06 6.35
N LEU A 57 -2.21 5.53 7.25
CA LEU A 57 -2.26 6.05 8.61
C LEU A 57 -1.30 5.27 9.49
N SER A 58 -0.27 5.95 9.98
CA SER A 58 0.70 5.35 10.86
C SER A 58 0.16 5.35 12.29
N ASP A 59 -0.47 4.26 12.67
CA ASP A 59 -1.09 4.15 13.98
C ASP A 59 -0.03 3.94 15.05
N ASP A 60 0.84 2.96 14.82
CA ASP A 60 1.83 2.57 15.81
C ASP A 60 2.73 1.47 15.27
N ASP A 61 2.12 0.54 14.55
CA ASP A 61 2.82 -0.65 14.08
C ASP A 61 2.29 -1.04 12.71
N PRO A 62 3.14 -1.64 11.84
CA PRO A 62 2.73 -2.13 10.52
C PRO A 62 1.43 -2.94 10.55
N LYS A 63 1.21 -3.71 11.62
CA LYS A 63 0.00 -4.51 11.76
C LYS A 63 -1.22 -3.63 12.01
N LYS A 64 -0.98 -2.49 12.65
CA LYS A 64 -2.04 -1.55 13.00
C LYS A 64 -2.18 -0.50 11.92
N GLY A 65 -1.24 -0.52 10.97
CA GLY A 65 -1.26 0.40 9.87
C GLY A 65 -2.46 0.20 8.97
N ILE A 66 -3.09 1.29 8.57
CA ILE A 66 -4.31 1.21 7.79
C ILE A 66 -4.22 2.12 6.57
N TRP A 67 -4.81 1.66 5.47
CA TRP A 67 -4.88 2.47 4.27
C TRP A 67 -6.16 3.28 4.26
N LEU A 68 -6.00 4.59 4.16
CA LEU A 68 -7.13 5.50 4.17
C LEU A 68 -7.71 5.63 2.77
N GLU A 69 -8.92 5.12 2.58
CA GLU A 69 -9.60 5.25 1.30
C GLU A 69 -10.30 6.61 1.21
N ALA A 70 -10.59 7.03 -0.01
CA ALA A 70 -11.23 8.32 -0.23
C ALA A 70 -12.72 8.26 0.10
N GLY A 71 -13.22 7.05 0.33
CA GLY A 71 -14.62 6.85 0.63
C GLY A 71 -15.00 7.30 2.02
N LYS A 72 -14.01 7.47 2.89
CA LYS A 72 -14.27 7.95 4.24
C LYS A 72 -13.38 9.16 4.53
N ALA A 73 -13.77 9.93 5.54
CA ALA A 73 -13.00 11.11 5.92
C ALA A 73 -11.87 10.69 6.87
N LEU A 74 -11.14 11.66 7.38
CA LEU A 74 -10.01 11.38 8.23
C LEU A 74 -10.45 11.19 9.68
N ASP A 75 -11.22 12.16 10.15
CA ASP A 75 -11.71 12.17 11.53
C ASP A 75 -12.77 11.08 11.75
N TYR A 76 -13.21 10.49 10.65
CA TYR A 76 -14.07 9.33 10.68
C TYR A 76 -13.40 8.22 11.49
N TYR A 77 -12.08 8.11 11.31
CA TYR A 77 -11.26 7.24 12.14
C TYR A 77 -10.95 7.93 13.46
N MET A 78 -9.78 7.65 14.02
CA MET A 78 -9.40 8.23 15.30
C MET A 78 -8.31 9.28 15.13
N LEU A 79 -8.34 10.01 14.01
CA LEU A 79 -7.31 11.01 13.75
C LEU A 79 -7.77 12.38 14.17
N ARG A 80 -6.84 13.13 14.72
CA ARG A 80 -7.08 14.50 15.15
C ARG A 80 -5.77 15.28 15.12
N ASN A 81 -5.60 16.24 16.02
CA ASN A 81 -4.40 17.05 16.05
C ASN A 81 -3.25 16.30 16.72
N GLY A 82 -2.33 15.81 15.92
CA GLY A 82 -1.17 15.13 16.47
C GLY A 82 -1.02 13.70 15.98
N ASP A 83 -1.75 13.33 14.94
CA ASP A 83 -1.61 11.99 14.37
C ASP A 83 -0.71 12.03 13.14
N THR A 84 0.15 11.03 13.01
CA THR A 84 1.02 10.92 11.87
C THR A 84 0.33 10.18 10.72
N MET A 85 0.35 10.77 9.54
CA MET A 85 -0.29 10.18 8.39
C MET A 85 0.68 10.15 7.22
N GLU A 86 1.07 8.97 6.83
CA GLU A 86 2.04 8.80 5.77
C GLU A 86 1.37 9.02 4.42
N TYR A 87 1.92 9.92 3.60
CA TYR A 87 1.45 10.09 2.24
C TYR A 87 2.40 9.34 1.34
N ARG A 88 1.97 8.17 0.91
CA ARG A 88 2.88 7.27 0.24
C ARG A 88 2.25 6.67 -1.02
N LYS A 89 3.07 5.94 -1.75
CA LYS A 89 2.62 5.17 -2.88
C LYS A 89 1.77 4.00 -2.37
N LYS A 90 0.60 3.81 -2.97
CA LYS A 90 -0.29 2.70 -2.63
C LYS A 90 0.46 1.39 -2.72
N GLN A 91 1.42 1.36 -3.63
CA GLN A 91 2.18 0.17 -3.92
C GLN A 91 3.56 0.25 -3.28
N ARG A 92 4.16 -0.90 -3.07
CA ARG A 92 5.51 -0.98 -2.57
C ARG A 92 6.27 -2.09 -3.28
N PRO A 93 7.61 -2.04 -3.30
CA PRO A 93 8.43 -2.95 -4.12
C PRO A 93 8.32 -4.41 -3.70
N LEU A 94 7.68 -5.19 -4.56
CA LEU A 94 7.62 -6.63 -4.37
C LEU A 94 8.60 -7.32 -5.30
N LYS A 95 9.43 -8.18 -4.76
CA LYS A 95 10.36 -8.93 -5.59
C LYS A 95 9.79 -10.29 -5.90
N ILE A 96 9.68 -10.58 -7.18
CA ILE A 96 8.97 -11.77 -7.63
C ILE A 96 9.82 -12.56 -8.62
N ARG A 97 9.87 -13.87 -8.45
CA ARG A 97 10.57 -14.72 -9.39
C ARG A 97 9.55 -15.51 -10.20
N MET A 98 9.62 -15.40 -11.50
CA MET A 98 8.67 -16.04 -12.40
C MET A 98 9.05 -17.48 -12.67
N LEU A 99 8.13 -18.20 -13.33
CA LEU A 99 8.23 -19.65 -13.51
C LEU A 99 9.52 -20.04 -14.21
N ASP A 100 9.96 -19.22 -15.16
CA ASP A 100 11.15 -19.50 -15.94
C ASP A 100 12.40 -19.25 -15.09
N GLY A 101 12.20 -18.64 -13.94
CA GLY A 101 13.30 -18.40 -13.03
C GLY A 101 13.78 -16.96 -13.07
N THR A 102 13.02 -16.10 -13.72
CA THR A 102 13.39 -14.70 -13.86
C THR A 102 12.76 -13.87 -12.78
N VAL A 103 13.55 -13.04 -12.12
CA VAL A 103 13.06 -12.24 -11.02
C VAL A 103 12.92 -10.78 -11.41
N LYS A 104 11.84 -10.17 -10.97
CA LYS A 104 11.61 -8.74 -11.20
C LYS A 104 11.04 -8.10 -9.95
N THR A 105 11.17 -6.79 -9.85
CA THR A 105 10.57 -6.06 -8.75
C THR A 105 9.46 -5.18 -9.31
N ILE A 106 8.26 -5.35 -8.78
CA ILE A 106 7.11 -4.61 -9.27
C ILE A 106 6.39 -3.97 -8.09
N MET A 107 5.78 -2.82 -8.30
CA MET A 107 5.12 -2.12 -7.21
C MET A 107 3.68 -2.60 -7.08
N VAL A 108 3.44 -3.29 -5.97
CA VAL A 108 2.14 -3.85 -5.68
C VAL A 108 1.42 -3.03 -4.65
N ASP A 109 0.19 -2.64 -4.97
CA ASP A 109 -0.67 -1.93 -4.02
C ASP A 109 -0.81 -2.75 -2.75
N ASP A 110 -0.37 -2.20 -1.64
CA ASP A 110 -0.42 -2.91 -0.36
C ASP A 110 -1.83 -2.85 0.19
N SER A 111 -2.64 -1.98 -0.38
CA SER A 111 -4.00 -1.78 0.07
C SER A 111 -4.96 -2.86 -0.47
N LYS A 112 -4.42 -3.85 -1.18
CA LYS A 112 -5.26 -4.90 -1.75
C LYS A 112 -4.70 -6.29 -1.45
N THR A 113 -5.51 -7.31 -1.74
CA THR A 113 -5.17 -8.69 -1.41
C THR A 113 -4.33 -9.36 -2.50
N VAL A 114 -4.09 -10.65 -2.35
CA VAL A 114 -3.10 -11.37 -3.16
C VAL A 114 -3.61 -11.72 -4.56
N THR A 115 -4.84 -12.21 -4.66
CA THR A 115 -5.45 -12.45 -5.97
C THR A 115 -5.35 -11.22 -6.87
N ASP A 116 -5.71 -10.06 -6.33
CA ASP A 116 -5.60 -8.81 -7.05
C ASP A 116 -4.12 -8.50 -7.34
N MET A 117 -3.28 -8.78 -6.35
CA MET A 117 -1.83 -8.65 -6.47
C MET A 117 -1.30 -9.41 -7.67
N LEU A 118 -1.66 -10.67 -7.77
CA LEU A 118 -1.14 -11.53 -8.82
C LEU A 118 -1.59 -11.03 -10.18
N MET A 119 -2.81 -10.50 -10.23
CA MET A 119 -3.31 -9.85 -11.43
C MET A 119 -2.35 -8.75 -11.85
N THR A 120 -1.94 -7.96 -10.87
CA THR A 120 -0.98 -6.90 -11.05
C THR A 120 0.39 -7.43 -11.51
N ILE A 121 0.85 -8.51 -10.88
CA ILE A 121 2.20 -9.02 -11.13
C ILE A 121 2.31 -9.79 -12.45
N CYS A 122 1.39 -10.73 -12.67
CA CYS A 122 1.44 -11.58 -13.86
C CYS A 122 1.22 -10.74 -15.12
N ALA A 123 0.50 -9.63 -14.96
CA ALA A 123 0.25 -8.72 -16.07
C ALA A 123 1.53 -8.02 -16.53
N ARG A 124 2.49 -7.91 -15.62
CA ARG A 124 3.76 -7.26 -15.95
C ARG A 124 4.57 -8.13 -16.89
N ILE A 125 4.46 -9.44 -16.70
CA ILE A 125 5.21 -10.39 -17.51
C ILE A 125 4.50 -10.62 -18.84
N GLY A 126 3.17 -10.58 -18.79
CA GLY A 126 2.40 -10.85 -19.98
C GLY A 126 1.58 -12.12 -19.84
N ILE A 127 1.32 -12.50 -18.60
CA ILE A 127 0.51 -13.68 -18.31
C ILE A 127 -0.92 -13.24 -18.05
N THR A 128 -1.86 -13.80 -18.78
CA THR A 128 -3.27 -13.43 -18.63
C THR A 128 -3.95 -14.26 -17.56
N ASN A 129 -3.70 -15.57 -17.57
CA ASN A 129 -4.30 -16.46 -16.59
C ASN A 129 -3.47 -16.50 -15.33
N HIS A 130 -3.87 -15.71 -14.35
CA HIS A 130 -3.11 -15.58 -13.11
C HIS A 130 -3.76 -16.36 -11.98
N ASP A 131 -4.92 -16.94 -12.26
CA ASP A 131 -5.64 -17.69 -11.25
C ASP A 131 -5.01 -19.06 -11.05
N GLU A 132 -4.18 -19.46 -12.00
CA GLU A 132 -3.53 -20.75 -11.94
C GLU A 132 -2.22 -20.67 -11.17
N TYR A 133 -2.02 -19.57 -10.46
CA TYR A 133 -0.81 -19.38 -9.67
C TYR A 133 -1.14 -19.04 -8.23
N SER A 134 -0.26 -19.43 -7.33
CA SER A 134 -0.33 -18.98 -5.94
C SER A 134 0.87 -18.11 -5.63
N LEU A 135 0.97 -17.64 -4.40
CA LEU A 135 2.11 -16.82 -4.02
C LEU A 135 2.85 -17.50 -2.87
N VAL A 136 4.16 -17.43 -2.87
CA VAL A 136 4.95 -17.98 -1.78
C VAL A 136 6.08 -17.03 -1.43
N ARG A 137 6.05 -16.49 -0.22
CA ARG A 137 7.04 -15.54 0.21
C ARG A 137 8.12 -16.21 1.02
N GLU A 138 9.26 -16.44 0.41
CA GLU A 138 10.40 -16.94 1.14
C GLU A 138 11.12 -15.76 1.77
N LEU A 139 10.92 -15.62 3.07
CA LEU A 139 11.36 -14.43 3.77
C LEU A 139 12.79 -14.56 4.28
N MET A 140 13.15 -13.56 5.06
CA MET A 140 14.45 -13.46 5.70
C MET A 140 14.23 -13.38 7.21
N GLU A 141 13.00 -13.68 7.60
CA GLU A 141 12.53 -13.48 8.96
C GLU A 141 13.28 -14.31 9.98
N GLU A 142 13.73 -13.65 11.03
CA GLU A 142 14.28 -14.33 12.19
C GLU A 142 13.12 -14.80 13.07
N LYS A 143 11.99 -14.09 12.94
CA LYS A 143 10.81 -14.38 13.73
C LYS A 143 10.01 -15.52 13.09
N LYS A 144 9.40 -15.23 11.95
CA LYS A 144 8.54 -16.19 11.27
C LYS A 144 9.39 -17.30 10.64
N ASP A 145 10.20 -16.92 9.64
CA ASP A 145 10.99 -17.87 8.87
C ASP A 145 10.08 -18.92 8.26
N GLU A 146 9.42 -18.53 7.20
CA GLU A 146 8.40 -19.35 6.60
C GLU A 146 8.42 -19.21 5.09
N LEU A 147 7.76 -20.15 4.44
CA LEU A 147 7.60 -20.12 3.00
C LEU A 147 6.51 -19.14 2.63
N ASN A 148 5.60 -18.92 3.57
CA ASN A 148 4.50 -18.00 3.40
C ASN A 148 3.81 -18.22 2.06
N TRP A 149 3.07 -19.31 1.94
CA TRP A 149 2.37 -19.60 0.72
C TRP A 149 1.03 -18.89 0.78
N LEU A 150 1.00 -17.67 0.27
CA LEU A 150 -0.19 -16.83 0.37
C LEU A 150 -1.39 -17.51 -0.27
N ASP A 151 -2.44 -17.64 0.55
CA ASP A 151 -3.68 -18.34 0.18
C ASP A 151 -4.49 -17.55 -0.85
N HIS A 152 -3.92 -16.44 -1.30
CA HIS A 152 -4.60 -15.48 -2.15
C HIS A 152 -5.69 -14.75 -1.39
N GLY A 153 -5.63 -14.85 -0.07
CA GLY A 153 -6.64 -14.24 0.77
C GLY A 153 -6.03 -13.66 2.01
N ARG A 154 -4.75 -13.36 1.92
CA ARG A 154 -4.01 -12.84 3.05
C ARG A 154 -3.59 -11.40 2.80
N THR A 155 -3.97 -10.50 3.69
CA THR A 155 -3.54 -9.12 3.57
C THR A 155 -2.13 -8.96 4.11
N LEU A 156 -1.37 -8.13 3.43
CA LEU A 156 0.08 -8.07 3.60
C LEU A 156 0.50 -7.53 4.96
N ARG A 157 -0.23 -6.55 5.46
CA ARG A 157 0.11 -5.94 6.75
C ARG A 157 -0.35 -6.83 7.90
N GLU A 158 -0.95 -7.96 7.57
CA GLU A 158 -1.32 -8.96 8.57
C GLU A 158 -0.25 -10.06 8.60
N GLN A 159 0.55 -10.11 7.54
CA GLN A 159 1.60 -11.11 7.41
C GLN A 159 2.85 -10.65 8.14
N GLY A 160 2.94 -9.34 8.35
CA GLY A 160 4.11 -8.76 8.98
C GLY A 160 5.31 -8.80 8.08
N VAL A 161 5.07 -8.97 6.79
CA VAL A 161 6.13 -9.04 5.80
C VAL A 161 6.66 -7.65 5.44
N GLU A 162 7.76 -7.63 4.69
CA GLU A 162 8.38 -6.39 4.27
C GLU A 162 8.25 -6.26 2.76
N GLU A 163 9.05 -5.37 2.17
CA GLU A 163 9.10 -5.25 0.72
C GLU A 163 10.54 -5.38 0.21
N HIS A 164 11.29 -6.31 0.80
CA HIS A 164 12.69 -6.51 0.38
C HIS A 164 13.10 -7.98 0.34
N GLU A 165 12.18 -8.86 0.69
CA GLU A 165 12.45 -10.30 0.64
C GLU A 165 12.03 -10.86 -0.71
N THR A 166 12.54 -12.03 -1.07
CA THR A 166 12.20 -12.62 -2.35
C THR A 166 10.90 -13.42 -2.28
N LEU A 167 9.95 -13.02 -3.11
CA LEU A 167 8.68 -13.70 -3.21
C LEU A 167 8.64 -14.46 -4.52
N LEU A 168 8.12 -15.66 -4.52
CA LEU A 168 8.18 -16.49 -5.72
C LEU A 168 6.79 -16.73 -6.27
N LEU A 169 6.65 -16.59 -7.57
CA LEU A 169 5.40 -16.91 -8.24
C LEU A 169 5.40 -18.40 -8.60
N ARG A 170 4.38 -19.11 -8.16
CA ARG A 170 4.32 -20.55 -8.34
C ARG A 170 3.02 -20.96 -9.01
N ARG A 171 3.09 -21.95 -9.86
CA ARG A 171 1.92 -22.45 -10.53
C ARG A 171 1.15 -23.39 -9.60
N LYS A 172 -0.13 -23.11 -9.42
CA LYS A 172 -0.96 -23.88 -8.52
C LYS A 172 -1.64 -25.02 -9.27
N PHE A 173 -2.23 -24.69 -10.41
CA PHE A 173 -2.94 -25.69 -11.19
C PHE A 173 -2.11 -26.12 -12.37
N PHE A 174 -2.17 -27.40 -12.68
CA PHE A 174 -1.48 -27.95 -13.82
C PHE A 174 -2.51 -28.68 -14.68
N TYR A 175 -3.35 -27.89 -15.32
CA TYR A 175 -4.49 -28.41 -16.07
C TYR A 175 -4.07 -28.90 -17.46
N SER A 176 -2.77 -29.07 -17.67
CA SER A 176 -2.24 -29.63 -18.90
C SER A 176 -2.53 -28.70 -20.09
N ASP A 177 -2.54 -27.40 -19.80
CA ASP A 177 -2.78 -26.35 -20.80
C ASP A 177 -4.22 -26.39 -21.35
N GLN A 178 -5.06 -27.24 -20.77
CA GLN A 178 -6.45 -27.30 -21.17
C GLN A 178 -7.30 -26.43 -20.26
N GLY A 1 -23.08 21.18 7.24
CA GLY A 1 -22.89 21.20 5.78
C GLY A 1 -21.42 21.10 5.41
N ILE A 2 -21.04 21.71 4.31
CA ILE A 2 -19.63 21.77 3.93
C ILE A 2 -18.98 22.93 4.66
N ASP A 3 -18.75 22.73 5.95
CA ASP A 3 -18.23 23.76 6.82
C ASP A 3 -16.71 23.76 6.79
N PRO A 4 -16.10 24.95 6.80
CA PRO A 4 -14.65 25.09 6.78
C PRO A 4 -14.01 24.73 8.12
N PHE A 5 -12.69 24.76 8.17
CA PHE A 5 -11.94 24.41 9.36
C PHE A 5 -11.92 25.58 10.34
N THR A 6 -13.10 25.88 10.89
CA THR A 6 -13.24 26.89 11.93
C THR A 6 -12.42 26.52 13.15
N MET A 7 -13.03 25.78 14.04
CA MET A 7 -12.34 25.20 15.17
C MET A 7 -12.34 23.69 15.01
N VAL A 8 -12.32 23.30 13.75
CA VAL A 8 -12.32 21.91 13.36
C VAL A 8 -11.25 21.68 12.31
N ALA A 9 -10.00 21.64 12.75
CA ALA A 9 -8.90 21.34 11.87
C ALA A 9 -8.03 20.30 12.53
N LEU A 10 -7.54 19.37 11.73
CA LEU A 10 -6.74 18.28 12.23
C LEU A 10 -5.28 18.50 11.88
N SER A 11 -4.42 18.45 12.88
CA SER A 11 -3.02 18.70 12.69
C SER A 11 -2.29 17.38 12.45
N LEU A 12 -2.00 17.09 11.19
CA LEU A 12 -1.50 15.78 10.83
C LEU A 12 -0.06 15.88 10.33
N LYS A 13 0.81 15.09 10.95
CA LYS A 13 2.20 15.01 10.52
C LYS A 13 2.30 14.16 9.27
N ILE A 14 2.58 14.79 8.14
CA ILE A 14 2.67 14.09 6.88
C ILE A 14 4.10 13.67 6.62
N SER A 15 4.38 12.40 6.81
CA SER A 15 5.71 11.90 6.56
C SER A 15 5.76 11.26 5.17
N ILE A 16 6.76 11.63 4.39
CA ILE A 16 6.91 11.09 3.04
C ILE A 16 8.32 10.53 2.89
N GLY A 17 8.46 9.24 3.10
CA GLY A 17 9.77 8.63 3.03
C GLY A 17 10.64 9.00 4.23
N ASN A 18 11.52 9.95 4.03
CA ASN A 18 12.43 10.38 5.09
C ASN A 18 12.08 11.77 5.60
N VAL A 19 11.11 12.42 4.98
CA VAL A 19 10.74 13.78 5.33
C VAL A 19 9.42 13.81 6.10
N VAL A 20 9.20 14.87 6.87
CA VAL A 20 7.96 15.05 7.59
C VAL A 20 7.50 16.51 7.49
N LYS A 21 6.28 16.68 7.01
CA LYS A 21 5.71 18.01 6.85
C LYS A 21 4.43 18.11 7.63
N THR A 22 4.15 19.28 8.14
CA THR A 22 2.98 19.47 8.98
C THR A 22 1.86 20.13 8.21
N MET A 23 0.73 19.44 8.12
CA MET A 23 -0.42 19.96 7.41
C MET A 23 -1.66 19.83 8.28
N GLN A 24 -2.59 20.73 8.11
CA GLN A 24 -3.86 20.63 8.77
C GLN A 24 -4.95 20.38 7.75
N PHE A 25 -5.83 19.45 8.06
CA PHE A 25 -6.90 19.08 7.16
C PHE A 25 -8.22 19.26 7.88
N GLU A 26 -9.29 19.39 7.13
CA GLU A 26 -10.60 19.45 7.71
C GLU A 26 -11.07 18.03 8.01
N PRO A 27 -11.72 17.83 9.16
CA PRO A 27 -12.19 16.50 9.59
C PRO A 27 -12.91 15.75 8.47
N SER A 28 -13.75 16.46 7.72
CA SER A 28 -14.53 15.84 6.66
C SER A 28 -13.91 16.07 5.28
N THR A 29 -12.62 16.43 5.26
CA THR A 29 -11.89 16.62 4.00
C THR A 29 -11.98 15.40 3.11
N MET A 30 -11.74 14.22 3.70
CA MET A 30 -11.78 12.95 2.98
C MET A 30 -10.51 12.77 2.13
N VAL A 31 -9.99 11.55 2.13
CA VAL A 31 -8.72 11.21 1.47
C VAL A 31 -8.53 11.89 0.10
N TYR A 32 -9.52 11.75 -0.78
CA TYR A 32 -9.40 12.28 -2.14
C TYR A 32 -9.11 13.79 -2.14
N ASP A 33 -9.72 14.51 -1.21
CA ASP A 33 -9.54 15.97 -1.13
C ASP A 33 -8.20 16.30 -0.49
N ALA A 34 -7.82 15.52 0.51
CA ALA A 34 -6.50 15.68 1.14
C ALA A 34 -5.40 15.54 0.10
N CYS A 35 -5.50 14.48 -0.70
CA CYS A 35 -4.52 14.19 -1.75
C CYS A 35 -4.37 15.36 -2.73
N ARG A 36 -5.46 16.04 -3.03
CA ARG A 36 -5.42 17.11 -4.04
C ARG A 36 -4.73 18.35 -3.48
N MET A 37 -4.86 18.58 -2.18
CA MET A 37 -4.24 19.72 -1.53
C MET A 37 -2.77 19.45 -1.23
N ILE A 38 -2.45 18.26 -0.76
CA ILE A 38 -1.08 17.95 -0.37
C ILE A 38 -0.16 17.94 -1.60
N ARG A 39 -0.63 17.32 -2.68
CA ARG A 39 0.11 17.33 -3.95
C ARG A 39 0.30 18.75 -4.46
N GLU A 40 -0.61 19.62 -4.07
CA GLU A 40 -0.59 21.00 -4.52
C GLU A 40 0.58 21.76 -3.87
N ARG A 41 0.57 21.79 -2.55
CA ARG A 41 1.56 22.57 -1.81
C ARG A 41 2.88 21.83 -1.62
N ILE A 42 2.82 20.54 -1.28
CA ILE A 42 4.04 19.79 -0.99
C ILE A 42 4.43 18.92 -2.19
N PRO A 43 5.48 19.33 -2.91
CA PRO A 43 5.95 18.63 -4.12
C PRO A 43 6.70 17.35 -3.78
N GLU A 44 6.77 17.03 -2.50
CA GLU A 44 7.42 15.80 -2.05
C GLU A 44 6.42 14.65 -2.08
N ALA A 45 5.14 15.00 -2.14
CA ALA A 45 4.07 14.02 -2.09
C ALA A 45 4.04 13.18 -3.37
N LEU A 46 4.17 13.82 -4.50
CA LEU A 46 4.04 13.14 -5.78
C LEU A 46 5.39 12.65 -6.32
N ALA A 47 5.96 11.67 -5.65
CA ALA A 47 7.18 11.02 -6.13
C ALA A 47 6.85 10.05 -7.26
N GLY A 48 5.64 10.17 -7.78
CA GLY A 48 5.17 9.34 -8.87
C GLY A 48 3.74 9.70 -9.23
N PRO A 49 3.00 8.80 -9.87
CA PRO A 49 1.60 9.03 -10.23
C PRO A 49 0.69 9.06 -9.00
N PRO A 50 -0.25 10.02 -8.93
CA PRO A 50 -1.21 10.12 -7.82
C PRO A 50 -2.06 8.86 -7.67
N ASN A 51 -2.15 8.08 -8.74
CA ASN A 51 -2.86 6.81 -8.73
C ASN A 51 -2.16 5.81 -7.81
N ASP A 52 -0.88 6.06 -7.59
CA ASP A 52 -0.04 5.15 -6.82
C ASP A 52 0.30 5.73 -5.46
N PHE A 53 -0.28 6.87 -5.11
CA PHE A 53 0.06 7.53 -3.86
C PHE A 53 -1.18 7.80 -3.03
N GLY A 54 -1.15 7.32 -1.79
CA GLY A 54 -2.31 7.45 -0.92
C GLY A 54 -1.94 7.81 0.51
N LEU A 55 -2.93 7.75 1.38
CA LEU A 55 -2.77 8.16 2.77
C LEU A 55 -2.65 6.94 3.68
N PHE A 56 -1.46 6.76 4.22
CA PHE A 56 -1.22 5.72 5.22
C PHE A 56 -1.25 6.34 6.61
N LEU A 57 -2.01 5.75 7.51
CA LEU A 57 -2.10 6.27 8.86
C LEU A 57 -1.08 5.58 9.74
N SER A 58 -0.14 6.37 10.24
CA SER A 58 0.93 5.86 11.06
C SER A 58 0.44 5.57 12.47
N ASP A 59 -0.11 4.39 12.66
CA ASP A 59 -0.61 3.96 13.96
C ASP A 59 0.54 3.85 14.96
N ASP A 60 1.55 3.08 14.58
CA ASP A 60 2.72 2.84 15.40
C ASP A 60 3.71 1.99 14.63
N ASP A 61 3.20 0.90 14.10
CA ASP A 61 3.98 -0.02 13.29
C ASP A 61 3.37 -0.09 11.89
N PRO A 62 4.20 -0.20 10.84
CA PRO A 62 3.74 -0.29 9.44
C PRO A 62 2.65 -1.34 9.22
N LYS A 63 2.71 -2.45 9.96
CA LYS A 63 1.75 -3.52 9.76
C LYS A 63 0.48 -3.25 10.58
N LYS A 64 0.64 -2.50 11.66
CA LYS A 64 -0.49 -2.17 12.54
C LYS A 64 -1.21 -0.93 12.03
N GLY A 65 -0.61 -0.27 11.06
CA GLY A 65 -1.21 0.92 10.48
C GLY A 65 -2.39 0.58 9.59
N ILE A 66 -2.96 1.59 8.95
CA ILE A 66 -4.11 1.39 8.08
C ILE A 66 -3.99 2.22 6.81
N TRP A 67 -4.54 1.71 5.72
CA TRP A 67 -4.60 2.45 4.48
C TRP A 67 -5.90 3.23 4.42
N LEU A 68 -5.79 4.54 4.28
CA LEU A 68 -6.96 5.40 4.24
C LEU A 68 -7.56 5.41 2.83
N GLU A 69 -8.69 4.75 2.66
CA GLU A 69 -9.36 4.71 1.38
C GLU A 69 -10.06 6.04 1.08
N ALA A 70 -10.26 6.32 -0.20
CA ALA A 70 -10.91 7.56 -0.61
C ALA A 70 -12.38 7.58 -0.19
N GLY A 71 -12.92 6.40 0.07
CA GLY A 71 -14.33 6.27 0.39
C GLY A 71 -14.66 6.55 1.85
N LYS A 72 -13.78 7.25 2.56
CA LYS A 72 -14.08 7.66 3.92
C LYS A 72 -13.31 8.94 4.26
N ALA A 73 -13.82 9.68 5.23
CA ALA A 73 -13.19 10.93 5.63
C ALA A 73 -12.06 10.64 6.61
N LEU A 74 -11.31 11.66 6.98
CA LEU A 74 -10.16 11.46 7.85
C LEU A 74 -10.59 11.25 9.29
N ASP A 75 -11.31 12.23 9.81
CA ASP A 75 -11.76 12.24 11.21
C ASP A 75 -12.73 11.11 11.48
N TYR A 76 -13.18 10.48 10.40
CA TYR A 76 -13.98 9.28 10.46
C TYR A 76 -13.30 8.24 11.35
N TYR A 77 -11.98 8.13 11.20
CA TYR A 77 -11.18 7.25 12.04
C TYR A 77 -10.84 7.90 13.38
N MET A 78 -9.78 7.40 14.01
CA MET A 78 -9.37 7.85 15.32
C MET A 78 -8.30 8.93 15.24
N LEU A 79 -8.15 9.57 14.09
CA LEU A 79 -7.07 10.52 13.91
C LEU A 79 -7.57 11.95 14.03
N ARG A 80 -6.80 12.75 14.73
CA ARG A 80 -7.13 14.16 14.97
C ARG A 80 -5.83 14.94 15.10
N ASN A 81 -5.84 15.98 15.91
CA ASN A 81 -4.65 16.80 16.14
C ASN A 81 -3.55 15.97 16.80
N GLY A 82 -2.52 15.63 16.04
CA GLY A 82 -1.38 14.95 16.62
C GLY A 82 -1.04 13.65 15.93
N ASP A 83 -1.98 13.08 15.19
CA ASP A 83 -1.74 11.82 14.53
C ASP A 83 -0.86 12.01 13.31
N THR A 84 0.06 11.08 13.12
CA THR A 84 0.95 11.13 11.97
C THR A 84 0.32 10.38 10.80
N MET A 85 0.34 10.99 9.63
CA MET A 85 -0.22 10.37 8.45
C MET A 85 0.82 10.36 7.36
N GLU A 86 1.30 9.19 7.04
CA GLU A 86 2.36 9.04 6.06
C GLU A 86 1.76 9.09 4.66
N TYR A 87 2.28 9.97 3.82
CA TYR A 87 1.86 9.99 2.43
C TYR A 87 2.86 9.19 1.63
N ARG A 88 2.48 8.01 1.24
CA ARG A 88 3.40 7.10 0.58
C ARG A 88 2.77 6.48 -0.64
N LYS A 89 3.60 5.81 -1.41
CA LYS A 89 3.14 5.01 -2.53
C LYS A 89 2.29 3.87 -1.98
N LYS A 90 1.08 3.73 -2.52
CA LYS A 90 0.15 2.69 -2.09
C LYS A 90 0.80 1.33 -2.21
N GLN A 91 1.67 1.21 -3.20
CA GLN A 91 2.29 -0.05 -3.52
C GLN A 91 3.37 -0.43 -2.51
N ARG A 92 4.26 -1.28 -2.96
CA ARG A 92 5.37 -1.78 -2.16
C ARG A 92 6.23 -2.68 -3.04
N PRO A 93 7.56 -2.59 -2.87
CA PRO A 93 8.52 -3.27 -3.75
C PRO A 93 8.42 -4.79 -3.65
N LEU A 94 7.83 -5.40 -4.65
CA LEU A 94 7.67 -6.84 -4.69
C LEU A 94 8.73 -7.48 -5.56
N LYS A 95 9.58 -8.28 -4.93
CA LYS A 95 10.55 -9.07 -5.67
C LYS A 95 9.91 -10.39 -6.04
N ILE A 96 9.68 -10.60 -7.30
CA ILE A 96 8.90 -11.73 -7.76
C ILE A 96 9.73 -12.59 -8.70
N ARG A 97 9.74 -13.88 -8.49
CA ARG A 97 10.45 -14.78 -9.39
C ARG A 97 9.44 -15.62 -10.17
N MET A 98 9.51 -15.53 -11.48
CA MET A 98 8.56 -16.20 -12.37
C MET A 98 8.95 -17.66 -12.58
N LEU A 99 8.06 -18.39 -13.25
CA LEU A 99 8.15 -19.85 -13.35
C LEU A 99 9.46 -20.30 -13.96
N ASP A 100 9.92 -19.59 -14.99
CA ASP A 100 11.16 -19.94 -15.66
C ASP A 100 12.36 -19.57 -14.80
N GLY A 101 12.11 -18.76 -13.79
CA GLY A 101 13.18 -18.33 -12.91
C GLY A 101 13.53 -16.87 -13.11
N THR A 102 12.68 -16.12 -13.80
CA THR A 102 12.96 -14.71 -14.05
C THR A 102 12.51 -13.86 -12.88
N VAL A 103 13.39 -13.02 -12.37
CA VAL A 103 13.06 -12.14 -11.26
C VAL A 103 12.73 -10.76 -11.76
N LYS A 104 11.68 -10.18 -11.23
CA LYS A 104 11.44 -8.77 -11.44
C LYS A 104 10.94 -8.13 -10.15
N THR A 105 11.09 -6.82 -10.06
CA THR A 105 10.51 -6.08 -8.96
C THR A 105 9.45 -5.13 -9.50
N ILE A 106 8.22 -5.31 -9.06
CA ILE A 106 7.11 -4.48 -9.52
C ILE A 106 6.39 -3.90 -8.32
N MET A 107 5.89 -2.69 -8.45
CA MET A 107 5.23 -2.03 -7.34
C MET A 107 3.73 -2.31 -7.38
N VAL A 108 3.28 -3.08 -6.41
CA VAL A 108 1.86 -3.43 -6.33
C VAL A 108 1.27 -2.95 -5.03
N ASP A 109 0.02 -2.47 -5.11
CA ASP A 109 -0.69 -1.89 -3.97
C ASP A 109 -0.63 -2.79 -2.75
N ASP A 110 -0.27 -2.22 -1.61
CA ASP A 110 -0.25 -2.96 -0.34
C ASP A 110 -1.65 -2.95 0.28
N SER A 111 -2.49 -2.05 -0.22
CA SER A 111 -3.81 -1.83 0.33
C SER A 111 -4.78 -2.98 0.03
N LYS A 112 -4.46 -3.77 -0.99
CA LYS A 112 -5.42 -4.76 -1.48
C LYS A 112 -4.92 -6.19 -1.35
N THR A 113 -5.75 -7.13 -1.82
CA THR A 113 -5.49 -8.55 -1.65
C THR A 113 -4.55 -9.12 -2.71
N VAL A 114 -4.28 -10.42 -2.60
CA VAL A 114 -3.26 -11.08 -3.41
C VAL A 114 -3.74 -11.36 -4.83
N THR A 115 -4.97 -11.84 -4.99
CA THR A 115 -5.53 -12.10 -6.30
C THR A 115 -5.46 -10.87 -7.20
N ASP A 116 -5.75 -9.71 -6.61
CA ASP A 116 -5.72 -8.46 -7.35
C ASP A 116 -4.27 -8.07 -7.64
N MET A 117 -3.42 -8.31 -6.65
CA MET A 117 -1.99 -8.09 -6.77
C MET A 117 -1.38 -8.93 -7.89
N LEU A 118 -1.69 -10.22 -7.87
CA LEU A 118 -1.14 -11.16 -8.84
C LEU A 118 -1.63 -10.81 -10.24
N MET A 119 -2.85 -10.29 -10.30
CA MET A 119 -3.41 -9.80 -11.56
C MET A 119 -2.49 -8.73 -12.13
N THR A 120 -2.01 -7.88 -11.25
CA THR A 120 -1.07 -6.83 -11.61
C THR A 120 0.29 -7.41 -11.98
N ILE A 121 0.79 -8.36 -11.19
CA ILE A 121 2.14 -8.88 -11.37
C ILE A 121 2.26 -9.70 -12.65
N CYS A 122 1.33 -10.64 -12.83
CA CYS A 122 1.38 -11.53 -13.98
C CYS A 122 1.14 -10.74 -15.27
N ALA A 123 0.41 -9.64 -15.16
CA ALA A 123 0.15 -8.78 -16.30
C ALA A 123 1.43 -8.06 -16.72
N ARG A 124 2.34 -7.84 -15.78
CA ARG A 124 3.61 -7.21 -16.08
C ARG A 124 4.44 -8.14 -16.94
N ILE A 125 4.36 -9.43 -16.66
CA ILE A 125 5.09 -10.43 -17.42
C ILE A 125 4.43 -10.66 -18.77
N GLY A 126 3.10 -10.72 -18.75
CA GLY A 126 2.35 -10.98 -19.94
C GLY A 126 1.60 -12.31 -19.85
N ILE A 127 1.03 -12.57 -18.68
CA ILE A 127 0.31 -13.79 -18.45
C ILE A 127 -1.19 -13.51 -18.36
N THR A 128 -2.00 -14.36 -18.99
CA THR A 128 -3.44 -14.23 -18.95
C THR A 128 -4.01 -15.01 -17.76
N ASN A 129 -3.67 -16.29 -17.70
CA ASN A 129 -4.12 -17.14 -16.60
C ASN A 129 -3.23 -16.92 -15.38
N HIS A 130 -3.63 -16.01 -14.52
CA HIS A 130 -2.83 -15.65 -13.36
C HIS A 130 -3.38 -16.33 -12.10
N ASP A 131 -4.59 -16.85 -12.20
CA ASP A 131 -5.23 -17.47 -11.05
C ASP A 131 -4.68 -18.87 -10.84
N GLU A 132 -3.89 -19.33 -11.81
CA GLU A 132 -3.23 -20.61 -11.69
C GLU A 132 -2.11 -20.52 -10.67
N TYR A 133 -1.73 -19.30 -10.33
CA TYR A 133 -0.59 -19.08 -9.49
C TYR A 133 -0.99 -18.73 -8.07
N SER A 134 -0.22 -19.23 -7.13
CA SER A 134 -0.39 -18.87 -5.75
C SER A 134 0.90 -18.22 -5.29
N LEU A 135 0.80 -17.25 -4.40
CA LEU A 135 1.98 -16.50 -4.02
C LEU A 135 2.66 -17.18 -2.85
N VAL A 136 3.97 -17.21 -2.86
CA VAL A 136 4.73 -17.74 -1.75
C VAL A 136 5.87 -16.80 -1.41
N ARG A 137 5.81 -16.22 -0.23
CA ARG A 137 6.80 -15.26 0.19
C ARG A 137 7.86 -15.92 1.04
N GLU A 138 9.00 -16.19 0.44
CA GLU A 138 10.12 -16.70 1.19
C GLU A 138 10.88 -15.53 1.80
N LEU A 139 10.69 -15.35 3.09
CA LEU A 139 11.29 -14.21 3.77
C LEU A 139 12.67 -14.58 4.28
N MET A 140 13.28 -13.64 4.97
CA MET A 140 14.55 -13.86 5.62
C MET A 140 14.35 -13.87 7.14
N GLU A 141 13.09 -13.92 7.53
CA GLU A 141 12.72 -13.84 8.93
C GLU A 141 13.13 -15.08 9.71
N GLU A 142 13.69 -14.86 10.88
CA GLU A 142 13.92 -15.93 11.83
C GLU A 142 12.69 -16.06 12.73
N LYS A 143 11.93 -14.98 12.81
CA LYS A 143 10.74 -14.92 13.66
C LYS A 143 9.67 -15.88 13.15
N LYS A 144 9.06 -15.55 12.02
CA LYS A 144 8.14 -16.49 11.39
C LYS A 144 8.92 -17.62 10.77
N ASP A 145 9.78 -17.26 9.82
CA ASP A 145 10.50 -18.21 9.00
C ASP A 145 9.51 -19.08 8.28
N GLU A 146 8.92 -18.52 7.26
CA GLU A 146 7.81 -19.15 6.59
C GLU A 146 7.94 -19.00 5.09
N LEU A 147 7.25 -19.87 4.39
CA LEU A 147 7.16 -19.82 2.94
C LEU A 147 6.10 -18.80 2.58
N ASN A 148 5.25 -18.52 3.54
CA ASN A 148 4.18 -17.53 3.39
C ASN A 148 3.45 -17.73 2.08
N TRP A 149 2.68 -18.80 1.99
CA TRP A 149 1.95 -19.09 0.77
C TRP A 149 0.64 -18.34 0.81
N LEU A 150 0.61 -17.19 0.16
CA LEU A 150 -0.54 -16.33 0.18
C LEU A 150 -1.74 -17.02 -0.44
N ASP A 151 -2.76 -17.20 0.39
CA ASP A 151 -3.97 -17.95 0.04
C ASP A 151 -4.88 -17.13 -0.86
N HIS A 152 -4.43 -15.92 -1.21
CA HIS A 152 -5.21 -15.00 -2.01
C HIS A 152 -6.41 -14.49 -1.22
N GLY A 153 -6.13 -13.97 -0.04
CA GLY A 153 -7.18 -13.42 0.79
C GLY A 153 -6.65 -12.47 1.84
N ARG A 154 -5.61 -12.90 2.54
CA ARG A 154 -5.02 -12.10 3.62
C ARG A 154 -4.23 -10.91 3.07
N THR A 155 -4.40 -9.75 3.68
CA THR A 155 -3.63 -8.57 3.32
C THR A 155 -2.17 -8.71 3.75
N LEU A 156 -1.30 -8.01 3.04
CA LEU A 156 0.13 -8.09 3.27
C LEU A 156 0.50 -7.38 4.55
N ARG A 157 -0.32 -6.41 4.92
CA ARG A 157 -0.05 -5.58 6.06
C ARG A 157 -0.18 -6.38 7.34
N GLU A 158 -1.09 -7.34 7.38
CA GLU A 158 -1.31 -8.08 8.61
C GLU A 158 -0.45 -9.34 8.62
N GLN A 159 0.13 -9.68 7.48
CA GLN A 159 1.01 -10.84 7.37
C GLN A 159 2.25 -10.65 8.20
N GLY A 160 2.53 -9.40 8.53
CA GLY A 160 3.75 -9.08 9.23
C GLY A 160 4.96 -9.32 8.36
N VAL A 161 4.74 -9.44 7.05
CA VAL A 161 5.82 -9.68 6.14
C VAL A 161 6.60 -8.40 5.89
N GLU A 162 7.79 -8.54 5.36
CA GLU A 162 8.65 -7.42 5.11
C GLU A 162 8.37 -6.86 3.72
N GLU A 163 9.11 -5.85 3.33
CA GLU A 163 8.98 -5.30 2.00
C GLU A 163 10.31 -5.42 1.25
N HIS A 164 11.18 -6.30 1.76
CA HIS A 164 12.52 -6.45 1.22
C HIS A 164 12.88 -7.93 1.04
N GLU A 165 11.87 -8.78 1.11
CA GLU A 165 12.06 -10.21 0.93
C GLU A 165 11.69 -10.65 -0.49
N THR A 166 12.22 -11.78 -0.94
CA THR A 166 11.88 -12.30 -2.25
C THR A 166 10.62 -13.16 -2.22
N LEU A 167 9.70 -12.85 -3.12
CA LEU A 167 8.44 -13.55 -3.22
C LEU A 167 8.46 -14.35 -4.53
N LEU A 168 7.93 -15.56 -4.51
CA LEU A 168 8.02 -16.41 -5.68
C LEU A 168 6.66 -16.63 -6.28
N LEU A 169 6.57 -16.53 -7.58
CA LEU A 169 5.36 -16.88 -8.29
C LEU A 169 5.40 -18.36 -8.63
N ARG A 170 4.42 -19.10 -8.13
CA ARG A 170 4.36 -20.54 -8.30
C ARG A 170 3.03 -20.92 -8.91
N ARG A 171 3.05 -21.84 -9.87
CA ARG A 171 1.80 -22.29 -10.46
C ARG A 171 1.24 -23.45 -9.63
N LYS A 172 0.04 -23.23 -9.13
CA LYS A 172 -0.64 -24.22 -8.34
C LYS A 172 -1.42 -25.16 -9.27
N PHE A 173 -2.00 -24.56 -10.30
CA PHE A 173 -2.75 -25.31 -11.30
C PHE A 173 -1.91 -25.42 -12.57
N PHE A 174 -2.11 -26.48 -13.33
CA PHE A 174 -1.25 -26.77 -14.48
C PHE A 174 -2.06 -26.92 -15.76
N TYR A 175 -3.13 -26.15 -15.90
CA TYR A 175 -4.00 -26.32 -17.07
C TYR A 175 -3.64 -25.34 -18.18
N SER A 176 -3.34 -24.10 -17.82
CA SER A 176 -3.03 -23.05 -18.81
C SER A 176 -4.11 -22.95 -19.89
N ASP A 177 -5.33 -22.66 -19.45
CA ASP A 177 -6.48 -22.46 -20.35
C ASP A 177 -6.92 -23.77 -21.03
N GLN A 178 -6.28 -24.88 -20.66
CA GLN A 178 -6.64 -26.17 -21.20
C GLN A 178 -7.47 -26.93 -20.17
N GLY A 1 -13.82 21.54 2.81
CA GLY A 1 -13.24 22.11 1.57
C GLY A 1 -12.66 23.48 1.82
N ILE A 2 -13.35 24.51 1.35
CA ILE A 2 -12.95 25.87 1.61
C ILE A 2 -13.68 26.38 2.84
N ASP A 3 -13.46 25.68 3.94
CA ASP A 3 -14.17 25.94 5.19
C ASP A 3 -13.41 26.96 6.03
N PRO A 4 -14.14 27.71 6.87
CA PRO A 4 -13.53 28.61 7.84
C PRO A 4 -12.66 27.83 8.82
N PHE A 5 -11.37 28.13 8.82
CA PHE A 5 -10.41 27.35 9.60
C PHE A 5 -10.39 27.78 11.05
N THR A 6 -11.45 27.43 11.75
CA THR A 6 -11.49 27.55 13.19
C THR A 6 -10.87 26.30 13.82
N MET A 7 -11.18 26.02 15.07
CA MET A 7 -10.64 24.83 15.70
C MET A 7 -11.46 23.60 15.34
N VAL A 8 -11.43 23.29 14.05
CA VAL A 8 -11.98 22.09 13.50
C VAL A 8 -11.02 21.59 12.43
N ALA A 9 -9.77 21.45 12.84
CA ALA A 9 -8.72 21.04 11.95
C ALA A 9 -7.85 20.03 12.66
N LEU A 10 -7.27 19.15 11.90
CA LEU A 10 -6.44 18.09 12.45
C LEU A 10 -5.01 18.30 12.01
N SER A 11 -4.10 18.22 12.96
CA SER A 11 -2.68 18.43 12.68
C SER A 11 -2.04 17.08 12.38
N LEU A 12 -1.77 16.83 11.11
CA LEU A 12 -1.28 15.53 10.71
C LEU A 12 0.17 15.62 10.26
N LYS A 13 1.02 14.79 10.86
CA LYS A 13 2.40 14.70 10.44
C LYS A 13 2.51 13.85 9.19
N ILE A 14 2.73 14.50 8.07
CA ILE A 14 2.79 13.82 6.79
C ILE A 14 4.20 13.31 6.55
N SER A 15 4.42 12.05 6.82
CA SER A 15 5.72 11.45 6.60
C SER A 15 5.81 10.91 5.18
N ILE A 16 6.55 11.62 4.34
CA ILE A 16 6.73 11.18 2.96
C ILE A 16 8.04 10.40 2.86
N GLY A 17 7.94 9.09 2.98
CA GLY A 17 9.13 8.25 3.01
C GLY A 17 9.90 8.41 4.29
N ASN A 18 10.87 9.31 4.29
CA ASN A 18 11.71 9.55 5.46
C ASN A 18 11.54 10.98 5.98
N VAL A 19 10.98 11.84 5.17
CA VAL A 19 10.81 13.25 5.55
C VAL A 19 9.45 13.46 6.20
N VAL A 20 9.30 14.55 6.94
CA VAL A 20 8.05 14.83 7.63
C VAL A 20 7.56 16.23 7.30
N LYS A 21 6.35 16.31 6.77
CA LYS A 21 5.72 17.57 6.46
C LYS A 21 4.54 17.77 7.38
N THR A 22 4.35 18.97 7.87
CA THR A 22 3.28 19.23 8.82
C THR A 22 2.14 19.97 8.14
N MET A 23 1.01 19.28 8.00
CA MET A 23 -0.16 19.86 7.35
C MET A 23 -1.41 19.61 8.18
N GLN A 24 -2.35 20.51 8.08
CA GLN A 24 -3.63 20.35 8.73
C GLN A 24 -4.72 20.14 7.72
N PHE A 25 -5.65 19.26 8.05
CA PHE A 25 -6.76 18.94 7.18
C PHE A 25 -8.02 19.02 8.03
N GLU A 26 -9.15 19.19 7.39
CA GLU A 26 -10.41 19.21 8.13
C GLU A 26 -10.81 17.80 8.50
N PRO A 27 -11.52 17.64 9.62
CA PRO A 27 -12.15 16.39 10.02
C PRO A 27 -12.81 15.69 8.82
N SER A 28 -13.69 16.41 8.13
CA SER A 28 -14.40 15.86 6.99
C SER A 28 -13.84 16.36 5.66
N THR A 29 -12.53 16.53 5.58
CA THR A 29 -11.87 16.83 4.31
C THR A 29 -12.07 15.66 3.34
N MET A 30 -11.87 14.46 3.87
CA MET A 30 -11.97 13.22 3.11
C MET A 30 -10.73 13.02 2.23
N VAL A 31 -10.21 11.80 2.27
CA VAL A 31 -8.94 11.43 1.61
C VAL A 31 -8.77 12.07 0.22
N TYR A 32 -9.76 11.92 -0.65
CA TYR A 32 -9.63 12.42 -2.01
C TYR A 32 -9.36 13.93 -2.04
N ASP A 33 -9.96 14.66 -1.12
CA ASP A 33 -9.74 16.10 -1.06
C ASP A 33 -8.40 16.42 -0.39
N ALA A 34 -7.99 15.57 0.54
CA ALA A 34 -6.72 15.76 1.21
C ALA A 34 -5.55 15.56 0.24
N CYS A 35 -5.59 14.46 -0.48
CA CYS A 35 -4.54 14.11 -1.43
C CYS A 35 -4.36 15.18 -2.51
N ARG A 36 -5.41 15.92 -2.82
CA ARG A 36 -5.32 16.96 -3.84
C ARG A 36 -4.60 18.19 -3.31
N MET A 37 -4.90 18.57 -2.07
CA MET A 37 -4.30 19.74 -1.46
C MET A 37 -2.83 19.51 -1.13
N ILE A 38 -2.51 18.33 -0.65
CA ILE A 38 -1.13 18.01 -0.30
C ILE A 38 -0.25 17.95 -1.55
N ARG A 39 -0.78 17.33 -2.61
CA ARG A 39 -0.11 17.32 -3.91
C ARG A 39 0.03 18.73 -4.46
N GLU A 40 -0.90 19.58 -4.08
CA GLU A 40 -0.93 20.97 -4.50
C GLU A 40 0.23 21.74 -3.85
N ARG A 41 0.27 21.66 -2.53
CA ARG A 41 1.20 22.45 -1.73
C ARG A 41 2.60 21.82 -1.68
N ILE A 42 2.65 20.52 -1.42
CA ILE A 42 3.90 19.83 -1.20
C ILE A 42 4.36 19.11 -2.48
N PRO A 43 5.44 19.60 -3.11
CA PRO A 43 5.93 19.08 -4.39
C PRO A 43 6.55 17.68 -4.28
N GLU A 44 7.14 17.35 -3.14
CA GLU A 44 7.76 16.04 -2.98
C GLU A 44 6.72 14.96 -2.65
N ALA A 45 5.45 15.35 -2.67
CA ALA A 45 4.37 14.41 -2.46
C ALA A 45 4.23 13.48 -3.66
N LEU A 46 4.26 14.05 -4.86
CA LEU A 46 4.08 13.27 -6.07
C LEU A 46 5.43 12.86 -6.67
N ALA A 47 6.10 11.92 -5.98
CA ALA A 47 7.39 11.42 -6.44
C ALA A 47 7.21 10.45 -7.62
N GLY A 48 5.97 10.29 -8.04
CA GLY A 48 5.65 9.44 -9.16
C GLY A 48 4.26 9.75 -9.68
N PRO A 49 3.56 8.76 -10.26
CA PRO A 49 2.19 8.94 -10.73
C PRO A 49 1.22 9.21 -9.58
N PRO A 50 0.59 10.39 -9.57
CA PRO A 50 -0.29 10.82 -8.46
C PRO A 50 -1.48 9.90 -8.23
N ASN A 51 -1.79 9.06 -9.21
CA ASN A 51 -2.90 8.13 -9.08
C ASN A 51 -2.52 6.96 -8.19
N ASP A 52 -1.22 6.78 -8.02
CA ASP A 52 -0.68 5.65 -7.28
C ASP A 52 -0.24 6.06 -5.89
N PHE A 53 -0.71 7.21 -5.43
CA PHE A 53 -0.36 7.69 -4.09
C PHE A 53 -1.60 7.76 -3.21
N GLY A 54 -1.51 7.15 -2.03
CA GLY A 54 -2.62 7.14 -1.10
C GLY A 54 -2.21 7.56 0.29
N LEU A 55 -3.18 7.60 1.20
CA LEU A 55 -2.92 8.05 2.56
C LEU A 55 -2.78 6.87 3.51
N PHE A 56 -1.58 6.66 4.01
CA PHE A 56 -1.33 5.62 4.99
C PHE A 56 -1.29 6.22 6.39
N LEU A 57 -1.99 5.61 7.32
CA LEU A 57 -2.00 6.10 8.68
C LEU A 57 -0.90 5.41 9.47
N SER A 58 0.00 6.19 10.02
CA SER A 58 1.17 5.66 10.70
C SER A 58 0.98 5.67 12.20
N ASP A 59 0.75 4.49 12.75
CA ASP A 59 0.69 4.32 14.20
C ASP A 59 2.09 4.14 14.74
N ASP A 60 2.72 3.05 14.32
CA ASP A 60 4.09 2.72 14.72
C ASP A 60 4.49 1.42 14.05
N ASP A 61 3.59 0.45 14.13
CA ASP A 61 3.73 -0.81 13.44
C ASP A 61 2.93 -0.79 12.15
N PRO A 62 3.49 -1.33 11.05
CA PRO A 62 2.83 -1.36 9.74
C PRO A 62 1.45 -2.00 9.78
N LYS A 63 1.30 -3.08 10.57
CA LYS A 63 0.04 -3.80 10.60
C LYS A 63 -1.03 -3.00 11.32
N LYS A 64 -0.61 -2.30 12.37
CA LYS A 64 -1.51 -1.46 13.15
C LYS A 64 -1.98 -0.27 12.33
N GLY A 65 -1.16 0.11 11.35
CA GLY A 65 -1.52 1.19 10.45
C GLY A 65 -2.60 0.77 9.48
N ILE A 66 -3.18 1.75 8.80
CA ILE A 66 -4.28 1.49 7.88
C ILE A 66 -4.14 2.35 6.63
N TRP A 67 -4.77 1.91 5.55
CA TRP A 67 -4.85 2.71 4.34
C TRP A 67 -6.12 3.54 4.37
N LEU A 68 -5.97 4.83 4.12
CA LEU A 68 -7.10 5.74 4.10
C LEU A 68 -7.63 5.88 2.68
N GLU A 69 -8.78 5.29 2.41
CA GLU A 69 -9.37 5.37 1.08
C GLU A 69 -10.22 6.63 0.93
N ALA A 70 -10.47 7.02 -0.32
CA ALA A 70 -11.25 8.22 -0.60
C ALA A 70 -12.70 8.07 -0.14
N GLY A 71 -13.15 6.83 0.03
CA GLY A 71 -14.53 6.56 0.35
C GLY A 71 -14.89 6.76 1.82
N LYS A 72 -14.08 7.52 2.55
CA LYS A 72 -14.40 7.84 3.94
C LYS A 72 -13.64 9.08 4.40
N ALA A 73 -14.10 9.69 5.47
CA ALA A 73 -13.47 10.89 5.99
C ALA A 73 -12.28 10.53 6.86
N LEU A 74 -11.49 11.52 7.23
CA LEU A 74 -10.27 11.25 7.98
C LEU A 74 -10.58 10.96 9.44
N ASP A 75 -11.33 11.85 10.05
CA ASP A 75 -11.69 11.76 11.46
C ASP A 75 -12.69 10.64 11.69
N TYR A 76 -13.25 10.14 10.58
CA TYR A 76 -14.09 8.97 10.60
C TYR A 76 -13.36 7.82 11.30
N TYR A 77 -12.07 7.69 10.99
CA TYR A 77 -11.22 6.74 11.67
C TYR A 77 -10.73 7.30 13.00
N MET A 78 -9.49 6.98 13.35
CA MET A 78 -8.96 7.34 14.65
C MET A 78 -7.97 8.49 14.58
N LEU A 79 -8.07 9.32 13.53
CA LEU A 79 -7.10 10.40 13.36
C LEU A 79 -7.52 11.61 14.13
N ARG A 80 -6.51 12.32 14.60
CA ARG A 80 -6.71 13.50 15.40
C ARG A 80 -5.48 14.38 15.34
N ASN A 81 -5.41 15.35 16.22
CA ASN A 81 -4.29 16.28 16.24
C ASN A 81 -3.04 15.60 16.76
N GLY A 82 -2.08 15.44 15.86
CA GLY A 82 -0.83 14.80 16.22
C GLY A 82 -0.69 13.43 15.60
N ASP A 83 -1.68 13.01 14.82
CA ASP A 83 -1.62 11.72 14.16
C ASP A 83 -0.66 11.78 12.98
N THR A 84 0.31 10.86 12.97
CA THR A 84 1.24 10.77 11.86
C THR A 84 0.56 10.06 10.70
N MET A 85 0.54 10.70 9.54
CA MET A 85 -0.11 10.13 8.39
C MET A 85 0.87 10.15 7.24
N GLU A 86 1.28 8.97 6.83
CA GLU A 86 2.29 8.81 5.80
C GLU A 86 1.65 9.02 4.44
N TYR A 87 2.19 9.95 3.67
CA TYR A 87 1.76 10.11 2.29
C TYR A 87 2.71 9.33 1.43
N ARG A 88 2.27 8.17 1.01
CA ARG A 88 3.14 7.24 0.33
C ARG A 88 2.49 6.71 -0.91
N LYS A 89 3.28 6.05 -1.72
CA LYS A 89 2.76 5.36 -2.86
C LYS A 89 1.88 4.22 -2.36
N LYS A 90 0.70 4.07 -2.95
CA LYS A 90 -0.23 3.01 -2.61
C LYS A 90 0.46 1.66 -2.70
N GLN A 91 1.48 1.62 -3.54
CA GLN A 91 2.19 0.41 -3.85
C GLN A 91 3.40 0.23 -2.93
N ARG A 92 4.32 -0.60 -3.39
CA ARG A 92 5.44 -1.07 -2.58
C ARG A 92 6.29 -2.04 -3.40
N PRO A 93 7.62 -1.95 -3.30
CA PRO A 93 8.52 -2.76 -4.11
C PRO A 93 8.42 -4.25 -3.76
N LEU A 94 7.83 -5.01 -4.67
CA LEU A 94 7.69 -6.44 -4.49
C LEU A 94 8.74 -7.18 -5.30
N LYS A 95 9.57 -7.95 -4.62
CA LYS A 95 10.55 -8.79 -5.31
C LYS A 95 9.91 -10.12 -5.63
N ILE A 96 9.70 -10.37 -6.91
CA ILE A 96 8.94 -11.53 -7.34
C ILE A 96 9.78 -12.40 -8.26
N ARG A 97 9.86 -13.69 -7.96
CA ARG A 97 10.61 -14.62 -8.78
C ARG A 97 9.64 -15.51 -9.54
N MET A 98 9.73 -15.49 -10.86
CA MET A 98 8.79 -16.19 -11.72
C MET A 98 9.16 -17.66 -11.88
N LEU A 99 8.35 -18.37 -12.68
CA LEU A 99 8.42 -19.83 -12.79
C LEU A 99 9.81 -20.33 -13.13
N ASP A 100 10.44 -19.71 -14.12
CA ASP A 100 11.76 -20.14 -14.58
C ASP A 100 12.82 -19.70 -13.58
N GLY A 101 12.42 -18.89 -12.63
CA GLY A 101 13.36 -18.36 -11.65
C GLY A 101 13.70 -16.92 -11.94
N THR A 102 12.96 -16.34 -12.88
CA THR A 102 13.21 -14.98 -13.32
C THR A 102 12.65 -13.99 -12.32
N VAL A 103 13.49 -13.15 -11.76
CA VAL A 103 13.04 -12.26 -10.71
C VAL A 103 12.89 -10.83 -11.23
N LYS A 104 11.81 -10.20 -10.82
CA LYS A 104 11.56 -8.81 -11.15
C LYS A 104 10.99 -8.10 -9.94
N THR A 105 11.13 -6.79 -9.90
CA THR A 105 10.56 -5.99 -8.84
C THR A 105 9.51 -5.07 -9.43
N ILE A 106 8.27 -5.25 -9.01
CA ILE A 106 7.18 -4.48 -9.56
C ILE A 106 6.42 -3.80 -8.42
N MET A 107 5.89 -2.61 -8.69
CA MET A 107 5.18 -1.87 -7.65
C MET A 107 3.71 -2.22 -7.67
N VAL A 108 3.28 -2.88 -6.61
CA VAL A 108 1.89 -3.27 -6.46
C VAL A 108 1.31 -2.65 -5.20
N ASP A 109 0.08 -2.16 -5.31
CA ASP A 109 -0.63 -1.56 -4.18
C ASP A 109 -0.65 -2.51 -2.99
N ASP A 110 -0.40 -1.98 -1.81
CA ASP A 110 -0.50 -2.75 -0.57
C ASP A 110 -1.95 -2.80 -0.10
N SER A 111 -2.72 -1.84 -0.61
CA SER A 111 -4.12 -1.67 -0.21
C SER A 111 -5.02 -2.69 -0.92
N LYS A 112 -4.60 -3.93 -0.99
CA LYS A 112 -5.33 -4.96 -1.72
C LYS A 112 -5.01 -6.34 -1.15
N THR A 113 -5.59 -7.37 -1.76
CA THR A 113 -5.26 -8.74 -1.44
C THR A 113 -4.21 -9.27 -2.41
N VAL A 114 -3.90 -10.55 -2.31
CA VAL A 114 -2.88 -11.16 -3.16
C VAL A 114 -3.43 -11.39 -4.56
N THR A 115 -4.68 -11.79 -4.62
CA THR A 115 -5.39 -12.00 -5.89
C THR A 115 -5.26 -10.79 -6.81
N ASP A 116 -5.60 -9.61 -6.29
CA ASP A 116 -5.53 -8.38 -7.07
C ASP A 116 -4.08 -8.06 -7.40
N MET A 117 -3.19 -8.34 -6.45
CA MET A 117 -1.76 -8.16 -6.64
C MET A 117 -1.26 -8.97 -7.84
N LEU A 118 -1.62 -10.25 -7.86
CA LEU A 118 -1.14 -11.16 -8.89
C LEU A 118 -1.66 -10.74 -10.26
N MET A 119 -2.87 -10.19 -10.28
CA MET A 119 -3.43 -9.63 -11.51
C MET A 119 -2.48 -8.59 -12.09
N THR A 120 -1.90 -7.82 -11.20
CA THR A 120 -0.96 -6.78 -11.57
C THR A 120 0.40 -7.37 -11.96
N ILE A 121 0.84 -8.41 -11.25
CA ILE A 121 2.17 -8.97 -11.46
C ILE A 121 2.24 -9.82 -12.73
N CYS A 122 1.28 -10.72 -12.91
CA CYS A 122 1.29 -11.61 -14.06
C CYS A 122 1.16 -10.81 -15.36
N ALA A 123 0.50 -9.66 -15.27
CA ALA A 123 0.33 -8.78 -16.42
C ALA A 123 1.66 -8.16 -16.84
N ARG A 124 2.59 -8.04 -15.88
CA ARG A 124 3.90 -7.45 -16.16
C ARG A 124 4.72 -8.38 -17.03
N ILE A 125 4.60 -9.68 -16.77
CA ILE A 125 5.35 -10.67 -17.54
C ILE A 125 4.69 -10.90 -18.89
N GLY A 126 3.38 -10.77 -18.91
CA GLY A 126 2.63 -10.99 -20.14
C GLY A 126 1.75 -12.21 -20.05
N ILE A 127 1.27 -12.51 -18.85
CA ILE A 127 0.38 -13.64 -18.64
C ILE A 127 -1.07 -13.17 -18.70
N THR A 128 -1.88 -13.87 -19.48
CA THR A 128 -3.27 -13.48 -19.70
C THR A 128 -4.11 -13.62 -18.43
N ASN A 129 -4.05 -14.79 -17.83
CA ASN A 129 -4.82 -15.07 -16.62
C ASN A 129 -3.88 -15.26 -15.43
N HIS A 130 -4.37 -15.01 -14.22
CA HIS A 130 -3.47 -14.83 -13.07
C HIS A 130 -3.84 -15.69 -11.87
N ASP A 131 -5.05 -16.23 -11.82
CA ASP A 131 -5.50 -16.97 -10.66
C ASP A 131 -4.93 -18.37 -10.72
N GLU A 132 -4.18 -18.63 -11.78
CA GLU A 132 -3.59 -19.92 -12.03
C GLU A 132 -2.36 -20.09 -11.15
N TYR A 133 -1.99 -19.02 -10.47
CA TYR A 133 -0.78 -18.99 -9.68
C TYR A 133 -1.09 -18.71 -8.22
N SER A 134 -0.30 -19.29 -7.33
CA SER A 134 -0.38 -18.98 -5.92
C SER A 134 0.88 -18.24 -5.51
N LEU A 135 0.84 -17.54 -4.39
CA LEU A 135 1.99 -16.76 -3.98
C LEU A 135 2.69 -17.47 -2.83
N VAL A 136 3.99 -17.37 -2.77
CA VAL A 136 4.76 -17.93 -1.67
C VAL A 136 5.90 -16.99 -1.31
N ARG A 137 5.86 -16.49 -0.09
CA ARG A 137 6.85 -15.52 0.37
C ARG A 137 7.96 -16.23 1.14
N GLU A 138 9.08 -16.41 0.50
CA GLU A 138 10.24 -16.93 1.18
C GLU A 138 10.93 -15.80 1.93
N LEU A 139 10.89 -15.87 3.25
CA LEU A 139 11.40 -14.77 4.04
C LEU A 139 12.75 -15.08 4.70
N MET A 140 13.13 -14.16 5.56
CA MET A 140 14.39 -14.20 6.30
C MET A 140 14.06 -14.03 7.78
N GLU A 141 12.82 -14.34 8.09
CA GLU A 141 12.19 -13.95 9.33
C GLU A 141 12.72 -14.67 10.55
N GLU A 142 13.03 -13.89 11.58
CA GLU A 142 13.31 -14.40 12.90
C GLU A 142 11.99 -14.72 13.60
N LYS A 143 10.94 -14.04 13.19
CA LYS A 143 9.64 -14.17 13.82
C LYS A 143 8.77 -15.15 13.04
N LYS A 144 8.29 -14.70 11.89
CA LYS A 144 7.42 -15.49 11.03
C LYS A 144 8.08 -16.80 10.62
N ASP A 145 9.12 -16.69 9.79
CA ASP A 145 9.89 -17.81 9.28
C ASP A 145 8.99 -18.86 8.66
N GLU A 146 8.51 -18.55 7.47
CA GLU A 146 7.66 -19.45 6.73
C GLU A 146 7.88 -19.27 5.24
N LEU A 147 7.37 -20.22 4.47
CA LEU A 147 7.33 -20.11 3.03
C LEU A 147 6.24 -19.14 2.65
N ASN A 148 5.33 -18.94 3.58
CA ASN A 148 4.24 -18.00 3.40
C ASN A 148 3.53 -18.20 2.08
N TRP A 149 2.77 -19.28 1.98
CA TRP A 149 2.05 -19.56 0.77
C TRP A 149 0.74 -18.78 0.81
N LEU A 150 0.70 -17.68 0.09
CA LEU A 150 -0.43 -16.78 0.16
C LEU A 150 -1.69 -17.38 -0.42
N ASP A 151 -2.69 -17.45 0.45
CA ASP A 151 -4.02 -17.98 0.14
C ASP A 151 -4.76 -17.09 -0.85
N HIS A 152 -4.25 -15.87 -1.01
CA HIS A 152 -4.91 -14.84 -1.83
C HIS A 152 -6.14 -14.32 -1.11
N GLY A 153 -6.26 -14.68 0.15
CA GLY A 153 -7.46 -14.37 0.89
C GLY A 153 -7.35 -13.11 1.70
N ARG A 154 -6.27 -12.97 2.45
CA ARG A 154 -6.11 -11.81 3.31
C ARG A 154 -5.21 -10.78 2.65
N THR A 155 -5.24 -9.56 3.17
CA THR A 155 -4.44 -8.48 2.65
C THR A 155 -2.96 -8.67 3.02
N LEU A 156 -2.13 -7.81 2.48
CA LEU A 156 -0.69 -7.97 2.56
C LEU A 156 -0.16 -7.41 3.87
N ARG A 157 -0.70 -6.28 4.27
CA ARG A 157 -0.33 -5.62 5.52
C ARG A 157 -0.65 -6.53 6.71
N GLU A 158 -1.68 -7.34 6.54
CA GLU A 158 -2.13 -8.27 7.56
C GLU A 158 -1.08 -9.34 7.80
N GLN A 159 -0.52 -9.82 6.70
CA GLN A 159 0.52 -10.83 6.74
C GLN A 159 1.76 -10.30 7.44
N GLY A 160 2.10 -9.07 7.12
CA GLY A 160 3.34 -8.52 7.56
C GLY A 160 4.38 -8.62 6.47
N VAL A 161 3.95 -8.38 5.24
CA VAL A 161 4.85 -8.34 4.11
C VAL A 161 5.74 -7.10 4.17
N GLU A 162 7.02 -7.28 3.95
CA GLU A 162 7.95 -6.18 3.95
C GLU A 162 8.37 -5.87 2.52
N GLU A 163 8.85 -4.68 2.31
CA GLU A 163 9.24 -4.23 0.98
C GLU A 163 10.64 -4.74 0.61
N HIS A 164 11.13 -5.73 1.35
CA HIS A 164 12.49 -6.22 1.16
C HIS A 164 12.56 -7.74 1.20
N GLU A 165 11.42 -8.42 1.12
CA GLU A 165 11.41 -9.88 1.18
C GLU A 165 11.22 -10.46 -0.21
N THR A 166 11.85 -11.59 -0.49
CA THR A 166 11.69 -12.23 -1.79
C THR A 166 10.44 -13.10 -1.84
N LEU A 167 9.57 -12.82 -2.79
CA LEU A 167 8.33 -13.56 -2.95
C LEU A 167 8.40 -14.32 -4.28
N LEU A 168 7.84 -15.52 -4.33
CA LEU A 168 7.90 -16.30 -5.56
C LEU A 168 6.51 -16.51 -6.13
N LEU A 169 6.41 -16.41 -7.44
CA LEU A 169 5.18 -16.75 -8.13
C LEU A 169 5.20 -18.24 -8.49
N ARG A 170 4.18 -18.97 -8.07
CA ARG A 170 4.14 -20.41 -8.27
C ARG A 170 2.90 -20.80 -9.05
N ARG A 171 3.06 -21.71 -9.99
CA ARG A 171 1.94 -22.14 -10.82
C ARG A 171 1.19 -23.28 -10.14
N LYS A 172 -0.12 -23.11 -10.00
CA LYS A 172 -0.97 -24.13 -9.42
C LYS A 172 -1.81 -24.80 -10.49
N PHE A 173 -2.43 -23.99 -11.33
CA PHE A 173 -3.35 -24.51 -12.34
C PHE A 173 -2.63 -24.77 -13.67
N PHE A 174 -3.16 -25.72 -14.42
CA PHE A 174 -2.68 -26.02 -15.75
C PHE A 174 -3.83 -25.82 -16.72
N TYR A 175 -4.11 -24.56 -17.01
CA TYR A 175 -5.27 -24.15 -17.79
C TYR A 175 -5.10 -24.42 -19.29
N SER A 176 -4.18 -25.30 -19.69
CA SER A 176 -3.92 -25.60 -21.08
C SER A 176 -3.70 -24.33 -21.89
N ASP A 177 -2.51 -23.77 -21.71
CA ASP A 177 -2.08 -22.61 -22.49
C ASP A 177 -2.04 -23.01 -23.94
N GLN A 178 -1.77 -24.29 -24.13
CA GLN A 178 -1.64 -24.90 -25.42
C GLN A 178 -2.99 -25.46 -25.87
N GLY A 1 -12.56 36.55 13.48
CA GLY A 1 -13.96 36.38 13.03
C GLY A 1 -14.04 35.57 11.75
N ILE A 2 -13.60 36.17 10.65
CA ILE A 2 -13.56 35.47 9.37
C ILE A 2 -12.25 34.67 9.30
N ASP A 3 -12.17 33.64 10.11
CA ASP A 3 -10.94 32.86 10.25
C ASP A 3 -11.02 31.58 9.43
N PRO A 4 -10.18 31.47 8.40
CA PRO A 4 -10.07 30.25 7.61
C PRO A 4 -9.51 29.11 8.45
N PHE A 5 -10.10 27.92 8.29
CA PHE A 5 -9.82 26.78 9.13
C PHE A 5 -9.96 27.12 10.61
N THR A 6 -11.17 26.93 11.13
CA THR A 6 -11.45 27.16 12.54
C THR A 6 -10.84 26.05 13.40
N MET A 7 -11.30 25.91 14.63
CA MET A 7 -10.76 24.89 15.53
C MET A 7 -11.40 23.54 15.26
N VAL A 8 -11.48 23.22 13.99
CA VAL A 8 -11.97 21.94 13.52
C VAL A 8 -11.05 21.48 12.39
N ALA A 9 -9.79 21.34 12.72
CA ALA A 9 -8.79 20.92 11.77
C ALA A 9 -7.89 19.91 12.44
N LEU A 10 -7.32 19.05 11.63
CA LEU A 10 -6.47 17.99 12.14
C LEU A 10 -5.03 18.27 11.76
N SER A 11 -4.17 18.26 12.74
CA SER A 11 -2.75 18.54 12.53
C SER A 11 -2.02 17.22 12.34
N LEU A 12 -1.71 16.90 11.11
CA LEU A 12 -1.18 15.59 10.76
C LEU A 12 0.24 15.71 10.24
N LYS A 13 1.10 14.79 10.68
CA LYS A 13 2.46 14.72 10.18
C LYS A 13 2.49 13.92 8.89
N ILE A 14 2.70 14.59 7.78
CA ILE A 14 2.75 13.94 6.49
C ILE A 14 4.13 13.38 6.25
N SER A 15 4.28 12.09 6.46
CA SER A 15 5.54 11.41 6.18
C SER A 15 5.51 10.92 4.75
N ILE A 16 6.57 11.20 4.00
CA ILE A 16 6.69 10.71 2.64
C ILE A 16 8.02 9.99 2.45
N GLY A 17 8.04 8.70 2.78
CA GLY A 17 9.23 7.90 2.65
C GLY A 17 10.23 8.16 3.76
N ASN A 18 10.84 9.33 3.74
CA ASN A 18 11.84 9.70 4.72
C ASN A 18 11.64 11.12 5.23
N VAL A 19 10.83 11.90 4.52
CA VAL A 19 10.56 13.28 4.91
C VAL A 19 9.25 13.36 5.70
N VAL A 20 9.11 14.40 6.51
CA VAL A 20 7.88 14.60 7.26
C VAL A 20 7.52 16.08 7.29
N LYS A 21 6.30 16.38 6.86
CA LYS A 21 5.81 17.75 6.77
C LYS A 21 4.52 17.89 7.56
N THR A 22 4.28 19.05 8.13
CA THR A 22 3.12 19.24 8.98
C THR A 22 1.99 19.90 8.21
N MET A 23 0.88 19.20 8.07
CA MET A 23 -0.26 19.69 7.31
C MET A 23 -1.53 19.54 8.11
N GLN A 24 -2.47 20.43 7.87
CA GLN A 24 -3.77 20.35 8.52
C GLN A 24 -4.86 20.10 7.50
N PHE A 25 -5.79 19.25 7.85
CA PHE A 25 -6.92 18.92 7.00
C PHE A 25 -8.18 19.03 7.84
N GLU A 26 -9.31 19.19 7.20
CA GLU A 26 -10.56 19.17 7.91
C GLU A 26 -10.90 17.73 8.30
N PRO A 27 -11.44 17.54 9.50
CA PRO A 27 -11.90 16.24 9.98
C PRO A 27 -12.72 15.49 8.93
N SER A 28 -13.57 16.22 8.22
CA SER A 28 -14.43 15.62 7.22
C SER A 28 -13.82 15.67 5.81
N THR A 29 -12.54 16.01 5.71
CA THR A 29 -11.87 15.98 4.41
C THR A 29 -11.60 14.54 4.02
N MET A 30 -12.41 14.07 3.12
CA MET A 30 -12.28 12.74 2.57
C MET A 30 -10.90 12.57 1.95
N VAL A 31 -10.33 11.38 2.12
CA VAL A 31 -8.99 11.06 1.62
C VAL A 31 -8.68 11.68 0.25
N TYR A 32 -9.58 11.47 -0.71
CA TYR A 32 -9.35 11.98 -2.07
C TYR A 32 -9.14 13.49 -2.07
N ASP A 33 -9.82 14.20 -1.17
CA ASP A 33 -9.76 15.64 -1.14
C ASP A 33 -8.46 16.11 -0.48
N ALA A 34 -8.05 15.38 0.56
CA ALA A 34 -6.80 15.69 1.25
C ALA A 34 -5.62 15.50 0.32
N CYS A 35 -5.67 14.42 -0.44
CA CYS A 35 -4.64 14.10 -1.43
C CYS A 35 -4.42 15.23 -2.43
N ARG A 36 -5.45 16.04 -2.67
CA ARG A 36 -5.34 17.12 -3.64
C ARG A 36 -4.59 18.32 -3.04
N MET A 37 -4.83 18.58 -1.76
CA MET A 37 -4.20 19.72 -1.09
C MET A 37 -2.78 19.41 -0.66
N ILE A 38 -2.52 18.16 -0.29
CA ILE A 38 -1.20 17.76 0.16
C ILE A 38 -0.20 17.87 -1.01
N ARG A 39 -0.61 17.38 -2.18
CA ARG A 39 0.16 17.55 -3.42
C ARG A 39 0.29 19.02 -3.79
N GLU A 40 -0.69 19.81 -3.38
CA GLU A 40 -0.77 21.22 -3.75
C GLU A 40 0.40 22.01 -3.17
N ARG A 41 0.51 22.03 -1.85
CA ARG A 41 1.56 22.79 -1.18
C ARG A 41 2.88 22.01 -1.11
N ILE A 42 2.82 20.70 -0.92
CA ILE A 42 4.02 19.90 -0.72
C ILE A 42 4.42 19.16 -1.99
N PRO A 43 5.53 19.57 -2.64
CA PRO A 43 6.01 18.98 -3.88
C PRO A 43 6.67 17.61 -3.66
N GLU A 44 6.91 17.29 -2.40
CA GLU A 44 7.52 16.02 -2.04
C GLU A 44 6.51 14.87 -2.16
N ALA A 45 5.25 15.23 -2.35
CA ALA A 45 4.17 14.25 -2.41
C ALA A 45 4.23 13.45 -3.71
N LEU A 46 4.34 14.13 -4.84
CA LEU A 46 4.28 13.46 -6.13
C LEU A 46 5.67 13.08 -6.64
N ALA A 47 6.27 12.08 -6.00
CA ALA A 47 7.55 11.54 -6.44
C ALA A 47 7.37 10.61 -7.65
N GLY A 48 6.18 10.65 -8.21
CA GLY A 48 5.83 9.84 -9.35
C GLY A 48 4.39 10.08 -9.74
N PRO A 49 3.70 9.08 -10.31
CA PRO A 49 2.27 9.22 -10.63
C PRO A 49 1.43 9.38 -9.37
N PRO A 50 0.78 10.55 -9.22
CA PRO A 50 0.01 10.88 -8.01
C PRO A 50 -1.17 9.93 -7.79
N ASN A 51 -1.54 9.22 -8.83
CA ASN A 51 -2.63 8.26 -8.77
C ASN A 51 -2.20 7.03 -7.99
N ASP A 52 -0.90 6.83 -7.90
CA ASP A 52 -0.34 5.68 -7.20
C ASP A 52 0.08 6.05 -5.79
N PHE A 53 -0.27 7.25 -5.37
CA PHE A 53 0.07 7.71 -4.03
C PHE A 53 -1.18 7.82 -3.18
N GLY A 54 -1.15 7.19 -2.02
CA GLY A 54 -2.31 7.19 -1.15
C GLY A 54 -1.99 7.58 0.27
N LEU A 55 -3.00 7.59 1.12
CA LEU A 55 -2.86 8.04 2.50
C LEU A 55 -2.72 6.85 3.45
N PHE A 56 -1.51 6.63 3.90
CA PHE A 56 -1.22 5.58 4.87
C PHE A 56 -1.21 6.16 6.27
N LEU A 57 -1.91 5.51 7.18
CA LEU A 57 -1.98 5.99 8.54
C LEU A 57 -0.89 5.32 9.37
N SER A 58 0.07 6.11 9.80
CA SER A 58 1.18 5.60 10.58
C SER A 58 0.78 5.49 12.05
N ASP A 59 0.07 4.42 12.36
CA ASP A 59 -0.43 4.19 13.71
C ASP A 59 0.74 3.98 14.66
N ASP A 60 1.52 2.94 14.38
CA ASP A 60 2.69 2.59 15.20
C ASP A 60 3.30 1.29 14.70
N ASP A 61 2.58 0.20 14.92
CA ASP A 61 3.03 -1.13 14.51
C ASP A 61 2.60 -1.40 13.07
N PRO A 62 3.41 -2.16 12.30
CA PRO A 62 3.09 -2.54 10.91
C PRO A 62 1.70 -3.15 10.75
N LYS A 63 1.20 -3.82 11.79
CA LYS A 63 -0.13 -4.44 11.73
C LYS A 63 -1.22 -3.40 11.96
N LYS A 64 -0.87 -2.35 12.70
CA LYS A 64 -1.83 -1.32 13.07
C LYS A 64 -1.87 -0.23 12.00
N GLY A 65 -0.87 -0.23 11.13
CA GLY A 65 -0.84 0.70 10.01
C GLY A 65 -1.81 0.31 8.93
N ILE A 66 -2.42 1.29 8.27
CA ILE A 66 -3.50 1.02 7.33
C ILE A 66 -3.51 2.03 6.20
N TRP A 67 -4.24 1.69 5.14
CA TRP A 67 -4.45 2.61 4.03
C TRP A 67 -5.81 3.27 4.16
N LEU A 68 -5.81 4.58 4.10
CA LEU A 68 -7.03 5.35 4.20
C LEU A 68 -7.69 5.42 2.83
N GLU A 69 -8.82 4.73 2.67
CA GLU A 69 -9.51 4.69 1.39
C GLU A 69 -10.15 6.03 1.07
N ALA A 70 -10.33 6.31 -0.21
CA ALA A 70 -10.97 7.55 -0.64
C ALA A 70 -12.45 7.53 -0.30
N GLY A 71 -12.95 6.36 0.07
CA GLY A 71 -14.36 6.20 0.35
C GLY A 71 -14.74 6.48 1.79
N LYS A 72 -13.83 7.08 2.56
CA LYS A 72 -14.14 7.44 3.93
C LYS A 72 -13.49 8.77 4.30
N ALA A 73 -13.99 9.40 5.35
CA ALA A 73 -13.46 10.67 5.79
C ALA A 73 -12.41 10.40 6.86
N LEU A 74 -11.52 11.35 7.08
CA LEU A 74 -10.36 11.12 7.93
C LEU A 74 -10.76 10.86 9.38
N ASP A 75 -11.52 11.78 9.96
CA ASP A 75 -11.87 11.74 11.38
C ASP A 75 -12.83 10.59 11.68
N TYR A 76 -13.40 10.02 10.63
CA TYR A 76 -14.20 8.82 10.75
C TYR A 76 -13.34 7.68 11.31
N TYR A 77 -12.03 7.75 11.05
CA TYR A 77 -11.06 6.83 11.62
C TYR A 77 -10.69 7.26 13.05
N MET A 78 -9.53 6.78 13.52
CA MET A 78 -9.08 7.07 14.87
C MET A 78 -8.03 8.18 14.87
N LEU A 79 -7.94 8.95 13.80
CA LEU A 79 -6.88 9.93 13.70
C LEU A 79 -7.39 11.34 13.95
N ARG A 80 -6.49 12.16 14.45
CA ARG A 80 -6.79 13.53 14.83
C ARG A 80 -5.49 14.29 15.03
N ASN A 81 -5.56 15.40 15.74
CA ASN A 81 -4.40 16.24 15.98
C ASN A 81 -3.27 15.50 16.67
N GLY A 82 -2.15 15.35 15.97
CA GLY A 82 -0.99 14.75 16.56
C GLY A 82 -0.54 13.48 15.85
N ASP A 83 -1.43 12.91 15.06
CA ASP A 83 -1.14 11.65 14.39
C ASP A 83 -0.25 11.85 13.17
N THR A 84 0.58 10.86 12.91
CA THR A 84 1.39 10.84 11.71
C THR A 84 0.60 10.18 10.58
N MET A 85 0.47 10.88 9.47
CA MET A 85 -0.27 10.35 8.34
C MET A 85 0.63 10.41 7.11
N GLU A 86 0.99 9.23 6.65
CA GLU A 86 2.00 9.09 5.63
C GLU A 86 1.39 9.18 4.24
N TYR A 87 1.90 10.07 3.41
CA TYR A 87 1.50 10.13 2.02
C TYR A 87 2.53 9.36 1.22
N ARG A 88 2.20 8.14 0.86
CA ARG A 88 3.18 7.27 0.25
C ARG A 88 2.59 6.56 -0.95
N LYS A 89 3.45 5.98 -1.76
CA LYS A 89 3.01 5.23 -2.91
C LYS A 89 2.26 4.00 -2.44
N LYS A 90 1.01 3.86 -2.89
CA LYS A 90 0.19 2.72 -2.49
C LYS A 90 0.86 1.43 -2.90
N GLN A 91 1.68 1.50 -3.94
CA GLN A 91 2.37 0.34 -4.43
C GLN A 91 3.73 0.26 -3.76
N ARG A 92 4.17 -0.94 -3.49
CA ARG A 92 5.42 -1.17 -2.81
C ARG A 92 6.33 -2.06 -3.65
N PRO A 93 7.66 -1.83 -3.57
CA PRO A 93 8.63 -2.56 -4.38
C PRO A 93 8.70 -4.04 -4.04
N LEU A 94 8.10 -4.85 -4.88
CA LEU A 94 8.02 -6.28 -4.64
C LEU A 94 9.06 -7.03 -5.45
N LYS A 95 9.86 -7.82 -4.77
CA LYS A 95 10.81 -8.68 -5.43
C LYS A 95 10.15 -10.02 -5.74
N ILE A 96 9.86 -10.23 -6.99
CA ILE A 96 9.05 -11.37 -7.41
C ILE A 96 9.87 -12.29 -8.29
N ARG A 97 9.86 -13.59 -7.98
CA ARG A 97 10.54 -14.57 -8.81
C ARG A 97 9.52 -15.39 -9.58
N MET A 98 9.66 -15.38 -10.90
CA MET A 98 8.74 -16.08 -11.78
C MET A 98 9.08 -17.55 -11.89
N LEU A 99 8.20 -18.30 -12.56
CA LEU A 99 8.27 -19.76 -12.63
C LEU A 99 9.65 -20.24 -13.07
N ASP A 100 10.21 -19.59 -14.08
CA ASP A 100 11.49 -20.01 -14.65
C ASP A 100 12.65 -19.56 -13.77
N GLY A 101 12.34 -18.84 -12.71
CA GLY A 101 13.35 -18.44 -11.75
C GLY A 101 13.78 -17.01 -11.93
N THR A 102 13.15 -16.32 -12.86
CA THR A 102 13.53 -14.94 -13.16
C THR A 102 12.87 -13.98 -12.19
N VAL A 103 13.65 -13.05 -11.66
CA VAL A 103 13.15 -12.10 -10.69
C VAL A 103 12.94 -10.73 -11.32
N LYS A 104 11.86 -10.09 -10.92
CA LYS A 104 11.60 -8.72 -11.32
C LYS A 104 11.06 -7.95 -10.12
N THR A 105 11.18 -6.64 -10.16
CA THR A 105 10.61 -5.80 -9.14
C THR A 105 9.54 -4.91 -9.75
N ILE A 106 8.32 -5.06 -9.28
CA ILE A 106 7.21 -4.29 -9.81
C ILE A 106 6.47 -3.65 -8.63
N MET A 107 5.91 -2.48 -8.87
CA MET A 107 5.23 -1.77 -7.80
C MET A 107 3.77 -2.18 -7.75
N VAL A 108 3.44 -2.89 -6.69
CA VAL A 108 2.08 -3.38 -6.49
C VAL A 108 1.49 -2.81 -5.22
N ASP A 109 0.24 -2.39 -5.33
CA ASP A 109 -0.46 -1.73 -4.24
C ASP A 109 -0.59 -2.63 -3.01
N ASP A 110 -0.26 -2.08 -1.86
CA ASP A 110 -0.42 -2.79 -0.60
C ASP A 110 -1.83 -2.61 -0.07
N SER A 111 -2.54 -1.67 -0.68
CA SER A 111 -3.90 -1.33 -0.28
C SER A 111 -4.94 -2.29 -0.88
N LYS A 112 -4.50 -3.45 -1.33
CA LYS A 112 -5.41 -4.43 -1.93
C LYS A 112 -4.95 -5.86 -1.68
N THR A 113 -5.83 -6.81 -1.97
CA THR A 113 -5.60 -8.21 -1.66
C THR A 113 -4.61 -8.88 -2.62
N VAL A 114 -4.38 -10.17 -2.41
CA VAL A 114 -3.39 -10.92 -3.16
C VAL A 114 -3.79 -11.05 -4.62
N THR A 115 -5.03 -11.46 -4.84
CA THR A 115 -5.59 -11.63 -6.18
C THR A 115 -5.26 -10.47 -7.12
N ASP A 116 -5.63 -9.25 -6.73
CA ASP A 116 -5.38 -8.07 -7.56
C ASP A 116 -3.88 -7.83 -7.71
N MET A 117 -3.15 -8.10 -6.63
CA MET A 117 -1.69 -7.96 -6.63
C MET A 117 -1.06 -8.92 -7.62
N LEU A 118 -1.49 -10.17 -7.58
CA LEU A 118 -0.96 -11.20 -8.47
C LEU A 118 -1.27 -10.86 -9.92
N MET A 119 -2.50 -10.44 -10.15
CA MET A 119 -2.94 -10.00 -11.48
C MET A 119 -2.04 -8.90 -11.99
N THR A 120 -1.73 -7.97 -11.09
CA THR A 120 -0.87 -6.85 -11.39
C THR A 120 0.53 -7.31 -11.81
N ILE A 121 1.05 -8.32 -11.13
CA ILE A 121 2.42 -8.79 -11.34
C ILE A 121 2.52 -9.66 -12.58
N CYS A 122 1.62 -10.63 -12.71
CA CYS A 122 1.66 -11.58 -13.82
C CYS A 122 1.45 -10.84 -15.15
N ALA A 123 0.67 -9.76 -15.09
CA ALA A 123 0.40 -8.95 -16.27
C ALA A 123 1.66 -8.26 -16.77
N ARG A 124 2.63 -8.04 -15.88
CA ARG A 124 3.88 -7.41 -16.26
C ARG A 124 4.70 -8.32 -17.14
N ILE A 125 4.63 -9.62 -16.87
CA ILE A 125 5.34 -10.61 -17.66
C ILE A 125 4.59 -10.89 -18.94
N GLY A 126 3.27 -10.96 -18.82
CA GLY A 126 2.43 -11.28 -19.96
C GLY A 126 1.60 -12.51 -19.72
N ILE A 127 1.18 -12.69 -18.47
CA ILE A 127 0.37 -13.83 -18.09
C ILE A 127 -1.04 -13.37 -17.75
N THR A 128 -2.02 -13.77 -18.56
CA THR A 128 -3.38 -13.31 -18.36
C THR A 128 -4.12 -14.20 -17.36
N ASN A 129 -3.75 -15.48 -17.31
CA ASN A 129 -4.28 -16.39 -16.31
C ASN A 129 -3.49 -16.22 -15.02
N HIS A 130 -4.17 -15.81 -13.96
CA HIS A 130 -3.49 -15.54 -12.71
C HIS A 130 -4.18 -16.23 -11.54
N ASP A 131 -5.30 -16.88 -11.81
CA ASP A 131 -6.04 -17.57 -10.78
C ASP A 131 -5.34 -18.87 -10.43
N GLU A 132 -4.51 -19.35 -11.36
CA GLU A 132 -3.84 -20.62 -11.22
C GLU A 132 -2.61 -20.50 -10.35
N TYR A 133 -2.25 -19.27 -10.00
CA TYR A 133 -1.06 -19.03 -9.22
C TYR A 133 -1.40 -18.62 -7.80
N SER A 134 -0.55 -18.98 -6.88
CA SER A 134 -0.66 -18.51 -5.52
C SER A 134 0.62 -17.79 -5.15
N LEU A 135 0.49 -16.69 -4.42
CA LEU A 135 1.65 -15.91 -4.05
C LEU A 135 2.31 -16.56 -2.85
N VAL A 136 3.63 -16.67 -2.87
CA VAL A 136 4.34 -17.27 -1.77
C VAL A 136 5.53 -16.39 -1.40
N ARG A 137 5.49 -15.84 -0.20
CA ARG A 137 6.48 -14.89 0.23
C ARG A 137 7.48 -15.55 1.17
N GLU A 138 8.66 -15.86 0.67
CA GLU A 138 9.73 -16.33 1.52
C GLU A 138 10.30 -15.16 2.30
N LEU A 139 9.89 -15.02 3.55
CA LEU A 139 10.27 -13.86 4.32
C LEU A 139 11.34 -14.20 5.35
N MET A 140 11.67 -13.21 6.15
CA MET A 140 12.64 -13.33 7.23
C MET A 140 11.90 -13.53 8.54
N GLU A 141 10.59 -13.70 8.40
CA GLU A 141 9.67 -13.80 9.53
C GLU A 141 10.20 -14.66 10.66
N GLU A 142 10.40 -14.02 11.81
CA GLU A 142 10.87 -14.71 13.00
C GLU A 142 9.69 -15.27 13.80
N LYS A 143 8.49 -14.80 13.50
CA LYS A 143 7.32 -15.17 14.27
C LYS A 143 6.61 -16.34 13.59
N LYS A 144 6.28 -16.15 12.32
CA LYS A 144 5.63 -17.19 11.55
C LYS A 144 6.67 -18.17 11.03
N ASP A 145 7.67 -17.61 10.37
CA ASP A 145 8.69 -18.37 9.66
C ASP A 145 8.04 -19.31 8.67
N GLU A 146 7.61 -18.74 7.56
CA GLU A 146 6.88 -19.49 6.55
C GLU A 146 7.22 -19.00 5.16
N LEU A 147 6.76 -19.79 4.19
CA LEU A 147 6.84 -19.41 2.79
C LEU A 147 5.74 -18.43 2.48
N ASN A 148 4.85 -18.22 3.44
CA ASN A 148 3.75 -17.28 3.30
C ASN A 148 3.02 -17.50 2.00
N TRP A 149 2.24 -18.56 1.92
CA TRP A 149 1.52 -18.87 0.70
C TRP A 149 0.18 -18.14 0.72
N LEU A 150 0.18 -16.95 0.15
CA LEU A 150 -1.00 -16.11 0.12
C LEU A 150 -2.11 -16.77 -0.64
N ASP A 151 -3.21 -17.05 0.06
CA ASP A 151 -4.30 -17.83 -0.49
C ASP A 151 -5.37 -16.94 -1.10
N HIS A 152 -4.99 -15.70 -1.41
CA HIS A 152 -5.88 -14.76 -2.09
C HIS A 152 -7.09 -14.43 -1.22
N GLY A 153 -6.85 -14.18 0.06
CA GLY A 153 -7.96 -13.94 0.95
C GLY A 153 -7.62 -12.96 2.05
N ARG A 154 -6.36 -13.00 2.50
CA ARG A 154 -5.96 -12.16 3.63
C ARG A 154 -5.29 -10.87 3.15
N THR A 155 -5.62 -9.78 3.84
CA THR A 155 -5.01 -8.48 3.56
C THR A 155 -3.56 -8.46 4.06
N LEU A 156 -2.75 -7.68 3.36
CA LEU A 156 -1.31 -7.66 3.57
C LEU A 156 -0.95 -7.05 4.92
N ARG A 157 -1.75 -6.09 5.37
CA ARG A 157 -1.53 -5.44 6.65
C ARG A 157 -1.88 -6.37 7.80
N GLU A 158 -2.54 -7.47 7.50
CA GLU A 158 -2.91 -8.45 8.51
C GLU A 158 -1.94 -9.64 8.47
N GLN A 159 -1.07 -9.64 7.46
CA GLN A 159 -0.07 -10.69 7.34
C GLN A 159 1.15 -10.34 8.17
N GLY A 160 1.52 -9.07 8.14
CA GLY A 160 2.72 -8.62 8.83
C GLY A 160 3.93 -8.73 7.95
N VAL A 161 3.71 -8.64 6.64
CA VAL A 161 4.80 -8.73 5.68
C VAL A 161 5.45 -7.37 5.46
N GLU A 162 6.59 -7.39 4.79
CA GLU A 162 7.35 -6.18 4.49
C GLU A 162 7.58 -6.08 2.97
N GLU A 163 8.48 -5.20 2.54
CA GLU A 163 8.71 -5.02 1.11
C GLU A 163 10.18 -5.24 0.73
N HIS A 164 10.87 -6.18 1.38
CA HIS A 164 12.29 -6.38 1.07
C HIS A 164 12.68 -7.86 0.97
N GLU A 165 11.75 -8.76 1.24
CA GLU A 165 12.02 -10.19 1.09
C GLU A 165 11.53 -10.69 -0.27
N THR A 166 12.06 -11.82 -0.70
CA THR A 166 11.71 -12.36 -2.00
C THR A 166 10.35 -13.05 -1.98
N LEU A 167 9.48 -12.65 -2.88
CA LEU A 167 8.17 -13.25 -3.03
C LEU A 167 8.16 -14.02 -4.33
N LEU A 168 7.67 -15.25 -4.32
CA LEU A 168 7.76 -16.10 -5.50
C LEU A 168 6.38 -16.26 -6.13
N LEU A 169 6.33 -16.25 -7.44
CA LEU A 169 5.12 -16.62 -8.14
C LEU A 169 5.15 -18.12 -8.41
N ARG A 170 4.19 -18.83 -7.83
CA ARG A 170 4.11 -20.28 -7.97
C ARG A 170 2.72 -20.65 -8.45
N ARG A 171 2.62 -21.69 -9.26
CA ARG A 171 1.31 -22.12 -9.72
C ARG A 171 0.79 -23.27 -8.88
N LYS A 172 -0.47 -23.16 -8.49
CA LYS A 172 -1.13 -24.22 -7.74
C LYS A 172 -2.00 -25.02 -8.69
N PHE A 173 -2.66 -24.32 -9.60
CA PHE A 173 -3.44 -24.97 -10.64
C PHE A 173 -2.64 -24.99 -11.93
N PHE A 174 -2.84 -26.03 -12.72
CA PHE A 174 -2.22 -26.12 -14.02
C PHE A 174 -3.17 -26.72 -15.04
N TYR A 175 -4.18 -25.95 -15.41
CA TYR A 175 -5.11 -26.38 -16.43
C TYR A 175 -5.15 -25.39 -17.57
N SER A 176 -5.26 -24.10 -17.22
CA SER A 176 -5.54 -23.05 -18.17
C SER A 176 -6.87 -23.30 -18.90
N ASP A 177 -7.61 -22.25 -19.17
CA ASP A 177 -8.84 -22.36 -19.93
C ASP A 177 -8.50 -22.40 -21.43
N GLN A 178 -7.22 -22.70 -21.68
CA GLN A 178 -6.62 -22.73 -23.01
C GLN A 178 -7.54 -23.33 -24.09
N GLY A 1 0.45 29.47 7.85
CA GLY A 1 0.19 28.88 6.51
C GLY A 1 -1.16 29.29 5.97
N ILE A 2 -1.90 28.33 5.45
CA ILE A 2 -3.25 28.58 4.95
C ILE A 2 -4.21 28.84 6.11
N ASP A 3 -5.27 29.61 5.85
CA ASP A 3 -6.28 29.92 6.85
C ASP A 3 -6.77 28.66 7.54
N PRO A 4 -6.54 28.56 8.87
CA PRO A 4 -7.01 27.43 9.66
C PRO A 4 -8.54 27.34 9.67
N PHE A 5 -9.05 26.13 9.55
CA PHE A 5 -10.48 25.92 9.49
C PHE A 5 -11.07 25.84 10.88
N THR A 6 -11.11 27.02 11.49
CA THR A 6 -11.64 27.21 12.84
C THR A 6 -11.12 26.14 13.80
N MET A 7 -12.03 25.38 14.38
CA MET A 7 -11.65 24.27 15.23
C MET A 7 -12.21 22.98 14.66
N VAL A 8 -12.27 22.95 13.36
CA VAL A 8 -12.71 21.79 12.61
C VAL A 8 -11.69 21.50 11.52
N ALA A 9 -10.44 21.50 11.94
CA ALA A 9 -9.34 21.17 11.06
C ALA A 9 -8.41 20.26 11.82
N LEU A 10 -7.80 19.34 11.11
CA LEU A 10 -6.95 18.35 11.73
C LEU A 10 -5.51 18.64 11.39
N SER A 11 -4.68 18.75 12.42
CA SER A 11 -3.28 19.05 12.24
C SER A 11 -2.51 17.75 12.19
N LEU A 12 -2.19 17.32 10.98
CA LEU A 12 -1.59 16.02 10.77
C LEU A 12 -0.14 16.14 10.34
N LYS A 13 0.73 15.39 10.97
CA LYS A 13 2.12 15.35 10.60
C LYS A 13 2.32 14.42 9.43
N ILE A 14 2.61 14.99 8.28
CA ILE A 14 2.73 14.23 7.06
C ILE A 14 4.14 13.72 6.90
N SER A 15 4.36 12.47 7.26
CA SER A 15 5.66 11.86 7.13
C SER A 15 5.79 11.27 5.73
N ILE A 16 6.69 11.81 4.93
CA ILE A 16 6.90 11.31 3.59
C ILE A 16 8.27 10.67 3.50
N GLY A 17 8.41 9.51 4.13
CA GLY A 17 9.66 8.78 4.10
C GLY A 17 10.78 9.46 4.86
N ASN A 18 11.44 10.40 4.19
CA ASN A 18 12.62 11.07 4.73
C ASN A 18 12.25 12.42 5.33
N VAL A 19 11.04 12.86 5.10
CA VAL A 19 10.65 14.21 5.47
C VAL A 19 9.31 14.20 6.19
N VAL A 20 8.99 15.28 6.89
CA VAL A 20 7.70 15.42 7.53
C VAL A 20 7.20 16.85 7.40
N LYS A 21 5.98 16.99 6.90
CA LYS A 21 5.38 18.29 6.68
C LYS A 21 4.14 18.42 7.55
N THR A 22 3.85 19.62 8.01
CA THR A 22 2.70 19.84 8.85
C THR A 22 1.56 20.39 8.02
N MET A 23 0.51 19.60 7.86
CA MET A 23 -0.61 19.97 7.01
C MET A 23 -1.91 19.77 7.76
N GLN A 24 -2.89 20.59 7.44
CA GLN A 24 -4.19 20.46 8.06
C GLN A 24 -5.24 20.10 7.02
N PHE A 25 -6.12 19.19 7.41
CA PHE A 25 -7.17 18.73 6.53
C PHE A 25 -8.48 18.86 7.27
N GLU A 26 -9.58 18.90 6.55
CA GLU A 26 -10.88 18.97 7.18
C GLU A 26 -11.32 17.57 7.57
N PRO A 27 -12.01 17.44 8.71
CA PRO A 27 -12.54 16.17 9.20
C PRO A 27 -13.29 15.40 8.11
N SER A 28 -13.95 16.12 7.20
CA SER A 28 -14.73 15.49 6.14
C SER A 28 -14.02 15.62 4.79
N THR A 29 -12.73 15.99 4.80
CA THR A 29 -11.94 16.08 3.58
C THR A 29 -11.95 14.75 2.82
N MET A 30 -11.65 13.68 3.54
CA MET A 30 -11.60 12.33 2.98
C MET A 30 -10.33 12.13 2.16
N VAL A 31 -9.78 10.93 2.26
CA VAL A 31 -8.51 10.55 1.65
C VAL A 31 -8.28 11.13 0.24
N TYR A 32 -9.21 10.89 -0.67
CA TYR A 32 -9.03 11.31 -2.07
C TYR A 32 -8.84 12.83 -2.19
N ASP A 33 -9.50 13.60 -1.33
CA ASP A 33 -9.38 15.05 -1.36
C ASP A 33 -8.05 15.48 -0.74
N ALA A 34 -7.67 14.79 0.32
CA ALA A 34 -6.39 15.05 0.98
C ALA A 34 -5.23 14.87 0.02
N CYS A 35 -5.23 13.74 -0.69
CA CYS A 35 -4.19 13.42 -1.66
C CYS A 35 -4.07 14.47 -2.75
N ARG A 36 -5.17 15.11 -3.11
CA ARG A 36 -5.17 16.08 -4.18
C ARG A 36 -4.55 17.41 -3.73
N MET A 37 -4.75 17.75 -2.47
CA MET A 37 -4.19 18.97 -1.93
C MET A 37 -2.72 18.80 -1.60
N ILE A 38 -2.36 17.69 -0.98
CA ILE A 38 -1.00 17.48 -0.55
C ILE A 38 -0.03 17.47 -1.75
N ARG A 39 -0.42 16.78 -2.82
CA ARG A 39 0.38 16.76 -4.05
C ARG A 39 0.51 18.18 -4.63
N GLU A 40 -0.48 19.01 -4.34
CA GLU A 40 -0.53 20.35 -4.88
C GLU A 40 0.49 21.26 -4.19
N ARG A 41 0.35 21.40 -2.88
CA ARG A 41 1.19 22.32 -2.11
C ARG A 41 2.54 21.72 -1.72
N ILE A 42 2.59 20.41 -1.49
CA ILE A 42 3.81 19.77 -1.03
C ILE A 42 4.53 19.02 -2.16
N PRO A 43 5.68 19.54 -2.61
CA PRO A 43 6.47 18.93 -3.69
C PRO A 43 7.19 17.67 -3.24
N GLU A 44 7.25 17.46 -1.92
CA GLU A 44 7.90 16.29 -1.35
C GLU A 44 7.00 15.07 -1.45
N ALA A 45 5.72 15.31 -1.70
CA ALA A 45 4.72 14.25 -1.71
C ALA A 45 4.84 13.37 -2.95
N LEU A 46 5.03 14.00 -4.11
CA LEU A 46 5.06 13.26 -5.37
C LEU A 46 6.49 12.93 -5.79
N ALA A 47 7.16 12.12 -4.99
CA ALA A 47 8.50 11.66 -5.30
C ALA A 47 8.46 10.71 -6.51
N GLY A 48 7.25 10.27 -6.83
CA GLY A 48 7.01 9.45 -7.99
C GLY A 48 5.70 9.84 -8.64
N PRO A 49 5.03 8.91 -9.33
CA PRO A 49 3.72 9.17 -9.93
C PRO A 49 2.67 9.47 -8.87
N PRO A 50 1.95 10.61 -9.00
CA PRO A 50 0.97 11.05 -7.99
C PRO A 50 -0.17 10.05 -7.80
N ASN A 51 -0.43 9.23 -8.82
CA ASN A 51 -1.50 8.24 -8.76
C ASN A 51 -1.09 7.09 -7.85
N ASP A 52 0.21 7.00 -7.60
CA ASP A 52 0.79 5.87 -6.88
C ASP A 52 0.92 6.17 -5.40
N PHE A 53 0.36 7.26 -4.93
CA PHE A 53 0.54 7.67 -3.55
C PHE A 53 -0.78 7.69 -2.79
N GLY A 54 -0.74 7.15 -1.58
CA GLY A 54 -1.92 7.14 -0.73
C GLY A 54 -1.60 7.53 0.70
N LEU A 55 -2.59 7.46 1.57
CA LEU A 55 -2.43 7.87 2.95
C LEU A 55 -2.25 6.68 3.87
N PHE A 56 -1.05 6.55 4.40
CA PHE A 56 -0.77 5.52 5.40
C PHE A 56 -0.86 6.12 6.79
N LEU A 57 -1.56 5.44 7.69
CA LEU A 57 -1.73 5.95 9.05
C LEU A 57 -0.72 5.29 9.97
N SER A 58 0.18 6.11 10.49
CA SER A 58 1.22 5.63 11.40
C SER A 58 0.67 5.40 12.79
N ASP A 59 0.63 4.15 13.21
CA ASP A 59 0.13 3.80 14.54
C ASP A 59 1.29 3.52 15.47
N ASP A 60 2.07 2.49 15.12
CA ASP A 60 3.20 2.05 15.93
C ASP A 60 3.90 0.87 15.25
N ASP A 61 3.11 -0.13 14.91
CA ASP A 61 3.62 -1.34 14.28
C ASP A 61 2.86 -1.60 12.99
N PRO A 62 3.54 -2.14 11.95
CA PRO A 62 2.92 -2.44 10.64
C PRO A 62 1.62 -3.23 10.75
N LYS A 63 1.48 -4.06 11.78
CA LYS A 63 0.27 -4.85 11.98
C LYS A 63 -0.89 -3.95 12.41
N LYS A 64 -0.57 -2.84 13.05
CA LYS A 64 -1.57 -1.89 13.52
C LYS A 64 -1.76 -0.78 12.49
N GLY A 65 -0.69 -0.49 11.75
CA GLY A 65 -0.75 0.53 10.73
C GLY A 65 -1.74 0.18 9.64
N ILE A 66 -2.35 1.18 9.04
CA ILE A 66 -3.43 0.95 8.08
C ILE A 66 -3.31 1.87 6.89
N TRP A 67 -3.94 1.47 5.80
CA TRP A 67 -4.03 2.31 4.63
C TRP A 67 -5.34 3.04 4.61
N LEU A 68 -5.31 4.29 4.26
CA LEU A 68 -6.50 5.10 4.19
C LEU A 68 -7.02 5.14 2.76
N GLU A 69 -8.14 4.48 2.53
CA GLU A 69 -8.77 4.43 1.21
C GLU A 69 -9.68 5.63 1.01
N ALA A 70 -10.01 5.93 -0.23
CA ALA A 70 -10.88 7.05 -0.55
C ALA A 70 -12.33 6.72 -0.21
N GLY A 71 -12.56 5.54 0.33
CA GLY A 71 -13.90 5.11 0.67
C GLY A 71 -14.26 5.37 2.12
N LYS A 72 -13.47 6.18 2.81
CA LYS A 72 -13.75 6.53 4.20
C LYS A 72 -13.05 7.84 4.53
N ALA A 73 -13.53 8.53 5.56
CA ALA A 73 -12.99 9.82 5.93
C ALA A 73 -11.83 9.63 6.91
N LEU A 74 -11.01 10.66 7.04
CA LEU A 74 -9.87 10.61 7.95
C LEU A 74 -10.35 10.59 9.39
N ASP A 75 -11.15 11.59 9.73
CA ASP A 75 -11.68 11.76 11.08
C ASP A 75 -12.62 10.62 11.48
N TYR A 76 -13.03 9.82 10.49
CA TYR A 76 -13.81 8.63 10.77
C TYR A 76 -13.02 7.70 11.70
N TYR A 77 -11.72 7.66 11.50
CA TYR A 77 -10.83 6.93 12.39
C TYR A 77 -10.52 7.74 13.65
N MET A 78 -9.39 7.46 14.27
CA MET A 78 -9.02 8.11 15.53
C MET A 78 -8.14 9.34 15.30
N LEU A 79 -8.19 9.91 14.11
CA LEU A 79 -7.27 11.00 13.76
C LEU A 79 -7.85 12.35 14.11
N ARG A 80 -6.96 13.23 14.49
CA ARG A 80 -7.27 14.60 14.84
C ARG A 80 -5.98 15.39 15.02
N ASN A 81 -6.04 16.49 15.76
CA ASN A 81 -4.86 17.36 15.92
C ASN A 81 -3.76 16.65 16.67
N GLY A 82 -2.69 16.31 15.97
CA GLY A 82 -1.53 15.73 16.61
C GLY A 82 -1.12 14.39 16.02
N ASP A 83 -1.98 13.80 15.21
CA ASP A 83 -1.70 12.49 14.64
C ASP A 83 -0.75 12.59 13.45
N THR A 84 0.22 11.72 13.42
CA THR A 84 1.14 11.63 12.31
C THR A 84 0.59 10.70 11.24
N MET A 85 0.56 11.18 10.01
CA MET A 85 0.04 10.40 8.91
C MET A 85 1.08 10.34 7.81
N GLU A 86 1.54 9.14 7.51
CA GLU A 86 2.59 8.96 6.53
C GLU A 86 2.00 9.03 5.13
N TYR A 87 2.54 9.88 4.29
CA TYR A 87 2.14 9.91 2.90
C TYR A 87 3.17 9.13 2.10
N ARG A 88 2.80 7.94 1.71
CA ARG A 88 3.74 7.07 1.04
C ARG A 88 3.10 6.44 -0.18
N LYS A 89 3.93 5.78 -0.96
CA LYS A 89 3.47 5.12 -2.17
C LYS A 89 2.47 4.03 -1.80
N LYS A 90 1.27 4.10 -2.40
CA LYS A 90 0.22 3.10 -2.21
C LYS A 90 0.78 1.71 -2.42
N GLN A 91 1.65 1.63 -3.40
CA GLN A 91 2.25 0.39 -3.79
C GLN A 91 3.58 0.21 -3.09
N ARG A 92 3.88 -1.01 -2.76
CA ARG A 92 5.16 -1.35 -2.16
C ARG A 92 5.87 -2.35 -3.07
N PRO A 93 7.21 -2.39 -3.01
CA PRO A 93 8.01 -3.18 -3.94
C PRO A 93 7.76 -4.68 -3.83
N LEU A 94 7.20 -5.25 -4.88
CA LEU A 94 7.06 -6.69 -4.98
C LEU A 94 8.17 -7.25 -5.85
N LYS A 95 9.05 -8.02 -5.24
CA LYS A 95 10.05 -8.75 -6.00
C LYS A 95 9.50 -10.12 -6.27
N ILE A 96 9.36 -10.46 -7.53
CA ILE A 96 8.66 -11.65 -7.93
C ILE A 96 9.53 -12.50 -8.82
N ARG A 97 9.60 -13.79 -8.53
CA ARG A 97 10.34 -14.70 -9.37
C ARG A 97 9.37 -15.54 -10.19
N MET A 98 9.53 -15.47 -11.50
CA MET A 98 8.66 -16.17 -12.44
C MET A 98 9.09 -17.61 -12.63
N LEU A 99 8.24 -18.39 -13.31
CA LEU A 99 8.44 -19.83 -13.48
C LEU A 99 9.73 -20.11 -14.24
N ASP A 100 10.09 -19.20 -15.13
CA ASP A 100 11.32 -19.28 -15.89
C ASP A 100 12.53 -19.20 -14.96
N GLY A 101 12.30 -18.72 -13.75
CA GLY A 101 13.37 -18.58 -12.78
C GLY A 101 13.90 -17.18 -12.77
N THR A 102 13.16 -16.29 -13.43
CA THR A 102 13.58 -14.92 -13.61
C THR A 102 12.80 -14.01 -12.67
N VAL A 103 13.50 -13.06 -12.06
CA VAL A 103 12.91 -12.21 -11.06
C VAL A 103 12.75 -10.78 -11.58
N LYS A 104 11.63 -10.17 -11.23
CA LYS A 104 11.38 -8.77 -11.56
C LYS A 104 10.72 -8.08 -10.39
N THR A 105 10.77 -6.77 -10.37
CA THR A 105 10.13 -5.98 -9.34
C THR A 105 8.98 -5.18 -9.92
N ILE A 106 7.83 -5.23 -9.27
CA ILE A 106 6.70 -4.42 -9.70
C ILE A 106 6.10 -3.73 -8.46
N MET A 107 5.58 -2.52 -8.63
CA MET A 107 4.98 -1.82 -7.52
C MET A 107 3.49 -2.11 -7.47
N VAL A 108 3.08 -2.80 -6.42
CA VAL A 108 1.68 -3.17 -6.24
C VAL A 108 1.15 -2.63 -4.93
N ASP A 109 -0.07 -2.09 -4.98
CA ASP A 109 -0.70 -1.48 -3.81
C ASP A 109 -0.72 -2.42 -2.62
N ASP A 110 -0.36 -1.87 -1.46
CA ASP A 110 -0.43 -2.62 -0.21
C ASP A 110 -1.83 -2.50 0.37
N SER A 111 -2.59 -1.58 -0.20
CA SER A 111 -3.94 -1.29 0.27
C SER A 111 -4.99 -2.25 -0.30
N LYS A 112 -4.56 -3.38 -0.86
CA LYS A 112 -5.50 -4.34 -1.44
C LYS A 112 -5.00 -5.78 -1.30
N THR A 113 -5.78 -6.72 -1.82
CA THR A 113 -5.50 -8.14 -1.67
C THR A 113 -4.48 -8.63 -2.69
N VAL A 114 -4.14 -9.91 -2.60
CA VAL A 114 -3.10 -10.49 -3.43
C VAL A 114 -3.64 -10.86 -4.80
N THR A 115 -4.91 -11.25 -4.87
CA THR A 115 -5.57 -11.51 -6.14
C THR A 115 -5.42 -10.32 -7.10
N ASP A 116 -5.74 -9.13 -6.60
CA ASP A 116 -5.60 -7.92 -7.40
C ASP A 116 -4.14 -7.67 -7.72
N MET A 117 -3.30 -7.95 -6.73
CA MET A 117 -1.86 -7.84 -6.88
C MET A 117 -1.34 -8.71 -8.01
N LEU A 118 -1.71 -9.98 -7.98
CA LEU A 118 -1.22 -10.96 -8.94
C LEU A 118 -1.68 -10.61 -10.35
N MET A 119 -2.90 -10.10 -10.44
CA MET A 119 -3.44 -9.61 -11.70
C MET A 119 -2.52 -8.56 -12.29
N THR A 120 -1.96 -7.75 -11.41
CA THR A 120 -1.07 -6.69 -11.79
C THR A 120 0.33 -7.23 -12.10
N ILE A 121 0.76 -8.27 -11.37
CA ILE A 121 2.11 -8.81 -11.53
C ILE A 121 2.22 -9.67 -12.78
N CYS A 122 1.31 -10.61 -12.95
CA CYS A 122 1.36 -11.53 -14.07
C CYS A 122 1.14 -10.80 -15.39
N ALA A 123 0.42 -9.69 -15.32
CA ALA A 123 0.19 -8.85 -16.49
C ALA A 123 1.48 -8.21 -16.97
N ARG A 124 2.45 -8.02 -16.06
CA ARG A 124 3.74 -7.46 -16.41
C ARG A 124 4.48 -8.42 -17.34
N ILE A 125 4.33 -9.71 -17.08
CA ILE A 125 4.99 -10.73 -17.86
C ILE A 125 4.24 -10.95 -19.17
N GLY A 126 2.92 -10.94 -19.07
CA GLY A 126 2.09 -11.17 -20.22
C GLY A 126 1.14 -12.34 -20.02
N ILE A 127 0.94 -12.72 -18.77
CA ILE A 127 0.05 -13.82 -18.44
C ILE A 127 -1.38 -13.30 -18.30
N THR A 128 -2.29 -13.84 -19.08
CA THR A 128 -3.68 -13.40 -19.07
C THR A 128 -4.44 -13.99 -17.89
N ASN A 129 -4.22 -15.27 -17.64
CA ASN A 129 -4.87 -15.97 -16.53
C ASN A 129 -3.94 -16.02 -15.33
N HIS A 130 -4.29 -15.27 -14.30
CA HIS A 130 -3.41 -15.06 -13.15
C HIS A 130 -3.86 -15.86 -11.94
N ASP A 131 -5.05 -16.43 -12.01
CA ASP A 131 -5.61 -17.12 -10.85
C ASP A 131 -5.15 -18.57 -10.85
N GLU A 132 -4.27 -18.89 -11.79
CA GLU A 132 -3.66 -20.21 -11.87
C GLU A 132 -2.44 -20.24 -10.96
N TYR A 133 -2.15 -19.10 -10.36
CA TYR A 133 -0.98 -18.96 -9.52
C TYR A 133 -1.36 -18.58 -8.10
N SER A 134 -0.53 -19.03 -7.17
CA SER A 134 -0.65 -18.63 -5.78
C SER A 134 0.58 -17.80 -5.45
N LEU A 135 0.55 -17.08 -4.34
CA LEU A 135 1.70 -16.27 -3.99
C LEU A 135 2.46 -16.99 -2.88
N VAL A 136 3.77 -16.91 -2.91
CA VAL A 136 4.58 -17.48 -1.84
C VAL A 136 5.74 -16.54 -1.51
N ARG A 137 5.72 -16.02 -0.31
CA ARG A 137 6.71 -15.03 0.09
C ARG A 137 7.79 -15.67 0.93
N GLU A 138 8.94 -15.91 0.33
CA GLU A 138 10.07 -16.41 1.07
C GLU A 138 10.80 -15.25 1.73
N LEU A 139 10.71 -15.18 3.05
CA LEU A 139 11.28 -14.07 3.77
C LEU A 139 12.56 -14.49 4.47
N MET A 140 13.14 -13.54 5.20
CA MET A 140 14.33 -13.78 6.00
C MET A 140 14.00 -13.65 7.47
N GLU A 141 12.74 -13.88 7.80
CA GLU A 141 12.20 -13.61 9.12
C GLU A 141 12.93 -14.35 10.22
N GLU A 142 13.13 -13.64 11.31
CA GLU A 142 13.58 -14.22 12.56
C GLU A 142 12.35 -14.71 13.34
N LYS A 143 11.22 -14.09 13.05
CA LYS A 143 9.98 -14.35 13.76
C LYS A 143 9.28 -15.59 13.23
N LYS A 144 8.52 -15.43 12.15
CA LYS A 144 7.80 -16.55 11.55
C LYS A 144 8.78 -17.47 10.86
N ASP A 145 9.45 -16.93 9.87
CA ASP A 145 10.29 -17.69 8.96
C ASP A 145 9.44 -18.71 8.24
N GLU A 146 8.79 -18.23 7.20
CA GLU A 146 7.83 -19.02 6.48
C GLU A 146 7.98 -18.83 4.98
N LEU A 147 7.32 -19.71 4.25
CA LEU A 147 7.25 -19.60 2.81
C LEU A 147 6.17 -18.61 2.45
N ASN A 148 5.28 -18.39 3.41
CA ASN A 148 4.17 -17.46 3.26
C ASN A 148 3.44 -17.67 1.96
N TRP A 149 2.64 -18.72 1.90
CA TRP A 149 1.86 -18.98 0.70
C TRP A 149 0.57 -18.19 0.80
N LEU A 150 0.50 -17.11 0.06
CA LEU A 150 -0.60 -16.17 0.19
C LEU A 150 -1.90 -16.74 -0.35
N ASP A 151 -2.87 -16.75 0.56
CA ASP A 151 -4.24 -17.18 0.31
C ASP A 151 -4.96 -16.24 -0.64
N HIS A 152 -4.36 -15.07 -0.86
CA HIS A 152 -4.86 -14.07 -1.80
C HIS A 152 -5.98 -13.22 -1.22
N GLY A 153 -6.22 -13.34 0.08
CA GLY A 153 -7.30 -12.61 0.70
C GLY A 153 -6.82 -11.72 1.83
N ARG A 154 -5.86 -12.23 2.58
CA ARG A 154 -5.29 -11.50 3.70
C ARG A 154 -4.31 -10.43 3.22
N THR A 155 -4.48 -9.21 3.73
CA THR A 155 -3.61 -8.09 3.37
C THR A 155 -2.17 -8.33 3.79
N LEU A 156 -1.28 -7.53 3.25
CA LEU A 156 0.16 -7.77 3.33
C LEU A 156 0.72 -7.41 4.70
N ARG A 157 0.28 -6.28 5.23
CA ARG A 157 0.69 -5.85 6.56
C ARG A 157 0.28 -6.87 7.60
N GLU A 158 -0.84 -7.51 7.39
CA GLU A 158 -1.40 -8.45 8.35
C GLU A 158 -0.59 -9.74 8.33
N GLN A 159 0.08 -9.97 7.22
CA GLN A 159 0.96 -11.12 7.08
C GLN A 159 2.21 -10.94 7.92
N GLY A 160 2.58 -9.68 8.14
CA GLY A 160 3.79 -9.38 8.88
C GLY A 160 5.03 -9.55 8.02
N VAL A 161 4.87 -9.29 6.72
CA VAL A 161 5.98 -9.38 5.79
C VAL A 161 6.67 -8.03 5.62
N GLU A 162 7.86 -8.04 5.01
CA GLU A 162 8.58 -6.82 4.73
C GLU A 162 8.54 -6.51 3.25
N GLU A 163 9.05 -5.36 2.88
CA GLU A 163 9.03 -4.91 1.50
C GLU A 163 10.31 -5.32 0.78
N HIS A 164 11.34 -5.66 1.56
CA HIS A 164 12.62 -6.06 1.00
C HIS A 164 12.65 -7.56 0.66
N GLU A 165 11.59 -8.26 1.05
CA GLU A 165 11.55 -9.73 0.92
C GLU A 165 11.33 -10.16 -0.54
N THR A 166 11.92 -11.29 -0.93
CA THR A 166 11.67 -11.84 -2.26
C THR A 166 10.43 -12.72 -2.26
N LEU A 167 9.55 -12.48 -3.21
CA LEU A 167 8.28 -13.20 -3.29
C LEU A 167 8.24 -13.97 -4.60
N LEU A 168 7.58 -15.12 -4.61
CA LEU A 168 7.49 -15.92 -5.81
C LEU A 168 6.03 -16.20 -6.13
N LEU A 169 5.72 -16.43 -7.39
CA LEU A 169 4.42 -16.97 -7.74
C LEU A 169 4.54 -18.46 -8.03
N ARG A 170 3.54 -19.21 -7.63
CA ARG A 170 3.56 -20.64 -7.78
C ARG A 170 2.35 -21.09 -8.55
N ARG A 171 2.57 -21.83 -9.61
CA ARG A 171 1.50 -22.33 -10.43
C ARG A 171 0.73 -23.41 -9.67
N LYS A 172 -0.42 -23.04 -9.12
CA LYS A 172 -1.26 -23.99 -8.40
C LYS A 172 -2.10 -24.79 -9.39
N PHE A 173 -2.54 -24.11 -10.44
CA PHE A 173 -3.21 -24.77 -11.54
C PHE A 173 -2.32 -24.74 -12.76
N PHE A 174 -2.30 -25.82 -13.50
CA PHE A 174 -1.47 -25.90 -14.68
C PHE A 174 -2.31 -25.68 -15.91
N TYR A 175 -3.63 -25.78 -15.69
CA TYR A 175 -4.70 -25.69 -16.70
C TYR A 175 -4.46 -26.49 -17.99
N SER A 176 -3.28 -27.09 -18.14
CA SER A 176 -2.94 -27.91 -19.30
C SER A 176 -3.16 -27.16 -20.62
N ASP A 177 -2.96 -25.85 -20.56
CA ASP A 177 -3.15 -24.97 -21.72
C ASP A 177 -4.59 -25.06 -22.25
N GLN A 178 -5.50 -25.49 -21.39
CA GLN A 178 -6.91 -25.60 -21.75
C GLN A 178 -7.62 -24.30 -21.43
N GLY A 1 -10.04 35.72 -1.66
CA GLY A 1 -10.47 35.28 -0.31
C GLY A 1 -9.48 34.34 0.33
N ILE A 2 -9.85 33.77 1.47
CA ILE A 2 -8.99 32.83 2.17
C ILE A 2 -9.84 31.83 2.96
N ASP A 3 -9.53 30.56 2.79
CA ASP A 3 -10.22 29.52 3.54
C ASP A 3 -9.43 29.16 4.79
N PRO A 4 -9.99 29.48 5.96
CA PRO A 4 -9.31 29.26 7.24
C PRO A 4 -9.50 27.86 7.79
N PHE A 5 -8.70 27.52 8.79
CA PHE A 5 -8.79 26.26 9.46
C PHE A 5 -9.16 26.49 10.92
N THR A 6 -10.46 26.51 11.15
CA THR A 6 -11.00 26.68 12.50
C THR A 6 -10.76 25.42 13.34
N MET A 7 -11.56 25.23 14.40
CA MET A 7 -11.32 24.12 15.31
C MET A 7 -11.90 22.82 14.76
N VAL A 8 -11.75 22.67 13.46
CA VAL A 8 -12.14 21.49 12.73
C VAL A 8 -11.07 21.22 11.67
N ALA A 9 -9.84 21.18 12.13
CA ALA A 9 -8.72 20.94 11.25
C ALA A 9 -7.58 20.26 11.96
N LEU A 10 -7.66 18.95 12.01
CA LEU A 10 -6.57 18.11 12.47
C LEU A 10 -5.21 18.59 11.99
N SER A 11 -4.30 18.71 12.92
CA SER A 11 -2.93 19.08 12.61
C SER A 11 -2.13 17.79 12.48
N LEU A 12 -1.79 17.44 11.25
CA LEU A 12 -1.21 16.14 10.98
C LEU A 12 0.20 16.26 10.45
N LYS A 13 1.06 15.36 10.89
CA LYS A 13 2.41 15.28 10.37
C LYS A 13 2.43 14.34 9.17
N ILE A 14 2.61 14.89 7.99
CA ILE A 14 2.69 14.09 6.79
C ILE A 14 4.14 13.78 6.49
N SER A 15 4.53 12.55 6.70
CA SER A 15 5.88 12.13 6.39
C SER A 15 5.87 11.41 5.06
N ILE A 16 6.80 11.75 4.19
CA ILE A 16 6.84 11.19 2.85
C ILE A 16 8.15 10.46 2.65
N GLY A 17 8.18 9.18 3.03
CA GLY A 17 9.38 8.40 2.93
C GLY A 17 10.40 8.72 4.01
N ASN A 18 10.87 9.97 4.01
CA ASN A 18 11.86 10.42 4.98
C ASN A 18 11.51 11.82 5.48
N VAL A 19 11.16 12.70 4.55
CA VAL A 19 10.78 14.07 4.89
C VAL A 19 9.44 14.08 5.62
N VAL A 20 9.20 15.12 6.42
CA VAL A 20 7.93 15.25 7.12
C VAL A 20 7.45 16.70 7.09
N LYS A 21 6.22 16.87 6.64
CA LYS A 21 5.60 18.18 6.50
C LYS A 21 4.38 18.27 7.41
N THR A 22 4.13 19.44 7.94
CA THR A 22 2.99 19.63 8.83
C THR A 22 1.82 20.25 8.07
N MET A 23 0.71 19.53 8.00
CA MET A 23 -0.47 20.01 7.29
C MET A 23 -1.72 19.80 8.12
N GLN A 24 -2.70 20.66 7.92
CA GLN A 24 -3.99 20.50 8.58
C GLN A 24 -5.06 20.14 7.57
N PHE A 25 -6.00 19.32 8.00
CA PHE A 25 -7.10 18.89 7.15
C PHE A 25 -8.37 18.92 7.98
N GLU A 26 -9.50 19.03 7.33
CA GLU A 26 -10.77 18.99 8.04
C GLU A 26 -11.12 17.55 8.39
N PRO A 27 -11.84 17.34 9.49
CA PRO A 27 -12.33 16.01 9.87
C PRO A 27 -13.10 15.35 8.74
N SER A 28 -13.80 16.18 7.97
CA SER A 28 -14.63 15.70 6.88
C SER A 28 -13.94 15.82 5.52
N THR A 29 -12.66 16.23 5.51
CA THR A 29 -11.91 16.40 4.27
C THR A 29 -11.94 15.14 3.43
N MET A 30 -11.65 14.00 4.06
CA MET A 30 -11.65 12.69 3.39
C MET A 30 -10.41 12.54 2.50
N VAL A 31 -9.93 11.30 2.42
CA VAL A 31 -8.69 10.97 1.70
C VAL A 31 -8.54 11.70 0.36
N TYR A 32 -9.55 11.61 -0.50
CA TYR A 32 -9.44 12.20 -1.84
C TYR A 32 -9.18 13.71 -1.80
N ASP A 33 -9.77 14.40 -0.84
CA ASP A 33 -9.55 15.84 -0.72
C ASP A 33 -8.20 16.12 -0.07
N ALA A 34 -7.82 15.30 0.88
CA ALA A 34 -6.50 15.42 1.49
C ALA A 34 -5.41 15.29 0.42
N CYS A 35 -5.53 14.25 -0.40
CA CYS A 35 -4.59 13.97 -1.47
C CYS A 35 -4.47 15.15 -2.46
N ARG A 36 -5.59 15.78 -2.80
CA ARG A 36 -5.57 16.84 -3.79
C ARG A 36 -4.84 18.07 -3.27
N MET A 37 -5.04 18.36 -2.00
CA MET A 37 -4.45 19.52 -1.37
C MET A 37 -2.98 19.31 -1.04
N ILE A 38 -2.64 18.14 -0.53
CA ILE A 38 -1.26 17.87 -0.13
C ILE A 38 -0.32 17.92 -1.35
N ARG A 39 -0.76 17.32 -2.46
CA ARG A 39 -0.01 17.35 -3.70
C ARG A 39 0.15 18.78 -4.22
N GLU A 40 -0.80 19.63 -3.85
CA GLU A 40 -0.83 21.00 -4.33
C GLU A 40 0.34 21.81 -3.77
N ARG A 41 0.42 21.93 -2.45
CA ARG A 41 1.48 22.71 -1.82
C ARG A 41 2.79 21.93 -1.68
N ILE A 42 2.71 20.63 -1.42
CA ILE A 42 3.90 19.85 -1.15
C ILE A 42 4.33 19.05 -2.39
N PRO A 43 5.40 19.50 -3.06
CA PRO A 43 5.91 18.83 -4.26
C PRO A 43 6.69 17.56 -3.92
N GLU A 44 6.87 17.30 -2.63
CA GLU A 44 7.54 16.10 -2.17
C GLU A 44 6.58 14.92 -2.18
N ALA A 45 5.29 15.22 -2.29
CA ALA A 45 4.25 14.20 -2.27
C ALA A 45 4.24 13.39 -3.56
N LEU A 46 4.35 14.07 -4.69
CA LEU A 46 4.27 13.41 -5.98
C LEU A 46 5.66 13.09 -6.54
N ALA A 47 6.35 12.17 -5.88
CA ALA A 47 7.68 11.74 -6.32
C ALA A 47 7.57 10.87 -7.57
N GLY A 48 6.34 10.58 -7.96
CA GLY A 48 6.08 9.84 -9.17
C GLY A 48 4.70 10.16 -9.68
N PRO A 49 4.02 9.22 -10.36
CA PRO A 49 2.63 9.41 -10.78
C PRO A 49 1.71 9.62 -9.58
N PRO A 50 1.13 10.82 -9.46
CA PRO A 50 0.32 11.21 -8.29
C PRO A 50 -0.92 10.34 -8.11
N ASN A 51 -1.25 9.59 -9.15
CA ASN A 51 -2.41 8.71 -9.12
C ASN A 51 -2.15 7.51 -8.21
N ASP A 52 -0.89 7.13 -8.14
CA ASP A 52 -0.48 5.93 -7.42
C ASP A 52 -0.11 6.26 -5.98
N PHE A 53 -0.48 7.44 -5.50
CA PHE A 53 -0.13 7.85 -4.15
C PHE A 53 -1.37 7.99 -3.28
N GLY A 54 -1.29 7.51 -2.05
CA GLY A 54 -2.42 7.60 -1.14
C GLY A 54 -1.99 7.87 0.29
N LEU A 55 -2.94 7.77 1.21
CA LEU A 55 -2.67 8.10 2.60
C LEU A 55 -2.48 6.84 3.45
N PHE A 56 -1.27 6.64 3.92
CA PHE A 56 -0.99 5.56 4.85
C PHE A 56 -0.91 6.10 6.27
N LEU A 57 -1.68 5.54 7.17
CA LEU A 57 -1.67 5.98 8.55
C LEU A 57 -0.68 5.11 9.32
N SER A 58 0.43 5.72 9.72
CA SER A 58 1.46 5.01 10.44
C SER A 58 1.17 5.02 11.92
N ASP A 59 1.00 3.84 12.49
CA ASP A 59 0.61 3.72 13.88
C ASP A 59 1.79 3.27 14.73
N ASP A 60 2.36 2.12 14.34
CA ASP A 60 3.44 1.50 15.12
C ASP A 60 3.87 0.19 14.48
N ASP A 61 2.92 -0.72 14.40
CA ASP A 61 3.16 -2.07 13.90
C ASP A 61 2.55 -2.23 12.51
N PRO A 62 3.15 -3.05 11.64
CA PRO A 62 2.66 -3.29 10.28
C PRO A 62 1.17 -3.66 10.20
N LYS A 63 0.60 -4.19 11.27
CA LYS A 63 -0.83 -4.50 11.30
C LYS A 63 -1.63 -3.30 11.78
N LYS A 64 -1.01 -2.51 12.67
CA LYS A 64 -1.64 -1.31 13.20
C LYS A 64 -1.68 -0.23 12.13
N GLY A 65 -0.64 -0.19 11.32
CA GLY A 65 -0.59 0.72 10.19
C GLY A 65 -1.64 0.35 9.16
N ILE A 66 -2.25 1.34 8.55
CA ILE A 66 -3.38 1.10 7.67
C ILE A 66 -3.38 2.03 6.48
N TRP A 67 -4.09 1.61 5.45
CA TRP A 67 -4.30 2.44 4.29
C TRP A 67 -5.60 3.21 4.45
N LEU A 68 -5.53 4.49 4.15
CA LEU A 68 -6.71 5.33 4.18
C LEU A 68 -7.28 5.43 2.77
N GLU A 69 -8.39 4.76 2.54
CA GLU A 69 -9.01 4.77 1.23
C GLU A 69 -9.94 5.97 1.08
N ALA A 70 -10.24 6.35 -0.15
CA ALA A 70 -11.08 7.51 -0.42
C ALA A 70 -12.55 7.21 -0.11
N GLY A 71 -12.80 6.02 0.40
CA GLY A 71 -14.16 5.62 0.75
C GLY A 71 -14.51 5.90 2.19
N LYS A 72 -13.66 6.66 2.89
CA LYS A 72 -13.92 7.00 4.27
C LYS A 72 -13.17 8.29 4.62
N ALA A 73 -13.55 8.93 5.71
CA ALA A 73 -12.90 10.17 6.11
C ALA A 73 -11.71 9.88 7.00
N LEU A 74 -10.93 10.91 7.29
CA LEU A 74 -9.75 10.78 8.12
C LEU A 74 -10.13 10.52 9.57
N ASP A 75 -11.04 11.34 10.08
CA ASP A 75 -11.44 11.30 11.48
C ASP A 75 -12.28 10.08 11.78
N TYR A 76 -12.63 9.34 10.73
CA TYR A 76 -13.32 8.08 10.86
C TYR A 76 -12.50 7.14 11.73
N TYR A 77 -11.21 7.08 11.47
CA TYR A 77 -10.29 6.31 12.28
C TYR A 77 -9.91 7.07 13.54
N MET A 78 -8.76 6.73 14.11
CA MET A 78 -8.32 7.34 15.35
C MET A 78 -7.40 8.53 15.10
N LEU A 79 -7.66 9.28 14.03
CA LEU A 79 -6.77 10.38 13.66
C LEU A 79 -7.23 11.65 14.33
N ARG A 80 -6.25 12.43 14.74
CA ARG A 80 -6.49 13.64 15.49
C ARG A 80 -5.25 14.53 15.48
N ASN A 81 -5.36 15.65 16.14
CA ASN A 81 -4.30 16.64 16.21
C ASN A 81 -3.04 16.06 16.86
N GLY A 82 -2.00 15.90 16.06
CA GLY A 82 -0.75 15.39 16.56
C GLY A 82 -0.40 14.04 15.94
N ASP A 83 -1.33 13.44 15.21
CA ASP A 83 -1.10 12.14 14.60
C ASP A 83 -0.24 12.29 13.35
N THR A 84 0.54 11.27 13.05
CA THR A 84 1.39 11.29 11.88
C THR A 84 0.77 10.46 10.76
N MET A 85 0.71 11.04 9.57
CA MET A 85 0.11 10.38 8.43
C MET A 85 1.11 10.35 7.28
N GLU A 86 1.54 9.15 6.94
CA GLU A 86 2.56 8.96 5.93
C GLU A 86 1.95 9.05 4.56
N TYR A 87 2.50 9.90 3.70
CA TYR A 87 2.02 9.97 2.35
C TYR A 87 2.95 9.16 1.47
N ARG A 88 2.50 7.98 1.13
CA ARG A 88 3.30 7.06 0.36
C ARG A 88 2.55 6.57 -0.85
N LYS A 89 3.26 5.91 -1.73
CA LYS A 89 2.67 5.30 -2.90
C LYS A 89 1.72 4.19 -2.44
N LYS A 90 0.51 4.17 -2.99
CA LYS A 90 -0.50 3.17 -2.64
C LYS A 90 0.03 1.76 -2.87
N GLN A 91 1.02 1.68 -3.74
CA GLN A 91 1.63 0.42 -4.08
C GLN A 91 2.74 0.08 -3.11
N ARG A 92 3.65 -0.76 -3.57
CA ARG A 92 4.74 -1.25 -2.76
C ARG A 92 5.63 -2.14 -3.61
N PRO A 93 6.96 -2.05 -3.41
CA PRO A 93 7.90 -2.85 -4.18
C PRO A 93 7.73 -4.34 -3.90
N LEU A 94 7.29 -5.06 -4.90
CA LEU A 94 7.14 -6.50 -4.78
C LEU A 94 8.33 -7.20 -5.39
N LYS A 95 9.09 -7.87 -4.54
CA LYS A 95 10.21 -8.67 -4.97
C LYS A 95 9.69 -10.05 -5.36
N ILE A 96 9.58 -10.31 -6.65
CA ILE A 96 8.89 -11.50 -7.11
C ILE A 96 9.81 -12.39 -7.92
N ARG A 97 9.81 -13.69 -7.63
CA ARG A 97 10.57 -14.64 -8.43
C ARG A 97 9.61 -15.48 -9.27
N MET A 98 9.82 -15.48 -10.57
CA MET A 98 8.97 -16.21 -11.50
C MET A 98 9.36 -17.67 -11.59
N LEU A 99 8.55 -18.45 -12.31
CA LEU A 99 8.64 -19.91 -12.34
C LEU A 99 10.04 -20.39 -12.72
N ASP A 100 10.66 -19.70 -13.68
CA ASP A 100 11.96 -20.10 -14.18
C ASP A 100 13.08 -19.57 -13.29
N GLY A 101 12.70 -18.76 -12.31
CA GLY A 101 13.66 -18.23 -11.37
C GLY A 101 13.97 -16.77 -11.61
N THR A 102 13.21 -16.15 -12.50
CA THR A 102 13.44 -14.76 -12.86
C THR A 102 12.89 -13.84 -11.79
N VAL A 103 13.73 -12.96 -11.27
CA VAL A 103 13.29 -12.04 -10.24
C VAL A 103 13.02 -10.69 -10.84
N LYS A 104 11.91 -10.11 -10.47
CA LYS A 104 11.67 -8.73 -10.82
C LYS A 104 11.01 -8.02 -9.65
N THR A 105 11.08 -6.70 -9.67
CA THR A 105 10.40 -5.89 -8.69
C THR A 105 9.43 -4.95 -9.38
N ILE A 106 8.17 -5.01 -9.00
CA ILE A 106 7.15 -4.17 -9.61
C ILE A 106 6.26 -3.61 -8.51
N MET A 107 5.75 -2.41 -8.70
CA MET A 107 4.95 -1.77 -7.68
C MET A 107 3.47 -2.03 -7.89
N VAL A 108 2.91 -2.76 -6.94
CA VAL A 108 1.50 -3.10 -6.94
C VAL A 108 0.83 -2.52 -5.71
N ASP A 109 -0.39 -2.04 -5.87
CA ASP A 109 -1.17 -1.48 -4.78
C ASP A 109 -1.13 -2.42 -3.57
N ASP A 110 -0.97 -1.86 -2.38
CA ASP A 110 -0.87 -2.66 -1.17
C ASP A 110 -2.22 -2.82 -0.51
N SER A 111 -3.08 -1.83 -0.71
CA SER A 111 -4.40 -1.81 -0.09
C SER A 111 -5.41 -2.70 -0.82
N LYS A 112 -4.98 -3.89 -1.22
CA LYS A 112 -5.83 -4.80 -1.97
C LYS A 112 -5.53 -6.26 -1.62
N THR A 113 -6.12 -7.18 -2.36
CA THR A 113 -5.94 -8.60 -2.08
C THR A 113 -4.87 -9.23 -2.98
N VAL A 114 -4.63 -10.52 -2.77
CA VAL A 114 -3.59 -11.25 -3.49
C VAL A 114 -3.90 -11.35 -4.98
N THR A 115 -5.06 -11.90 -5.29
CA THR A 115 -5.51 -12.09 -6.67
C THR A 115 -5.30 -10.86 -7.55
N ASP A 116 -5.69 -9.69 -7.06
CA ASP A 116 -5.58 -8.47 -7.84
C ASP A 116 -4.11 -8.13 -8.07
N MET A 117 -3.31 -8.42 -7.06
CA MET A 117 -1.88 -8.17 -7.09
C MET A 117 -1.20 -9.11 -8.08
N LEU A 118 -1.59 -10.38 -8.04
CA LEU A 118 -1.05 -11.38 -8.96
C LEU A 118 -1.39 -10.98 -10.38
N MET A 119 -2.58 -10.41 -10.55
CA MET A 119 -3.02 -9.90 -11.84
C MET A 119 -2.01 -8.88 -12.36
N THR A 120 -1.68 -7.93 -11.51
CA THR A 120 -0.75 -6.87 -11.85
C THR A 120 0.65 -7.41 -12.13
N ILE A 121 1.08 -8.41 -11.35
CA ILE A 121 2.42 -8.95 -11.48
C ILE A 121 2.56 -9.81 -12.73
N CYS A 122 1.62 -10.73 -12.91
CA CYS A 122 1.66 -11.65 -14.04
C CYS A 122 1.53 -10.88 -15.36
N ALA A 123 0.84 -9.75 -15.30
CA ALA A 123 0.68 -8.89 -16.46
C ALA A 123 2.01 -8.29 -16.88
N ARG A 124 2.89 -8.10 -15.90
CA ARG A 124 4.22 -7.54 -16.18
C ARG A 124 5.05 -8.54 -16.97
N ILE A 125 4.87 -9.82 -16.65
CA ILE A 125 5.62 -10.88 -17.32
C ILE A 125 5.06 -11.11 -18.71
N GLY A 126 3.75 -10.91 -18.84
CA GLY A 126 3.10 -11.13 -20.11
C GLY A 126 2.17 -12.34 -20.07
N ILE A 127 1.80 -12.74 -18.86
CA ILE A 127 0.92 -13.87 -18.67
C ILE A 127 -0.54 -13.40 -18.68
N THR A 128 -1.37 -14.05 -19.50
CA THR A 128 -2.76 -13.66 -19.62
C THR A 128 -3.61 -14.33 -18.53
N ASN A 129 -3.53 -15.65 -18.48
CA ASN A 129 -4.25 -16.39 -17.45
C ASN A 129 -3.41 -16.46 -16.17
N HIS A 130 -3.76 -15.60 -15.22
CA HIS A 130 -2.93 -15.37 -14.05
C HIS A 130 -3.50 -16.07 -12.82
N ASP A 131 -4.68 -16.64 -12.95
CA ASP A 131 -5.34 -17.26 -11.82
C ASP A 131 -4.84 -18.68 -11.66
N GLU A 132 -4.03 -19.11 -12.62
CA GLU A 132 -3.44 -20.44 -12.60
C GLU A 132 -2.33 -20.51 -11.57
N TYR A 133 -2.07 -19.39 -10.90
CA TYR A 133 -0.97 -19.29 -9.96
C TYR A 133 -1.44 -18.93 -8.57
N SER A 134 -0.66 -19.33 -7.58
CA SER A 134 -0.84 -18.87 -6.23
C SER A 134 0.38 -18.06 -5.83
N LEU A 135 0.43 -17.56 -4.60
CA LEU A 135 1.56 -16.77 -4.18
C LEU A 135 2.13 -17.32 -2.89
N VAL A 136 3.42 -17.19 -2.71
CA VAL A 136 4.08 -17.61 -1.49
C VAL A 136 5.17 -16.60 -1.13
N ARG A 137 5.08 -16.05 0.06
CA ARG A 137 6.01 -15.02 0.48
C ARG A 137 7.02 -15.57 1.48
N GLU A 138 8.22 -15.83 1.01
CA GLU A 138 9.30 -16.21 1.91
C GLU A 138 9.86 -14.95 2.55
N LEU A 139 9.52 -14.74 3.81
CA LEU A 139 9.94 -13.52 4.48
C LEU A 139 11.11 -13.79 5.39
N MET A 140 11.56 -12.72 6.00
CA MET A 140 12.63 -12.74 6.97
C MET A 140 12.14 -12.11 8.26
N GLU A 141 10.86 -11.76 8.26
CA GLU A 141 10.22 -11.05 9.35
C GLU A 141 10.40 -11.75 10.69
N GLU A 142 10.85 -10.97 11.67
CA GLU A 142 10.98 -11.46 13.04
C GLU A 142 9.63 -11.86 13.61
N LYS A 143 8.58 -11.29 13.05
CA LYS A 143 7.22 -11.53 13.54
C LYS A 143 6.69 -12.87 13.04
N LYS A 144 6.63 -13.02 11.72
CA LYS A 144 6.13 -14.26 11.12
C LYS A 144 7.26 -15.22 10.80
N ASP A 145 8.01 -14.87 9.77
CA ASP A 145 8.97 -15.78 9.15
C ASP A 145 8.29 -17.07 8.77
N GLU A 146 7.44 -16.96 7.75
CA GLU A 146 6.68 -18.09 7.25
C GLU A 146 6.82 -18.14 5.75
N LEU A 147 6.32 -19.20 5.15
CA LEU A 147 6.26 -19.30 3.71
C LEU A 147 5.21 -18.34 3.18
N ASN A 148 4.24 -18.02 4.03
CA ASN A 148 3.19 -17.08 3.70
C ASN A 148 2.60 -17.38 2.32
N TRP A 149 1.87 -18.48 2.21
CA TRP A 149 1.29 -18.86 0.95
C TRP A 149 -0.02 -18.09 0.76
N LEU A 150 0.04 -17.02 -0.01
CA LEU A 150 -1.10 -16.14 -0.21
C LEU A 150 -2.27 -16.90 -0.80
N ASP A 151 -3.41 -16.79 -0.12
CA ASP A 151 -4.58 -17.63 -0.38
C ASP A 151 -5.46 -17.10 -1.50
N HIS A 152 -5.20 -15.85 -1.92
CA HIS A 152 -6.03 -15.17 -2.92
C HIS A 152 -7.32 -14.63 -2.31
N GLY A 153 -7.26 -14.25 -1.05
CA GLY A 153 -8.44 -13.69 -0.40
C GLY A 153 -8.10 -12.65 0.65
N ARG A 154 -7.09 -12.94 1.44
CA ARG A 154 -6.67 -12.04 2.50
C ARG A 154 -5.82 -10.90 1.96
N THR A 155 -6.03 -9.69 2.48
CA THR A 155 -5.27 -8.53 2.05
C THR A 155 -3.85 -8.55 2.62
N LEU A 156 -3.05 -7.59 2.20
CA LEU A 156 -1.63 -7.58 2.51
C LEU A 156 -1.33 -6.84 3.81
N ARG A 157 -2.07 -5.78 4.07
CA ARG A 157 -1.84 -4.96 5.26
C ARG A 157 -2.36 -5.67 6.51
N GLU A 158 -3.21 -6.66 6.29
CA GLU A 158 -3.73 -7.49 7.39
C GLU A 158 -2.72 -8.60 7.67
N GLN A 159 -1.87 -8.88 6.69
CA GLN A 159 -0.79 -9.83 6.88
C GLN A 159 0.44 -9.10 7.41
N GLY A 160 0.43 -7.78 7.25
CA GLY A 160 1.51 -6.95 7.75
C GLY A 160 2.83 -7.27 7.11
N VAL A 161 2.79 -7.66 5.85
CA VAL A 161 4.00 -8.01 5.12
C VAL A 161 4.78 -6.76 4.71
N GLU A 162 6.09 -6.79 4.91
CA GLU A 162 6.93 -5.66 4.57
C GLU A 162 7.21 -5.63 3.08
N GLU A 163 7.87 -4.58 2.65
CA GLU A 163 8.11 -4.35 1.23
C GLU A 163 9.46 -4.90 0.78
N HIS A 164 10.28 -5.32 1.73
CA HIS A 164 11.63 -5.79 1.42
C HIS A 164 11.71 -7.32 1.45
N GLU A 165 10.57 -7.96 1.62
CA GLU A 165 10.51 -9.42 1.68
C GLU A 165 10.40 -10.02 0.26
N THR A 166 11.11 -11.12 -0.01
CA THR A 166 11.03 -11.77 -1.32
C THR A 166 9.80 -12.68 -1.42
N LEU A 167 9.03 -12.50 -2.49
CA LEU A 167 7.82 -13.27 -2.70
C LEU A 167 7.98 -14.11 -3.98
N LEU A 168 7.41 -15.29 -4.02
CA LEU A 168 7.57 -16.16 -5.17
C LEU A 168 6.24 -16.43 -5.85
N LEU A 169 6.24 -16.38 -7.17
CA LEU A 169 5.07 -16.75 -7.94
C LEU A 169 5.09 -18.27 -8.19
N ARG A 170 4.01 -18.94 -7.85
CA ARG A 170 3.95 -20.39 -7.93
C ARG A 170 2.79 -20.84 -8.81
N ARG A 171 3.00 -21.89 -9.58
CA ARG A 171 1.94 -22.43 -10.41
C ARG A 171 1.05 -23.36 -9.59
N LYS A 172 -0.20 -22.97 -9.42
CA LYS A 172 -1.16 -23.77 -8.66
C LYS A 172 -1.83 -24.77 -9.57
N PHE A 173 -2.30 -24.29 -10.72
CA PHE A 173 -2.99 -25.14 -11.68
C PHE A 173 -2.00 -25.64 -12.72
N PHE A 174 -2.18 -26.87 -13.16
CA PHE A 174 -1.28 -27.45 -14.15
C PHE A 174 -2.04 -27.88 -15.40
N TYR A 175 -2.50 -26.89 -16.15
CA TYR A 175 -3.14 -27.14 -17.44
C TYR A 175 -2.11 -27.63 -18.45
N SER A 176 -0.86 -27.27 -18.20
CA SER A 176 0.26 -27.62 -19.06
C SER A 176 -0.02 -27.25 -20.52
N ASP A 177 -0.02 -25.94 -20.78
CA ASP A 177 -0.20 -25.37 -22.11
C ASP A 177 -1.63 -25.51 -22.63
N GLN A 178 -2.35 -26.51 -22.15
CA GLN A 178 -3.74 -26.70 -22.54
C GLN A 178 -4.67 -25.94 -21.59
N GLY A 1 -9.10 30.44 -2.59
CA GLY A 1 -8.57 31.63 -1.89
C GLY A 1 -7.77 31.25 -0.66
N ILE A 2 -8.44 31.19 0.48
CA ILE A 2 -7.79 30.81 1.72
C ILE A 2 -8.30 29.47 2.20
N ASP A 3 -7.64 28.91 3.21
CA ASP A 3 -8.08 27.65 3.81
C ASP A 3 -8.41 27.87 5.27
N PRO A 4 -9.70 27.76 5.62
CA PRO A 4 -10.19 28.02 6.98
C PRO A 4 -9.71 26.99 7.99
N PHE A 5 -8.80 27.41 8.88
CA PHE A 5 -8.28 26.54 9.90
C PHE A 5 -8.42 27.17 11.28
N THR A 6 -9.60 27.04 11.86
CA THR A 6 -9.82 27.42 13.25
C THR A 6 -9.69 26.18 14.14
N MET A 7 -10.32 26.18 15.30
CA MET A 7 -10.31 25.00 16.16
C MET A 7 -11.30 23.96 15.62
N VAL A 8 -11.08 23.58 14.39
CA VAL A 8 -11.88 22.59 13.74
C VAL A 8 -11.11 22.09 12.52
N ALA A 9 -9.82 21.95 12.75
CA ALA A 9 -8.88 21.52 11.76
C ALA A 9 -7.99 20.51 12.42
N LEU A 10 -7.41 19.64 11.63
CA LEU A 10 -6.63 18.55 12.16
C LEU A 10 -5.17 18.73 11.81
N SER A 11 -4.31 18.61 12.81
CA SER A 11 -2.89 18.82 12.61
C SER A 11 -2.23 17.47 12.38
N LEU A 12 -1.95 17.17 11.12
CA LEU A 12 -1.44 15.85 10.77
C LEU A 12 0.01 15.95 10.33
N LYS A 13 0.83 15.02 10.79
CA LYS A 13 2.21 14.95 10.34
C LYS A 13 2.28 14.14 9.07
N ILE A 14 2.49 14.79 7.96
CA ILE A 14 2.59 14.09 6.69
C ILE A 14 4.03 13.70 6.46
N SER A 15 4.33 12.43 6.67
CA SER A 15 5.66 11.92 6.44
C SER A 15 5.72 11.29 5.06
N ILE A 16 6.75 11.63 4.30
CA ILE A 16 6.90 11.13 2.95
C ILE A 16 8.29 10.54 2.77
N GLY A 17 8.39 9.24 2.97
CA GLY A 17 9.68 8.56 2.85
C GLY A 17 10.58 8.84 4.04
N ASN A 18 11.33 9.93 3.95
CA ASN A 18 12.27 10.30 5.01
C ASN A 18 11.90 11.65 5.60
N VAL A 19 11.12 12.44 4.87
CA VAL A 19 10.76 13.78 5.30
C VAL A 19 9.38 13.77 5.97
N VAL A 20 9.08 14.81 6.73
CA VAL A 20 7.78 14.93 7.37
C VAL A 20 7.38 16.40 7.50
N LYS A 21 6.19 16.70 7.02
CA LYS A 21 5.67 18.05 6.98
C LYS A 21 4.40 18.13 7.83
N THR A 22 4.18 19.26 8.46
CA THR A 22 3.02 19.41 9.33
C THR A 22 1.95 20.20 8.60
N MET A 23 0.85 19.53 8.29
CA MET A 23 -0.20 20.13 7.49
C MET A 23 -1.55 19.88 8.13
N GLN A 24 -2.46 20.80 7.92
CA GLN A 24 -3.77 20.69 8.53
C GLN A 24 -4.84 20.41 7.49
N PHE A 25 -5.81 19.61 7.89
CA PHE A 25 -6.93 19.26 7.05
C PHE A 25 -8.18 19.49 7.87
N GLU A 26 -9.31 19.64 7.22
CA GLU A 26 -10.57 19.75 7.92
C GLU A 26 -10.98 18.36 8.42
N PRO A 27 -11.84 18.30 9.45
CA PRO A 27 -12.25 17.03 10.05
C PRO A 27 -12.77 16.06 9.01
N SER A 28 -13.57 16.57 8.09
CA SER A 28 -14.04 15.78 6.98
C SER A 28 -12.90 15.58 5.97
N THR A 29 -12.63 16.63 5.20
CA THR A 29 -11.73 16.60 4.05
C THR A 29 -11.98 15.41 3.11
N MET A 30 -11.64 14.20 3.58
CA MET A 30 -11.77 12.96 2.83
C MET A 30 -10.51 12.73 2.00
N VAL A 31 -10.06 11.48 1.99
CA VAL A 31 -8.81 11.08 1.34
C VAL A 31 -8.60 11.74 -0.02
N TYR A 32 -9.57 11.63 -0.91
CA TYR A 32 -9.44 12.19 -2.26
C TYR A 32 -9.21 13.70 -2.22
N ASP A 33 -9.80 14.37 -1.24
CA ASP A 33 -9.65 15.81 -1.09
C ASP A 33 -8.30 16.14 -0.47
N ALA A 34 -7.89 15.32 0.49
CA ALA A 34 -6.60 15.50 1.13
C ALA A 34 -5.48 15.37 0.10
N CYS A 35 -5.58 14.32 -0.70
CA CYS A 35 -4.60 14.01 -1.74
C CYS A 35 -4.39 15.18 -2.71
N ARG A 36 -5.44 15.97 -2.97
CA ARG A 36 -5.31 17.08 -3.91
C ARG A 36 -4.63 18.28 -3.28
N MET A 37 -4.98 18.59 -2.04
CA MET A 37 -4.40 19.73 -1.35
C MET A 37 -2.96 19.46 -0.91
N ILE A 38 -2.71 18.24 -0.46
CA ILE A 38 -1.37 17.88 -0.01
C ILE A 38 -0.38 17.97 -1.18
N ARG A 39 -0.78 17.40 -2.32
CA ARG A 39 0.00 17.49 -3.55
C ARG A 39 0.19 18.95 -3.96
N GLU A 40 -0.76 19.77 -3.59
CA GLU A 40 -0.78 21.18 -3.98
C GLU A 40 0.26 21.99 -3.21
N ARG A 41 0.11 22.03 -1.89
CA ARG A 41 0.98 22.84 -1.05
C ARG A 41 2.30 22.14 -0.73
N ILE A 42 2.28 20.82 -0.61
CA ILE A 42 3.50 20.07 -0.29
C ILE A 42 4.07 19.41 -1.55
N PRO A 43 5.16 19.95 -2.09
CA PRO A 43 5.79 19.41 -3.29
C PRO A 43 6.51 18.09 -3.03
N GLU A 44 6.82 17.82 -1.77
CA GLU A 44 7.47 16.57 -1.38
C GLU A 44 6.50 15.41 -1.58
N ALA A 45 5.21 15.72 -1.54
CA ALA A 45 4.18 14.70 -1.65
C ALA A 45 4.23 14.01 -3.01
N LEU A 46 4.44 14.79 -4.04
CA LEU A 46 4.40 14.30 -5.41
C LEU A 46 5.77 13.87 -5.90
N ALA A 47 6.64 13.45 -4.97
CA ALA A 47 8.00 13.04 -5.30
C ALA A 47 8.02 11.66 -5.99
N GLY A 48 7.11 11.46 -6.92
CA GLY A 48 7.03 10.24 -7.67
C GLY A 48 5.83 10.28 -8.57
N PRO A 49 5.12 9.17 -8.76
CA PRO A 49 3.85 9.16 -9.44
C PRO A 49 2.68 9.38 -8.48
N PRO A 50 2.10 10.60 -8.46
CA PRO A 50 1.03 10.97 -7.52
C PRO A 50 -0.22 10.10 -7.65
N ASN A 51 -0.31 9.38 -8.77
CA ASN A 51 -1.46 8.52 -9.02
C ASN A 51 -1.37 7.24 -8.21
N ASP A 52 -0.16 6.88 -7.80
CA ASP A 52 0.04 5.67 -7.02
C ASP A 52 0.11 6.02 -5.54
N PHE A 53 -0.12 7.28 -5.24
CA PHE A 53 0.08 7.79 -3.90
C PHE A 53 -1.22 7.80 -3.11
N GLY A 54 -1.20 7.13 -1.96
CA GLY A 54 -2.35 7.09 -1.10
C GLY A 54 -2.00 7.52 0.32
N LEU A 55 -3.01 7.56 1.17
CA LEU A 55 -2.82 8.06 2.52
C LEU A 55 -2.71 6.90 3.51
N PHE A 56 -1.51 6.71 4.02
CA PHE A 56 -1.23 5.70 5.03
C PHE A 56 -1.24 6.34 6.41
N LEU A 57 -2.00 5.75 7.32
CA LEU A 57 -2.11 6.30 8.66
C LEU A 57 -1.11 5.61 9.57
N SER A 58 -0.15 6.38 10.07
CA SER A 58 0.83 5.86 11.01
C SER A 58 0.25 5.79 12.40
N ASP A 59 -0.26 4.61 12.75
CA ASP A 59 -0.93 4.38 14.01
C ASP A 59 0.09 4.25 15.15
N ASP A 60 1.04 3.34 14.96
CA ASP A 60 2.07 3.05 15.95
C ASP A 60 2.99 1.95 15.43
N ASP A 61 2.40 0.81 15.15
CA ASP A 61 3.13 -0.33 14.62
C ASP A 61 2.82 -0.46 13.14
N PRO A 62 3.81 -0.84 12.32
CA PRO A 62 3.64 -1.02 10.87
C PRO A 62 2.39 -1.82 10.49
N LYS A 63 2.01 -2.77 11.34
CA LYS A 63 0.85 -3.60 11.07
C LYS A 63 -0.43 -2.95 11.58
N LYS A 64 -0.32 -2.11 12.60
CA LYS A 64 -1.46 -1.36 13.12
C LYS A 64 -1.86 -0.28 12.13
N GLY A 65 -0.88 0.21 11.39
CA GLY A 65 -1.10 1.23 10.39
C GLY A 65 -2.09 0.77 9.34
N ILE A 66 -2.76 1.72 8.71
CA ILE A 66 -3.84 1.39 7.78
C ILE A 66 -3.78 2.28 6.54
N TRP A 67 -4.34 1.79 5.46
CA TRP A 67 -4.45 2.59 4.25
C TRP A 67 -5.82 3.26 4.19
N LEU A 68 -5.81 4.56 4.10
CA LEU A 68 -7.03 5.34 4.10
C LEU A 68 -7.68 5.32 2.72
N GLU A 69 -8.85 4.71 2.62
CA GLU A 69 -9.57 4.64 1.37
C GLU A 69 -10.25 5.98 1.05
N ALA A 70 -10.51 6.21 -0.22
CA ALA A 70 -11.11 7.47 -0.66
C ALA A 70 -12.53 7.62 -0.12
N GLY A 71 -13.20 6.50 0.09
CA GLY A 71 -14.59 6.51 0.51
C GLY A 71 -14.78 6.67 2.01
N LYS A 72 -13.92 7.46 2.65
CA LYS A 72 -14.15 7.84 4.04
C LYS A 72 -13.39 9.12 4.38
N ALA A 73 -13.87 9.83 5.38
CA ALA A 73 -13.27 11.08 5.80
C ALA A 73 -12.13 10.80 6.77
N LEU A 74 -11.36 11.82 7.12
CA LEU A 74 -10.18 11.62 7.96
C LEU A 74 -10.58 11.38 9.42
N ASP A 75 -11.27 12.35 9.99
CA ASP A 75 -11.67 12.32 11.40
C ASP A 75 -12.75 11.26 11.63
N TYR A 76 -13.25 10.69 10.54
CA TYR A 76 -14.17 9.56 10.62
C TYR A 76 -13.49 8.40 11.35
N TYR A 77 -12.19 8.26 11.12
CA TYR A 77 -11.36 7.34 11.89
C TYR A 77 -10.97 7.96 13.24
N MET A 78 -9.83 7.55 13.76
CA MET A 78 -9.35 8.07 15.04
C MET A 78 -8.42 9.27 14.83
N LEU A 79 -8.29 9.72 13.58
CA LEU A 79 -7.32 10.77 13.25
C LEU A 79 -7.79 12.11 13.74
N ARG A 80 -6.83 12.90 14.16
CA ARG A 80 -7.09 14.23 14.66
C ARG A 80 -5.76 14.93 14.91
N ASN A 81 -5.81 16.00 15.68
CA ASN A 81 -4.62 16.78 15.97
C ASN A 81 -3.55 15.94 16.67
N GLY A 82 -2.54 15.54 15.90
CA GLY A 82 -1.42 14.82 16.48
C GLY A 82 -1.10 13.54 15.75
N ASP A 83 -2.02 13.06 14.93
CA ASP A 83 -1.82 11.81 14.22
C ASP A 83 -0.91 12.00 13.01
N THR A 84 0.01 11.05 12.83
CA THR A 84 0.91 11.07 11.70
C THR A 84 0.27 10.37 10.50
N MET A 85 0.29 11.02 9.35
CA MET A 85 -0.31 10.45 8.16
C MET A 85 0.70 10.49 7.02
N GLU A 86 1.12 9.32 6.60
CA GLU A 86 2.16 9.18 5.59
C GLU A 86 1.55 9.29 4.20
N TYR A 87 2.06 10.19 3.37
CA TYR A 87 1.62 10.28 1.99
C TYR A 87 2.61 9.52 1.14
N ARG A 88 2.25 8.31 0.81
CA ARG A 88 3.18 7.39 0.19
C ARG A 88 2.55 6.65 -0.97
N LYS A 89 3.36 5.88 -1.67
CA LYS A 89 2.86 5.05 -2.74
C LYS A 89 2.11 3.86 -2.15
N LYS A 90 0.90 3.62 -2.65
CA LYS A 90 0.06 2.51 -2.22
C LYS A 90 0.82 1.20 -2.30
N GLN A 91 1.71 1.16 -3.27
CA GLN A 91 2.40 -0.06 -3.63
C GLN A 91 3.76 -0.11 -3.01
N ARG A 92 4.24 -1.31 -2.78
CA ARG A 92 5.58 -1.53 -2.28
C ARG A 92 6.29 -2.56 -3.16
N PRO A 93 7.63 -2.51 -3.23
CA PRO A 93 8.41 -3.37 -4.12
C PRO A 93 8.28 -4.84 -3.75
N LEU A 94 7.76 -5.62 -4.67
CA LEU A 94 7.72 -7.06 -4.51
C LEU A 94 8.79 -7.73 -5.35
N LYS A 95 9.59 -8.56 -4.70
CA LYS A 95 10.59 -9.36 -5.40
C LYS A 95 9.93 -10.66 -5.84
N ILE A 96 9.73 -10.83 -7.13
CA ILE A 96 8.94 -11.95 -7.62
C ILE A 96 9.72 -12.78 -8.62
N ARG A 97 9.74 -14.09 -8.44
CA ARG A 97 10.38 -14.98 -9.40
C ARG A 97 9.31 -15.72 -10.19
N MET A 98 9.36 -15.60 -11.51
CA MET A 98 8.37 -16.20 -12.39
C MET A 98 8.71 -17.66 -12.66
N LEU A 99 7.79 -18.34 -13.35
CA LEU A 99 7.86 -19.80 -13.56
C LEU A 99 9.16 -20.20 -14.24
N ASP A 100 9.59 -19.40 -15.21
CA ASP A 100 10.80 -19.67 -15.96
C ASP A 100 12.03 -19.48 -15.08
N GLY A 101 11.82 -18.87 -13.93
CA GLY A 101 12.92 -18.61 -13.01
C GLY A 101 13.40 -17.19 -13.12
N THR A 102 12.59 -16.36 -13.76
CA THR A 102 12.95 -14.97 -14.00
C THR A 102 12.40 -14.09 -12.90
N VAL A 103 13.26 -13.29 -12.30
CA VAL A 103 12.86 -12.47 -11.17
C VAL A 103 12.72 -11.00 -11.57
N LYS A 104 11.65 -10.38 -11.13
CA LYS A 104 11.41 -8.97 -11.38
C LYS A 104 10.91 -8.30 -10.11
N THR A 105 11.08 -7.00 -10.02
CA THR A 105 10.54 -6.24 -8.91
C THR A 105 9.47 -5.29 -9.43
N ILE A 106 8.26 -5.48 -8.95
CA ILE A 106 7.13 -4.69 -9.43
C ILE A 106 6.42 -4.06 -8.24
N MET A 107 5.88 -2.86 -8.44
CA MET A 107 5.19 -2.16 -7.37
C MET A 107 3.72 -2.52 -7.35
N VAL A 108 3.33 -3.21 -6.28
CA VAL A 108 1.93 -3.61 -6.10
C VAL A 108 1.41 -3.12 -4.76
N ASP A 109 0.17 -2.64 -4.77
CA ASP A 109 -0.46 -2.02 -3.61
C ASP A 109 -0.38 -2.90 -2.36
N ASP A 110 0.01 -2.31 -1.24
CA ASP A 110 0.01 -3.01 0.05
C ASP A 110 -1.40 -3.01 0.63
N SER A 111 -2.22 -2.11 0.12
CA SER A 111 -3.54 -1.89 0.64
C SER A 111 -4.50 -3.01 0.25
N LYS A 112 -4.12 -3.78 -0.76
CA LYS A 112 -4.97 -4.81 -1.29
C LYS A 112 -4.27 -6.18 -1.20
N THR A 113 -5.04 -7.24 -1.40
CA THR A 113 -4.55 -8.59 -1.19
C THR A 113 -3.74 -9.13 -2.38
N VAL A 114 -3.60 -10.45 -2.48
CA VAL A 114 -2.68 -11.07 -3.44
C VAL A 114 -3.31 -11.28 -4.81
N THR A 115 -4.58 -11.67 -4.85
CA THR A 115 -5.29 -11.90 -6.11
C THR A 115 -5.12 -10.74 -7.10
N ASP A 116 -5.46 -9.53 -6.65
CA ASP A 116 -5.31 -8.33 -7.47
C ASP A 116 -3.85 -8.11 -7.82
N MET A 117 -2.98 -8.43 -6.86
CA MET A 117 -1.54 -8.31 -7.04
C MET A 117 -1.05 -9.18 -8.17
N LEU A 118 -1.42 -10.45 -8.12
CA LEU A 118 -0.96 -11.43 -9.10
C LEU A 118 -1.46 -11.05 -10.49
N MET A 119 -2.67 -10.51 -10.54
CA MET A 119 -3.24 -10.00 -11.77
C MET A 119 -2.32 -8.93 -12.36
N THR A 120 -1.88 -8.04 -11.49
CA THR A 120 -0.95 -6.98 -11.85
C THR A 120 0.41 -7.54 -12.27
N ILE A 121 0.90 -8.55 -11.55
CA ILE A 121 2.25 -9.06 -11.80
C ILE A 121 2.29 -9.88 -13.09
N CYS A 122 1.32 -10.75 -13.27
CA CYS A 122 1.27 -11.60 -14.46
C CYS A 122 1.14 -10.75 -15.72
N ALA A 123 0.48 -9.60 -15.56
CA ALA A 123 0.29 -8.67 -16.66
C ALA A 123 1.58 -7.96 -17.01
N ARG A 124 2.49 -7.86 -16.03
CA ARG A 124 3.80 -7.24 -16.28
C ARG A 124 4.61 -8.10 -17.21
N ILE A 125 4.56 -9.41 -16.98
CA ILE A 125 5.30 -10.36 -17.78
C ILE A 125 4.63 -10.53 -19.14
N GLY A 126 3.32 -10.74 -19.09
CA GLY A 126 2.58 -11.03 -20.29
C GLY A 126 1.87 -12.37 -20.19
N ILE A 127 1.65 -12.81 -18.96
CA ILE A 127 1.01 -14.10 -18.70
C ILE A 127 -0.51 -13.95 -18.80
N THR A 128 -1.03 -12.84 -18.27
CA THR A 128 -2.47 -12.56 -18.23
C THR A 128 -3.18 -13.44 -17.19
N ASN A 129 -2.95 -14.74 -17.27
CA ASN A 129 -3.55 -15.70 -16.36
C ASN A 129 -2.90 -15.58 -14.98
N HIS A 130 -3.72 -15.54 -13.94
CA HIS A 130 -3.19 -15.42 -12.58
C HIS A 130 -4.01 -16.26 -11.60
N ASP A 131 -5.05 -16.91 -12.08
CA ASP A 131 -5.91 -17.69 -11.21
C ASP A 131 -5.29 -19.04 -10.91
N GLU A 132 -4.44 -19.52 -11.82
CA GLU A 132 -3.77 -20.80 -11.62
C GLU A 132 -2.43 -20.62 -10.93
N TYR A 133 -2.30 -19.53 -10.20
CA TYR A 133 -1.05 -19.27 -9.51
C TYR A 133 -1.30 -18.84 -8.07
N SER A 134 -0.48 -19.35 -7.18
CA SER A 134 -0.47 -18.90 -5.81
C SER A 134 0.83 -18.14 -5.57
N LEU A 135 1.04 -17.67 -4.35
CA LEU A 135 2.28 -16.98 -4.06
C LEU A 135 2.95 -17.65 -2.87
N VAL A 136 4.27 -17.67 -2.88
CA VAL A 136 5.03 -18.23 -1.76
C VAL A 136 6.19 -17.30 -1.43
N ARG A 137 6.16 -16.74 -0.24
CA ARG A 137 7.15 -15.76 0.15
C ARG A 137 8.23 -16.38 1.00
N GLU A 138 9.38 -16.62 0.41
CA GLU A 138 10.51 -17.10 1.16
C GLU A 138 11.24 -15.92 1.78
N LEU A 139 11.07 -15.75 3.07
CA LEU A 139 11.56 -14.57 3.75
C LEU A 139 12.90 -14.79 4.43
N MET A 140 13.28 -13.80 5.22
CA MET A 140 14.51 -13.83 6.00
C MET A 140 14.16 -13.64 7.47
N GLU A 141 12.87 -13.46 7.71
CA GLU A 141 12.31 -13.21 9.02
C GLU A 141 12.96 -14.00 10.14
N GLU A 142 13.34 -13.30 11.19
CA GLU A 142 13.83 -13.93 12.41
C GLU A 142 12.74 -14.80 13.02
N LYS A 143 11.50 -14.36 12.84
CA LYS A 143 10.35 -15.01 13.45
C LYS A 143 9.82 -16.10 12.54
N LYS A 144 9.26 -15.70 11.40
CA LYS A 144 8.68 -16.65 10.47
C LYS A 144 9.76 -17.50 9.81
N ASP A 145 10.47 -16.88 8.87
CA ASP A 145 11.41 -17.60 8.01
C ASP A 145 10.68 -18.76 7.34
N GLU A 146 9.42 -18.50 7.04
CA GLU A 146 8.53 -19.49 6.48
C GLU A 146 8.53 -19.38 4.97
N LEU A 147 7.89 -20.34 4.32
CA LEU A 147 7.70 -20.27 2.88
C LEU A 147 6.60 -19.28 2.56
N ASN A 148 5.72 -19.07 3.53
CA ASN A 148 4.63 -18.12 3.40
C ASN A 148 3.88 -18.34 2.09
N TRP A 149 3.11 -19.40 2.01
CA TRP A 149 2.34 -19.66 0.81
C TRP A 149 1.05 -18.86 0.89
N LEU A 150 1.02 -17.73 0.20
CA LEU A 150 -0.10 -16.81 0.27
C LEU A 150 -1.35 -17.42 -0.33
N ASP A 151 -2.42 -17.35 0.46
CA ASP A 151 -3.72 -17.91 0.10
C ASP A 151 -4.50 -16.94 -0.80
N HIS A 152 -3.88 -15.79 -1.05
CA HIS A 152 -4.49 -14.72 -1.85
C HIS A 152 -5.54 -13.96 -1.04
N GLY A 153 -5.45 -14.03 0.27
CA GLY A 153 -6.42 -13.36 1.11
C GLY A 153 -5.75 -12.50 2.16
N ARG A 154 -4.65 -12.99 2.69
CA ARG A 154 -3.87 -12.25 3.67
C ARG A 154 -3.29 -10.97 3.05
N THR A 155 -3.30 -9.89 3.80
CA THR A 155 -2.72 -8.64 3.34
C THR A 155 -1.21 -8.65 3.57
N LEU A 156 -0.48 -7.87 2.81
CA LEU A 156 0.99 -7.92 2.86
C LEU A 156 1.50 -7.38 4.18
N ARG A 157 0.89 -6.29 4.61
CA ARG A 157 1.18 -5.69 5.90
C ARG A 157 0.87 -6.68 7.02
N GLU A 158 -0.16 -7.49 6.80
CA GLU A 158 -0.63 -8.44 7.78
C GLU A 158 0.32 -9.64 7.85
N GLN A 159 0.92 -9.94 6.70
CA GLN A 159 1.90 -11.01 6.60
C GLN A 159 3.16 -10.65 7.38
N GLY A 160 3.40 -9.36 7.54
CA GLY A 160 4.60 -8.90 8.21
C GLY A 160 5.84 -9.17 7.38
N VAL A 161 5.68 -9.11 6.07
CA VAL A 161 6.78 -9.29 5.15
C VAL A 161 7.48 -7.96 4.85
N GLU A 162 8.73 -8.04 4.39
CA GLU A 162 9.47 -6.87 3.98
C GLU A 162 9.41 -6.72 2.47
N GLU A 163 10.20 -5.80 1.95
CA GLU A 163 10.23 -5.52 0.52
C GLU A 163 11.42 -6.18 -0.16
N HIS A 164 12.44 -6.50 0.62
CA HIS A 164 13.69 -7.05 0.08
C HIS A 164 13.68 -8.57 0.04
N GLU A 165 12.63 -9.18 0.57
CA GLU A 165 12.57 -10.63 0.67
C GLU A 165 12.01 -11.23 -0.63
N THR A 166 12.59 -12.33 -1.09
CA THR A 166 12.21 -12.90 -2.38
C THR A 166 10.91 -13.71 -2.29
N LEU A 167 9.96 -13.33 -3.12
CA LEU A 167 8.67 -14.00 -3.17
C LEU A 167 8.57 -14.73 -4.51
N LEU A 168 7.98 -15.91 -4.53
CA LEU A 168 7.97 -16.71 -5.74
C LEU A 168 6.55 -16.93 -6.23
N LEU A 169 6.36 -16.82 -7.53
CA LEU A 169 5.08 -17.12 -8.14
C LEU A 169 5.00 -18.62 -8.46
N ARG A 170 3.96 -19.28 -7.96
CA ARG A 170 3.82 -20.73 -8.11
C ARG A 170 2.52 -21.05 -8.82
N ARG A 171 2.51 -22.11 -9.61
CA ARG A 171 1.29 -22.55 -10.24
C ARG A 171 0.47 -23.42 -9.30
N LYS A 172 -0.81 -23.11 -9.20
CA LYS A 172 -1.75 -23.90 -8.45
C LYS A 172 -2.53 -24.80 -9.40
N PHE A 173 -2.70 -24.31 -10.63
CA PHE A 173 -3.26 -25.10 -11.72
C PHE A 173 -2.34 -24.96 -12.92
N PHE A 174 -2.60 -25.67 -14.00
CA PHE A 174 -1.79 -25.51 -15.21
C PHE A 174 -2.63 -25.65 -16.46
N TYR A 175 -3.87 -25.16 -16.42
CA TYR A 175 -4.72 -25.18 -17.58
C TYR A 175 -4.22 -24.17 -18.61
N SER A 176 -3.65 -23.07 -18.12
CA SER A 176 -3.02 -22.05 -18.93
C SER A 176 -3.94 -21.57 -20.05
N ASP A 177 -5.05 -20.96 -19.63
CA ASP A 177 -6.05 -20.36 -20.53
C ASP A 177 -6.92 -21.42 -21.19
N GLN A 178 -6.55 -22.68 -21.06
CA GLN A 178 -7.36 -23.78 -21.56
C GLN A 178 -8.09 -24.48 -20.42
N GLY A 1 -6.87 31.03 1.41
CA GLY A 1 -7.74 32.23 1.30
C GLY A 1 -9.16 31.94 1.72
N ILE A 2 -9.61 32.63 2.77
CA ILE A 2 -10.92 32.40 3.35
C ILE A 2 -11.07 30.91 3.70
N ASP A 3 -10.12 30.42 4.47
CA ASP A 3 -10.04 29.01 4.75
C ASP A 3 -10.89 28.65 5.96
N PRO A 4 -11.54 27.48 5.92
CA PRO A 4 -12.38 27.02 7.02
C PRO A 4 -11.57 26.33 8.11
N PHE A 5 -10.42 26.88 8.36
CA PHE A 5 -9.50 26.34 9.35
C PHE A 5 -9.47 27.25 10.56
N THR A 6 -10.52 27.18 11.35
CA THR A 6 -10.62 27.95 12.56
C THR A 6 -10.14 27.13 13.75
N MET A 7 -11.07 26.52 14.44
CA MET A 7 -10.76 25.60 15.52
C MET A 7 -11.28 24.22 15.16
N VAL A 8 -11.38 24.04 13.86
CA VAL A 8 -11.80 22.78 13.28
C VAL A 8 -10.79 22.37 12.22
N ALA A 9 -9.56 22.17 12.66
CA ALA A 9 -8.49 21.75 11.77
C ALA A 9 -7.62 20.74 12.47
N LEU A 10 -7.13 19.81 11.71
CA LEU A 10 -6.32 18.72 12.23
C LEU A 10 -4.87 18.93 11.82
N SER A 11 -3.99 18.93 12.79
CA SER A 11 -2.58 19.14 12.53
C SER A 11 -1.93 17.79 12.29
N LEU A 12 -1.73 17.46 11.02
CA LEU A 12 -1.30 16.13 10.66
C LEU A 12 0.15 16.14 10.19
N LYS A 13 0.92 15.18 10.67
CA LYS A 13 2.28 15.00 10.22
C LYS A 13 2.32 14.08 9.03
N ILE A 14 2.48 14.65 7.84
CA ILE A 14 2.55 13.85 6.64
C ILE A 14 3.99 13.44 6.40
N SER A 15 4.27 12.17 6.63
CA SER A 15 5.59 11.65 6.42
C SER A 15 5.71 11.07 5.02
N ILE A 16 6.62 11.60 4.23
CA ILE A 16 6.84 11.13 2.88
C ILE A 16 8.22 10.50 2.79
N GLY A 17 8.28 9.19 3.02
CA GLY A 17 9.55 8.51 3.06
C GLY A 17 10.30 8.82 4.34
N ASN A 18 11.14 9.84 4.29
CA ASN A 18 11.94 10.25 5.45
C ASN A 18 11.61 11.67 5.89
N VAL A 19 10.91 12.41 5.02
CA VAL A 19 10.60 13.80 5.29
C VAL A 19 9.28 13.92 6.04
N VAL A 20 9.15 14.94 6.87
CA VAL A 20 7.93 15.17 7.63
C VAL A 20 7.33 16.52 7.29
N LYS A 21 6.17 16.49 6.67
CA LYS A 21 5.48 17.69 6.25
C LYS A 21 4.30 17.94 7.17
N THR A 22 4.21 19.16 7.68
CA THR A 22 3.15 19.50 8.60
C THR A 22 2.04 20.27 7.89
N MET A 23 0.87 19.64 7.79
CA MET A 23 -0.28 20.24 7.13
C MET A 23 -1.50 20.08 8.00
N GLN A 24 -2.42 21.00 7.88
CA GLN A 24 -3.68 20.88 8.59
C GLN A 24 -4.80 20.62 7.62
N PHE A 25 -5.70 19.75 8.02
CA PHE A 25 -6.82 19.34 7.21
C PHE A 25 -8.08 19.52 8.04
N GLU A 26 -9.21 19.62 7.40
CA GLU A 26 -10.46 19.68 8.12
C GLU A 26 -10.76 18.31 8.74
N PRO A 27 -11.40 18.29 9.93
CA PRO A 27 -11.78 17.05 10.60
C PRO A 27 -12.39 16.04 9.64
N SER A 28 -13.22 16.52 8.74
CA SER A 28 -13.75 15.67 7.69
C SER A 28 -12.69 15.44 6.62
N THR A 29 -12.47 16.46 5.77
CA THR A 29 -11.62 16.38 4.59
C THR A 29 -11.96 15.18 3.69
N MET A 30 -11.59 13.99 4.17
CA MET A 30 -11.74 12.73 3.44
C MET A 30 -10.56 12.52 2.51
N VAL A 31 -10.07 11.28 2.48
CA VAL A 31 -8.87 10.90 1.74
C VAL A 31 -8.79 11.57 0.35
N TYR A 32 -9.88 11.52 -0.40
CA TYR A 32 -9.87 12.06 -1.77
C TYR A 32 -9.64 13.58 -1.77
N ASP A 33 -10.19 14.26 -0.77
CA ASP A 33 -10.01 15.71 -0.64
C ASP A 33 -8.62 16.03 -0.10
N ALA A 34 -8.14 15.20 0.82
CA ALA A 34 -6.80 15.34 1.35
C ALA A 34 -5.75 15.18 0.25
N CYS A 35 -5.89 14.11 -0.52
CA CYS A 35 -4.95 13.78 -1.58
C CYS A 35 -4.82 14.92 -2.60
N ARG A 36 -5.89 15.66 -2.84
CA ARG A 36 -5.87 16.70 -3.85
C ARG A 36 -5.08 17.92 -3.36
N MET A 37 -5.26 18.24 -2.08
CA MET A 37 -4.60 19.41 -1.51
C MET A 37 -3.13 19.15 -1.21
N ILE A 38 -2.83 17.99 -0.65
CA ILE A 38 -1.47 17.68 -0.26
C ILE A 38 -0.52 17.74 -1.46
N ARG A 39 -0.94 17.16 -2.58
CA ARG A 39 -0.19 17.22 -3.83
C ARG A 39 -0.01 18.67 -4.30
N GLU A 40 -0.96 19.51 -3.95
CA GLU A 40 -0.94 20.90 -4.35
C GLU A 40 0.12 21.67 -3.57
N ARG A 41 0.19 21.42 -2.27
CA ARG A 41 1.14 22.10 -1.41
C ARG A 41 2.51 21.45 -1.51
N ILE A 42 2.53 20.14 -1.32
CA ILE A 42 3.78 19.38 -1.23
C ILE A 42 4.05 18.61 -2.51
N PRO A 43 5.08 19.01 -3.28
CA PRO A 43 5.45 18.30 -4.51
C PRO A 43 6.07 16.94 -4.23
N GLU A 44 6.58 16.74 -3.01
CA GLU A 44 7.19 15.48 -2.61
C GLU A 44 6.16 14.36 -2.58
N ALA A 45 4.93 14.72 -2.27
CA ALA A 45 3.86 13.76 -2.13
C ALA A 45 3.60 13.03 -3.45
N LEU A 46 3.68 13.75 -4.53
CA LEU A 46 3.35 13.24 -5.85
C LEU A 46 4.59 12.82 -6.62
N ALA A 47 5.61 12.36 -5.90
CA ALA A 47 6.86 11.94 -6.52
C ALA A 47 6.63 10.88 -7.59
N GLY A 48 5.51 10.20 -7.51
CA GLY A 48 5.14 9.22 -8.53
C GLY A 48 3.79 9.54 -9.12
N PRO A 49 3.05 8.54 -9.62
CA PRO A 49 1.71 8.74 -10.18
C PRO A 49 0.70 9.05 -9.08
N PRO A 50 0.07 10.24 -9.12
CA PRO A 50 -0.91 10.66 -8.11
C PRO A 50 -2.05 9.67 -7.92
N ASN A 51 -2.36 8.94 -8.99
CA ASN A 51 -3.42 7.95 -8.94
C ASN A 51 -3.01 6.76 -8.08
N ASP A 52 -1.70 6.56 -7.98
CA ASP A 52 -1.15 5.43 -7.25
C ASP A 52 -0.61 5.87 -5.90
N PHE A 53 -1.13 6.97 -5.38
CA PHE A 53 -0.74 7.44 -4.06
C PHE A 53 -1.96 7.54 -3.14
N GLY A 54 -1.81 7.05 -1.92
CA GLY A 54 -2.90 7.12 -0.96
C GLY A 54 -2.43 7.50 0.42
N LEU A 55 -3.34 7.50 1.38
CA LEU A 55 -3.04 7.92 2.74
C LEU A 55 -2.82 6.72 3.65
N PHE A 56 -1.59 6.53 4.07
CA PHE A 56 -1.28 5.48 5.04
C PHE A 56 -1.18 6.07 6.44
N LEU A 57 -1.93 5.52 7.36
CA LEU A 57 -1.92 6.00 8.72
C LEU A 57 -0.92 5.21 9.53
N SER A 58 0.14 5.87 9.95
CA SER A 58 1.19 5.22 10.71
C SER A 58 0.90 5.31 12.20
N ASP A 59 0.41 4.22 12.75
CA ASP A 59 0.03 4.18 14.16
C ASP A 59 1.26 3.90 15.02
N ASP A 60 1.95 2.82 14.71
CA ASP A 60 3.03 2.32 15.55
C ASP A 60 3.66 1.06 14.95
N ASP A 61 2.82 0.07 14.70
CA ASP A 61 3.27 -1.23 14.22
C ASP A 61 2.79 -1.45 12.79
N PRO A 62 3.58 -2.19 11.97
CA PRO A 62 3.23 -2.50 10.57
C PRO A 62 1.80 -3.01 10.37
N LYS A 63 1.22 -3.67 11.38
CA LYS A 63 -0.14 -4.17 11.25
C LYS A 63 -1.15 -3.13 11.70
N LYS A 64 -0.75 -2.28 12.65
CA LYS A 64 -1.61 -1.22 13.15
C LYS A 64 -1.81 -0.17 12.06
N GLY A 65 -0.77 0.01 11.25
CA GLY A 65 -0.85 0.91 10.12
C GLY A 65 -1.89 0.45 9.12
N ILE A 66 -2.58 1.41 8.51
CA ILE A 66 -3.69 1.08 7.65
C ILE A 66 -3.74 2.02 6.45
N TRP A 67 -4.41 1.58 5.41
CA TRP A 67 -4.64 2.41 4.23
C TRP A 67 -5.98 3.10 4.35
N LEU A 68 -5.96 4.42 4.29
CA LEU A 68 -7.17 5.21 4.41
C LEU A 68 -7.90 5.26 3.08
N GLU A 69 -9.10 4.71 3.05
CA GLU A 69 -9.93 4.72 1.85
C GLU A 69 -10.62 6.06 1.67
N ALA A 70 -11.04 6.36 0.45
CA ALA A 70 -11.74 7.60 0.16
C ALA A 70 -13.17 7.55 0.67
N GLY A 71 -13.55 6.43 1.26
CA GLY A 71 -14.90 6.23 1.72
C GLY A 71 -15.09 6.56 3.20
N LYS A 72 -14.11 7.23 3.80
CA LYS A 72 -14.24 7.67 5.18
C LYS A 72 -13.45 8.95 5.41
N ALA A 73 -13.75 9.65 6.50
CA ALA A 73 -13.09 10.89 6.81
C ALA A 73 -11.84 10.63 7.66
N LEU A 74 -11.10 11.68 7.97
CA LEU A 74 -9.85 11.54 8.73
C LEU A 74 -10.14 11.37 10.22
N ASP A 75 -10.86 12.33 10.78
CA ASP A 75 -11.18 12.38 12.21
C ASP A 75 -12.11 11.23 12.61
N TYR A 76 -12.77 10.65 11.62
CA TYR A 76 -13.59 9.47 11.84
C TYR A 76 -12.78 8.38 12.51
N TYR A 77 -11.51 8.25 12.11
CA TYR A 77 -10.59 7.32 12.74
C TYR A 77 -10.00 7.90 14.03
N MET A 78 -8.80 7.45 14.36
CA MET A 78 -8.13 7.82 15.60
C MET A 78 -7.30 9.09 15.43
N LEU A 79 -7.29 9.65 14.22
CA LEU A 79 -6.36 10.72 13.90
C LEU A 79 -6.99 12.08 13.95
N ARG A 80 -6.29 12.96 14.63
CA ARG A 80 -6.65 14.34 14.78
C ARG A 80 -5.38 15.15 14.93
N ASN A 81 -5.43 16.15 15.77
CA ASN A 81 -4.24 16.97 16.02
C ASN A 81 -3.17 16.16 16.76
N GLY A 82 -2.17 15.71 16.01
CA GLY A 82 -1.07 14.99 16.62
C GLY A 82 -0.62 13.76 15.85
N ASP A 83 -1.56 13.05 15.22
CA ASP A 83 -1.23 11.78 14.58
C ASP A 83 -0.39 11.97 13.33
N THR A 84 0.46 10.99 13.05
CA THR A 84 1.29 11.00 11.87
C THR A 84 0.61 10.24 10.74
N MET A 85 0.57 10.83 9.56
CA MET A 85 -0.08 10.21 8.41
C MET A 85 0.89 10.19 7.24
N GLU A 86 1.31 9.00 6.88
CA GLU A 86 2.28 8.83 5.80
C GLU A 86 1.58 8.95 4.46
N TYR A 87 2.07 9.81 3.59
CA TYR A 87 1.59 9.84 2.23
C TYR A 87 2.52 8.98 1.41
N ARG A 88 2.09 7.79 1.11
CA ARG A 88 2.96 6.83 0.46
C ARG A 88 2.27 6.24 -0.75
N LYS A 89 3.09 5.79 -1.68
CA LYS A 89 2.60 5.19 -2.89
C LYS A 89 1.79 3.95 -2.56
N LYS A 90 0.60 3.84 -3.14
CA LYS A 90 -0.29 2.71 -2.91
C LYS A 90 0.46 1.41 -3.12
N GLN A 91 1.37 1.42 -4.08
CA GLN A 91 2.15 0.27 -4.42
C GLN A 91 3.54 0.39 -3.83
N ARG A 92 4.16 -0.74 -3.57
CA ARG A 92 5.49 -0.77 -2.99
C ARG A 92 6.38 -1.75 -3.75
N PRO A 93 7.71 -1.53 -3.75
CA PRO A 93 8.66 -2.33 -4.52
C PRO A 93 8.71 -3.78 -4.05
N LEU A 94 8.10 -4.66 -4.81
CA LEU A 94 8.01 -6.06 -4.45
C LEU A 94 8.99 -6.91 -5.23
N LYS A 95 9.74 -7.73 -4.51
CA LYS A 95 10.66 -8.66 -5.14
C LYS A 95 9.95 -9.98 -5.42
N ILE A 96 9.76 -10.27 -6.69
CA ILE A 96 9.00 -11.44 -7.10
C ILE A 96 9.88 -12.37 -7.94
N ARG A 97 9.86 -13.66 -7.64
CA ARG A 97 10.59 -14.64 -8.44
C ARG A 97 9.58 -15.48 -9.25
N MET A 98 9.74 -15.45 -10.56
CA MET A 98 8.82 -16.12 -11.48
C MET A 98 9.14 -17.60 -11.63
N LEU A 99 8.24 -18.31 -12.32
CA LEU A 99 8.28 -19.77 -12.44
C LEU A 99 9.61 -20.26 -12.96
N ASP A 100 10.12 -19.56 -13.97
CA ASP A 100 11.35 -19.98 -14.64
C ASP A 100 12.57 -19.65 -13.78
N GLY A 101 12.33 -18.98 -12.66
CA GLY A 101 13.40 -18.70 -11.73
C GLY A 101 13.97 -17.31 -11.93
N THR A 102 13.20 -16.45 -12.56
CA THR A 102 13.65 -15.09 -12.82
C THR A 102 13.01 -14.13 -11.83
N VAL A 103 13.80 -13.25 -11.25
CA VAL A 103 13.31 -12.37 -10.21
C VAL A 103 13.29 -10.92 -10.70
N LYS A 104 12.17 -10.25 -10.41
CA LYS A 104 11.99 -8.87 -10.80
C LYS A 104 11.29 -8.09 -9.70
N THR A 105 11.36 -6.78 -9.77
CA THR A 105 10.66 -5.92 -8.85
C THR A 105 9.50 -5.23 -9.56
N ILE A 106 8.31 -5.34 -9.01
CA ILE A 106 7.17 -4.63 -9.56
C ILE A 106 6.45 -3.89 -8.43
N MET A 107 5.88 -2.74 -8.74
CA MET A 107 5.16 -1.99 -7.73
C MET A 107 3.70 -2.35 -7.74
N VAL A 108 3.28 -3.01 -6.67
CA VAL A 108 1.91 -3.46 -6.53
C VAL A 108 1.30 -2.90 -5.27
N ASP A 109 0.07 -2.43 -5.40
CA ASP A 109 -0.64 -1.76 -4.31
C ASP A 109 -0.78 -2.67 -3.10
N ASP A 110 -0.47 -2.12 -1.93
CA ASP A 110 -0.60 -2.83 -0.67
C ASP A 110 -2.03 -2.69 -0.15
N SER A 111 -2.78 -1.81 -0.79
CA SER A 111 -4.15 -1.52 -0.39
C SER A 111 -5.17 -2.47 -1.04
N LYS A 112 -4.68 -3.51 -1.69
CA LYS A 112 -5.57 -4.48 -2.32
C LYS A 112 -5.17 -5.91 -1.98
N THR A 113 -5.86 -6.87 -2.57
CA THR A 113 -5.63 -8.28 -2.28
C THR A 113 -4.64 -8.93 -3.26
N VAL A 114 -4.41 -10.23 -3.06
CA VAL A 114 -3.39 -10.98 -3.81
C VAL A 114 -3.68 -11.04 -5.30
N THR A 115 -4.87 -11.51 -5.63
CA THR A 115 -5.29 -11.72 -7.02
C THR A 115 -4.93 -10.54 -7.93
N ASP A 116 -5.32 -9.32 -7.55
CA ASP A 116 -5.03 -8.14 -8.35
C ASP A 116 -3.51 -7.96 -8.49
N MET A 117 -2.81 -8.22 -7.40
CA MET A 117 -1.34 -8.16 -7.39
C MET A 117 -0.75 -9.20 -8.35
N LEU A 118 -1.23 -10.43 -8.27
CA LEU A 118 -0.73 -11.51 -9.12
C LEU A 118 -1.02 -11.21 -10.58
N MET A 119 -2.22 -10.66 -10.82
CA MET A 119 -2.62 -10.22 -12.16
C MET A 119 -1.63 -9.21 -12.71
N THR A 120 -1.14 -8.35 -11.83
CA THR A 120 -0.25 -7.28 -12.19
C THR A 120 1.18 -7.77 -12.43
N ILE A 121 1.62 -8.73 -11.62
CA ILE A 121 3.01 -9.21 -11.70
C ILE A 121 3.23 -10.00 -12.99
N CYS A 122 2.33 -10.94 -13.27
CA CYS A 122 2.45 -11.81 -14.42
C CYS A 122 2.36 -11.01 -15.72
N ALA A 123 1.64 -9.89 -15.66
CA ALA A 123 1.47 -9.02 -16.81
C ALA A 123 2.78 -8.36 -17.21
N ARG A 124 3.67 -8.17 -16.23
CA ARG A 124 4.97 -7.57 -16.49
C ARG A 124 5.78 -8.48 -17.41
N ILE A 125 5.75 -9.77 -17.12
CA ILE A 125 6.51 -10.74 -17.88
C ILE A 125 5.89 -10.96 -19.25
N GLY A 126 4.58 -11.12 -19.26
CA GLY A 126 3.89 -11.42 -20.49
C GLY A 126 3.07 -12.69 -20.38
N ILE A 127 2.78 -13.11 -19.15
CA ILE A 127 1.96 -14.27 -18.91
C ILE A 127 0.49 -13.88 -19.01
N THR A 128 -0.29 -14.64 -19.77
CA THR A 128 -1.68 -14.27 -20.00
C THR A 128 -2.58 -14.80 -18.87
N ASN A 129 -2.16 -15.87 -18.22
CA ASN A 129 -2.91 -16.43 -17.11
C ASN A 129 -2.37 -15.90 -15.79
N HIS A 130 -3.25 -15.78 -14.81
CA HIS A 130 -2.84 -15.41 -13.47
C HIS A 130 -3.67 -16.17 -12.44
N ASP A 131 -4.66 -16.91 -12.92
CA ASP A 131 -5.55 -17.64 -12.04
C ASP A 131 -5.01 -19.03 -11.75
N GLU A 132 -4.20 -19.55 -12.67
CA GLU A 132 -3.60 -20.87 -12.48
C GLU A 132 -2.44 -20.81 -11.49
N TYR A 133 -2.24 -19.64 -10.90
CA TYR A 133 -1.13 -19.42 -9.99
C TYR A 133 -1.62 -19.03 -8.59
N SER A 134 -0.82 -19.34 -7.60
CA SER A 134 -1.02 -18.83 -6.26
C SER A 134 0.16 -17.94 -5.91
N LEU A 135 0.27 -17.50 -4.67
CA LEU A 135 1.42 -16.71 -4.30
C LEU A 135 2.02 -17.27 -3.02
N VAL A 136 3.33 -17.15 -2.88
CA VAL A 136 4.00 -17.61 -1.68
C VAL A 136 5.09 -16.61 -1.30
N ARG A 137 4.92 -15.98 -0.15
CA ARG A 137 5.83 -14.92 0.28
C ARG A 137 6.77 -15.43 1.34
N GLU A 138 8.00 -15.68 0.97
CA GLU A 138 9.02 -16.00 1.95
C GLU A 138 9.44 -14.74 2.67
N LEU A 139 8.99 -14.59 3.91
CA LEU A 139 9.27 -13.38 4.65
C LEU A 139 10.44 -13.61 5.61
N MET A 140 10.75 -12.57 6.35
CA MET A 140 11.80 -12.59 7.36
C MET A 140 11.19 -12.74 8.74
N GLU A 141 9.86 -12.83 8.74
CA GLU A 141 9.07 -12.89 9.97
C GLU A 141 9.66 -13.83 11.01
N GLU A 142 10.03 -13.26 12.14
CA GLU A 142 10.47 -14.04 13.28
C GLU A 142 9.26 -14.66 13.96
N LYS A 143 8.10 -14.05 13.75
CA LYS A 143 6.85 -14.50 14.33
C LYS A 143 6.25 -15.60 13.49
N LYS A 144 5.79 -15.24 12.29
CA LYS A 144 5.26 -16.22 11.34
C LYS A 144 6.34 -17.19 10.89
N ASP A 145 7.35 -16.67 10.20
CA ASP A 145 8.38 -17.49 9.57
C ASP A 145 7.71 -18.46 8.60
N GLU A 146 6.70 -17.95 7.92
CA GLU A 146 5.92 -18.74 7.00
C GLU A 146 6.37 -18.49 5.57
N LEU A 147 6.07 -19.47 4.71
CA LEU A 147 6.21 -19.32 3.28
C LEU A 147 5.14 -18.38 2.77
N ASN A 148 4.14 -18.16 3.62
CA ASN A 148 3.01 -17.32 3.29
C ASN A 148 2.44 -17.68 1.94
N TRP A 149 1.74 -18.80 1.87
CA TRP A 149 1.12 -19.23 0.64
C TRP A 149 -0.22 -18.52 0.52
N LEU A 150 -0.21 -17.40 -0.21
CA LEU A 150 -1.36 -16.52 -0.28
C LEU A 150 -2.57 -17.22 -0.88
N ASP A 151 -3.65 -17.18 -0.10
CA ASP A 151 -4.94 -17.79 -0.45
C ASP A 151 -5.67 -17.00 -1.53
N HIS A 152 -5.24 -15.74 -1.70
CA HIS A 152 -5.88 -14.78 -2.63
C HIS A 152 -7.03 -14.04 -1.96
N GLY A 153 -7.22 -14.28 -0.68
CA GLY A 153 -8.31 -13.63 0.04
C GLY A 153 -7.79 -12.70 1.12
N ARG A 154 -6.58 -12.98 1.55
CA ARG A 154 -5.92 -12.17 2.56
C ARG A 154 -5.31 -10.92 1.94
N THR A 155 -5.51 -9.77 2.57
CA THR A 155 -4.88 -8.55 2.12
C THR A 155 -3.46 -8.46 2.67
N LEU A 156 -2.67 -7.59 2.09
CA LEU A 156 -1.23 -7.60 2.28
C LEU A 156 -0.84 -6.89 3.58
N ARG A 157 -1.60 -5.87 3.95
CA ARG A 157 -1.35 -5.14 5.20
C ARG A 157 -1.65 -6.03 6.41
N GLU A 158 -2.52 -7.00 6.20
CA GLU A 158 -2.91 -7.93 7.26
C GLU A 158 -1.88 -9.04 7.40
N GLN A 159 -0.94 -9.08 6.46
CA GLN A 159 0.17 -10.01 6.53
C GLN A 159 1.38 -9.35 7.16
N GLY A 160 1.44 -8.03 7.00
CA GLY A 160 2.57 -7.28 7.50
C GLY A 160 3.79 -7.44 6.63
N VAL A 161 3.58 -7.92 5.41
CA VAL A 161 4.66 -8.09 4.45
C VAL A 161 5.37 -6.78 4.16
N GLU A 162 6.69 -6.81 4.19
CA GLU A 162 7.51 -5.64 3.93
C GLU A 162 7.88 -5.60 2.46
N GLU A 163 8.55 -4.55 2.05
CA GLU A 163 8.96 -4.39 0.67
C GLU A 163 10.18 -5.24 0.37
N HIS A 164 11.02 -5.45 1.38
CA HIS A 164 12.27 -6.18 1.21
C HIS A 164 12.07 -7.70 1.17
N GLU A 165 10.82 -8.13 1.24
CA GLU A 165 10.52 -9.56 1.31
C GLU A 165 10.44 -10.16 -0.09
N THR A 166 11.14 -11.27 -0.30
CA THR A 166 11.05 -11.97 -1.57
C THR A 166 9.78 -12.81 -1.65
N LEU A 167 8.95 -12.52 -2.64
CA LEU A 167 7.71 -13.26 -2.83
C LEU A 167 7.84 -14.06 -4.12
N LEU A 168 7.38 -15.29 -4.11
CA LEU A 168 7.54 -16.16 -5.25
C LEU A 168 6.19 -16.42 -5.91
N LEU A 169 6.15 -16.29 -7.22
CA LEU A 169 4.96 -16.66 -7.97
C LEU A 169 5.03 -18.14 -8.29
N ARG A 170 3.98 -18.88 -7.93
CA ARG A 170 3.98 -20.33 -8.11
C ARG A 170 2.78 -20.78 -8.91
N ARG A 171 2.97 -21.84 -9.67
CA ARG A 171 1.90 -22.42 -10.47
C ARG A 171 1.11 -23.40 -9.62
N LYS A 172 -0.18 -23.12 -9.43
CA LYS A 172 -1.01 -23.96 -8.59
C LYS A 172 -1.62 -25.09 -9.43
N PHE A 173 -2.18 -24.75 -10.58
CA PHE A 173 -2.80 -25.75 -11.43
C PHE A 173 -1.80 -26.30 -12.42
N PHE A 174 -1.88 -27.59 -12.65
CA PHE A 174 -1.05 -28.26 -13.63
C PHE A 174 -1.93 -29.03 -14.59
N TYR A 175 -2.74 -28.29 -15.34
CA TYR A 175 -3.70 -28.87 -16.26
C TYR A 175 -3.01 -29.45 -17.49
N SER A 176 -1.85 -28.90 -17.82
CA SER A 176 -1.07 -29.32 -18.98
C SER A 176 -1.91 -29.27 -20.26
N ASP A 177 -2.22 -28.05 -20.69
CA ASP A 177 -2.95 -27.79 -21.94
C ASP A 177 -4.42 -28.21 -21.88
N GLN A 178 -4.78 -29.02 -20.89
CA GLN A 178 -6.15 -29.48 -20.74
C GLN A 178 -7.04 -28.36 -20.22
N GLY A 1 -3.12 32.28 -0.55
CA GLY A 1 -3.59 32.23 0.85
C GLY A 1 -4.54 31.08 1.08
N ILE A 2 -4.52 30.51 2.29
CA ILE A 2 -5.38 29.38 2.60
C ILE A 2 -6.23 29.69 3.83
N ASP A 3 -7.43 29.14 3.86
CA ASP A 3 -8.30 29.28 5.02
C ASP A 3 -8.54 27.91 5.65
N PRO A 4 -8.24 27.77 6.94
CA PRO A 4 -8.41 26.51 7.66
C PRO A 4 -9.85 26.30 8.10
N PHE A 5 -10.20 25.05 8.39
CA PHE A 5 -11.49 24.70 8.91
C PHE A 5 -11.49 24.93 10.41
N THR A 6 -11.40 26.21 10.78
CA THR A 6 -11.36 26.65 12.17
C THR A 6 -10.31 25.86 12.95
N MET A 7 -10.50 25.70 14.25
CA MET A 7 -9.56 24.93 15.05
C MET A 7 -10.07 23.50 15.22
N VAL A 8 -10.58 22.97 14.13
CA VAL A 8 -10.98 21.56 14.07
C VAL A 8 -10.34 20.93 12.87
N ALA A 9 -9.37 21.65 12.37
CA ALA A 9 -8.67 21.26 11.17
C ALA A 9 -7.44 20.48 11.54
N LEU A 10 -7.64 19.18 11.64
CA LEU A 10 -6.59 18.20 11.88
C LEU A 10 -5.22 18.65 11.40
N SER A 11 -4.33 18.82 12.37
CA SER A 11 -2.95 19.19 12.10
C SER A 11 -2.14 17.91 12.04
N LEU A 12 -1.83 17.48 10.84
CA LEU A 12 -1.26 16.16 10.63
C LEU A 12 0.16 16.29 10.10
N LYS A 13 1.03 15.43 10.62
CA LYS A 13 2.40 15.37 10.11
C LYS A 13 2.45 14.50 8.88
N ILE A 14 2.62 15.12 7.73
CA ILE A 14 2.68 14.41 6.47
C ILE A 14 4.09 13.92 6.23
N SER A 15 4.33 12.65 6.50
CA SER A 15 5.62 12.06 6.29
C SER A 15 5.67 11.46 4.90
N ILE A 16 6.64 11.88 4.11
CA ILE A 16 6.80 11.38 2.75
C ILE A 16 8.19 10.79 2.57
N GLY A 17 8.33 9.52 2.92
CA GLY A 17 9.62 8.88 2.89
C GLY A 17 10.49 9.33 4.06
N ASN A 18 11.18 10.46 3.87
CA ASN A 18 12.03 11.02 4.90
C ASN A 18 11.47 12.36 5.37
N VAL A 19 11.12 13.21 4.42
CA VAL A 19 10.60 14.54 4.70
C VAL A 19 9.27 14.47 5.45
N VAL A 20 9.01 15.46 6.28
CA VAL A 20 7.76 15.56 7.00
C VAL A 20 7.23 16.99 6.94
N LYS A 21 6.05 17.13 6.39
CA LYS A 21 5.43 18.43 6.22
C LYS A 21 4.20 18.52 7.11
N THR A 22 3.90 19.69 7.63
CA THR A 22 2.76 19.86 8.49
C THR A 22 1.59 20.41 7.70
N MET A 23 0.51 19.65 7.64
CA MET A 23 -0.66 20.01 6.86
C MET A 23 -1.91 19.87 7.70
N GLN A 24 -2.89 20.69 7.42
CA GLN A 24 -4.17 20.59 8.10
C GLN A 24 -5.26 20.18 7.14
N PHE A 25 -6.14 19.34 7.61
CA PHE A 25 -7.24 18.82 6.82
C PHE A 25 -8.49 18.92 7.66
N GLU A 26 -9.65 18.92 7.03
CA GLU A 26 -10.89 18.87 7.78
C GLU A 26 -11.06 17.48 8.39
N PRO A 27 -11.73 17.41 9.54
CA PRO A 27 -12.03 16.13 10.19
C PRO A 27 -12.63 15.11 9.23
N SER A 28 -13.36 15.60 8.23
CA SER A 28 -13.85 14.75 7.17
C SER A 28 -12.78 14.58 6.09
N THR A 29 -12.58 15.63 5.28
CA THR A 29 -11.73 15.61 4.09
C THR A 29 -11.97 14.40 3.18
N MET A 30 -11.50 13.23 3.64
CA MET A 30 -11.56 11.98 2.89
C MET A 30 -10.32 11.83 2.03
N VAL A 31 -9.76 10.61 2.04
CA VAL A 31 -8.49 10.30 1.36
C VAL A 31 -8.36 10.95 -0.02
N TYR A 32 -9.34 10.72 -0.89
CA TYR A 32 -9.27 11.22 -2.25
C TYR A 32 -9.26 12.75 -2.29
N ASP A 33 -9.94 13.38 -1.33
CA ASP A 33 -9.97 14.83 -1.24
C ASP A 33 -8.66 15.36 -0.68
N ALA A 34 -8.13 14.67 0.32
CA ALA A 34 -6.83 14.99 0.88
C ALA A 34 -5.74 14.92 -0.18
N CYS A 35 -5.80 13.87 -0.98
CA CYS A 35 -4.82 13.61 -2.03
C CYS A 35 -4.69 14.79 -3.00
N ARG A 36 -5.79 15.49 -3.24
CA ARG A 36 -5.78 16.57 -4.22
C ARG A 36 -5.14 17.83 -3.66
N MET A 37 -5.37 18.07 -2.36
CA MET A 37 -4.84 19.26 -1.71
C MET A 37 -3.37 19.10 -1.36
N ILE A 38 -3.02 17.91 -0.89
CA ILE A 38 -1.64 17.67 -0.45
C ILE A 38 -0.66 17.82 -1.61
N ARG A 39 -0.98 17.23 -2.75
CA ARG A 39 -0.16 17.37 -3.96
C ARG A 39 -0.11 18.83 -4.42
N GLU A 40 -1.15 19.58 -4.09
CA GLU A 40 -1.25 20.97 -4.52
C GLU A 40 -0.16 21.81 -3.85
N ARG A 41 -0.15 21.80 -2.52
CA ARG A 41 0.84 22.57 -1.77
C ARG A 41 2.18 21.83 -1.64
N ILE A 42 2.13 20.53 -1.38
CA ILE A 42 3.34 19.74 -1.16
C ILE A 42 3.73 18.94 -2.40
N PRO A 43 4.81 19.32 -3.09
CA PRO A 43 5.26 18.64 -4.30
C PRO A 43 5.97 17.31 -4.01
N GLU A 44 6.49 17.15 -2.80
CA GLU A 44 7.18 15.92 -2.41
C GLU A 44 6.22 14.74 -2.43
N ALA A 45 4.95 15.03 -2.18
CA ALA A 45 3.92 14.01 -2.11
C ALA A 45 3.80 13.23 -3.41
N LEU A 46 3.89 13.94 -4.51
CA LEU A 46 3.70 13.36 -5.83
C LEU A 46 5.03 12.97 -6.47
N ALA A 47 5.97 12.54 -5.65
CA ALA A 47 7.30 12.14 -6.11
C ALA A 47 7.25 11.10 -7.23
N GLY A 48 6.13 10.39 -7.33
CA GLY A 48 5.93 9.45 -8.41
C GLY A 48 4.57 9.67 -9.07
N PRO A 49 3.95 8.63 -9.63
CA PRO A 49 2.62 8.74 -10.22
C PRO A 49 1.56 8.97 -9.15
N PRO A 50 0.89 10.13 -9.18
CA PRO A 50 -0.09 10.54 -8.16
C PRO A 50 -1.19 9.51 -7.92
N ASN A 51 -1.49 8.71 -8.94
CA ASN A 51 -2.55 7.71 -8.83
C ASN A 51 -2.11 6.54 -7.98
N ASP A 52 -0.80 6.37 -7.83
CA ASP A 52 -0.25 5.27 -7.05
C ASP A 52 0.09 5.74 -5.64
N PHE A 53 -0.39 6.91 -5.26
CA PHE A 53 -0.10 7.45 -3.94
C PHE A 53 -1.37 7.55 -3.10
N GLY A 54 -1.28 7.08 -1.87
CA GLY A 54 -2.41 7.15 -0.96
C GLY A 54 -1.99 7.53 0.45
N LEU A 55 -2.96 7.53 1.36
CA LEU A 55 -2.70 7.94 2.73
C LEU A 55 -2.51 6.73 3.63
N PHE A 56 -1.31 6.61 4.16
CA PHE A 56 -1.01 5.56 5.14
C PHE A 56 -0.85 6.16 6.53
N LEU A 57 -1.59 5.63 7.48
CA LEU A 57 -1.46 6.06 8.86
C LEU A 57 -0.44 5.14 9.53
N SER A 58 0.72 5.68 9.83
CA SER A 58 1.89 4.87 10.15
C SER A 58 1.85 4.33 11.57
N ASP A 59 1.06 5.00 12.37
CA ASP A 59 0.95 4.75 13.81
C ASP A 59 2.34 4.71 14.48
N ASP A 60 2.95 3.53 14.47
CA ASP A 60 4.27 3.33 15.06
C ASP A 60 4.91 2.11 14.43
N ASP A 61 4.16 1.02 14.41
CA ASP A 61 4.62 -0.24 13.82
C ASP A 61 3.80 -0.55 12.58
N PRO A 62 4.43 -1.09 11.53
CA PRO A 62 3.76 -1.43 10.26
C PRO A 62 2.47 -2.24 10.44
N LYS A 63 2.37 -3.06 11.48
CA LYS A 63 1.18 -3.88 11.69
C LYS A 63 0.05 -3.03 12.28
N LYS A 64 0.45 -1.98 13.01
CA LYS A 64 -0.50 -1.05 13.62
C LYS A 64 -0.94 -0.01 12.59
N GLY A 65 -0.07 0.22 11.62
CA GLY A 65 -0.37 1.16 10.57
C GLY A 65 -1.53 0.68 9.71
N ILE A 66 -2.22 1.61 9.08
CA ILE A 66 -3.38 1.28 8.27
C ILE A 66 -3.40 2.11 7.00
N TRP A 67 -3.91 1.52 5.93
CA TRP A 67 -4.10 2.26 4.69
C TRP A 67 -5.45 2.94 4.71
N LEU A 68 -5.42 4.25 4.57
CA LEU A 68 -6.64 5.02 4.54
C LEU A 68 -7.27 4.90 3.16
N GLU A 69 -8.40 4.20 3.09
CA GLU A 69 -9.11 4.02 1.84
C GLU A 69 -9.91 5.27 1.48
N ALA A 70 -10.24 5.43 0.21
CA ALA A 70 -10.95 6.61 -0.25
C ALA A 70 -12.41 6.59 0.21
N GLY A 71 -12.87 5.45 0.68
CA GLY A 71 -14.25 5.29 1.09
C GLY A 71 -14.49 5.59 2.56
N LYS A 72 -13.58 6.29 3.20
CA LYS A 72 -13.79 6.71 4.57
C LYS A 72 -13.15 8.08 4.82
N ALA A 73 -13.54 8.73 5.90
CA ALA A 73 -13.00 10.04 6.22
C ALA A 73 -11.81 9.91 7.14
N LEU A 74 -11.12 11.00 7.40
CA LEU A 74 -9.88 10.95 8.17
C LEU A 74 -10.14 10.64 9.65
N ASP A 75 -10.83 11.55 10.32
CA ASP A 75 -11.07 11.46 11.76
C ASP A 75 -11.90 10.22 12.11
N TYR A 76 -12.54 9.64 11.11
CA TYR A 76 -13.30 8.41 11.27
C TYR A 76 -12.46 7.32 11.95
N TYR A 77 -11.16 7.33 11.67
CA TYR A 77 -10.23 6.40 12.31
C TYR A 77 -9.81 6.87 13.70
N MET A 78 -8.52 6.72 13.98
CA MET A 78 -7.96 6.97 15.29
C MET A 78 -7.23 8.30 15.32
N LEU A 79 -7.26 9.02 14.20
CA LEU A 79 -6.40 10.19 14.04
C LEU A 79 -7.15 11.50 14.12
N ARG A 80 -6.41 12.50 14.51
CA ARG A 80 -6.88 13.87 14.62
C ARG A 80 -5.66 14.78 14.78
N ASN A 81 -5.85 15.94 15.38
CA ASN A 81 -4.75 16.89 15.56
C ASN A 81 -3.60 16.29 16.35
N GLY A 82 -2.45 16.14 15.71
CA GLY A 82 -1.27 15.69 16.41
C GLY A 82 -0.65 14.44 15.82
N ASP A 83 -1.42 13.67 15.06
CA ASP A 83 -0.95 12.38 14.55
C ASP A 83 -0.10 12.56 13.30
N THR A 84 0.71 11.55 13.01
CA THR A 84 1.53 11.54 11.82
C THR A 84 0.88 10.69 10.74
N MET A 85 0.69 11.26 9.56
CA MET A 85 0.05 10.58 8.47
C MET A 85 0.99 10.56 7.27
N GLU A 86 1.36 9.38 6.85
CA GLU A 86 2.36 9.22 5.79
C GLU A 86 1.67 9.26 4.43
N TYR A 87 2.13 10.13 3.55
CA TYR A 87 1.66 10.12 2.18
C TYR A 87 2.66 9.36 1.35
N ARG A 88 2.33 8.13 1.06
CA ARG A 88 3.27 7.23 0.46
C ARG A 88 2.65 6.50 -0.70
N LYS A 89 3.48 5.86 -1.49
CA LYS A 89 3.00 5.10 -2.61
C LYS A 89 2.21 3.91 -2.12
N LYS A 90 1.04 3.71 -2.70
CA LYS A 90 0.18 2.59 -2.36
C LYS A 90 0.94 1.28 -2.52
N GLN A 91 1.92 1.29 -3.40
CA GLN A 91 2.67 0.10 -3.72
C GLN A 91 3.98 0.07 -2.95
N ARG A 92 4.49 -1.13 -2.76
CA ARG A 92 5.77 -1.33 -2.11
C ARG A 92 6.65 -2.26 -2.95
N PRO A 93 7.98 -2.10 -2.87
CA PRO A 93 8.92 -2.86 -3.71
C PRO A 93 8.94 -4.34 -3.38
N LEU A 94 8.27 -5.11 -4.23
CA LEU A 94 8.11 -6.54 -4.00
C LEU A 94 9.06 -7.33 -4.87
N LYS A 95 9.80 -8.24 -4.26
CA LYS A 95 10.67 -9.13 -4.99
C LYS A 95 9.92 -10.41 -5.29
N ILE A 96 9.64 -10.62 -6.56
CA ILE A 96 8.80 -11.72 -7.00
C ILE A 96 9.57 -12.59 -7.99
N ARG A 97 9.50 -13.90 -7.81
CA ARG A 97 10.11 -14.82 -8.74
C ARG A 97 9.04 -15.52 -9.57
N MET A 98 9.19 -15.44 -10.87
CA MET A 98 8.25 -16.03 -11.81
C MET A 98 8.55 -17.51 -12.02
N LEU A 99 7.69 -18.16 -12.79
CA LEU A 99 7.69 -19.62 -12.94
C LEU A 99 9.02 -20.15 -13.47
N ASP A 100 9.64 -19.39 -14.36
CA ASP A 100 10.89 -19.81 -14.96
C ASP A 100 12.06 -19.47 -14.06
N GLY A 101 11.76 -18.82 -12.94
CA GLY A 101 12.78 -18.44 -12.00
C GLY A 101 13.16 -16.99 -12.19
N THR A 102 12.40 -16.30 -13.02
CA THR A 102 12.67 -14.92 -13.38
C THR A 102 12.24 -14.01 -12.23
N VAL A 103 13.18 -13.28 -11.66
CA VAL A 103 12.87 -12.46 -10.51
C VAL A 103 12.94 -10.98 -10.86
N LYS A 104 11.95 -10.24 -10.40
CA LYS A 104 11.88 -8.81 -10.62
C LYS A 104 11.42 -8.10 -9.37
N THR A 105 11.72 -6.82 -9.27
CA THR A 105 11.25 -6.01 -8.17
C THR A 105 10.23 -5.02 -8.68
N ILE A 106 8.97 -5.26 -8.37
CA ILE A 106 7.89 -4.45 -8.90
C ILE A 106 7.10 -3.86 -7.75
N MET A 107 6.56 -2.67 -7.94
CA MET A 107 5.82 -2.02 -6.89
C MET A 107 4.36 -2.38 -6.97
N VAL A 108 3.92 -3.10 -5.97
CA VAL A 108 2.54 -3.55 -5.91
C VAL A 108 1.85 -3.00 -4.68
N ASP A 109 0.62 -2.57 -4.88
CA ASP A 109 -0.17 -1.94 -3.83
C ASP A 109 -0.36 -2.85 -2.64
N ASP A 110 -0.07 -2.31 -1.47
CA ASP A 110 -0.24 -3.02 -0.21
C ASP A 110 -1.65 -2.76 0.32
N SER A 111 -2.32 -1.81 -0.32
CA SER A 111 -3.64 -1.36 0.10
C SER A 111 -4.73 -2.11 -0.67
N LYS A 112 -4.41 -3.30 -1.17
CA LYS A 112 -5.38 -4.10 -1.92
C LYS A 112 -5.12 -5.59 -1.74
N THR A 113 -6.05 -6.39 -2.25
CA THR A 113 -5.99 -7.84 -2.08
C THR A 113 -4.95 -8.48 -3.01
N VAL A 114 -4.67 -9.74 -2.74
CA VAL A 114 -3.58 -10.46 -3.40
C VAL A 114 -3.86 -10.71 -4.88
N THR A 115 -5.08 -11.14 -5.21
CA THR A 115 -5.48 -11.33 -6.61
C THR A 115 -5.12 -10.12 -7.47
N ASP A 116 -5.43 -8.93 -6.99
CA ASP A 116 -5.12 -7.70 -7.71
C ASP A 116 -3.61 -7.52 -7.83
N MET A 117 -2.90 -7.84 -6.74
CA MET A 117 -1.45 -7.77 -6.73
C MET A 117 -0.84 -8.70 -7.78
N LEU A 118 -1.36 -9.92 -7.85
CA LEU A 118 -0.85 -10.90 -8.81
C LEU A 118 -1.06 -10.38 -10.22
N MET A 119 -2.21 -9.75 -10.45
CA MET A 119 -2.51 -9.13 -11.72
C MET A 119 -1.44 -8.10 -12.07
N THR A 120 -1.15 -7.25 -11.09
CA THR A 120 -0.15 -6.22 -11.24
C THR A 120 1.21 -6.82 -11.65
N ILE A 121 1.63 -7.87 -10.96
CA ILE A 121 2.95 -8.45 -11.18
C ILE A 121 3.00 -9.23 -12.49
N CYS A 122 2.01 -10.07 -12.71
CA CYS A 122 1.95 -10.91 -13.90
C CYS A 122 1.87 -10.06 -15.17
N ALA A 123 1.20 -8.91 -15.07
CA ALA A 123 1.08 -7.99 -16.20
C ALA A 123 2.44 -7.40 -16.56
N ARG A 124 3.31 -7.29 -15.56
CA ARG A 124 4.65 -6.76 -15.78
C ARG A 124 5.45 -7.69 -16.68
N ILE A 125 5.31 -8.99 -16.44
CA ILE A 125 6.05 -9.99 -17.20
C ILE A 125 5.46 -10.15 -18.58
N GLY A 126 4.15 -9.95 -18.68
CA GLY A 126 3.46 -10.15 -19.92
C GLY A 126 2.52 -11.34 -19.85
N ILE A 127 2.39 -11.90 -18.65
CA ILE A 127 1.50 -13.02 -18.41
C ILE A 127 0.04 -12.58 -18.52
N THR A 128 -0.66 -13.10 -19.51
CA THR A 128 -2.03 -12.71 -19.76
C THR A 128 -2.99 -13.46 -18.83
N ASN A 129 -2.68 -14.72 -18.52
CA ASN A 129 -3.54 -15.51 -17.65
C ASN A 129 -2.90 -15.68 -16.28
N HIS A 130 -3.31 -14.85 -15.35
CA HIS A 130 -2.73 -14.87 -14.00
C HIS A 130 -3.64 -15.63 -13.04
N ASP A 131 -4.73 -16.15 -13.56
CA ASP A 131 -5.71 -16.86 -12.74
C ASP A 131 -5.18 -18.24 -12.35
N GLU A 132 -4.25 -18.76 -13.14
CA GLU A 132 -3.68 -20.08 -12.86
C GLU A 132 -2.73 -20.03 -11.67
N TYR A 133 -2.53 -18.86 -11.10
CA TYR A 133 -1.47 -18.69 -10.11
C TYR A 133 -2.00 -18.33 -8.73
N SER A 134 -1.27 -18.78 -7.73
CA SER A 134 -1.47 -18.37 -6.36
C SER A 134 -0.22 -17.61 -5.92
N LEU A 135 -0.18 -17.13 -4.69
CA LEU A 135 1.03 -16.43 -4.26
C LEU A 135 1.65 -17.18 -3.09
N VAL A 136 2.97 -17.16 -3.00
CA VAL A 136 3.65 -17.81 -1.90
C VAL A 136 4.84 -16.97 -1.44
N ARG A 137 4.77 -16.49 -0.21
CA ARG A 137 5.82 -15.63 0.30
C ARG A 137 6.73 -16.36 1.28
N GLU A 138 7.91 -16.72 0.80
CA GLU A 138 8.93 -17.26 1.67
C GLU A 138 9.57 -16.14 2.46
N LEU A 139 9.33 -16.14 3.76
CA LEU A 139 9.85 -15.07 4.61
C LEU A 139 11.09 -15.52 5.36
N MET A 140 11.55 -14.64 6.22
CA MET A 140 12.71 -14.90 7.07
C MET A 140 12.31 -14.77 8.53
N GLU A 141 11.01 -14.87 8.76
CA GLU A 141 10.43 -14.64 10.07
C GLU A 141 10.88 -15.65 11.10
N GLU A 142 11.17 -15.16 12.28
CA GLU A 142 11.36 -16.00 13.45
C GLU A 142 10.00 -16.36 14.04
N LYS A 143 8.96 -15.69 13.54
CA LYS A 143 7.60 -15.87 14.03
C LYS A 143 6.93 -17.05 13.33
N LYS A 144 6.52 -16.84 12.07
CA LYS A 144 5.90 -17.91 11.30
C LYS A 144 6.95 -18.80 10.68
N ASP A 145 7.79 -18.19 9.85
CA ASP A 145 8.72 -18.91 9.00
C ASP A 145 7.96 -19.94 8.20
N GLU A 146 7.28 -19.45 7.20
CA GLU A 146 6.38 -20.26 6.41
C GLU A 146 6.56 -19.91 4.94
N LEU A 147 6.01 -20.75 4.08
CA LEU A 147 5.99 -20.46 2.66
C LEU A 147 4.95 -19.41 2.39
N ASN A 148 3.99 -19.32 3.30
CA ASN A 148 2.91 -18.35 3.21
C ASN A 148 2.27 -18.35 1.84
N TRP A 149 1.43 -19.33 1.58
CA TRP A 149 0.71 -19.38 0.32
C TRP A 149 -0.49 -18.46 0.41
N LEU A 150 -0.38 -17.28 -0.19
CA LEU A 150 -1.40 -16.27 -0.07
C LEU A 150 -2.71 -16.71 -0.68
N ASP A 151 -3.75 -16.58 0.14
CA ASP A 151 -5.12 -16.98 -0.17
C ASP A 151 -5.76 -16.05 -1.20
N HIS A 152 -4.96 -15.13 -1.72
CA HIS A 152 -5.40 -14.19 -2.75
C HIS A 152 -6.28 -13.08 -2.20
N GLY A 153 -6.39 -12.98 -0.88
CA GLY A 153 -7.29 -12.02 -0.30
C GLY A 153 -6.64 -11.14 0.75
N ARG A 154 -6.31 -11.75 1.88
CA ARG A 154 -5.78 -11.02 3.04
C ARG A 154 -4.63 -10.07 2.67
N THR A 155 -4.76 -8.82 3.10
CA THR A 155 -3.77 -7.79 2.83
C THR A 155 -2.41 -8.17 3.44
N LEU A 156 -1.37 -7.49 2.98
CA LEU A 156 0.01 -7.87 3.29
C LEU A 156 0.50 -7.17 4.56
N ARG A 157 0.18 -5.89 4.67
CA ARG A 157 0.53 -5.08 5.84
C ARG A 157 0.04 -5.74 7.13
N GLU A 158 -1.01 -6.54 7.01
CA GLU A 158 -1.61 -7.21 8.15
C GLU A 158 -0.88 -8.54 8.45
N GLN A 159 -0.30 -9.15 7.42
CA GLN A 159 0.33 -10.46 7.56
C GLN A 159 1.65 -10.38 8.33
N GLY A 160 2.32 -9.24 8.21
CA GLY A 160 3.66 -9.13 8.75
C GLY A 160 4.69 -9.26 7.67
N VAL A 161 4.21 -9.40 6.45
CA VAL A 161 5.07 -9.56 5.29
C VAL A 161 5.53 -8.19 4.77
N GLU A 162 6.83 -8.06 4.57
CA GLU A 162 7.44 -6.78 4.30
C GLU A 162 8.04 -6.74 2.89
N GLU A 163 9.15 -6.04 2.74
CA GLU A 163 9.79 -5.94 1.44
C GLU A 163 11.21 -6.51 1.49
N HIS A 164 11.50 -7.32 2.48
CA HIS A 164 12.85 -7.85 2.64
C HIS A 164 12.90 -9.37 2.40
N GLU A 165 11.73 -9.99 2.30
CA GLU A 165 11.65 -11.41 2.00
C GLU A 165 11.37 -11.61 0.50
N THR A 166 11.89 -12.69 -0.07
CA THR A 166 11.64 -12.99 -1.48
C THR A 166 10.34 -13.76 -1.65
N LEU A 167 9.46 -13.24 -2.50
CA LEU A 167 8.14 -13.80 -2.67
C LEU A 167 8.04 -14.45 -4.04
N LEU A 168 7.31 -15.54 -4.14
CA LEU A 168 7.18 -16.26 -5.38
C LEU A 168 5.71 -16.41 -5.73
N LEU A 169 5.40 -16.53 -7.01
CA LEU A 169 4.07 -16.94 -7.40
C LEU A 169 4.12 -18.36 -7.91
N ARG A 170 3.04 -19.09 -7.69
CA ARG A 170 3.02 -20.51 -8.01
C ARG A 170 1.82 -20.81 -8.88
N ARG A 171 1.99 -21.72 -9.82
CA ARG A 171 0.89 -22.14 -10.64
C ARG A 171 0.03 -23.14 -9.86
N LYS A 172 -1.20 -22.73 -9.57
CA LYS A 172 -2.13 -23.57 -8.84
C LYS A 172 -2.92 -24.43 -9.81
N PHE A 173 -3.33 -23.81 -10.92
CA PHE A 173 -3.99 -24.56 -11.98
C PHE A 173 -2.94 -24.99 -12.99
N PHE A 174 -3.06 -26.20 -13.49
CA PHE A 174 -2.01 -26.77 -14.30
C PHE A 174 -2.50 -27.09 -15.70
N TYR A 175 -3.46 -26.33 -16.20
CA TYR A 175 -3.90 -26.53 -17.58
C TYR A 175 -2.98 -25.77 -18.53
N SER A 176 -2.35 -24.71 -18.01
CA SER A 176 -1.32 -23.99 -18.74
C SER A 176 -1.83 -23.44 -20.06
N ASP A 177 -2.94 -22.70 -19.99
CA ASP A 177 -3.54 -22.05 -21.16
C ASP A 177 -3.97 -23.06 -22.22
N GLN A 178 -4.00 -24.33 -21.84
CA GLN A 178 -4.41 -25.40 -22.75
C GLN A 178 -5.86 -25.77 -22.49
#